data_6PRW
#
_entry.id   6PRW
#
_cell.length_a   102.782
_cell.length_b   150.406
_cell.length_c   152.644
_cell.angle_alpha   90.000
_cell.angle_beta   89.730
_cell.angle_gamma   90.000
#
_symmetry.space_group_name_H-M   'P 1 21 1'
#
loop_
_entity.id
_entity.type
_entity.pdbx_description
1 polymer 'Propionyl-CoA carboxylase subunit beta'
2 non-polymer '{4-[(6-chloroquinoxalin-2-yl)oxy]phenyl}acetic acid'
3 water water
#
_entity_poly.entity_id   1
_entity_poly.type   'polypeptide(L)'
_entity_poly.pdbx_seq_one_letter_code
;MTIMAPEAVGESLDPRDPLLRLSNFFDDGSVELLHERDRSGVLAAAGTVNGVRTIAFCTDGTVMGGAMGVEGCTHIVNAY
DTAIEDQSPIVGIWHSGGARLAEGVRALHAVGQVFEAMIRASGYIPQISVVVGFAAGGAAYGPALTDVVVMAPESRVFVT
GPDVVRSVTGEDVDMASLGGPETHHKKSGVCHIVADDELDAYDRGRRLVGLFCQQGHFDRSKAEAGDTDIHALLPESSRR
AYDVRPIVTAILDADTPFDEFQANWAPSMVVGLGRLSGRTVGVLANNPLRLGGCLNSESAEKAARFVRLCDAFGIPLVVV
VDVPGYLPGVDQEWGGVVRRGAKLLHAFGECTVPRVTLVTRKTYGGAYIAMNSRSLNATKVFAWPDAEVAVMGAKAAVGI
LHKKKLAAAPEHEREALHDQLAAEHERIAGGVDSALDIGVVDEKIDPAHTRSKLTEALAQAPARRGRHKNIPL
;
_entity_poly.pdbx_strand_id   A,B,C,D,E,F,G,H
#
loop_
_chem_comp.id
_chem_comp.type
_chem_comp.name
_chem_comp.formula
OWD non-polymer '{4-[(6-chloroquinoxalin-2-yl)oxy]phenyl}acetic acid' 'C16 H11 Cl N2 O3'
#
# COMPACT_ATOMS: atom_id res chain seq x y z
N LEU A 13 9.41 23.31 -83.45
CA LEU A 13 8.29 23.26 -82.50
C LEU A 13 8.06 24.61 -81.84
N ASP A 14 7.84 25.65 -82.68
CA ASP A 14 7.89 27.08 -82.42
C ASP A 14 7.76 27.50 -80.94
N PRO A 15 6.65 27.15 -80.22
CA PRO A 15 6.51 27.60 -78.82
C PRO A 15 7.78 27.50 -77.98
N ARG A 16 8.47 26.38 -78.17
CA ARG A 16 9.59 25.94 -77.35
C ARG A 16 10.94 26.24 -77.98
N ASP A 17 11.00 27.10 -78.99
CA ASP A 17 12.26 27.31 -79.67
C ASP A 17 13.22 28.07 -78.76
N PRO A 18 14.46 27.61 -78.61
CA PRO A 18 15.38 28.26 -77.65
C PRO A 18 15.58 29.73 -77.93
N LEU A 19 15.84 30.10 -79.19
CA LEU A 19 16.06 31.50 -79.52
C LEU A 19 14.81 32.34 -79.37
N LEU A 20 13.63 31.74 -79.47
CA LEU A 20 12.45 32.52 -79.17
C LEU A 20 12.33 32.74 -77.67
N ARG A 21 12.57 31.69 -76.89
CA ARG A 21 12.51 31.79 -75.43
C ARG A 21 13.60 32.70 -74.90
N LEU A 22 14.84 32.50 -75.37
CA LEU A 22 15.93 33.39 -74.99
C LEU A 22 15.67 34.85 -75.28
N SER A 23 14.76 35.18 -76.21
CA SER A 23 14.51 36.57 -76.53
C SER A 23 13.23 37.11 -75.91
N ASN A 24 12.22 36.27 -75.64
CA ASN A 24 11.15 36.72 -74.76
C ASN A 24 11.65 37.05 -73.36
N PHE A 25 12.91 36.72 -73.06
CA PHE A 25 13.45 36.97 -71.74
C PHE A 25 14.44 38.11 -71.73
N PHE A 26 15.33 38.19 -72.71
CA PHE A 26 16.27 39.31 -72.76
C PHE A 26 15.57 40.60 -73.19
N ASP A 27 16.28 41.72 -72.99
CA ASP A 27 15.85 43.01 -73.56
C ASP A 27 15.78 42.92 -75.07
N ASP A 28 14.76 43.56 -75.65
CA ASP A 28 14.58 43.53 -77.09
C ASP A 28 15.83 44.02 -77.80
N GLY A 29 16.31 43.20 -78.75
CA GLY A 29 17.46 43.49 -79.57
C GLY A 29 18.81 43.17 -78.96
N SER A 30 18.88 42.56 -77.77
CA SER A 30 20.17 42.41 -77.09
C SER A 30 20.81 41.05 -77.29
N VAL A 31 20.05 40.03 -77.70
CA VAL A 31 20.58 38.67 -77.77
C VAL A 31 21.81 38.62 -78.67
N GLU A 32 22.93 38.13 -78.11
CA GLU A 32 24.16 37.78 -78.84
C GLU A 32 24.54 36.34 -78.50
N LEU A 33 24.33 35.42 -79.44
CA LEU A 33 24.63 34.01 -79.21
C LEU A 33 26.09 33.82 -78.84
N LEU A 34 26.35 32.86 -77.96
CA LEU A 34 27.70 32.55 -77.52
C LEU A 34 28.36 31.49 -78.38
N HIS A 35 27.58 30.80 -79.20
CA HIS A 35 28.05 29.73 -80.07
C HIS A 35 27.03 29.61 -81.18
N GLU A 36 27.41 28.90 -82.24
CA GLU A 36 26.53 28.76 -83.40
C GLU A 36 25.51 27.66 -83.15
N ARG A 37 24.28 27.87 -83.61
CA ARG A 37 23.20 26.95 -83.27
C ARG A 37 23.48 25.56 -83.84
N ASP A 38 22.96 24.55 -83.16
CA ASP A 38 23.09 23.18 -83.59
C ASP A 38 21.95 22.40 -82.97
N ARG A 39 22.06 21.08 -82.99
CA ARG A 39 21.04 20.20 -82.45
C ARG A 39 21.47 19.60 -81.12
N SER A 40 22.39 20.27 -80.42
CA SER A 40 22.88 19.76 -79.14
C SER A 40 21.80 19.72 -78.07
N GLY A 41 20.86 20.65 -78.12
CA GLY A 41 19.82 20.74 -77.13
C GLY A 41 19.96 21.91 -76.21
N VAL A 42 20.96 22.77 -76.42
CA VAL A 42 21.20 23.93 -75.59
C VAL A 42 21.60 25.09 -76.49
N LEU A 43 20.96 26.24 -76.28
CA LEU A 43 21.39 27.49 -76.87
C LEU A 43 21.73 28.47 -75.75
N ALA A 44 22.95 28.98 -75.75
CA ALA A 44 23.42 29.91 -74.73
C ALA A 44 23.68 31.26 -75.36
N ALA A 45 23.16 32.33 -74.73
CA ALA A 45 23.27 33.67 -75.29
C ALA A 45 23.67 34.69 -74.23
N ALA A 46 24.32 35.76 -74.69
CA ALA A 46 24.47 37.00 -73.95
C ALA A 46 23.37 38.00 -74.32
N GLY A 47 23.20 39.00 -73.48
CA GLY A 47 22.13 39.95 -73.66
C GLY A 47 22.07 40.88 -72.46
N THR A 48 20.99 41.66 -72.38
CA THR A 48 20.80 42.53 -71.22
C THR A 48 19.41 42.34 -70.64
N VAL A 49 19.31 42.56 -69.33
CA VAL A 49 18.04 42.56 -68.61
C VAL A 49 17.93 43.89 -67.90
N ASN A 50 17.05 44.75 -68.42
CA ASN A 50 16.92 46.15 -68.02
C ASN A 50 18.29 46.81 -67.86
N GLY A 51 19.19 46.55 -68.82
CA GLY A 51 20.49 47.18 -68.86
C GLY A 51 21.64 46.35 -68.31
N VAL A 52 21.37 45.38 -67.44
CA VAL A 52 22.43 44.60 -66.81
C VAL A 52 22.90 43.52 -67.76
N ARG A 53 24.21 43.45 -67.99
CA ARG A 53 24.71 42.38 -68.84
C ARG A 53 24.52 41.03 -68.16
N THR A 54 23.91 40.08 -68.90
CA THR A 54 23.41 38.82 -68.40
C THR A 54 23.80 37.71 -69.38
N ILE A 55 24.17 36.53 -68.85
CA ILE A 55 24.32 35.32 -69.65
C ILE A 55 23.07 34.48 -69.44
N ALA A 56 22.68 33.69 -70.45
CA ALA A 56 21.52 32.81 -70.34
C ALA A 56 21.68 31.62 -71.25
N PHE A 57 21.15 30.49 -70.83
CA PHE A 57 21.14 29.32 -71.69
C PHE A 57 19.76 28.67 -71.61
N CYS A 58 19.34 28.08 -72.72
CA CYS A 58 18.04 27.46 -72.81
C CYS A 58 18.19 26.03 -73.32
N THR A 59 17.63 25.07 -72.59
CA THR A 59 17.55 23.73 -73.16
C THR A 59 16.54 23.74 -74.30
N ASP A 60 16.79 22.88 -75.29
CA ASP A 60 16.03 22.90 -76.54
C ASP A 60 15.00 21.79 -76.48
N GLY A 61 13.79 22.16 -76.03
CA GLY A 61 12.70 21.20 -75.89
C GLY A 61 12.22 20.59 -77.19
N THR A 62 12.60 21.17 -78.34
CA THR A 62 12.22 20.69 -79.66
C THR A 62 13.24 19.73 -80.27
N VAL A 63 14.12 19.16 -79.46
CA VAL A 63 15.14 18.23 -79.91
C VAL A 63 15.19 17.17 -78.83
N MET A 64 14.56 16.03 -79.07
CA MET A 64 14.66 14.89 -78.16
C MET A 64 14.07 15.25 -76.79
N GLY A 65 13.12 16.16 -76.80
CA GLY A 65 12.57 16.70 -75.57
C GLY A 65 13.57 17.42 -74.69
N GLY A 66 14.59 18.03 -75.30
CA GLY A 66 15.61 18.70 -74.51
C GLY A 66 16.52 17.80 -73.72
N ALA A 67 16.57 16.51 -74.03
CA ALA A 67 17.47 15.60 -73.33
C ALA A 67 18.92 16.07 -73.45
N MET A 68 19.65 15.97 -72.34
CA MET A 68 20.96 16.59 -72.21
C MET A 68 22.07 15.64 -72.63
N GLY A 69 22.97 16.14 -73.48
CA GLY A 69 24.03 15.34 -74.04
C GLY A 69 25.38 16.00 -73.80
N VAL A 70 26.43 15.31 -74.25
CA VAL A 70 27.78 15.81 -74.00
C VAL A 70 27.99 17.20 -74.60
N GLU A 71 27.40 17.47 -75.77
CA GLU A 71 27.79 18.73 -76.37
C GLU A 71 26.87 19.88 -75.94
N GLY A 72 25.64 19.59 -75.56
CA GLY A 72 24.80 20.63 -74.96
C GLY A 72 25.29 21.02 -73.58
N CYS A 73 25.71 20.03 -72.80
CA CYS A 73 26.26 20.32 -71.48
C CYS A 73 27.50 21.20 -71.58
N THR A 74 28.30 21.01 -72.65
CA THR A 74 29.50 21.82 -72.79
C THR A 74 29.15 23.28 -73.07
N HIS A 75 28.05 23.51 -73.77
CA HIS A 75 27.57 24.88 -73.95
C HIS A 75 27.25 25.53 -72.61
N ILE A 76 26.50 24.82 -71.75
CA ILE A 76 26.10 25.36 -70.45
C ILE A 76 27.32 25.71 -69.62
N VAL A 77 28.37 24.88 -69.68
CA VAL A 77 29.57 25.11 -68.88
C VAL A 77 30.34 26.31 -69.42
N ASN A 78 30.51 26.40 -70.74
CA ASN A 78 31.13 27.59 -71.29
C ASN A 78 30.28 28.83 -71.02
N ALA A 79 28.96 28.65 -70.92
CA ALA A 79 28.12 29.77 -70.48
C ALA A 79 28.46 30.15 -69.04
N TYR A 80 28.60 29.14 -68.18
CA TYR A 80 28.94 29.43 -66.80
C TYR A 80 30.29 30.11 -66.72
N ASP A 81 31.30 29.60 -67.45
CA ASP A 81 32.63 30.18 -67.38
C ASP A 81 32.62 31.63 -67.87
N THR A 82 31.83 31.92 -68.90
CA THR A 82 31.71 33.29 -69.37
C THR A 82 31.13 34.19 -68.29
N ALA A 83 29.98 33.80 -67.75
CA ALA A 83 29.34 34.58 -66.68
C ALA A 83 30.24 34.72 -65.45
N ILE A 84 30.89 33.63 -65.03
CA ILE A 84 31.81 33.72 -63.89
C ILE A 84 32.92 34.74 -64.17
N GLU A 85 33.53 34.67 -65.34
CA GLU A 85 34.63 35.57 -65.65
C GLU A 85 34.18 37.02 -65.88
N ASP A 86 32.99 37.24 -66.44
CA ASP A 86 32.44 38.59 -66.57
C ASP A 86 31.76 39.09 -65.30
N GLN A 87 31.66 38.25 -64.26
CA GLN A 87 30.90 38.54 -63.03
C GLN A 87 29.46 38.97 -63.33
N SER A 88 28.79 38.19 -64.18
CA SER A 88 27.45 38.49 -64.67
C SER A 88 26.47 37.45 -64.16
N PRO A 89 25.20 37.82 -63.94
CA PRO A 89 24.21 36.81 -63.59
C PRO A 89 23.97 35.85 -64.76
N ILE A 90 23.67 34.61 -64.44
CA ILE A 90 23.43 33.58 -65.45
C ILE A 90 22.06 32.96 -65.19
N VAL A 91 21.21 32.98 -66.21
CA VAL A 91 19.82 32.52 -66.13
C VAL A 91 19.66 31.30 -67.01
N GLY A 92 19.05 30.25 -66.44
CA GLY A 92 18.83 29.00 -67.16
C GLY A 92 17.34 28.78 -67.37
N ILE A 93 16.98 28.38 -68.58
CA ILE A 93 15.58 28.11 -68.93
C ILE A 93 15.47 26.62 -69.22
N TRP A 94 14.65 25.93 -68.44
CA TRP A 94 14.72 24.48 -68.32
C TRP A 94 13.46 23.82 -68.86
N HIS A 95 13.69 22.87 -69.77
CA HIS A 95 12.66 22.05 -70.41
C HIS A 95 13.43 20.84 -70.93
N SER A 96 13.33 19.71 -70.23
CA SER A 96 14.17 18.57 -70.53
C SER A 96 13.80 17.39 -69.66
N GLY A 97 13.60 16.24 -70.27
CA GLY A 97 13.33 15.05 -69.50
C GLY A 97 14.55 14.32 -68.96
N GLY A 98 15.76 14.87 -69.10
CA GLY A 98 16.89 14.25 -68.46
C GLY A 98 18.07 14.10 -69.40
N ALA A 99 18.99 13.21 -69.02
CA ALA A 99 20.19 12.97 -69.80
C ALA A 99 19.90 12.08 -70.99
N ARG A 100 20.69 12.24 -72.05
CA ARG A 100 20.53 11.39 -73.22
C ARG A 100 21.00 9.97 -72.87
N LEU A 101 20.06 9.02 -72.87
CA LEU A 101 20.43 7.65 -72.52
C LEU A 101 21.32 7.00 -73.57
N ALA A 102 21.18 7.39 -74.84
CA ALA A 102 22.01 6.77 -75.86
C ALA A 102 23.48 7.16 -75.71
N GLU A 103 23.76 8.29 -75.05
CA GLU A 103 25.14 8.73 -74.86
C GLU A 103 25.80 8.10 -73.65
N GLY A 104 25.11 7.25 -72.90
CA GLY A 104 25.69 6.47 -71.83
C GLY A 104 26.34 7.31 -70.73
N VAL A 105 27.41 6.76 -70.16
CA VAL A 105 28.11 7.39 -69.04
C VAL A 105 28.77 8.69 -69.44
N ARG A 106 29.11 8.86 -70.72
CA ARG A 106 29.65 10.15 -71.17
C ARG A 106 28.73 11.29 -70.78
N ALA A 107 27.42 11.04 -70.84
CA ALA A 107 26.44 12.10 -70.58
C ALA A 107 26.23 12.30 -69.08
N LEU A 108 26.26 11.22 -68.29
CA LEU A 108 26.28 11.36 -66.84
C LEU A 108 27.44 12.26 -66.42
N HIS A 109 28.63 11.99 -66.97
CA HIS A 109 29.80 12.78 -66.63
C HIS A 109 29.63 14.23 -67.05
N ALA A 110 29.02 14.46 -68.21
CA ALA A 110 28.82 15.81 -68.69
C ALA A 110 27.77 16.55 -67.86
N VAL A 111 26.68 15.86 -67.49
CA VAL A 111 25.69 16.45 -66.58
C VAL A 111 26.35 16.88 -65.28
N GLY A 112 27.20 16.03 -64.72
CA GLY A 112 27.92 16.38 -63.50
C GLY A 112 28.81 17.61 -63.66
N GLN A 113 29.41 17.79 -64.84
CA GLN A 113 30.23 18.98 -65.08
C GLN A 113 29.38 20.25 -65.04
N VAL A 114 28.14 20.16 -65.54
CA VAL A 114 27.21 21.26 -65.35
C VAL A 114 27.05 21.55 -63.85
N PHE A 115 26.77 20.51 -63.06
CA PHE A 115 26.63 20.68 -61.61
C PHE A 115 27.86 21.38 -61.03
N GLU A 116 29.04 20.81 -61.29
CA GLU A 116 30.27 21.37 -60.76
C GLU A 116 30.41 22.85 -61.12
N ALA A 117 30.01 23.24 -62.33
CA ALA A 117 30.10 24.65 -62.69
C ALA A 117 29.12 25.47 -61.87
N MET A 118 27.91 24.95 -61.67
CA MET A 118 26.96 25.64 -60.81
C MET A 118 27.49 25.79 -59.39
N ILE A 119 28.32 24.85 -58.93
CA ILE A 119 28.86 24.92 -57.58
C ILE A 119 29.99 25.94 -57.52
N ARG A 120 30.81 26.04 -58.58
CA ARG A 120 31.82 27.10 -58.63
C ARG A 120 31.18 28.47 -58.58
N ALA A 121 30.10 28.68 -59.34
CA ALA A 121 29.44 29.99 -59.34
C ALA A 121 28.72 30.30 -58.05
N SER A 122 28.53 29.30 -57.18
CA SER A 122 27.67 29.49 -56.01
C SER A 122 28.23 30.54 -55.08
N GLY A 123 27.35 31.44 -54.63
CA GLY A 123 27.73 32.57 -53.83
C GLY A 123 28.41 33.70 -54.57
N TYR A 124 28.92 33.46 -55.78
CA TYR A 124 29.81 34.37 -56.48
C TYR A 124 29.09 35.23 -57.51
N ILE A 125 28.26 34.61 -58.37
CA ILE A 125 27.33 35.32 -59.24
C ILE A 125 25.93 34.79 -58.98
N PRO A 126 24.89 35.59 -59.13
CA PRO A 126 23.54 35.05 -58.91
C PRO A 126 23.20 34.07 -60.02
N GLN A 127 22.47 33.01 -59.65
CA GLN A 127 21.97 32.00 -60.58
C GLN A 127 20.46 31.91 -60.40
N ILE A 128 19.75 32.14 -61.49
CA ILE A 128 18.29 32.06 -61.52
C ILE A 128 17.88 31.03 -62.55
N SER A 129 16.94 30.17 -62.18
CA SER A 129 16.36 29.16 -63.07
C SER A 129 14.91 29.52 -63.36
N VAL A 130 14.55 29.49 -64.62
CA VAL A 130 13.16 29.55 -65.05
C VAL A 130 12.83 28.17 -65.59
N VAL A 131 11.97 27.45 -64.88
CA VAL A 131 11.51 26.14 -65.30
C VAL A 131 10.21 26.36 -66.07
N VAL A 132 10.24 26.11 -67.39
CA VAL A 132 9.11 26.42 -68.26
C VAL A 132 8.40 25.16 -68.73
N GLY A 133 9.10 24.03 -68.82
CA GLY A 133 8.48 22.78 -69.19
C GLY A 133 8.76 21.73 -68.15
N PHE A 134 8.50 20.45 -68.46
CA PHE A 134 8.92 19.37 -67.57
C PHE A 134 10.43 19.35 -67.47
N ALA A 135 10.93 19.06 -66.27
CA ALA A 135 12.36 19.03 -66.00
C ALA A 135 12.64 17.86 -65.06
N ALA A 136 13.29 16.81 -65.57
CA ALA A 136 13.41 15.57 -64.81
C ALA A 136 14.85 15.12 -64.75
N GLY A 137 15.15 14.32 -63.72
CA GLY A 137 16.47 13.70 -63.57
C GLY A 137 17.56 14.76 -63.51
N GLY A 138 18.53 14.67 -64.40
CA GLY A 138 19.60 15.65 -64.42
C GLY A 138 19.10 17.07 -64.49
N ALA A 139 18.05 17.30 -65.27
CA ALA A 139 17.53 18.65 -65.39
C ALA A 139 16.61 19.03 -64.24
N ALA A 140 16.45 18.18 -63.23
CA ALA A 140 15.79 18.60 -62.00
C ALA A 140 16.80 19.08 -60.96
N TYR A 141 17.98 18.45 -60.91
CA TYR A 141 19.02 18.87 -59.99
C TYR A 141 19.71 20.16 -60.43
N GLY A 142 19.70 20.48 -61.72
CA GLY A 142 20.28 21.73 -62.18
C GLY A 142 19.71 22.89 -61.42
N PRO A 143 18.40 23.11 -61.58
CA PRO A 143 17.72 24.16 -60.81
C PRO A 143 17.92 24.05 -59.31
N ALA A 144 17.98 22.82 -58.78
CA ALA A 144 18.13 22.66 -57.34
C ALA A 144 19.41 23.29 -56.82
N LEU A 145 20.45 23.36 -57.65
CA LEU A 145 21.74 23.92 -57.27
C LEU A 145 21.81 25.44 -57.39
N THR A 146 20.81 26.10 -57.97
CA THR A 146 20.87 27.54 -58.17
C THR A 146 20.19 28.29 -57.00
N ASP A 147 20.21 29.61 -57.10
CA ASP A 147 19.78 30.46 -55.99
C ASP A 147 18.26 30.63 -55.92
N VAL A 148 17.60 30.90 -57.05
CA VAL A 148 16.15 31.07 -57.06
C VAL A 148 15.56 30.36 -58.29
N VAL A 149 14.47 29.63 -58.07
CA VAL A 149 13.83 28.85 -59.11
C VAL A 149 12.44 29.41 -59.35
N VAL A 150 12.17 29.83 -60.59
CA VAL A 150 10.85 30.28 -61.03
C VAL A 150 10.18 29.15 -61.80
N MET A 151 8.89 28.93 -61.55
CA MET A 151 8.17 27.87 -62.24
C MET A 151 6.88 28.40 -62.85
N ALA A 152 6.72 28.14 -64.15
CA ALA A 152 5.51 28.44 -64.89
C ALA A 152 4.53 27.28 -64.62
N PRO A 153 3.24 27.56 -64.70
CA PRO A 153 2.23 26.52 -64.39
C PRO A 153 2.21 25.30 -65.31
N GLU A 154 2.68 25.45 -66.54
CA GLU A 154 2.68 24.36 -67.51
C GLU A 154 3.92 23.48 -67.39
N SER A 155 4.41 23.28 -66.18
CA SER A 155 5.61 22.47 -65.98
C SER A 155 5.63 21.72 -64.66
N ARG A 156 6.80 21.19 -64.33
CA ARG A 156 7.00 20.41 -63.11
C ARG A 156 8.47 20.01 -62.97
N VAL A 157 8.94 19.88 -61.72
CA VAL A 157 10.21 19.24 -61.39
C VAL A 157 9.92 17.83 -60.89
N PHE A 158 10.64 16.83 -61.41
CA PHE A 158 10.45 15.45 -61.01
C PHE A 158 11.76 14.67 -61.15
N VAL A 159 11.82 13.52 -60.50
CA VAL A 159 12.94 12.57 -60.68
C VAL A 159 12.46 11.13 -60.45
N SER A 188 6.87 21.40 -51.37
CA SER A 188 8.19 20.78 -51.39
C SER A 188 9.28 21.77 -50.95
N GLY A 189 9.26 22.99 -51.46
CA GLY A 189 10.34 23.93 -51.15
C GLY A 189 11.46 23.98 -52.18
N VAL A 190 11.48 23.06 -53.15
CA VAL A 190 12.50 23.11 -54.20
C VAL A 190 12.32 24.35 -55.07
N CYS A 191 11.07 24.71 -55.35
CA CYS A 191 10.74 25.82 -56.23
C CYS A 191 10.35 27.07 -55.44
N HIS A 192 11.01 28.19 -55.71
CA HIS A 192 10.80 29.40 -54.92
C HIS A 192 9.63 30.26 -55.39
N ILE A 193 9.38 30.35 -56.70
CA ILE A 193 8.35 31.25 -57.19
C ILE A 193 7.53 30.56 -58.27
N VAL A 194 6.21 30.61 -58.13
CA VAL A 194 5.28 30.08 -59.11
C VAL A 194 4.79 31.22 -60.00
N ALA A 195 4.82 30.99 -61.30
CA ALA A 195 4.43 32.05 -62.23
C ALA A 195 3.00 31.79 -62.73
N ASP A 196 2.42 32.84 -63.30
CA ASP A 196 1.08 32.71 -63.89
C ASP A 196 1.09 32.08 -65.27
N ASP A 197 2.24 32.06 -65.95
CA ASP A 197 2.39 31.58 -67.32
C ASP A 197 3.87 31.72 -67.67
N GLU A 198 4.24 31.24 -68.85
CA GLU A 198 5.65 31.27 -69.25
C GLU A 198 6.16 32.70 -69.41
N LEU A 199 5.38 33.59 -70.04
CA LEU A 199 5.84 34.96 -70.17
C LEU A 199 5.93 35.66 -68.81
N ASP A 200 5.05 35.31 -67.87
CA ASP A 200 5.17 35.84 -66.53
C ASP A 200 6.41 35.29 -65.84
N ALA A 201 6.74 34.02 -66.12
CA ALA A 201 7.96 33.43 -65.60
C ALA A 201 9.17 34.26 -66.00
N TYR A 202 9.26 34.65 -67.28
CA TYR A 202 10.36 35.50 -67.71
C TYR A 202 10.31 36.87 -67.03
N ASP A 203 9.11 37.34 -66.72
CA ASP A 203 8.99 38.67 -66.13
C ASP A 203 9.45 38.67 -64.68
N ARG A 204 9.04 37.63 -63.93
CA ARG A 204 9.52 37.49 -62.57
C ARG A 204 11.00 37.18 -62.52
N GLY A 205 11.51 36.39 -63.48
CA GLY A 205 12.95 36.18 -63.57
C GLY A 205 13.72 37.47 -63.82
N ARG A 206 13.12 38.42 -64.53
CA ARG A 206 13.84 39.65 -64.85
C ARG A 206 13.91 40.58 -63.64
N ARG A 207 12.81 40.68 -62.88
CA ARG A 207 12.87 41.38 -61.59
C ARG A 207 13.98 40.83 -60.70
N LEU A 208 14.13 39.51 -60.65
CA LEU A 208 15.13 38.92 -59.77
C LEU A 208 16.55 39.31 -60.21
N VAL A 209 16.84 39.30 -61.51
CA VAL A 209 18.13 39.81 -61.95
C VAL A 209 18.34 41.24 -61.47
N GLY A 210 17.25 42.02 -61.44
CA GLY A 210 17.35 43.40 -61.01
C GLY A 210 17.43 43.57 -59.53
N LEU A 211 16.78 42.68 -58.77
CA LEU A 211 16.94 42.71 -57.32
C LEU A 211 18.37 42.36 -56.92
N PHE A 212 18.99 41.36 -57.57
CA PHE A 212 20.35 40.94 -57.19
C PHE A 212 21.42 41.87 -57.73
N CYS A 213 21.25 42.39 -58.95
CA CYS A 213 22.29 43.17 -59.61
C CYS A 213 21.98 44.65 -59.74
N GLN A 214 20.88 45.16 -59.16
CA GLN A 214 20.61 46.60 -59.15
C GLN A 214 20.06 46.95 -57.77
N GLN A 215 20.90 46.83 -56.75
CA GLN A 215 20.41 46.82 -55.38
C GLN A 215 20.04 48.21 -54.88
N GLY A 216 20.56 49.28 -55.50
CA GLY A 216 20.28 50.64 -55.12
C GLY A 216 20.90 51.06 -53.79
N HIS A 217 20.26 52.05 -53.18
CA HIS A 217 20.74 52.59 -51.92
C HIS A 217 19.56 53.02 -51.09
N PHE A 218 19.77 53.21 -49.78
CA PHE A 218 18.68 53.72 -48.96
C PHE A 218 18.50 55.22 -49.18
N ASP A 219 17.33 55.70 -48.81
CA ASP A 219 16.91 57.08 -49.08
C ASP A 219 16.06 57.53 -47.90
N ARG A 220 16.63 58.39 -47.03
CA ARG A 220 15.89 58.82 -45.84
C ARG A 220 14.59 59.52 -46.20
N SER A 221 14.60 60.31 -47.27
CA SER A 221 13.41 61.07 -47.65
C SER A 221 12.30 60.17 -48.18
N LYS A 222 12.66 59.18 -49.00
CA LYS A 222 11.67 58.21 -49.47
C LYS A 222 11.18 57.32 -48.33
N ALA A 223 12.07 56.92 -47.42
CA ALA A 223 11.66 56.05 -46.33
C ALA A 223 10.64 56.73 -45.43
N GLU A 224 10.90 57.99 -45.05
CA GLU A 224 9.96 58.74 -44.22
C GLU A 224 8.68 59.03 -44.97
N ALA A 225 8.77 59.28 -46.28
CA ALA A 225 7.58 59.52 -47.08
C ALA A 225 6.64 58.34 -47.08
N GLY A 226 7.06 57.17 -46.58
CA GLY A 226 6.27 55.97 -46.61
C GLY A 226 5.76 55.52 -45.26
N ASP A 227 6.16 56.22 -44.18
CA ASP A 227 5.77 55.79 -42.85
C ASP A 227 4.25 55.76 -42.70
N THR A 228 3.78 54.76 -41.95
CA THR A 228 2.37 54.52 -41.73
C THR A 228 2.26 53.94 -40.33
N ASP A 229 1.07 54.00 -39.75
CA ASP A 229 0.90 53.38 -38.43
C ASP A 229 0.80 51.87 -38.65
N ILE A 230 1.97 51.24 -38.81
CA ILE A 230 1.99 49.83 -39.11
C ILE A 230 1.37 49.03 -37.98
N HIS A 231 1.51 49.50 -36.73
CA HIS A 231 0.83 48.87 -35.60
C HIS A 231 -0.67 48.72 -35.81
N ALA A 232 -1.27 49.57 -36.64
CA ALA A 232 -2.71 49.51 -36.82
C ALA A 232 -3.19 48.26 -37.55
N LEU A 233 -2.32 47.54 -38.26
CA LEU A 233 -2.77 46.33 -38.95
C LEU A 233 -2.88 45.13 -38.01
N LEU A 234 -2.46 45.26 -36.76
CA LEU A 234 -2.61 44.17 -35.82
C LEU A 234 -4.06 44.07 -35.36
N PRO A 235 -4.49 42.90 -34.90
CA PRO A 235 -5.75 42.81 -34.16
C PRO A 235 -5.64 43.46 -32.79
N GLU A 236 -6.77 43.96 -32.29
CA GLU A 236 -6.72 44.62 -30.97
C GLU A 236 -6.58 43.60 -29.84
N SER A 237 -6.99 42.36 -30.06
CA SER A 237 -6.77 41.32 -29.05
C SER A 237 -5.39 40.70 -29.19
N SER A 238 -4.73 40.52 -28.06
CA SER A 238 -3.33 40.09 -28.03
C SER A 238 -3.17 38.59 -28.28
N ARG A 239 -4.25 37.85 -28.49
CA ARG A 239 -4.13 36.45 -28.82
C ARG A 239 -4.73 36.05 -30.16
N ARG A 240 -5.34 36.97 -30.90
CA ARG A 240 -5.78 36.64 -32.25
C ARG A 240 -4.59 36.44 -33.20
N ALA A 241 -4.82 35.65 -34.23
CA ALA A 241 -3.87 35.50 -35.33
C ALA A 241 -4.09 36.58 -36.39
N TYR A 242 -3.08 36.78 -37.21
CA TYR A 242 -3.20 37.65 -38.39
C TYR A 242 -2.19 37.17 -39.42
N ASP A 243 -2.40 37.59 -40.66
CA ASP A 243 -1.43 37.35 -41.71
C ASP A 243 -0.37 38.45 -41.60
N VAL A 244 0.89 38.07 -41.43
CA VAL A 244 1.98 39.04 -41.32
C VAL A 244 2.24 39.78 -42.63
N ARG A 245 1.78 39.27 -43.77
CA ARG A 245 2.23 39.83 -45.04
C ARG A 245 1.74 41.26 -45.34
N PRO A 246 0.58 41.69 -44.84
CA PRO A 246 0.28 43.14 -44.86
C PRO A 246 1.23 44.01 -44.01
N ILE A 247 1.74 43.51 -42.88
CA ILE A 247 2.78 44.23 -42.15
C ILE A 247 4.03 44.41 -43.02
N VAL A 248 4.52 43.29 -43.60
CA VAL A 248 5.74 43.34 -44.40
C VAL A 248 5.58 44.36 -45.52
N THR A 249 4.51 44.22 -46.30
CA THR A 249 4.31 45.07 -47.47
C THR A 249 4.09 46.54 -47.09
N ALA A 250 3.65 46.82 -45.86
CA ALA A 250 3.59 48.19 -45.39
C ALA A 250 4.96 48.75 -44.97
N ILE A 251 5.94 47.88 -44.65
CA ILE A 251 7.32 48.36 -44.47
C ILE A 251 8.01 48.58 -45.83
N LEU A 252 7.94 47.59 -46.72
CA LEU A 252 8.53 47.72 -48.05
C LEU A 252 7.81 48.81 -48.83
N ASP A 253 8.43 49.21 -49.94
CA ASP A 253 7.98 50.37 -50.69
C ASP A 253 6.58 50.17 -51.27
N ALA A 254 5.79 51.25 -51.26
CA ALA A 254 4.33 51.12 -51.33
C ALA A 254 3.88 50.45 -52.62
N ASP A 255 4.55 50.72 -53.75
CA ASP A 255 4.18 50.05 -54.99
C ASP A 255 5.44 49.50 -55.68
N THR A 256 6.01 48.51 -55.00
CA THR A 256 7.02 47.59 -55.52
C THR A 256 6.60 46.23 -55.02
N PRO A 257 6.53 45.23 -55.89
CA PRO A 257 6.18 43.87 -55.44
C PRO A 257 7.12 43.36 -54.36
N PHE A 258 6.61 42.43 -53.57
CA PHE A 258 7.37 41.68 -52.60
C PHE A 258 7.48 40.26 -53.14
N ASP A 259 8.66 39.88 -53.62
CA ASP A 259 8.87 38.59 -54.28
C ASP A 259 9.04 37.50 -53.22
N GLU A 260 7.92 37.07 -52.63
CA GLU A 260 7.96 36.04 -51.61
C GLU A 260 8.55 34.75 -52.16
N PHE A 261 9.27 34.03 -51.30
CA PHE A 261 9.82 32.72 -51.65
C PHE A 261 9.04 31.62 -50.94
N GLN A 262 8.76 30.53 -51.66
CA GLN A 262 8.29 29.28 -51.06
C GLN A 262 7.05 29.48 -50.19
N ALA A 263 6.03 30.14 -50.73
CA ALA A 263 4.93 30.62 -49.90
C ALA A 263 4.06 29.49 -49.38
N ASN A 264 3.95 28.40 -50.12
CA ASN A 264 3.12 27.32 -49.65
C ASN A 264 3.90 26.27 -48.86
N TRP A 265 5.18 26.49 -48.64
CA TRP A 265 6.04 25.59 -47.88
C TRP A 265 6.47 26.27 -46.59
N ALA A 266 6.35 25.55 -45.48
CA ALA A 266 6.68 26.09 -44.17
C ALA A 266 6.00 27.45 -43.97
N PRO A 267 4.68 27.53 -44.06
CA PRO A 267 4.02 28.83 -44.12
C PRO A 267 3.94 29.59 -42.79
N SER A 268 4.44 29.01 -41.69
CA SER A 268 4.59 29.79 -40.45
C SER A 268 5.76 30.79 -40.53
N MET A 269 6.46 30.82 -41.65
CA MET A 269 7.64 31.66 -41.84
C MET A 269 7.56 32.24 -43.24
N VAL A 270 7.55 33.58 -43.34
CA VAL A 270 7.52 34.30 -44.61
C VAL A 270 8.92 34.84 -44.90
N VAL A 271 9.41 34.62 -46.12
CA VAL A 271 10.70 35.19 -46.53
C VAL A 271 10.56 35.68 -47.97
N GLY A 272 11.37 36.69 -48.31
CA GLY A 272 11.41 37.13 -49.69
C GLY A 272 12.13 38.44 -49.86
N LEU A 273 12.33 38.79 -51.13
CA LEU A 273 12.99 40.02 -51.54
C LEU A 273 11.97 41.13 -51.82
N GLY A 274 12.32 42.35 -51.42
CA GLY A 274 11.53 43.52 -51.74
C GLY A 274 12.43 44.73 -51.79
N ARG A 275 11.87 45.95 -51.75
CA ARG A 275 12.69 47.16 -51.78
C ARG A 275 12.26 48.10 -50.67
N LEU A 276 13.25 48.72 -50.03
CA LEU A 276 13.06 49.52 -48.83
C LEU A 276 13.71 50.88 -49.09
N SER A 277 12.89 51.91 -49.31
CA SER A 277 13.35 53.17 -49.91
C SER A 277 14.20 52.94 -51.16
N GLY A 278 13.91 51.89 -51.91
CA GLY A 278 14.55 51.64 -53.19
C GLY A 278 15.73 50.70 -53.15
N ARG A 279 16.26 50.38 -51.96
CA ARG A 279 17.32 49.39 -51.76
C ARG A 279 16.71 47.99 -51.68
N THR A 280 17.28 47.03 -52.40
CA THR A 280 16.91 45.62 -52.21
C THR A 280 17.16 45.19 -50.78
N VAL A 281 16.14 44.64 -50.12
CA VAL A 281 16.32 44.02 -48.82
C VAL A 281 15.64 42.65 -48.82
N GLY A 282 16.13 41.76 -47.96
CA GLY A 282 15.45 40.50 -47.67
C GLY A 282 14.64 40.61 -46.40
N VAL A 283 13.50 39.92 -46.36
CA VAL A 283 12.62 39.93 -45.18
C VAL A 283 12.41 38.49 -44.69
N LEU A 284 12.56 38.31 -43.38
CA LEU A 284 12.09 37.12 -42.67
C LEU A 284 11.07 37.59 -41.64
N ALA A 285 9.88 36.98 -41.65
CA ALA A 285 8.85 37.34 -40.69
C ALA A 285 8.07 36.11 -40.25
N ASN A 286 7.96 35.91 -38.93
CA ASN A 286 7.04 34.91 -38.40
C ASN A 286 5.61 35.25 -38.85
N ASN A 287 4.86 34.21 -39.19
CA ASN A 287 3.48 34.37 -39.62
C ASN A 287 2.54 33.81 -38.57
N PRO A 288 1.90 34.65 -37.76
CA PRO A 288 1.04 34.14 -36.68
C PRO A 288 -0.18 33.38 -37.17
N LEU A 289 -0.50 33.45 -38.46
CA LEU A 289 -1.70 32.83 -39.03
C LEU A 289 -1.55 31.32 -39.22
N ARG A 290 -0.33 30.79 -39.12
CA ARG A 290 -0.08 29.37 -39.34
C ARG A 290 0.80 28.87 -38.22
N LEU A 291 0.40 27.76 -37.60
CA LEU A 291 1.11 27.20 -36.43
C LEU A 291 1.41 28.26 -35.35
N GLY A 292 0.49 29.21 -35.18
CA GLY A 292 0.65 30.29 -34.23
C GLY A 292 1.89 31.15 -34.45
N GLY A 293 2.52 31.02 -35.61
CA GLY A 293 3.76 31.69 -35.84
C GLY A 293 4.99 30.98 -35.31
N CYS A 294 4.87 29.74 -34.82
CA CYS A 294 6.03 29.05 -34.22
C CYS A 294 7.08 28.67 -35.25
N LEU A 295 8.26 28.35 -34.73
CA LEU A 295 9.31 27.78 -35.55
C LEU A 295 9.18 26.26 -35.56
N ASN A 296 9.58 25.64 -36.66
CA ASN A 296 9.66 24.20 -36.68
C ASN A 296 10.72 23.81 -37.70
N SER A 297 10.77 22.53 -38.04
CA SER A 297 11.85 22.04 -38.88
C SER A 297 11.89 22.76 -40.21
N GLU A 298 10.78 22.80 -40.90
CA GLU A 298 10.71 23.44 -42.19
C GLU A 298 10.88 24.92 -42.18
N SER A 299 10.33 25.59 -41.19
CA SER A 299 10.47 27.04 -41.09
C SER A 299 11.90 27.44 -40.71
N ALA A 300 12.53 26.73 -39.76
CA ALA A 300 13.94 26.95 -39.50
C ALA A 300 14.79 26.75 -40.75
N GLU A 301 14.52 25.68 -41.51
CA GLU A 301 15.28 25.42 -42.73
C GLU A 301 15.03 26.47 -43.79
N LYS A 302 13.78 26.94 -43.88
CA LYS A 302 13.42 28.00 -44.80
C LYS A 302 14.20 29.27 -44.50
N ALA A 303 14.18 29.69 -43.23
CA ALA A 303 14.92 30.89 -42.83
C ALA A 303 16.43 30.74 -43.05
N ALA A 304 17.00 29.57 -42.78
CA ALA A 304 18.45 29.47 -42.83
C ALA A 304 18.96 29.58 -44.26
N ARG A 305 18.28 28.93 -45.21
CA ARG A 305 18.68 29.08 -46.61
C ARG A 305 18.65 30.53 -47.00
N PHE A 306 17.53 31.20 -46.73
CA PHE A 306 17.34 32.57 -47.21
C PHE A 306 18.35 33.52 -46.59
N VAL A 307 18.66 33.36 -45.30
CA VAL A 307 19.66 34.22 -44.66
C VAL A 307 21.01 34.04 -45.31
N ARG A 308 21.41 32.78 -45.56
CA ARG A 308 22.72 32.57 -46.17
CA ARG A 308 22.72 32.54 -46.18
C ARG A 308 22.79 33.16 -47.56
N LEU A 309 21.64 33.30 -48.23
CA LEU A 309 21.61 33.76 -49.62
C LEU A 309 21.75 35.28 -49.70
N CYS A 310 20.97 36.01 -48.90
CA CYS A 310 21.19 37.44 -48.80
C CYS A 310 22.59 37.77 -48.32
N ASP A 311 23.14 36.94 -47.42
CA ASP A 311 24.48 37.21 -46.91
C ASP A 311 25.52 37.09 -48.02
N ALA A 312 25.35 36.11 -48.90
CA ALA A 312 26.28 35.91 -50.00
C ALA A 312 26.31 37.10 -50.96
N PHE A 313 25.15 37.75 -51.20
CA PHE A 313 25.08 38.77 -52.25
C PHE A 313 24.95 40.19 -51.68
N GLY A 314 25.19 40.37 -50.38
CA GLY A 314 25.26 41.69 -49.81
C GLY A 314 23.93 42.39 -49.59
N ILE A 315 22.88 41.64 -49.28
CA ILE A 315 21.52 42.15 -49.17
C ILE A 315 21.16 42.27 -47.69
N PRO A 316 20.84 43.47 -47.19
CA PRO A 316 20.46 43.60 -45.77
C PRO A 316 19.17 42.86 -45.45
N LEU A 317 19.03 42.44 -44.20
CA LEU A 317 17.88 41.68 -43.71
C LEU A 317 17.04 42.49 -42.72
N VAL A 318 15.71 42.36 -42.86
CA VAL A 318 14.73 42.88 -41.92
C VAL A 318 14.03 41.68 -41.26
N VAL A 319 14.23 41.48 -39.97
CA VAL A 319 13.64 40.34 -39.29
C VAL A 319 12.51 40.84 -38.41
N VAL A 320 11.28 40.49 -38.76
CA VAL A 320 10.09 40.91 -38.01
C VAL A 320 9.67 39.74 -37.14
N VAL A 321 9.67 39.92 -35.82
CA VAL A 321 9.52 38.82 -34.88
C VAL A 321 8.22 38.94 -34.10
N ASP A 322 7.45 37.84 -34.07
CA ASP A 322 6.23 37.59 -33.29
C ASP A 322 6.12 36.06 -33.20
N VAL A 323 6.90 35.48 -32.28
CA VAL A 323 7.07 34.02 -32.21
C VAL A 323 6.92 33.54 -30.77
N PRO A 324 6.01 32.56 -30.50
CA PRO A 324 5.77 32.16 -29.11
C PRO A 324 6.38 30.82 -28.68
N GLY A 325 7.10 30.14 -29.54
CA GLY A 325 7.64 28.83 -29.22
C GLY A 325 8.10 28.15 -30.50
N TYR A 326 8.42 26.86 -30.36
CA TYR A 326 8.79 26.04 -31.50
C TYR A 326 8.17 24.65 -31.33
N LEU A 327 8.07 23.91 -32.41
CA LEU A 327 7.22 22.72 -32.42
C LEU A 327 7.95 21.55 -33.05
N PRO A 328 7.68 20.33 -32.57
CA PRO A 328 8.32 19.14 -33.14
C PRO A 328 7.57 18.63 -34.36
N GLY A 329 7.97 17.46 -34.86
CA GLY A 329 7.35 16.86 -36.02
C GLY A 329 6.03 16.20 -35.69
N VAL A 330 5.51 15.47 -36.68
CA VAL A 330 4.16 14.91 -36.52
C VAL A 330 4.15 13.84 -35.45
N ASP A 331 5.21 13.04 -35.34
CA ASP A 331 5.24 11.99 -34.34
C ASP A 331 5.97 12.42 -33.07
N GLN A 332 6.02 13.73 -32.80
CA GLN A 332 6.81 14.30 -31.70
C GLN A 332 8.30 14.07 -31.92
N GLU A 333 8.74 14.22 -33.17
CA GLU A 333 10.15 14.11 -33.52
C GLU A 333 10.81 15.48 -33.39
N TRP A 334 11.70 15.61 -32.40
CA TRP A 334 12.42 16.86 -32.25
C TRP A 334 13.71 16.91 -33.06
N GLY A 335 14.12 15.78 -33.66
CA GLY A 335 15.36 15.77 -34.41
C GLY A 335 15.43 16.85 -35.48
N GLY A 336 14.32 17.06 -36.20
CA GLY A 336 14.30 18.10 -37.22
C GLY A 336 14.52 19.48 -36.64
N VAL A 337 13.70 19.86 -35.66
CA VAL A 337 13.82 21.23 -35.15
C VAL A 337 15.17 21.47 -34.50
N VAL A 338 15.81 20.43 -33.95
CA VAL A 338 17.11 20.62 -33.30
C VAL A 338 18.20 20.88 -34.35
N ARG A 339 18.38 19.94 -35.29
CA ARG A 339 19.40 20.10 -36.33
C ARG A 339 19.17 21.37 -37.14
N ARG A 340 17.93 21.57 -37.60
CA ARG A 340 17.66 22.74 -38.42
C ARG A 340 17.52 24.00 -37.59
N GLY A 341 17.08 23.90 -36.34
CA GLY A 341 17.20 25.05 -35.46
C GLY A 341 18.63 25.49 -35.31
N ALA A 342 19.54 24.54 -35.12
CA ALA A 342 20.95 24.88 -34.97
C ALA A 342 21.51 25.55 -36.22
N LYS A 343 21.10 25.07 -37.40
CA LYS A 343 21.53 25.71 -38.65
C LYS A 343 21.04 27.15 -38.75
N LEU A 344 19.91 27.48 -38.12
CA LEU A 344 19.44 28.86 -38.14
C LEU A 344 20.34 29.75 -37.28
N LEU A 345 20.63 29.29 -36.06
CA LEU A 345 21.61 29.98 -35.21
C LEU A 345 22.90 30.23 -35.97
N HIS A 346 23.43 29.18 -36.62
CA HIS A 346 24.64 29.33 -37.42
C HIS A 346 24.49 30.36 -38.55
N ALA A 347 23.34 30.37 -39.26
CA ALA A 347 23.17 31.33 -40.35
C ALA A 347 23.25 32.77 -39.82
N PHE A 348 22.44 33.09 -38.83
CA PHE A 348 22.45 34.45 -38.30
C PHE A 348 23.78 34.75 -37.61
N GLY A 349 24.32 33.79 -36.86
CA GLY A 349 25.56 34.01 -36.13
C GLY A 349 26.74 34.38 -37.01
N GLU A 350 26.89 33.72 -38.15
CA GLU A 350 27.97 34.00 -39.11
C GLU A 350 27.65 35.13 -40.07
N CYS A 351 26.44 35.67 -40.02
CA CYS A 351 25.98 36.65 -41.00
C CYS A 351 26.71 37.99 -40.85
N THR A 352 27.08 38.60 -41.99
CA THR A 352 27.87 39.85 -41.95
C THR A 352 27.20 41.08 -42.54
N VAL A 353 26.08 40.93 -43.24
CA VAL A 353 25.36 42.08 -43.80
C VAL A 353 24.55 42.72 -42.68
N PRO A 354 24.15 44.00 -42.79
CA PRO A 354 23.28 44.54 -41.75
C PRO A 354 22.02 43.70 -41.65
N ARG A 355 21.61 43.42 -40.42
CA ARG A 355 20.40 42.63 -40.17
C ARG A 355 19.71 43.22 -38.95
N VAL A 356 18.52 43.77 -39.15
CA VAL A 356 17.81 44.51 -38.13
C VAL A 356 16.60 43.68 -37.70
N THR A 357 16.32 43.67 -36.41
CA THR A 357 15.20 42.92 -35.85
C THR A 357 14.16 43.87 -35.26
N LEU A 358 12.89 43.57 -35.50
CA LEU A 358 11.78 44.35 -34.97
C LEU A 358 10.87 43.40 -34.23
N VAL A 359 10.65 43.65 -32.95
CA VAL A 359 9.74 42.85 -32.15
C VAL A 359 8.39 43.55 -32.16
N THR A 360 7.44 42.99 -32.91
CA THR A 360 6.10 43.56 -32.99
C THR A 360 5.29 43.28 -31.74
N ARG A 361 5.13 42.01 -31.39
CA ARG A 361 4.15 41.66 -30.38
C ARG A 361 4.77 40.84 -29.25
N LYS A 362 5.37 39.71 -29.56
CA LYS A 362 5.98 38.92 -28.51
C LYS A 362 7.13 38.10 -29.10
N THR A 363 8.11 37.79 -28.25
CA THR A 363 9.18 36.89 -28.68
C THR A 363 9.67 36.14 -27.45
N TYR A 364 9.67 34.81 -27.54
CA TYR A 364 9.69 33.95 -26.37
C TYR A 364 10.77 32.88 -26.49
N GLY A 365 11.57 32.73 -25.43
CA GLY A 365 12.32 31.50 -25.23
C GLY A 365 13.41 31.27 -26.25
N GLY A 366 13.61 29.99 -26.57
CA GLY A 366 14.61 29.63 -27.56
C GLY A 366 14.38 30.21 -28.93
N ALA A 367 13.12 30.42 -29.31
CA ALA A 367 12.87 31.05 -30.61
C ALA A 367 13.29 32.51 -30.62
N TYR A 368 13.24 33.17 -29.46
CA TYR A 368 13.72 34.55 -29.35
C TYR A 368 15.21 34.62 -29.70
N ILE A 369 16.01 33.69 -29.17
CA ILE A 369 17.45 33.70 -29.42
C ILE A 369 17.73 33.56 -30.90
N ALA A 370 17.06 32.60 -31.55
CA ALA A 370 17.38 32.27 -32.93
C ALA A 370 16.90 33.34 -33.91
N MET A 371 15.83 34.08 -33.59
CA MET A 371 15.28 35.08 -34.53
C MET A 371 16.08 36.39 -34.47
N ASN A 372 17.35 36.31 -34.89
CA ASN A 372 18.24 37.47 -34.98
C ASN A 372 18.26 38.33 -33.70
N SER A 373 18.76 37.73 -32.62
CA SER A 373 18.80 38.38 -31.34
C SER A 373 20.17 39.01 -31.09
N ARG A 374 20.25 39.84 -30.05
CA ARG A 374 21.48 40.55 -29.73
C ARG A 374 22.62 39.56 -29.47
N SER A 375 22.31 38.42 -28.86
CA SER A 375 23.35 37.44 -28.54
C SER A 375 24.02 36.89 -29.81
N LEU A 376 23.25 36.79 -30.90
CA LEU A 376 23.77 36.42 -32.22
C LEU A 376 24.28 37.63 -33.02
N ASN A 377 24.46 38.79 -32.38
CA ASN A 377 25.11 39.96 -32.97
C ASN A 377 24.23 40.65 -33.99
N ALA A 378 22.92 40.75 -33.71
CA ALA A 378 22.06 41.55 -34.55
C ALA A 378 22.60 42.98 -34.67
N THR A 379 22.41 43.58 -35.84
CA THR A 379 22.87 44.95 -36.03
C THR A 379 22.17 45.90 -35.06
N LYS A 380 20.85 45.86 -35.02
CA LYS A 380 20.08 46.62 -34.05
C LYS A 380 18.75 45.89 -33.83
N VAL A 381 18.21 46.02 -32.62
CA VAL A 381 16.96 45.36 -32.23
C VAL A 381 15.99 46.44 -31.80
N PHE A 382 14.88 46.55 -32.51
CA PHE A 382 13.82 47.47 -32.12
C PHE A 382 12.65 46.69 -31.53
N ALA A 383 11.85 47.39 -30.72
CA ALA A 383 10.58 46.84 -30.25
C ALA A 383 9.52 47.92 -30.26
N TRP A 384 8.31 47.56 -30.66
CA TRP A 384 7.18 48.43 -30.42
C TRP A 384 6.92 48.50 -28.91
N PRO A 385 6.20 49.52 -28.45
CA PRO A 385 6.13 49.75 -27.00
C PRO A 385 5.44 48.65 -26.20
N ASP A 386 4.44 47.98 -26.78
CA ASP A 386 3.70 46.93 -26.07
C ASP A 386 4.36 45.56 -26.13
N ALA A 387 5.44 45.40 -26.88
CA ALA A 387 6.03 44.09 -27.14
C ALA A 387 6.46 43.39 -25.85
N GLU A 388 6.56 42.06 -25.92
CA GLU A 388 6.99 41.24 -24.80
C GLU A 388 8.24 40.43 -25.18
N VAL A 389 9.28 40.53 -24.36
CA VAL A 389 10.53 39.78 -24.52
C VAL A 389 10.72 38.97 -23.25
N ALA A 390 10.45 37.68 -23.30
CA ALA A 390 10.42 36.92 -22.06
C ALA A 390 10.79 35.49 -22.34
N VAL A 391 11.03 34.72 -21.28
CA VAL A 391 11.25 33.29 -21.44
C VAL A 391 9.98 32.60 -21.93
N MET A 392 8.84 33.00 -21.38
CA MET A 392 7.52 32.46 -21.71
C MET A 392 6.52 33.46 -21.18
N GLY A 393 5.25 33.26 -21.50
CA GLY A 393 4.22 34.13 -20.96
C GLY A 393 4.24 34.14 -19.45
N ALA A 394 3.76 35.24 -18.86
CA ALA A 394 3.83 35.36 -17.40
C ALA A 394 3.03 34.27 -16.72
N LYS A 395 1.86 33.91 -17.24
CA LYS A 395 1.12 32.86 -16.56
C LYS A 395 1.85 31.52 -16.65
N ALA A 396 2.51 31.25 -17.78
CA ALA A 396 3.26 30.00 -17.89
C ALA A 396 4.38 29.94 -16.87
N ALA A 397 5.20 31.00 -16.81
CA ALA A 397 6.32 31.02 -15.89
C ALA A 397 5.86 30.90 -14.44
N VAL A 398 4.84 31.67 -14.07
CA VAL A 398 4.35 31.64 -12.70
C VAL A 398 3.79 30.27 -12.37
N GLY A 399 3.23 29.57 -13.36
CA GLY A 399 2.78 28.22 -13.13
C GLY A 399 3.89 27.25 -12.80
N ILE A 400 5.13 27.59 -13.13
CA ILE A 400 6.27 26.71 -12.88
C ILE A 400 6.99 27.15 -11.62
N LEU A 401 7.40 28.41 -11.59
CA LEU A 401 8.02 28.99 -10.41
C LEU A 401 7.15 28.85 -9.16
N HIS A 402 5.84 28.57 -9.32
CA HIS A 402 4.95 28.46 -8.17
C HIS A 402 3.95 27.31 -8.31
N LYS A 403 4.33 26.22 -9.02
CA LYS A 403 3.52 25.01 -9.14
C LYS A 403 2.91 24.62 -7.81
N LYS A 404 3.68 24.73 -6.72
CA LYS A 404 3.22 24.23 -5.42
C LYS A 404 2.39 25.24 -4.64
N LYS A 405 2.59 26.57 -4.83
CA LYS A 405 1.68 27.52 -4.18
C LYS A 405 0.30 27.49 -4.85
N LEU A 406 0.22 27.10 -6.12
CA LEU A 406 -1.10 27.04 -6.76
C LEU A 406 -1.78 25.70 -6.54
N ALA A 407 -1.04 24.59 -6.56
CA ALA A 407 -1.67 23.28 -6.31
C ALA A 407 -2.24 23.20 -4.90
N ALA A 408 -1.66 23.94 -3.96
CA ALA A 408 -2.13 23.97 -2.59
C ALA A 408 -3.28 24.94 -2.39
N ALA A 409 -3.61 25.75 -3.39
CA ALA A 409 -4.72 26.68 -3.23
C ALA A 409 -6.05 25.93 -3.27
N PRO A 410 -7.07 26.45 -2.58
CA PRO A 410 -8.44 25.94 -2.80
C PRO A 410 -8.85 26.13 -4.24
N GLU A 411 -9.47 25.08 -4.80
CA GLU A 411 -9.75 25.04 -6.23
C GLU A 411 -10.44 26.32 -6.73
N HIS A 412 -11.43 26.83 -6.00
CA HIS A 412 -12.18 27.97 -6.53
C HIS A 412 -11.36 29.26 -6.50
N GLU A 413 -10.26 29.29 -5.72
CA GLU A 413 -9.42 30.47 -5.66
C GLU A 413 -8.11 30.33 -6.43
N ARG A 414 -7.64 29.12 -6.68
CA ARG A 414 -6.48 28.91 -7.53
C ARG A 414 -6.76 29.43 -8.94
N GLU A 415 -6.59 30.72 -9.16
CA GLU A 415 -6.83 31.35 -10.46
C GLU A 415 -6.76 32.84 -10.24
N ALA A 416 -7.53 33.33 -9.27
CA ALA A 416 -7.20 34.60 -8.67
C ALA A 416 -5.75 34.58 -8.19
N LEU A 417 -5.32 33.49 -7.56
CA LEU A 417 -3.93 33.36 -7.15
C LEU A 417 -3.00 33.29 -8.36
N HIS A 418 -3.43 32.65 -9.46
CA HIS A 418 -2.59 32.59 -10.66
C HIS A 418 -2.46 33.95 -11.32
N ASP A 419 -3.57 34.68 -11.45
CA ASP A 419 -3.57 35.95 -12.17
C ASP A 419 -2.87 37.05 -11.38
N GLN A 420 -2.99 37.04 -10.05
CA GLN A 420 -2.27 38.02 -9.27
C GLN A 420 -0.77 37.70 -9.24
N LEU A 421 -0.44 36.42 -9.14
CA LEU A 421 0.95 35.99 -9.21
C LEU A 421 1.57 36.36 -10.56
N ALA A 422 0.81 36.24 -11.65
CA ALA A 422 1.35 36.61 -12.96
C ALA A 422 1.52 38.11 -13.10
N ALA A 423 0.56 38.89 -12.61
CA ALA A 423 0.63 40.35 -12.70
C ALA A 423 1.87 40.92 -12.03
N GLU A 424 2.36 40.27 -10.98
CA GLU A 424 3.60 40.73 -10.38
C GLU A 424 4.83 40.11 -11.01
N HIS A 425 4.67 39.05 -11.80
CA HIS A 425 5.81 38.59 -12.57
C HIS A 425 6.11 39.56 -13.71
N GLU A 426 5.08 40.25 -14.22
CA GLU A 426 5.25 41.19 -15.32
C GLU A 426 5.31 42.65 -14.87
N ARG A 427 5.37 42.92 -13.56
CA ARG A 427 5.86 44.22 -13.13
C ARG A 427 7.38 44.28 -13.17
N ILE A 428 8.02 43.19 -13.57
CA ILE A 428 9.46 42.96 -13.46
C ILE A 428 10.01 42.39 -14.77
N ALA A 429 9.30 41.41 -15.32
CA ALA A 429 9.75 40.66 -16.48
C ALA A 429 8.91 40.98 -17.70
N GLY A 430 9.46 40.69 -18.88
CA GLY A 430 8.68 40.71 -20.11
C GLY A 430 8.61 41.98 -20.94
N GLY A 431 8.52 43.15 -20.31
CA GLY A 431 8.33 44.38 -21.04
C GLY A 431 9.54 44.90 -21.79
N VAL A 432 9.27 45.85 -22.69
CA VAL A 432 10.35 46.46 -23.44
C VAL A 432 11.29 47.26 -22.53
N ASP A 433 10.76 47.85 -21.46
CA ASP A 433 11.59 48.63 -20.53
C ASP A 433 12.60 47.75 -19.82
N SER A 434 12.18 46.58 -19.34
CA SER A 434 13.12 45.61 -18.79
C SER A 434 14.17 45.21 -19.83
N ALA A 435 13.72 44.94 -21.07
CA ALA A 435 14.64 44.49 -22.11
C ALA A 435 15.64 45.57 -22.50
N LEU A 436 15.26 46.85 -22.41
CA LEU A 436 16.23 47.92 -22.64
C LEU A 436 17.30 47.93 -21.55
N ASP A 437 16.89 47.77 -20.28
CA ASP A 437 17.83 47.67 -19.17
C ASP A 437 18.84 46.55 -19.42
N ILE A 438 18.35 45.31 -19.51
CA ILE A 438 19.23 44.18 -19.82
C ILE A 438 20.14 44.51 -21.00
N GLY A 439 19.61 45.18 -22.02
CA GLY A 439 20.37 45.47 -23.21
C GLY A 439 20.09 44.59 -24.39
N VAL A 440 18.99 43.82 -24.38
CA VAL A 440 18.65 42.99 -25.53
C VAL A 440 17.74 43.70 -26.53
N VAL A 441 17.18 44.84 -26.17
CA VAL A 441 16.50 45.73 -27.11
C VAL A 441 17.24 47.05 -27.08
N ASP A 442 17.50 47.62 -28.27
CA ASP A 442 18.28 48.83 -28.40
C ASP A 442 17.45 50.10 -28.34
N GLU A 443 16.21 50.05 -28.84
CA GLU A 443 15.36 51.23 -28.84
C GLU A 443 13.90 50.80 -28.92
N LYS A 444 13.07 51.40 -28.08
CA LYS A 444 11.63 51.32 -28.22
C LYS A 444 11.20 52.38 -29.22
N ILE A 445 10.41 52.00 -30.21
CA ILE A 445 10.07 52.96 -31.27
C ILE A 445 8.56 53.11 -31.40
N ASP A 446 8.15 54.32 -31.75
CA ASP A 446 6.82 54.62 -32.25
C ASP A 446 6.55 53.80 -33.51
N PRO A 447 5.53 52.94 -33.52
CA PRO A 447 5.27 52.14 -34.74
C PRO A 447 5.10 52.99 -35.99
N ALA A 448 4.67 54.24 -35.85
CA ALA A 448 4.49 55.11 -37.00
C ALA A 448 5.79 55.49 -37.70
N HIS A 449 6.95 55.21 -37.10
CA HIS A 449 8.23 55.41 -37.77
C HIS A 449 8.97 54.11 -38.05
N THR A 450 8.26 52.98 -38.08
CA THR A 450 8.92 51.69 -38.28
C THR A 450 9.81 51.72 -39.53
N ARG A 451 9.22 52.09 -40.67
CA ARG A 451 9.92 52.05 -41.94
C ARG A 451 11.14 52.95 -41.91
N SER A 452 11.00 54.15 -41.34
CA SER A 452 12.14 55.06 -41.36
C SER A 452 13.18 54.66 -40.32
N LYS A 453 12.78 54.03 -39.21
CA LYS A 453 13.77 53.59 -38.23
C LYS A 453 14.53 52.37 -38.72
N LEU A 454 13.85 51.42 -39.37
CA LEU A 454 14.56 50.29 -39.97
C LEU A 454 15.52 50.74 -41.07
N THR A 455 15.07 51.63 -41.95
CA THR A 455 15.96 52.15 -42.99
C THR A 455 17.20 52.78 -42.38
N GLU A 456 17.00 53.69 -41.43
CA GLU A 456 18.12 54.37 -40.80
C GLU A 456 19.16 53.38 -40.28
N ALA A 457 18.72 52.35 -39.54
CA ALA A 457 19.70 51.46 -38.92
C ALA A 457 20.42 50.60 -39.95
N LEU A 458 19.69 50.10 -40.96
CA LEU A 458 20.36 49.40 -42.05
C LEU A 458 21.35 50.29 -42.77
N ALA A 459 20.94 51.54 -43.07
CA ALA A 459 21.79 52.43 -43.84
C ALA A 459 23.10 52.76 -43.13
N GLN A 460 23.05 52.92 -41.81
CA GLN A 460 24.21 53.43 -41.09
C GLN A 460 25.10 52.33 -40.51
N ALA A 461 24.72 51.07 -40.69
CA ALA A 461 25.61 50.01 -40.25
C ALA A 461 26.71 49.77 -41.29
N PRO A 462 27.86 49.24 -40.87
CA PRO A 462 28.88 48.83 -41.85
C PRO A 462 28.30 47.84 -42.85
N ALA A 463 28.79 47.90 -44.09
CA ALA A 463 28.33 46.93 -45.08
C ALA A 463 28.73 45.50 -44.71
N ARG A 464 29.90 45.30 -44.08
CA ARG A 464 30.29 44.01 -43.52
C ARG A 464 30.83 44.17 -42.10
N ARG A 465 30.73 43.06 -41.31
CA ARG A 465 31.00 42.87 -39.87
C ARG A 465 29.69 42.82 -39.08
N GLY A 466 29.61 41.91 -38.11
CA GLY A 466 28.40 41.64 -37.36
C GLY A 466 28.06 40.15 -37.33
N LEU B 13 32.21 11.28 -3.35
CA LEU B 13 31.57 12.39 -4.03
C LEU B 13 30.32 11.87 -4.74
N ASP B 14 29.34 12.75 -4.97
CA ASP B 14 28.19 12.38 -5.78
C ASP B 14 28.65 12.05 -7.21
N PRO B 15 28.05 11.06 -7.87
CA PRO B 15 28.46 10.76 -9.26
C PRO B 15 28.41 11.98 -10.20
N ARG B 16 27.36 12.81 -10.08
CA ARG B 16 27.22 14.06 -10.81
C ARG B 16 28.14 15.10 -10.34
N ASP B 17 29.15 14.88 -9.54
CA ASP B 17 30.00 16.00 -9.17
C ASP B 17 30.77 16.48 -10.40
N PRO B 18 30.77 17.79 -10.70
CA PRO B 18 31.44 18.22 -11.94
C PRO B 18 32.94 17.99 -11.91
N LEU B 19 33.59 18.32 -10.80
CA LEU B 19 35.02 18.05 -10.70
C LEU B 19 35.34 16.57 -10.72
N LEU B 20 34.40 15.71 -10.34
CA LEU B 20 34.60 14.27 -10.54
C LEU B 20 34.58 13.91 -12.02
N ARG B 21 33.63 14.47 -12.77
CA ARG B 21 33.48 14.12 -14.18
C ARG B 21 34.64 14.69 -15.01
N LEU B 22 35.02 15.95 -14.76
CA LEU B 22 36.19 16.52 -15.43
C LEU B 22 37.43 15.67 -15.20
N SER B 23 37.50 14.99 -14.06
CA SER B 23 38.68 14.23 -13.68
C SER B 23 38.69 12.86 -14.35
N ASN B 24 37.51 12.26 -14.50
CA ASN B 24 37.40 11.01 -15.24
C ASN B 24 37.76 11.18 -16.71
N PHE B 25 37.41 12.34 -17.29
CA PHE B 25 37.61 12.53 -18.72
C PHE B 25 39.07 12.86 -19.02
N PHE B 26 39.67 13.72 -18.20
CA PHE B 26 41.03 14.18 -18.42
C PHE B 26 42.06 13.14 -18.00
N ASP B 27 43.28 13.33 -18.49
CA ASP B 27 44.43 12.57 -17.99
C ASP B 27 44.59 12.78 -16.49
N ASP B 28 44.96 11.70 -15.79
CA ASP B 28 45.08 11.76 -14.34
C ASP B 28 46.09 12.81 -13.91
N GLY B 29 45.69 13.67 -12.97
CA GLY B 29 46.56 14.69 -12.46
C GLY B 29 46.81 15.87 -13.38
N SER B 30 46.03 16.04 -14.44
CA SER B 30 46.26 17.12 -15.38
C SER B 30 45.28 18.29 -15.24
N VAL B 31 44.20 18.11 -14.47
CA VAL B 31 43.14 19.12 -14.38
C VAL B 31 43.68 20.42 -13.76
N GLU B 32 43.16 21.55 -14.24
CA GLU B 32 43.60 22.87 -13.79
C GLU B 32 42.40 23.81 -13.95
N LEU B 33 41.67 24.06 -12.87
CA LEU B 33 40.45 24.84 -13.01
C LEU B 33 40.76 26.20 -13.60
N LEU B 34 39.82 26.73 -14.37
CA LEU B 34 39.96 28.00 -15.05
C LEU B 34 39.30 29.13 -14.28
N HIS B 35 38.70 28.83 -13.13
CA HIS B 35 37.98 29.78 -12.30
C HIS B 35 37.72 29.10 -10.97
N GLU B 36 37.49 29.91 -9.93
CA GLU B 36 37.08 29.38 -8.64
C GLU B 36 35.76 28.62 -8.74
N ARG B 37 35.70 27.47 -8.09
CA ARG B 37 34.45 26.72 -8.02
C ARG B 37 33.37 27.55 -7.30
N ASP B 38 32.11 27.34 -7.67
CA ASP B 38 31.02 28.19 -7.15
C ASP B 38 29.67 27.51 -7.41
N ARG B 39 28.59 28.29 -7.27
CA ARG B 39 27.22 27.80 -7.39
C ARG B 39 26.63 28.04 -8.78
N SER B 40 27.47 28.31 -9.78
CA SER B 40 26.98 28.71 -11.10
C SER B 40 26.41 27.54 -11.90
N GLY B 41 26.73 26.31 -11.53
CA GLY B 41 26.30 25.20 -12.34
C GLY B 41 27.19 24.90 -13.52
N VAL B 42 28.39 25.48 -13.56
CA VAL B 42 29.38 25.12 -14.57
C VAL B 42 30.74 25.14 -13.92
N LEU B 43 31.56 24.13 -14.24
CA LEU B 43 32.98 24.14 -13.89
C LEU B 43 33.77 23.92 -15.16
N ALA B 44 34.70 24.82 -15.47
CA ALA B 44 35.53 24.74 -16.66
C ALA B 44 36.98 24.48 -16.26
N ALA B 45 37.76 23.87 -17.15
CA ALA B 45 39.07 23.37 -16.78
C ALA B 45 39.96 23.14 -18.00
N ALA B 46 41.27 23.27 -17.78
CA ALA B 46 42.29 22.83 -18.71
C ALA B 46 42.82 21.48 -18.27
N GLY B 47 43.10 20.60 -19.21
CA GLY B 47 43.66 19.31 -18.88
C GLY B 47 44.47 18.77 -20.03
N THR B 48 44.74 17.47 -20.05
CA THR B 48 45.28 16.83 -21.24
C THR B 48 44.48 15.58 -21.54
N VAL B 49 44.39 15.26 -22.83
CA VAL B 49 43.80 14.00 -23.28
C VAL B 49 44.87 13.31 -24.11
N ASN B 50 45.52 12.31 -23.51
CA ASN B 50 46.69 11.63 -24.10
C ASN B 50 47.75 12.63 -24.59
N GLY B 51 47.91 13.72 -23.84
CA GLY B 51 48.98 14.66 -24.06
C GLY B 51 48.55 15.94 -24.74
N VAL B 52 47.40 15.95 -25.40
CA VAL B 52 46.89 17.12 -26.08
C VAL B 52 46.27 18.07 -25.07
N ARG B 53 46.67 19.35 -25.13
CA ARG B 53 46.01 20.34 -24.29
C ARG B 53 44.55 20.48 -24.72
N THR B 54 43.64 20.28 -23.77
CA THR B 54 42.20 20.32 -24.02
C THR B 54 41.54 21.21 -22.98
N ILE B 55 40.57 21.99 -23.40
CA ILE B 55 39.72 22.74 -22.49
C ILE B 55 38.45 21.93 -22.34
N ALA B 56 37.87 21.96 -21.15
CA ALA B 56 36.61 21.26 -20.95
C ALA B 56 35.78 22.00 -19.90
N PHE B 57 34.48 21.95 -20.08
CA PHE B 57 33.57 22.49 -19.10
C PHE B 57 32.55 21.41 -18.80
N CYS B 58 32.05 21.42 -17.58
CA CYS B 58 31.05 20.46 -17.15
C CYS B 58 29.93 21.23 -16.49
N THR B 59 28.69 20.90 -16.83
CA THR B 59 27.58 21.48 -16.11
C THR B 59 27.37 20.70 -14.81
N ASP B 60 27.04 21.43 -13.75
CA ASP B 60 26.94 20.85 -12.41
C ASP B 60 25.51 20.39 -12.18
N GLY B 61 25.23 19.13 -12.51
CA GLY B 61 23.90 18.58 -12.30
C GLY B 61 23.43 18.57 -10.86
N THR B 62 24.31 18.89 -9.90
CA THR B 62 23.89 18.95 -8.50
C THR B 62 23.31 20.29 -8.08
N VAL B 63 23.52 21.35 -8.86
CA VAL B 63 22.93 22.65 -8.56
C VAL B 63 21.78 22.88 -9.55
N MET B 64 20.55 22.89 -9.03
CA MET B 64 19.36 23.17 -9.86
C MET B 64 19.30 22.26 -11.09
N GLY B 65 19.71 21.00 -10.92
CA GLY B 65 19.71 20.05 -12.02
C GLY B 65 20.57 20.46 -13.19
N GLY B 66 21.55 21.36 -12.98
CA GLY B 66 22.39 21.84 -14.04
C GLY B 66 21.79 22.97 -14.86
N ALA B 67 20.69 23.57 -14.44
CA ALA B 67 20.12 24.66 -15.21
C ALA B 67 21.17 25.75 -15.44
N MET B 68 21.23 26.23 -16.69
CA MET B 68 22.20 27.24 -17.09
C MET B 68 21.75 28.63 -16.65
N GLY B 69 22.67 29.40 -16.08
CA GLY B 69 22.42 30.77 -15.71
C GLY B 69 23.49 31.70 -16.25
N VAL B 70 23.30 32.99 -15.96
CA VAL B 70 24.19 34.02 -16.51
C VAL B 70 25.65 33.72 -16.16
N GLU B 71 25.93 33.30 -14.92
CA GLU B 71 27.32 33.12 -14.56
C GLU B 71 27.86 31.76 -15.01
N GLY B 72 27.02 30.74 -15.05
CA GLY B 72 27.46 29.49 -15.64
C GLY B 72 27.82 29.67 -17.10
N CYS B 73 26.97 30.37 -17.85
CA CYS B 73 27.25 30.61 -19.26
C CYS B 73 28.50 31.48 -19.44
N THR B 74 28.73 32.43 -18.54
CA THR B 74 29.91 33.27 -18.66
C THR B 74 31.18 32.45 -18.45
N HIS B 75 31.11 31.37 -17.68
CA HIS B 75 32.28 30.48 -17.61
C HIS B 75 32.48 29.73 -18.93
N ILE B 76 31.41 29.22 -19.54
CA ILE B 76 31.56 28.50 -20.79
C ILE B 76 32.14 29.42 -21.86
N VAL B 77 31.59 30.65 -21.97
CA VAL B 77 32.08 31.57 -23.00
C VAL B 77 33.55 31.86 -22.77
N ASN B 78 33.94 32.08 -21.52
CA ASN B 78 35.36 32.26 -21.20
C ASN B 78 36.19 31.05 -21.59
N ALA B 79 35.68 29.84 -21.35
CA ALA B 79 36.43 28.64 -21.74
C ALA B 79 36.57 28.54 -23.25
N TYR B 80 35.54 28.94 -24.00
CA TYR B 80 35.70 28.94 -25.45
C TYR B 80 36.77 29.93 -25.87
N ASP B 81 36.75 31.12 -25.29
CA ASP B 81 37.76 32.12 -25.62
C ASP B 81 39.16 31.60 -25.29
N THR B 82 39.28 30.88 -24.18
CA THR B 82 40.56 30.27 -23.85
C THR B 82 40.97 29.25 -24.90
N ALA B 83 40.03 28.42 -25.34
CA ALA B 83 40.36 27.35 -26.26
C ALA B 83 40.61 27.88 -27.67
N ILE B 84 39.88 28.93 -28.06
CA ILE B 84 40.09 29.54 -29.37
C ILE B 84 41.50 30.15 -29.45
N GLU B 85 41.96 30.75 -28.35
CA GLU B 85 43.27 31.39 -28.33
C GLU B 85 44.41 30.39 -28.33
N ASP B 86 44.27 29.28 -27.61
CA ASP B 86 45.29 28.25 -27.64
C ASP B 86 45.23 27.36 -28.87
N GLN B 87 44.09 27.37 -29.57
CA GLN B 87 43.91 26.48 -30.70
C GLN B 87 43.73 25.08 -30.10
N SER B 88 43.09 25.02 -28.94
CA SER B 88 42.87 23.79 -28.20
C SER B 88 41.50 23.23 -28.54
N PRO B 89 41.35 21.91 -28.56
CA PRO B 89 39.99 21.33 -28.57
C PRO B 89 39.27 21.62 -27.27
N ILE B 90 37.94 21.76 -27.38
CA ILE B 90 37.08 22.05 -26.23
C ILE B 90 36.00 20.98 -26.14
N VAL B 91 35.88 20.40 -24.95
CA VAL B 91 34.95 19.30 -24.68
C VAL B 91 33.95 19.80 -23.65
N GLY B 92 32.67 19.57 -23.93
CA GLY B 92 31.60 19.94 -23.01
C GLY B 92 30.94 18.69 -22.48
N ILE B 93 30.89 18.57 -21.17
CA ILE B 93 30.18 17.48 -20.52
C ILE B 93 28.86 18.04 -20.02
N TRP B 94 27.78 17.45 -20.50
CA TRP B 94 26.46 18.06 -20.41
C TRP B 94 25.55 17.22 -19.54
N HIS B 95 24.79 17.94 -18.71
CA HIS B 95 23.80 17.40 -17.78
C HIS B 95 23.01 18.59 -17.27
N SER B 96 21.85 18.88 -17.87
CA SER B 96 21.19 20.16 -17.64
C SER B 96 19.76 20.20 -18.18
N GLY B 97 18.80 20.67 -17.39
CA GLY B 97 17.43 20.78 -17.87
C GLY B 97 17.18 21.92 -18.82
N GLY B 98 18.12 22.86 -18.94
CA GLY B 98 17.98 24.02 -19.79
C GLY B 98 18.29 25.28 -19.03
N ALA B 99 17.71 26.38 -19.46
CA ALA B 99 17.99 27.68 -18.88
C ALA B 99 17.25 27.83 -17.56
N ARG B 100 17.78 28.70 -16.68
CA ARG B 100 17.20 28.93 -15.35
C ARG B 100 16.00 29.85 -15.49
N LEU B 101 14.79 29.30 -15.31
CA LEU B 101 13.59 30.10 -15.54
C LEU B 101 13.59 31.40 -14.74
N ALA B 102 14.11 31.37 -13.52
CA ALA B 102 14.01 32.52 -12.62
C ALA B 102 14.87 33.68 -13.06
N GLU B 103 15.99 33.43 -13.73
CA GLU B 103 16.88 34.50 -14.14
C GLU B 103 16.39 35.22 -15.38
N GLY B 104 15.28 34.76 -15.96
CA GLY B 104 14.57 35.44 -17.01
C GLY B 104 15.40 35.60 -18.28
N VAL B 105 15.18 36.73 -18.95
CA VAL B 105 15.80 36.97 -20.25
C VAL B 105 17.31 37.09 -20.14
N ARG B 106 17.82 37.58 -19.00
CA ARG B 106 19.26 37.63 -18.80
C ARG B 106 19.89 36.26 -19.01
N ALA B 107 19.22 35.21 -18.54
CA ALA B 107 19.80 33.88 -18.71
C ALA B 107 19.65 33.41 -20.15
N LEU B 108 18.51 33.72 -20.76
CA LEU B 108 18.28 33.47 -22.18
C LEU B 108 19.36 34.12 -23.05
N HIS B 109 19.63 35.40 -22.80
CA HIS B 109 20.71 36.09 -23.50
C HIS B 109 22.07 35.42 -23.28
N ALA B 110 22.38 35.02 -22.05
CA ALA B 110 23.69 34.43 -21.80
C ALA B 110 23.82 33.07 -22.47
N VAL B 111 22.73 32.27 -22.46
CA VAL B 111 22.70 31.03 -23.24
C VAL B 111 22.94 31.34 -24.72
N GLY B 112 22.37 32.44 -25.21
CA GLY B 112 22.63 32.83 -26.59
C GLY B 112 24.09 33.12 -26.84
N GLN B 113 24.77 33.76 -25.88
CA GLN B 113 26.19 34.02 -26.05
C GLN B 113 27.03 32.73 -26.07
N VAL B 114 26.55 31.67 -25.41
CA VAL B 114 27.19 30.36 -25.54
C VAL B 114 27.15 29.88 -26.98
N PHE B 115 25.96 29.91 -27.61
CA PHE B 115 25.84 29.51 -29.02
C PHE B 115 26.77 30.33 -29.90
N GLU B 116 26.87 31.64 -29.65
CA GLU B 116 27.69 32.51 -30.49
C GLU B 116 29.17 32.20 -30.33
N ALA B 117 29.59 31.76 -29.15
CA ALA B 117 30.97 31.26 -28.99
C ALA B 117 31.16 29.98 -29.77
N MET B 118 30.16 29.09 -29.74
CA MET B 118 30.28 27.84 -30.48
C MET B 118 30.34 28.08 -31.98
N ILE B 119 29.61 29.09 -32.46
CA ILE B 119 29.65 29.41 -33.88
C ILE B 119 31.02 29.99 -34.26
N ARG B 120 31.56 30.89 -33.43
CA ARG B 120 32.91 31.39 -33.68
C ARG B 120 33.92 30.24 -33.71
N ALA B 121 33.85 29.32 -32.75
CA ALA B 121 34.80 28.21 -32.78
C ALA B 121 34.58 27.26 -33.94
N SER B 122 33.48 27.39 -34.70
CA SER B 122 33.11 26.32 -35.62
C SER B 122 34.10 26.21 -36.79
N GLY B 123 34.63 24.99 -36.99
CA GLY B 123 35.64 24.72 -37.99
C GLY B 123 37.02 25.26 -37.67
N TYR B 124 37.17 25.92 -36.53
CA TYR B 124 38.47 26.45 -36.10
C TYR B 124 39.13 25.44 -35.17
N ILE B 125 38.48 25.13 -34.06
CA ILE B 125 38.97 24.16 -33.10
C ILE B 125 37.94 23.05 -33.07
N PRO B 126 38.33 21.81 -32.78
CA PRO B 126 37.32 20.73 -32.73
C PRO B 126 36.48 20.85 -31.45
N GLN B 127 35.20 20.51 -31.56
CA GLN B 127 34.30 20.57 -30.42
C GLN B 127 33.60 19.23 -30.26
N ILE B 128 33.83 18.58 -29.11
CA ILE B 128 33.15 17.35 -28.74
C ILE B 128 32.19 17.63 -27.58
N SER B 129 31.00 17.04 -27.66
CA SER B 129 29.98 17.11 -26.61
C SER B 129 29.73 15.70 -26.11
N VAL B 130 29.96 15.49 -24.81
CA VAL B 130 29.67 14.21 -24.15
C VAL B 130 28.45 14.44 -23.28
N VAL B 131 27.32 13.84 -23.65
CA VAL B 131 26.05 14.03 -22.96
C VAL B 131 25.86 12.86 -22.00
N VAL B 132 25.94 13.12 -20.70
CA VAL B 132 25.94 12.05 -19.70
C VAL B 132 24.71 12.05 -18.81
N GLY B 133 23.90 13.10 -18.84
CA GLY B 133 22.65 13.13 -18.12
C GLY B 133 21.54 13.75 -18.94
N PHE B 134 20.40 14.04 -18.31
CA PHE B 134 19.28 14.66 -19.02
C PHE B 134 19.73 16.00 -19.58
N ALA B 135 19.43 16.24 -20.86
CA ALA B 135 19.88 17.44 -21.57
C ALA B 135 18.71 18.01 -22.36
N ALA B 136 18.23 19.19 -21.98
CA ALA B 136 17.01 19.71 -22.58
C ALA B 136 17.12 21.22 -22.81
N GLY B 137 16.28 21.72 -23.70
CA GLY B 137 16.24 23.16 -23.96
C GLY B 137 17.54 23.64 -24.58
N GLY B 138 18.05 24.76 -24.06
CA GLY B 138 19.31 25.30 -24.54
C GLY B 138 20.43 24.28 -24.41
N ALA B 139 20.24 23.29 -23.53
CA ALA B 139 21.23 22.25 -23.28
C ALA B 139 21.10 21.09 -24.27
N ALA B 140 20.08 21.07 -25.10
CA ALA B 140 20.09 20.20 -26.26
C ALA B 140 20.61 20.90 -27.52
N TYR B 141 20.45 22.23 -27.60
CA TYR B 141 20.91 22.94 -28.78
C TYR B 141 22.41 23.16 -28.73
N GLY B 142 22.96 23.47 -27.56
CA GLY B 142 24.40 23.48 -27.34
C GLY B 142 25.15 22.37 -28.05
N PRO B 143 24.91 21.11 -27.65
CA PRO B 143 25.59 20.01 -28.37
C PRO B 143 25.28 19.96 -29.85
N ALA B 144 24.04 20.27 -30.24
CA ALA B 144 23.70 20.26 -31.67
C ALA B 144 24.58 21.19 -32.49
N LEU B 145 25.20 22.20 -31.86
CA LEU B 145 26.09 23.11 -32.58
C LEU B 145 27.55 22.66 -32.61
N THR B 146 27.90 21.54 -31.97
CA THR B 146 29.28 21.09 -31.98
C THR B 146 29.48 20.04 -33.08
N ASP B 147 30.71 19.54 -33.18
CA ASP B 147 31.04 18.69 -34.32
C ASP B 147 30.64 17.23 -34.10
N VAL B 148 30.86 16.69 -32.89
CA VAL B 148 30.51 15.30 -32.59
C VAL B 148 29.87 15.22 -31.21
N VAL B 149 28.79 14.45 -31.11
CA VAL B 149 28.06 14.29 -29.86
C VAL B 149 28.15 12.83 -29.43
N VAL B 150 28.61 12.59 -28.20
CA VAL B 150 28.61 11.27 -27.59
C VAL B 150 27.57 11.26 -26.49
N MET B 151 26.70 10.24 -26.51
CA MET B 151 25.58 10.16 -25.56
C MET B 151 25.67 8.89 -24.75
N ALA B 152 25.77 9.03 -23.43
CA ALA B 152 25.63 7.90 -22.54
C ALA B 152 24.16 7.48 -22.49
N PRO B 153 23.88 6.18 -22.45
CA PRO B 153 22.47 5.73 -22.49
C PRO B 153 21.62 6.32 -21.35
N GLU B 154 22.26 6.63 -20.23
CA GLU B 154 21.65 7.26 -19.07
C GLU B 154 21.27 8.71 -19.39
N SER B 155 20.38 8.90 -20.36
CA SER B 155 20.02 10.30 -20.77
C SER B 155 18.84 10.38 -21.79
N LYS B 186 12.54 12.11 -28.20
CA LYS B 186 12.82 11.58 -29.53
C LYS B 186 13.44 12.63 -30.39
N LYS B 187 14.71 12.46 -30.66
CA LYS B 187 15.50 13.44 -31.42
C LYS B 187 16.47 12.67 -32.32
N SER B 188 15.97 12.21 -33.47
CA SER B 188 16.72 11.33 -34.36
C SER B 188 17.68 12.14 -35.25
N GLY B 189 18.86 11.58 -35.49
CA GLY B 189 19.91 12.22 -36.24
C GLY B 189 20.85 13.09 -35.43
N VAL B 190 20.45 13.52 -34.23
CA VAL B 190 21.20 14.55 -33.50
C VAL B 190 22.46 13.97 -32.86
N CYS B 191 22.34 12.76 -32.34
CA CYS B 191 23.44 12.10 -31.66
C CYS B 191 24.29 11.32 -32.66
N HIS B 192 25.61 11.33 -32.47
CA HIS B 192 26.51 10.65 -33.39
C HIS B 192 26.96 9.29 -32.90
N ILE B 193 27.29 9.17 -31.62
CA ILE B 193 27.86 7.96 -31.04
C ILE B 193 27.14 7.66 -29.73
N VAL B 194 26.54 6.48 -29.62
CA VAL B 194 25.98 6.03 -28.36
C VAL B 194 27.02 5.16 -27.67
N ALA B 195 27.43 5.59 -26.47
CA ALA B 195 28.37 4.84 -25.66
C ALA B 195 27.63 3.78 -24.86
N ASP B 196 28.40 2.96 -24.14
CA ASP B 196 27.83 1.93 -23.29
C ASP B 196 27.31 2.49 -21.98
N ASP B 197 27.95 3.56 -21.49
CA ASP B 197 27.71 4.11 -20.17
C ASP B 197 28.55 5.35 -19.97
N GLU B 198 28.50 5.95 -18.77
CA GLU B 198 29.11 7.25 -18.58
C GLU B 198 30.63 7.20 -18.74
N LEU B 199 31.27 6.16 -18.20
CA LEU B 199 32.72 6.08 -18.35
C LEU B 199 33.14 5.65 -19.75
N ASP B 200 32.35 4.82 -20.42
CA ASP B 200 32.61 4.51 -21.84
C ASP B 200 32.42 5.74 -22.72
N ALA B 201 31.51 6.64 -22.33
CA ALA B 201 31.34 7.89 -23.06
C ALA B 201 32.58 8.76 -22.95
N TYR B 202 33.18 8.84 -21.78
CA TYR B 202 34.42 9.60 -21.70
C TYR B 202 35.52 8.95 -22.53
N ASP B 203 35.42 7.65 -22.82
CA ASP B 203 36.55 7.05 -23.51
C ASP B 203 36.45 7.26 -25.01
N ARG B 204 35.26 7.09 -25.55
CA ARG B 204 35.02 7.46 -26.93
C ARG B 204 35.31 8.94 -27.16
N GLY B 205 34.85 9.80 -26.25
CA GLY B 205 35.18 11.22 -26.34
C GLY B 205 36.68 11.47 -26.33
N ARG B 206 37.43 10.72 -25.51
CA ARG B 206 38.87 10.89 -25.55
C ARG B 206 39.43 10.47 -26.90
N ARG B 207 38.90 9.38 -27.47
CA ARG B 207 39.41 8.92 -28.76
C ARG B 207 39.05 9.90 -29.89
N LEU B 208 37.88 10.54 -29.81
CA LEU B 208 37.56 11.57 -30.79
C LEU B 208 38.61 12.67 -30.77
N VAL B 209 39.03 13.10 -29.57
CA VAL B 209 40.05 14.16 -29.49
C VAL B 209 41.30 13.75 -30.22
N GLY B 210 41.73 12.49 -30.04
CA GLY B 210 42.92 12.01 -30.71
C GLY B 210 42.76 11.87 -32.21
N LEU B 211 41.55 11.55 -32.68
CA LEU B 211 41.32 11.52 -34.11
C LEU B 211 41.37 12.91 -34.72
N PHE B 212 40.94 13.93 -34.01
CA PHE B 212 40.88 15.28 -34.57
C PHE B 212 42.17 16.06 -34.40
N CYS B 213 42.93 15.86 -33.32
CA CYS B 213 44.15 16.64 -33.07
C CYS B 213 45.43 15.83 -33.13
N GLN B 214 45.36 14.52 -33.38
CA GLN B 214 46.54 13.67 -33.53
C GLN B 214 46.37 12.82 -34.78
N GLN B 215 46.22 13.49 -35.93
CA GLN B 215 45.75 12.82 -37.14
C GLN B 215 46.83 11.94 -37.77
N GLY B 216 48.08 12.36 -37.69
CA GLY B 216 49.18 11.54 -38.15
C GLY B 216 49.50 11.75 -39.62
N HIS B 217 50.45 10.93 -40.09
CA HIS B 217 50.75 10.81 -41.51
C HIS B 217 50.34 9.43 -42.01
N PHE B 218 49.90 9.39 -43.27
CA PHE B 218 49.83 8.12 -43.98
C PHE B 218 51.20 7.47 -44.04
N ASP B 219 51.22 6.14 -43.95
CA ASP B 219 52.46 5.36 -43.86
C ASP B 219 52.38 4.16 -44.82
N ARG B 220 52.86 4.37 -46.05
CA ARG B 220 52.73 3.38 -47.12
C ARG B 220 53.18 1.98 -46.70
N SER B 221 54.05 1.89 -45.69
CA SER B 221 54.58 0.57 -45.32
C SER B 221 53.61 -0.19 -44.41
N LYS B 222 52.97 0.50 -43.45
CA LYS B 222 51.89 -0.15 -42.70
C LYS B 222 50.71 -0.50 -43.61
N ALA B 223 50.47 0.31 -44.64
CA ALA B 223 49.33 0.09 -45.52
C ALA B 223 49.43 -1.25 -46.23
N GLU B 224 50.62 -1.60 -46.71
CA GLU B 224 50.80 -2.85 -47.44
C GLU B 224 50.89 -4.05 -46.49
N ALA B 225 51.38 -3.85 -45.27
CA ALA B 225 51.34 -4.92 -44.27
C ALA B 225 49.90 -5.34 -43.96
N GLY B 226 48.94 -4.42 -44.05
CA GLY B 226 47.54 -4.69 -43.73
C GLY B 226 46.68 -5.17 -44.89
N ASP B 227 47.23 -5.18 -46.10
CA ASP B 227 46.45 -5.58 -47.27
C ASP B 227 45.91 -6.99 -47.12
N THR B 228 44.71 -7.20 -47.65
CA THR B 228 44.03 -8.50 -47.65
C THR B 228 43.15 -8.52 -48.89
N ASP B 229 42.58 -9.68 -49.21
CA ASP B 229 41.63 -9.77 -50.32
C ASP B 229 40.25 -9.39 -49.80
N ILE B 230 39.94 -8.10 -49.91
CA ILE B 230 38.68 -7.60 -49.38
C ILE B 230 37.51 -8.07 -50.24
N HIS B 231 37.77 -8.37 -51.52
CA HIS B 231 36.72 -8.87 -52.41
C HIS B 231 36.11 -10.15 -51.87
N ALA B 232 36.87 -10.93 -51.11
CA ALA B 232 36.37 -12.18 -50.55
C ALA B 232 35.14 -11.95 -49.67
N LEU B 233 35.05 -10.79 -49.02
CA LEU B 233 33.89 -10.50 -48.19
C LEU B 233 32.63 -10.22 -49.00
N LEU B 234 32.70 -10.21 -50.32
CA LEU B 234 31.51 -10.00 -51.13
C LEU B 234 30.73 -11.30 -51.30
N PRO B 235 29.42 -11.22 -51.51
CA PRO B 235 28.65 -12.41 -51.87
C PRO B 235 28.93 -12.81 -53.30
N GLU B 236 28.83 -14.12 -53.55
CA GLU B 236 29.13 -14.63 -54.89
C GLU B 236 28.11 -14.15 -55.90
N SER B 237 26.88 -13.92 -55.48
CA SER B 237 25.89 -13.30 -56.35
C SER B 237 26.04 -11.78 -56.33
N SER B 238 26.14 -11.21 -57.53
CA SER B 238 26.07 -9.76 -57.65
C SER B 238 24.69 -9.22 -57.27
N ARG B 239 23.67 -10.09 -57.26
CA ARG B 239 22.33 -9.69 -56.87
C ARG B 239 22.09 -9.75 -55.37
N ARG B 240 22.88 -10.55 -54.64
CA ARG B 240 22.71 -10.69 -53.20
C ARG B 240 23.16 -9.42 -52.48
N ALA B 241 22.48 -9.09 -51.39
CA ALA B 241 22.82 -7.93 -50.56
C ALA B 241 23.72 -8.36 -49.41
N TYR B 242 24.48 -7.40 -48.89
CA TYR B 242 25.43 -7.66 -47.82
C TYR B 242 25.58 -6.43 -46.95
N ASP B 243 26.12 -6.62 -45.75
CA ASP B 243 26.50 -5.52 -44.89
C ASP B 243 27.91 -5.05 -45.29
N VAL B 244 28.04 -3.76 -45.59
CA VAL B 244 29.32 -3.27 -46.11
C VAL B 244 30.32 -3.02 -44.98
N ARG B 245 29.90 -2.98 -43.73
CA ARG B 245 30.82 -2.64 -42.65
C ARG B 245 32.02 -3.58 -42.53
N PRO B 246 31.90 -4.90 -42.69
CA PRO B 246 33.12 -5.73 -42.77
C PRO B 246 34.14 -5.24 -43.77
N ILE B 247 33.69 -4.69 -44.91
CA ILE B 247 34.61 -4.19 -45.92
C ILE B 247 35.29 -2.90 -45.44
N VAL B 248 34.51 -1.96 -44.92
CA VAL B 248 35.09 -0.81 -44.22
C VAL B 248 36.09 -1.26 -43.16
N THR B 249 35.76 -2.33 -42.43
CA THR B 249 36.65 -2.79 -41.36
C THR B 249 37.92 -3.42 -41.92
N ALA B 250 37.80 -4.15 -43.04
CA ALA B 250 38.99 -4.70 -43.70
C ALA B 250 39.92 -3.58 -44.17
N ILE B 251 39.37 -2.51 -44.75
CA ILE B 251 40.18 -1.44 -45.31
C ILE B 251 40.95 -0.71 -44.23
N LEU B 252 40.26 -0.34 -43.15
CA LEU B 252 40.86 0.41 -42.05
C LEU B 252 41.74 -0.48 -41.17
N ASP B 253 42.68 0.16 -40.46
CA ASP B 253 43.67 -0.56 -39.67
C ASP B 253 43.02 -1.54 -38.70
N ALA B 254 43.67 -2.70 -38.54
CA ALA B 254 43.10 -3.77 -37.75
C ALA B 254 43.05 -3.44 -36.26
N ASP B 255 44.01 -2.64 -35.79
CA ASP B 255 44.20 -2.41 -34.36
C ASP B 255 43.54 -1.12 -33.88
N THR B 256 42.47 -0.67 -34.54
CA THR B 256 41.89 0.61 -34.19
C THR B 256 40.40 0.54 -34.46
N PRO B 257 39.56 1.04 -33.55
CA PRO B 257 38.11 0.93 -33.74
C PRO B 257 37.63 1.85 -34.86
N PHE B 258 36.46 1.50 -35.39
CA PHE B 258 35.79 2.30 -36.42
C PHE B 258 34.65 3.05 -35.74
N ASP B 259 34.80 4.38 -35.64
CA ASP B 259 33.89 5.21 -34.88
C ASP B 259 32.76 5.64 -35.81
N GLU B 260 31.79 4.74 -36.00
CA GLU B 260 30.67 4.99 -36.89
C GLU B 260 29.76 6.05 -36.31
N PHE B 261 29.41 7.07 -37.11
CA PHE B 261 28.49 8.12 -36.69
C PHE B 261 27.07 7.76 -37.09
N GLN B 262 26.12 8.06 -36.21
CA GLN B 262 24.70 7.99 -36.55
C GLN B 262 24.33 6.61 -37.12
N ALA B 263 24.75 5.56 -36.41
CA ALA B 263 24.61 4.21 -36.98
C ALA B 263 23.16 3.85 -37.25
N ASN B 264 22.21 4.29 -36.42
CA ASN B 264 20.81 3.88 -36.58
C ASN B 264 19.96 4.84 -37.41
N TRP B 265 20.51 5.96 -37.83
CA TRP B 265 19.79 6.94 -38.63
C TRP B 265 20.28 6.83 -40.07
N ALA B 266 19.33 6.80 -41.02
CA ALA B 266 19.62 6.67 -42.45
C ALA B 266 20.57 5.48 -42.68
N PRO B 267 20.10 4.25 -42.48
CA PRO B 267 21.01 3.10 -42.48
C PRO B 267 21.45 2.60 -43.86
N SER B 268 21.01 3.19 -44.98
CA SER B 268 21.58 2.75 -46.25
C SER B 268 22.95 3.38 -46.50
N MET B 269 23.41 4.20 -45.56
CA MET B 269 24.64 4.95 -45.69
C MET B 269 25.43 4.72 -44.41
N VAL B 270 26.71 4.36 -44.54
CA VAL B 270 27.60 4.22 -43.38
C VAL B 270 28.66 5.31 -43.48
N VAL B 271 28.84 6.05 -42.39
CA VAL B 271 29.89 7.05 -42.25
C VAL B 271 30.52 6.95 -40.87
N GLY B 272 31.77 7.42 -40.78
CA GLY B 272 32.48 7.34 -39.51
C GLY B 272 33.93 7.71 -39.70
N LEU B 273 34.61 7.84 -38.57
CA LEU B 273 36.04 8.08 -38.52
C LEU B 273 36.78 6.77 -38.22
N GLY B 274 38.00 6.69 -38.67
CA GLY B 274 38.85 5.57 -38.38
C GLY B 274 40.27 5.95 -38.70
N ARG B 275 41.14 4.95 -38.82
CA ARG B 275 42.51 5.21 -39.20
C ARG B 275 42.94 4.28 -40.30
N LEU B 276 43.67 4.84 -41.27
CA LEU B 276 44.16 4.12 -42.45
C LEU B 276 45.67 4.33 -42.51
N SER B 277 46.42 3.30 -42.11
CA SER B 277 47.89 3.33 -41.96
C SER B 277 48.33 4.39 -40.94
N GLY B 278 47.55 4.52 -39.85
CA GLY B 278 47.83 5.45 -38.80
C GLY B 278 47.23 6.84 -38.98
N ARG B 279 46.66 7.14 -40.13
CA ARG B 279 46.15 8.46 -40.45
C ARG B 279 44.63 8.48 -40.26
N THR B 280 44.14 9.47 -39.50
CA THR B 280 42.70 9.68 -39.37
C THR B 280 42.07 9.84 -40.75
N VAL B 281 41.08 9.00 -41.08
CA VAL B 281 40.36 9.15 -42.33
C VAL B 281 38.86 9.08 -42.06
N GLY B 282 38.09 9.71 -42.95
CA GLY B 282 36.63 9.62 -42.91
C GLY B 282 36.17 8.66 -44.00
N VAL B 283 35.22 7.80 -43.66
CA VAL B 283 34.74 6.79 -44.59
C VAL B 283 33.26 7.06 -44.86
N LEU B 284 32.85 6.85 -46.11
CA LEU B 284 31.46 6.92 -46.53
C LEU B 284 31.22 5.73 -47.42
N ALA B 285 30.15 5.00 -47.17
CA ALA B 285 29.95 3.73 -47.86
C ALA B 285 28.46 3.42 -47.93
N ASN B 286 27.94 3.33 -49.16
CA ASN B 286 26.63 2.73 -49.38
C ASN B 286 26.58 1.34 -48.75
N ASN B 287 25.51 1.09 -47.99
CA ASN B 287 25.35 -0.19 -47.32
C ASN B 287 24.18 -0.97 -47.93
N PRO B 288 24.45 -1.89 -48.86
CA PRO B 288 23.34 -2.50 -49.64
C PRO B 288 22.43 -3.39 -48.81
N LEU B 289 22.72 -3.59 -47.54
CA LEU B 289 21.84 -4.30 -46.62
C LEU B 289 20.57 -3.53 -46.29
N ARG B 290 20.56 -2.20 -46.45
CA ARG B 290 19.42 -1.36 -46.10
C ARG B 290 18.98 -0.60 -47.32
N LEU B 291 17.72 -0.75 -47.71
CA LEU B 291 17.14 -0.10 -48.89
C LEU B 291 17.90 -0.46 -50.17
N GLY B 292 18.61 -1.58 -50.18
CA GLY B 292 19.42 -1.91 -51.34
C GLY B 292 20.60 -0.99 -51.54
N GLY B 293 21.00 -0.25 -50.51
CA GLY B 293 22.11 0.67 -50.60
C GLY B 293 21.85 1.96 -51.33
N CYS B 294 20.59 2.23 -51.71
CA CYS B 294 20.26 3.44 -52.45
C CYS B 294 20.41 4.69 -51.61
N LEU B 295 20.72 5.79 -52.29
CA LEU B 295 20.58 7.10 -51.67
C LEU B 295 19.12 7.47 -51.50
N ASN B 296 18.86 8.33 -50.53
CA ASN B 296 17.56 8.96 -50.32
C ASN B 296 17.80 10.24 -49.53
N SER B 297 16.72 10.90 -49.11
CA SER B 297 16.85 12.22 -48.51
C SER B 297 17.68 12.19 -47.23
N GLU B 298 17.51 11.15 -46.40
CA GLU B 298 18.25 11.15 -45.14
C GLU B 298 19.69 10.71 -45.33
N SER B 299 19.93 9.68 -46.14
CA SER B 299 21.30 9.25 -46.36
C SER B 299 22.11 10.33 -47.09
N ALA B 300 21.44 11.16 -47.89
CA ALA B 300 22.15 12.26 -48.51
C ALA B 300 22.55 13.29 -47.47
N GLU B 301 21.67 13.59 -46.51
CA GLU B 301 21.99 14.55 -45.46
C GLU B 301 23.10 14.03 -44.57
N LYS B 302 22.98 12.79 -44.09
CA LYS B 302 24.02 12.16 -43.29
C LYS B 302 25.37 12.23 -43.97
N ALA B 303 25.41 11.88 -45.26
CA ALA B 303 26.67 11.93 -46.00
C ALA B 303 27.19 13.36 -46.13
N ALA B 304 26.31 14.29 -46.50
CA ALA B 304 26.76 15.66 -46.76
C ALA B 304 27.29 16.33 -45.48
N ARG B 305 26.63 16.13 -44.34
CA ARG B 305 27.10 16.78 -43.11
C ARG B 305 28.46 16.23 -42.71
N PHE B 306 28.67 14.93 -42.93
CA PHE B 306 29.95 14.29 -42.62
C PHE B 306 31.07 14.81 -43.52
N VAL B 307 30.82 14.90 -44.84
CA VAL B 307 31.83 15.44 -45.75
C VAL B 307 32.27 16.83 -45.30
N ARG B 308 31.30 17.70 -44.98
CA ARG B 308 31.65 19.04 -44.55
CA ARG B 308 31.63 19.05 -44.53
C ARG B 308 32.46 19.04 -43.25
N LEU B 309 32.15 18.11 -42.33
CA LEU B 309 32.93 18.01 -41.10
C LEU B 309 34.37 17.63 -41.37
N CYS B 310 34.61 16.59 -42.18
CA CYS B 310 35.99 16.21 -42.51
C CYS B 310 36.73 17.29 -43.31
N ASP B 311 36.05 17.92 -44.27
CA ASP B 311 36.72 18.98 -45.03
C ASP B 311 37.13 20.12 -44.10
N ALA B 312 36.40 20.34 -43.02
CA ALA B 312 36.73 21.46 -42.13
C ALA B 312 38.02 21.25 -41.38
N PHE B 313 38.34 19.99 -41.04
CA PHE B 313 39.52 19.68 -40.23
C PHE B 313 40.60 18.95 -41.00
N GLY B 314 40.56 18.98 -42.34
CA GLY B 314 41.61 18.42 -43.16
C GLY B 314 41.69 16.91 -43.15
N ILE B 315 40.56 16.21 -42.95
CA ILE B 315 40.53 14.76 -42.84
C ILE B 315 40.19 14.19 -44.21
N PRO B 316 41.09 13.47 -44.87
CA PRO B 316 40.77 12.95 -46.20
C PRO B 316 39.66 11.91 -46.13
N LEU B 317 39.03 11.65 -47.28
CA LEU B 317 37.87 10.76 -47.37
C LEU B 317 38.14 9.57 -48.29
N VAL B 318 37.67 8.41 -47.86
CA VAL B 318 37.60 7.18 -48.64
C VAL B 318 36.12 6.90 -48.89
N VAL B 319 35.72 6.84 -50.15
CA VAL B 319 34.31 6.70 -50.52
C VAL B 319 34.10 5.37 -51.22
N VAL B 320 33.44 4.44 -50.54
CA VAL B 320 33.20 3.08 -51.05
C VAL B 320 31.78 3.02 -51.60
N VAL B 321 31.66 2.68 -52.88
CA VAL B 321 30.48 2.95 -53.67
C VAL B 321 29.88 1.65 -54.16
N ASP B 322 28.59 1.45 -53.87
CA ASP B 322 27.83 0.30 -54.34
C ASP B 322 26.36 0.73 -54.31
N VAL B 323 25.97 1.51 -55.32
CA VAL B 323 24.71 2.24 -55.29
C VAL B 323 23.93 1.97 -56.57
N PRO B 324 22.68 1.49 -56.48
CA PRO B 324 21.91 1.17 -57.69
C PRO B 324 20.98 2.28 -58.16
N GLY B 325 20.77 3.30 -57.32
CA GLY B 325 19.90 4.40 -57.66
C GLY B 325 19.50 5.14 -56.40
N TYR B 326 18.44 5.92 -56.50
CA TYR B 326 17.92 6.65 -55.36
C TYR B 326 16.41 6.55 -55.30
N LEU B 327 15.89 6.56 -54.06
CA LEU B 327 14.53 6.41 -53.57
C LEU B 327 13.94 7.76 -53.22
N PRO B 328 12.65 7.96 -53.45
CA PRO B 328 12.00 9.18 -52.98
C PRO B 328 11.48 9.04 -51.56
N GLY B 329 10.51 9.89 -51.20
CA GLY B 329 9.95 9.90 -49.87
C GLY B 329 8.84 8.89 -49.60
N VAL B 330 8.07 9.22 -48.60
CA VAL B 330 7.13 8.28 -48.03
C VAL B 330 5.93 7.96 -48.83
N ASP B 331 5.57 8.85 -49.69
CA ASP B 331 4.43 8.58 -50.47
C ASP B 331 4.82 9.13 -51.84
N GLN B 332 6.10 9.31 -52.04
CA GLN B 332 6.68 9.47 -53.38
C GLN B 332 7.14 10.91 -53.62
N GLU B 333 7.39 11.66 -52.55
CA GLU B 333 7.81 13.06 -52.62
C GLU B 333 9.30 13.12 -52.94
N TRP B 334 9.65 13.72 -54.07
CA TRP B 334 11.06 13.87 -54.43
C TRP B 334 11.70 15.11 -53.81
N GLY B 335 10.96 15.90 -53.05
CA GLY B 335 11.48 17.19 -52.61
C GLY B 335 12.71 17.07 -51.72
N GLY B 336 12.68 16.15 -50.76
CA GLY B 336 13.82 15.96 -49.88
C GLY B 336 15.04 15.42 -50.61
N VAL B 337 14.85 14.41 -51.46
CA VAL B 337 16.01 13.87 -52.19
C VAL B 337 16.54 14.87 -53.20
N VAL B 338 15.72 15.81 -53.66
CA VAL B 338 16.25 16.83 -54.55
C VAL B 338 17.01 17.89 -53.76
N ARG B 339 16.39 18.43 -52.69
CA ARG B 339 17.09 19.42 -51.86
C ARG B 339 18.30 18.81 -51.18
N ARG B 340 18.14 17.63 -50.58
CA ARG B 340 19.26 17.06 -49.84
C ARG B 340 20.33 16.54 -50.79
N GLY B 341 19.93 15.93 -51.91
CA GLY B 341 20.91 15.47 -52.87
C GLY B 341 21.75 16.58 -53.46
N ALA B 342 21.14 17.75 -53.66
CA ALA B 342 21.91 18.93 -54.11
C ALA B 342 22.96 19.31 -53.08
N LYS B 343 22.61 19.26 -51.79
CA LYS B 343 23.58 19.56 -50.74
C LYS B 343 24.75 18.57 -50.78
N LEU B 344 24.47 17.30 -51.09
CA LEU B 344 25.54 16.31 -51.20
C LEU B 344 26.47 16.63 -52.36
N LEU B 345 25.91 16.96 -53.53
CA LEU B 345 26.73 17.43 -54.63
C LEU B 345 27.58 18.61 -54.19
N HIS B 346 26.94 19.61 -53.60
CA HIS B 346 27.64 20.80 -53.11
C HIS B 346 28.75 20.45 -52.16
N ALA B 347 28.54 19.46 -51.29
CA ALA B 347 29.55 19.08 -50.32
C ALA B 347 30.78 18.52 -51.01
N PHE B 348 30.60 17.53 -51.90
CA PHE B 348 31.75 17.02 -52.65
C PHE B 348 32.32 18.08 -53.58
N GLY B 349 31.46 18.85 -54.26
CA GLY B 349 31.93 19.89 -55.16
C GLY B 349 32.93 20.85 -54.54
N GLU B 350 32.57 21.44 -53.41
CA GLU B 350 33.40 22.41 -52.68
C GLU B 350 34.50 21.77 -51.87
N CYS B 351 34.43 20.46 -51.66
CA CYS B 351 35.44 19.74 -50.88
C CYS B 351 36.84 20.09 -51.37
N THR B 352 37.81 20.12 -50.46
CA THR B 352 39.16 20.44 -50.86
C THR B 352 40.22 19.49 -50.30
N VAL B 353 39.83 18.55 -49.46
CA VAL B 353 40.74 17.53 -48.93
C VAL B 353 40.84 16.41 -49.95
N PRO B 354 41.83 15.53 -49.84
CA PRO B 354 41.84 14.33 -50.70
C PRO B 354 40.59 13.50 -50.48
N ARG B 355 39.95 13.11 -51.58
CA ARG B 355 38.81 12.20 -51.51
C ARG B 355 38.91 11.19 -52.66
N VAL B 356 39.02 9.92 -52.33
CA VAL B 356 39.20 8.87 -53.31
C VAL B 356 37.98 7.94 -53.29
N THR B 357 37.51 7.58 -54.49
CA THR B 357 36.37 6.69 -54.66
C THR B 357 36.84 5.30 -55.03
N LEU B 358 36.21 4.28 -54.43
CA LEU B 358 36.43 2.88 -54.79
C LEU B 358 35.06 2.28 -55.12
N VAL B 359 34.85 1.92 -56.39
CA VAL B 359 33.63 1.24 -56.81
C VAL B 359 33.79 -0.26 -56.58
N THR B 360 32.99 -0.83 -55.67
CA THR B 360 33.12 -2.27 -55.43
C THR B 360 32.32 -3.09 -56.46
N ARG B 361 31.00 -2.89 -56.54
CA ARG B 361 30.18 -3.66 -57.47
C ARG B 361 29.54 -2.78 -58.53
N LYS B 362 28.67 -1.85 -58.17
CA LYS B 362 27.99 -1.10 -59.21
C LYS B 362 27.70 0.32 -58.75
N THR B 363 27.72 1.24 -59.72
CA THR B 363 27.38 2.64 -59.49
C THR B 363 26.56 3.11 -60.69
N TYR B 364 25.28 3.35 -60.47
CA TYR B 364 24.31 3.62 -61.53
C TYR B 364 23.79 5.05 -61.49
N GLY B 365 23.68 5.65 -62.68
CA GLY B 365 22.82 6.81 -62.89
C GLY B 365 23.18 8.05 -62.07
N GLY B 366 22.13 8.79 -61.70
CA GLY B 366 22.33 10.05 -60.98
C GLY B 366 23.14 9.89 -59.72
N ALA B 367 22.91 8.78 -58.99
CA ALA B 367 23.66 8.51 -57.76
C ALA B 367 25.14 8.25 -58.04
N TYR B 368 25.47 7.73 -59.21
CA TYR B 368 26.87 7.63 -59.58
C TYR B 368 27.56 8.98 -59.47
N ILE B 369 26.90 10.06 -59.91
CA ILE B 369 27.52 11.38 -59.89
C ILE B 369 27.74 11.85 -58.45
N ALA B 370 26.73 11.67 -57.60
CA ALA B 370 26.79 12.26 -56.26
C ALA B 370 27.82 11.58 -55.39
N MET B 371 28.10 10.29 -55.63
CA MET B 371 29.04 9.54 -54.79
C MET B 371 30.48 9.80 -55.24
N ASN B 372 30.90 11.07 -55.10
CA ASN B 372 32.27 11.50 -55.34
C ASN B 372 32.80 11.00 -56.68
N SER B 373 32.28 11.60 -57.74
CA SER B 373 32.66 11.23 -59.09
C SER B 373 33.63 12.24 -59.68
N ARG B 374 34.21 11.87 -60.83
CA ARG B 374 35.20 12.71 -61.49
C ARG B 374 34.63 14.08 -61.84
N SER B 375 33.37 14.12 -62.29
CA SER B 375 32.75 15.40 -62.63
C SER B 375 32.81 16.39 -61.48
N LEU B 376 32.72 15.88 -60.22
CA LEU B 376 32.78 16.67 -59.01
C LEU B 376 34.16 16.70 -58.38
N ASN B 377 35.20 16.38 -59.16
CA ASN B 377 36.61 16.56 -58.79
C ASN B 377 37.11 15.55 -57.76
N ALA B 378 36.65 14.30 -57.85
CA ALA B 378 37.23 13.28 -56.98
C ALA B 378 38.73 13.16 -57.23
N THR B 379 39.49 12.91 -56.16
CA THR B 379 40.95 12.88 -56.29
C THR B 379 41.40 11.78 -57.25
N LYS B 380 40.96 10.55 -57.01
CA LYS B 380 41.09 9.43 -57.93
C LYS B 380 39.83 8.59 -57.80
N VAL B 381 39.53 7.84 -58.85
CA VAL B 381 38.43 6.89 -58.83
C VAL B 381 39.01 5.53 -59.17
N PHE B 382 38.82 4.58 -58.26
CA PHE B 382 39.21 3.19 -58.46
C PHE B 382 37.97 2.33 -58.67
N ALA B 383 38.18 1.18 -59.31
CA ALA B 383 37.12 0.19 -59.41
C ALA B 383 37.72 -1.21 -59.28
N TRP B 384 37.01 -2.08 -58.55
CA TRP B 384 37.36 -3.50 -58.54
C TRP B 384 37.08 -4.07 -59.92
N PRO B 385 37.76 -5.16 -60.32
CA PRO B 385 37.72 -5.55 -61.74
C PRO B 385 36.32 -5.84 -62.26
N ASP B 386 35.45 -6.45 -61.46
CA ASP B 386 34.10 -6.80 -61.89
C ASP B 386 33.07 -5.67 -61.73
N ALA B 387 33.50 -4.46 -61.39
CA ALA B 387 32.57 -3.38 -61.09
C ALA B 387 31.83 -2.91 -62.34
N GLU B 388 30.62 -2.39 -62.12
CA GLU B 388 29.80 -1.85 -63.19
C GLU B 388 29.57 -0.36 -62.98
N VAL B 389 29.84 0.44 -64.01
CA VAL B 389 29.63 1.87 -64.03
C VAL B 389 28.71 2.14 -65.21
N ALA B 390 27.42 2.35 -64.94
CA ALA B 390 26.46 2.44 -66.02
C ALA B 390 25.34 3.40 -65.63
N VAL B 391 24.41 3.63 -66.57
CA VAL B 391 23.28 4.49 -66.26
C VAL B 391 22.18 3.73 -65.51
N MET B 392 22.04 2.45 -65.79
CA MET B 392 21.10 1.55 -65.11
C MET B 392 21.49 0.13 -65.47
N GLY B 393 20.70 -0.84 -65.04
CA GLY B 393 20.95 -2.21 -65.44
C GLY B 393 20.83 -2.40 -66.94
N ALA B 394 21.56 -3.40 -67.46
CA ALA B 394 21.58 -3.61 -68.91
C ALA B 394 20.21 -3.97 -69.45
N LYS B 395 19.43 -4.78 -68.73
CA LYS B 395 18.11 -5.09 -69.25
C LYS B 395 17.19 -3.89 -69.13
N ALA B 396 17.25 -3.18 -68.01
CA ALA B 396 16.45 -1.96 -67.87
C ALA B 396 16.80 -0.94 -68.96
N ALA B 397 18.08 -0.81 -69.30
CA ALA B 397 18.52 0.19 -70.25
C ALA B 397 18.17 -0.18 -71.69
N VAL B 398 18.16 -1.47 -72.02
CA VAL B 398 17.74 -1.88 -73.35
C VAL B 398 16.24 -1.68 -73.52
N GLY B 399 15.48 -1.95 -72.50
CA GLY B 399 14.06 -1.75 -72.58
C GLY B 399 13.65 -0.36 -72.98
N ILE B 400 14.47 0.62 -72.66
CA ILE B 400 14.17 1.99 -72.96
C ILE B 400 14.81 2.45 -74.22
N LEU B 401 16.06 2.12 -74.42
CA LEU B 401 16.78 2.49 -75.59
C LEU B 401 16.29 1.92 -76.91
N HIS B 402 15.66 0.76 -76.85
CA HIS B 402 15.16 0.12 -78.03
C HIS B 402 13.73 -0.25 -77.82
N LYS B 403 12.98 0.63 -77.22
CA LYS B 403 11.60 0.37 -76.99
C LYS B 403 10.79 0.27 -78.24
N LYS B 404 11.06 1.08 -79.23
CA LYS B 404 10.32 1.02 -80.45
C LYS B 404 10.66 -0.25 -81.18
N LYS B 405 11.91 -0.63 -81.21
CA LYS B 405 12.33 -1.88 -81.81
C LYS B 405 11.64 -3.06 -81.12
N LEU B 406 11.70 -3.07 -79.79
CA LEU B 406 11.07 -4.13 -79.02
C LEU B 406 9.56 -4.18 -79.24
N ALA B 407 8.91 -3.02 -79.32
CA ALA B 407 7.45 -3.00 -79.45
C ALA B 407 6.99 -3.46 -80.83
N ALA B 408 7.79 -3.19 -81.87
CA ALA B 408 7.44 -3.66 -83.19
C ALA B 408 7.66 -5.17 -83.35
N ALA B 409 8.48 -5.80 -82.54
CA ALA B 409 8.76 -7.22 -82.73
C ALA B 409 7.57 -8.07 -82.29
N PRO B 410 7.38 -9.25 -82.88
CA PRO B 410 6.28 -10.12 -82.48
C PRO B 410 6.36 -10.50 -81.00
N GLU B 411 5.20 -10.74 -80.40
CA GLU B 411 5.16 -11.04 -78.97
C GLU B 411 5.90 -12.34 -78.65
N HIS B 412 5.93 -13.30 -79.58
CA HIS B 412 6.63 -14.57 -79.41
C HIS B 412 8.15 -14.46 -79.67
N GLU B 413 8.68 -13.24 -79.82
CA GLU B 413 10.11 -13.02 -79.99
C GLU B 413 10.63 -11.82 -79.20
N ARG B 414 9.77 -11.13 -78.44
CA ARG B 414 10.22 -9.96 -77.70
C ARG B 414 11.15 -10.37 -76.57
N GLU B 415 10.66 -11.16 -75.60
CA GLU B 415 11.50 -11.61 -74.51
C GLU B 415 12.76 -12.33 -74.99
N ALA B 416 12.77 -12.82 -76.24
CA ALA B 416 13.97 -13.43 -76.79
C ALA B 416 14.90 -12.38 -77.39
N LEU B 417 14.34 -11.35 -78.01
CA LEU B 417 15.15 -10.27 -78.57
C LEU B 417 15.64 -9.32 -77.47
N HIS B 418 14.81 -9.08 -76.45
CA HIS B 418 15.21 -8.24 -75.33
C HIS B 418 16.42 -8.82 -74.60
N ASP B 419 16.37 -10.12 -74.31
CA ASP B 419 17.49 -10.78 -73.67
C ASP B 419 18.77 -10.65 -74.49
N GLN B 420 18.67 -10.81 -75.81
CA GLN B 420 19.89 -10.76 -76.60
C GLN B 420 20.35 -9.32 -76.82
N LEU B 421 19.43 -8.39 -77.04
CA LEU B 421 19.84 -6.98 -77.15
C LEU B 421 20.60 -6.55 -75.91
N ALA B 422 20.13 -6.97 -74.72
CA ALA B 422 20.84 -6.69 -73.47
C ALA B 422 22.25 -7.26 -73.48
N ALA B 423 22.47 -8.35 -74.23
CA ALA B 423 23.77 -9.01 -74.24
C ALA B 423 24.81 -8.20 -75.01
N GLU B 424 24.49 -7.80 -76.25
CA GLU B 424 25.44 -6.97 -76.98
C GLU B 424 25.61 -5.61 -76.31
N HIS B 425 24.68 -5.22 -75.47
CA HIS B 425 24.79 -3.96 -74.75
C HIS B 425 25.93 -4.02 -73.72
N GLU B 426 25.97 -5.09 -72.93
CA GLU B 426 27.07 -5.27 -72.01
C GLU B 426 28.40 -5.53 -72.70
N ARG B 427 28.38 -5.92 -73.97
CA ARG B 427 29.64 -6.09 -74.70
C ARG B 427 30.28 -4.74 -75.01
N ILE B 428 29.49 -3.67 -75.10
CA ILE B 428 30.05 -2.35 -75.39
C ILE B 428 29.98 -1.41 -74.20
N ALA B 429 29.19 -1.71 -73.18
CA ALA B 429 28.98 -0.80 -72.06
C ALA B 429 29.17 -1.58 -70.77
N GLY B 430 28.67 -1.03 -69.67
CA GLY B 430 28.66 -1.71 -68.39
C GLY B 430 29.93 -1.56 -67.56
N GLY B 431 31.01 -2.24 -67.97
CA GLY B 431 32.10 -2.55 -67.07
C GLY B 431 33.21 -1.52 -66.99
N VAL B 432 34.22 -1.88 -66.20
CA VAL B 432 35.36 -1.00 -65.92
C VAL B 432 36.03 -0.55 -67.21
N ASP B 433 36.11 -1.44 -68.21
CA ASP B 433 36.89 -1.14 -69.40
C ASP B 433 36.28 0.01 -70.19
N SER B 434 34.96 0.00 -70.37
CA SER B 434 34.26 1.17 -70.89
C SER B 434 34.65 2.43 -70.13
N ALA B 435 34.44 2.42 -68.80
CA ALA B 435 34.59 3.63 -68.00
C ALA B 435 36.04 4.11 -67.97
N LEU B 436 37.00 3.18 -67.90
CA LEU B 436 38.41 3.54 -68.02
C LEU B 436 38.66 4.38 -69.26
N ASP B 437 38.06 3.96 -70.39
CA ASP B 437 38.27 4.64 -71.66
C ASP B 437 37.63 6.02 -71.67
N ILE B 438 36.41 6.14 -71.15
CA ILE B 438 35.73 7.43 -71.05
C ILE B 438 36.54 8.40 -70.22
N GLY B 439 37.16 7.89 -69.15
CA GLY B 439 37.90 8.72 -68.21
C GLY B 439 37.31 8.81 -66.81
N VAL B 440 36.16 8.19 -66.51
CA VAL B 440 35.51 8.35 -65.20
C VAL B 440 36.01 7.36 -64.17
N VAL B 441 36.84 6.41 -64.56
CA VAL B 441 37.57 5.57 -63.63
C VAL B 441 39.04 5.70 -63.98
N ASP B 442 39.86 5.96 -62.98
CA ASP B 442 41.28 6.14 -63.25
C ASP B 442 42.02 4.81 -63.31
N GLU B 443 41.56 3.78 -62.60
CA GLU B 443 42.34 2.55 -62.56
C GLU B 443 41.52 1.37 -62.05
N LYS B 444 41.64 0.26 -62.76
CA LYS B 444 41.17 -1.03 -62.26
C LYS B 444 42.25 -1.59 -61.36
N ILE B 445 41.87 -1.94 -60.12
CA ILE B 445 42.84 -2.39 -59.12
C ILE B 445 42.47 -3.79 -58.65
N ASP B 446 43.50 -4.55 -58.32
CA ASP B 446 43.32 -5.86 -57.72
C ASP B 446 42.86 -5.67 -56.28
N PRO B 447 41.69 -6.20 -55.89
CA PRO B 447 41.21 -6.00 -54.51
C PRO B 447 42.19 -6.39 -53.42
N ALA B 448 43.11 -7.32 -53.69
CA ALA B 448 44.13 -7.63 -52.68
C ALA B 448 45.00 -6.42 -52.35
N HIS B 449 44.98 -5.37 -53.17
CA HIS B 449 45.81 -4.19 -52.99
C HIS B 449 44.98 -2.94 -52.73
N THR B 450 43.78 -3.07 -52.17
CA THR B 450 42.92 -1.90 -51.95
C THR B 450 43.58 -0.86 -51.02
N ARG B 451 44.12 -1.31 -49.88
CA ARG B 451 44.68 -0.34 -48.94
C ARG B 451 45.85 0.43 -49.55
N SER B 452 46.75 -0.27 -50.25
CA SER B 452 47.92 0.41 -50.82
C SER B 452 47.50 1.43 -51.85
N LYS B 453 46.67 1.02 -52.80
CA LYS B 453 46.16 1.92 -53.82
C LYS B 453 45.47 3.13 -53.19
N LEU B 454 44.55 2.90 -52.26
CA LEU B 454 43.88 4.02 -51.59
C LEU B 454 44.88 4.92 -50.85
N THR B 455 45.76 4.31 -50.06
CA THR B 455 46.73 5.11 -49.32
C THR B 455 47.62 5.92 -50.25
N GLU B 456 48.11 5.28 -51.32
CA GLU B 456 48.97 5.98 -52.27
C GLU B 456 48.23 7.14 -52.93
N ALA B 457 46.99 6.90 -53.39
CA ALA B 457 46.20 7.97 -53.99
C ALA B 457 45.98 9.14 -53.02
N LEU B 458 45.65 8.84 -51.76
CA LEU B 458 45.46 9.91 -50.79
C LEU B 458 46.75 10.66 -50.54
N ALA B 459 47.87 9.95 -50.49
CA ALA B 459 49.16 10.51 -50.13
C ALA B 459 49.72 11.46 -51.18
N GLN B 460 49.29 11.38 -52.43
CA GLN B 460 49.83 12.29 -53.43
C GLN B 460 48.91 13.45 -53.77
N ALA B 461 47.67 13.45 -53.32
CA ALA B 461 46.87 14.64 -53.43
C ALA B 461 47.53 15.73 -52.59
N PRO B 462 47.19 16.99 -52.81
CA PRO B 462 47.59 18.04 -51.87
C PRO B 462 46.74 18.00 -50.60
N ALA B 463 47.26 18.65 -49.56
CA ALA B 463 46.43 18.83 -48.36
C ALA B 463 45.19 19.69 -48.65
N ARG B 464 45.19 20.49 -49.71
CA ARG B 464 44.05 21.35 -50.06
C ARG B 464 43.99 21.56 -51.57
N ARG B 465 42.82 22.02 -52.03
CA ARG B 465 42.44 22.24 -53.44
C ARG B 465 42.19 20.92 -54.16
N GLY B 466 41.03 20.81 -54.85
CA GLY B 466 40.68 19.62 -55.61
C GLY B 466 39.62 19.81 -56.68
N LEU C 13 -23.62 -14.30 15.17
CA LEU C 13 -24.43 -15.50 14.93
C LEU C 13 -25.77 -15.14 14.27
N ASP C 14 -26.83 -15.38 15.02
CA ASP C 14 -28.24 -15.15 14.72
C ASP C 14 -28.53 -13.72 14.33
N PRO C 15 -27.85 -12.74 14.87
CA PRO C 15 -28.11 -11.37 14.37
C PRO C 15 -28.05 -11.24 12.85
N ARG C 16 -27.22 -12.05 12.19
CA ARG C 16 -27.06 -12.09 10.75
C ARG C 16 -28.01 -13.06 10.07
N ASP C 17 -28.96 -13.61 10.80
CA ASP C 17 -29.89 -14.55 10.20
C ASP C 17 -30.70 -13.84 9.12
N PRO C 18 -30.79 -14.38 7.90
CA PRO C 18 -31.44 -13.62 6.83
C PRO C 18 -32.91 -13.44 7.04
N LEU C 19 -33.59 -14.41 7.66
CA LEU C 19 -35.03 -14.22 7.87
C LEU C 19 -35.29 -13.19 8.96
N LEU C 20 -34.42 -13.13 9.98
CA LEU C 20 -34.47 -12.01 10.92
C LEU C 20 -34.32 -10.67 10.20
N ARG C 21 -33.27 -10.53 9.40
CA ARG C 21 -33.01 -9.28 8.68
C ARG C 21 -34.20 -8.89 7.81
N LEU C 22 -34.78 -9.85 7.09
CA LEU C 22 -35.88 -9.53 6.19
C LEU C 22 -37.13 -9.10 6.97
N SER C 23 -37.29 -9.59 8.20
CA SER C 23 -38.46 -9.26 9.01
C SER C 23 -38.32 -7.91 9.71
N ASN C 24 -37.09 -7.52 10.11
CA ASN C 24 -36.87 -6.14 10.54
C ASN C 24 -37.21 -5.14 9.43
N PHE C 25 -37.02 -5.51 8.15
CA PHE C 25 -37.20 -4.57 7.06
C PHE C 25 -38.67 -4.50 6.61
N PHE C 26 -39.30 -5.64 6.37
CA PHE C 26 -40.70 -5.68 5.95
C PHE C 26 -41.64 -5.24 7.09
N ASP C 27 -42.92 -5.08 6.76
CA ASP C 27 -43.93 -4.81 7.78
C ASP C 27 -44.17 -6.06 8.61
N ASP C 28 -44.32 -5.88 9.92
CA ASP C 28 -44.54 -7.02 10.81
C ASP C 28 -45.72 -7.83 10.30
N GLY C 29 -45.45 -9.09 9.93
CA GLY C 29 -46.47 -10.02 9.53
C GLY C 29 -46.61 -10.27 8.04
N SER C 30 -45.90 -9.53 7.20
CA SER C 30 -46.12 -9.61 5.75
C SER C 30 -45.17 -10.55 5.01
N VAL C 31 -44.09 -10.98 5.64
CA VAL C 31 -43.08 -11.77 4.94
C VAL C 31 -43.68 -13.03 4.32
N GLU C 32 -43.20 -13.37 3.12
CA GLU C 32 -43.65 -14.57 2.41
C GLU C 32 -42.48 -15.07 1.56
N LEU C 33 -41.83 -16.14 1.99
CA LEU C 33 -40.67 -16.62 1.27
C LEU C 33 -41.01 -16.94 -0.18
N LEU C 34 -40.01 -16.82 -1.05
CA LEU C 34 -40.19 -17.15 -2.45
C LEU C 34 -39.64 -18.52 -2.77
N HIS C 35 -39.05 -19.19 -1.79
CA HIS C 35 -38.44 -20.49 -2.01
C HIS C 35 -38.20 -21.12 -0.65
N GLU C 36 -38.09 -22.45 -0.67
CA GLU C 36 -37.69 -23.20 0.51
C GLU C 36 -36.28 -22.80 0.93
N ARG C 37 -36.15 -22.41 2.20
CA ARG C 37 -34.88 -21.99 2.78
C ARG C 37 -33.83 -23.11 2.70
N ASP C 38 -32.56 -22.73 2.56
CA ASP C 38 -31.52 -23.72 2.34
C ASP C 38 -30.16 -23.10 2.63
N ARG C 39 -29.11 -23.58 1.97
CA ARG C 39 -27.73 -23.14 2.23
C ARG C 39 -27.14 -22.33 1.08
N SER C 40 -28.04 -21.73 0.31
CA SER C 40 -27.67 -20.97 -0.88
C SER C 40 -27.15 -19.61 -0.48
N GLY C 41 -27.34 -19.30 0.79
CA GLY C 41 -26.89 -18.04 1.30
C GLY C 41 -27.85 -16.96 0.85
N VAL C 42 -28.87 -17.29 0.05
CA VAL C 42 -29.74 -16.19 -0.29
C VAL C 42 -31.12 -16.61 0.18
N LEU C 43 -31.86 -15.67 0.75
CA LEU C 43 -33.27 -15.87 1.05
C LEU C 43 -34.06 -14.74 0.41
N ALA C 44 -35.02 -15.09 -0.45
CA ALA C 44 -35.86 -14.10 -1.09
C ALA C 44 -37.28 -14.16 -0.54
N ALA C 45 -37.90 -13.01 -0.35
CA ALA C 45 -39.27 -13.00 0.11
C ALA C 45 -40.02 -11.79 -0.45
N ALA C 46 -41.34 -11.90 -0.42
CA ALA C 46 -42.23 -10.78 -0.70
C ALA C 46 -42.80 -10.29 0.63
N GLY C 47 -43.18 -9.02 0.66
CA GLY C 47 -43.83 -8.47 1.82
C GLY C 47 -44.37 -7.11 1.48
N THR C 48 -44.72 -6.34 2.50
CA THR C 48 -45.15 -4.96 2.28
C THR C 48 -44.21 -4.00 2.99
N VAL C 49 -44.06 -2.80 2.41
CA VAL C 49 -43.38 -1.68 3.04
C VAL C 49 -44.41 -0.56 3.10
N ASN C 50 -44.97 -0.32 4.28
CA ASN C 50 -46.07 0.62 4.47
C ASN C 50 -47.15 0.39 3.42
N GLY C 51 -47.47 -0.88 3.21
CA GLY C 51 -48.55 -1.28 2.34
C GLY C 51 -48.15 -1.57 0.92
N VAL C 52 -47.02 -1.05 0.46
CA VAL C 52 -46.59 -1.24 -0.93
C VAL C 52 -45.99 -2.64 -1.09
N ARG C 53 -46.42 -3.35 -2.14
CA ARG C 53 -45.90 -4.68 -2.36
C ARG C 53 -44.43 -4.58 -2.77
N THR C 54 -43.60 -5.45 -2.20
CA THR C 54 -42.15 -5.32 -2.37
C THR C 54 -41.50 -6.70 -2.34
N ILE C 55 -40.50 -6.88 -3.20
CA ILE C 55 -39.65 -8.06 -3.22
C ILE C 55 -38.34 -7.69 -2.53
N ALA C 56 -37.78 -8.63 -1.79
CA ALA C 56 -36.53 -8.38 -1.10
C ALA C 56 -35.74 -9.67 -1.08
N PHE C 57 -34.42 -9.55 -1.08
CA PHE C 57 -33.56 -10.72 -0.93
C PHE C 57 -32.43 -10.37 0.02
N CYS C 58 -31.88 -11.37 0.65
CA CYS C 58 -30.88 -11.14 1.69
C CYS C 58 -29.81 -12.19 1.55
N THR C 59 -28.54 -11.76 1.48
CA THR C 59 -27.44 -12.71 1.43
C THR C 59 -27.20 -13.19 2.84
N ASP C 60 -26.96 -14.49 2.97
CA ASP C 60 -26.97 -15.16 4.27
C ASP C 60 -25.58 -15.08 4.88
N GLY C 61 -25.36 -14.11 5.76
CA GLY C 61 -24.06 -13.98 6.37
C GLY C 61 -23.64 -15.18 7.22
N THR C 62 -24.54 -16.12 7.47
CA THR C 62 -24.24 -17.28 8.29
C THR C 62 -23.68 -18.43 7.49
N VAL C 63 -23.77 -18.39 6.17
CA VAL C 63 -23.31 -19.48 5.31
C VAL C 63 -22.16 -18.94 4.48
N MET C 64 -20.98 -19.49 4.68
CA MET C 64 -19.77 -19.09 3.95
C MET C 64 -19.57 -17.58 3.92
N GLY C 65 -19.91 -16.92 5.02
CA GLY C 65 -19.83 -15.47 5.08
C GLY C 65 -20.68 -14.73 4.06
N GLY C 66 -21.77 -15.34 3.59
CA GLY C 66 -22.56 -14.76 2.53
C GLY C 66 -21.97 -14.85 1.14
N ALA C 67 -20.96 -15.69 0.93
CA ALA C 67 -20.35 -15.82 -0.39
C ALA C 67 -21.40 -16.27 -1.42
N MET C 68 -21.40 -15.61 -2.58
CA MET C 68 -22.45 -15.84 -3.58
C MET C 68 -22.13 -17.04 -4.46
N GLY C 69 -23.10 -17.93 -4.63
CA GLY C 69 -22.91 -19.13 -5.41
C GLY C 69 -24.00 -19.30 -6.44
N VAL C 70 -23.94 -20.43 -7.15
CA VAL C 70 -24.84 -20.63 -8.27
C VAL C 70 -26.29 -20.67 -7.81
N GLU C 71 -26.56 -21.41 -6.74
CA GLU C 71 -27.95 -21.54 -6.29
C GLU C 71 -28.47 -20.23 -5.71
N GLY C 72 -27.67 -19.54 -4.90
CA GLY C 72 -28.13 -18.27 -4.34
C GLY C 72 -28.46 -17.26 -5.41
N CYS C 73 -27.57 -17.14 -6.41
CA CYS C 73 -27.75 -16.20 -7.50
C CYS C 73 -29.02 -16.47 -8.30
N THR C 74 -29.36 -17.75 -8.45
CA THR C 74 -30.60 -18.07 -9.14
C THR C 74 -31.82 -17.61 -8.34
N HIS C 75 -31.75 -17.68 -7.02
CA HIS C 75 -32.84 -17.14 -6.22
C HIS C 75 -32.97 -15.64 -6.44
N ILE C 76 -31.84 -14.92 -6.57
CA ILE C 76 -31.92 -13.49 -6.80
C ILE C 76 -32.49 -13.19 -8.19
N VAL C 77 -31.95 -13.87 -9.22
CA VAL C 77 -32.49 -13.70 -10.56
C VAL C 77 -33.98 -14.02 -10.59
N ASN C 78 -34.41 -15.02 -9.80
CA ASN C 78 -35.84 -15.30 -9.73
C ASN C 78 -36.60 -14.20 -9.02
N ALA C 79 -36.03 -13.66 -7.93
CA ALA C 79 -36.67 -12.52 -7.26
C ALA C 79 -36.85 -11.34 -8.22
N TYR C 80 -35.85 -11.06 -9.06
CA TYR C 80 -35.98 -9.97 -10.04
C TYR C 80 -37.07 -10.26 -11.06
N ASP C 81 -37.07 -11.45 -11.64
CA ASP C 81 -38.14 -11.82 -12.54
C ASP C 81 -39.51 -11.62 -11.90
N THR C 82 -39.66 -12.01 -10.62
CA THR C 82 -40.91 -11.81 -9.90
C THR C 82 -41.20 -10.32 -9.73
N ALA C 83 -40.20 -9.57 -9.31
CA ALA C 83 -40.39 -8.14 -9.12
C ALA C 83 -40.73 -7.46 -10.43
N ILE C 84 -40.03 -7.84 -11.50
CA ILE C 84 -40.25 -7.18 -12.79
C ILE C 84 -41.67 -7.46 -13.26
N GLU C 85 -42.14 -8.70 -13.10
CA GLU C 85 -43.46 -9.05 -13.60
C GLU C 85 -44.57 -8.35 -12.81
N ASP C 86 -44.42 -8.22 -11.50
CA ASP C 86 -45.42 -7.54 -10.69
C ASP C 86 -45.22 -6.04 -10.64
N GLN C 87 -44.21 -5.53 -11.37
CA GLN C 87 -43.78 -4.13 -11.32
C GLN C 87 -43.62 -3.63 -9.89
N SER C 88 -42.97 -4.43 -9.07
CA SER C 88 -42.75 -4.11 -7.67
C SER C 88 -41.32 -3.65 -7.42
N PRO C 89 -41.08 -2.79 -6.43
CA PRO C 89 -39.70 -2.46 -6.05
C PRO C 89 -39.00 -3.71 -5.51
N ILE C 90 -37.67 -3.72 -5.58
CA ILE C 90 -36.91 -4.86 -5.08
C ILE C 90 -35.74 -4.35 -4.26
N VAL C 91 -35.72 -4.71 -2.97
CA VAL C 91 -34.68 -4.29 -2.03
C VAL C 91 -33.72 -5.44 -1.86
N GLY C 92 -32.42 -5.15 -1.81
CA GLY C 92 -31.44 -6.18 -1.54
C GLY C 92 -30.66 -5.85 -0.28
N ILE C 93 -30.63 -6.78 0.66
CA ILE C 93 -29.86 -6.62 1.90
C ILE C 93 -28.58 -7.42 1.74
N TRP C 94 -27.44 -6.73 1.83
CA TRP C 94 -26.17 -7.25 1.36
C TRP C 94 -25.19 -7.47 2.52
N HIS C 95 -24.61 -8.67 2.55
CA HIS C 95 -23.62 -9.07 3.55
C HIS C 95 -22.89 -10.27 2.94
N SER C 96 -21.78 -10.01 2.26
CA SER C 96 -21.20 -11.04 1.40
C SER C 96 -19.78 -10.67 1.03
N GLY C 97 -18.85 -11.58 1.28
CA GLY C 97 -17.49 -11.35 0.86
C GLY C 97 -17.26 -11.47 -0.62
N GLY C 98 -18.26 -11.93 -1.38
CA GLY C 98 -18.14 -11.99 -2.82
C GLY C 98 -18.52 -13.33 -3.40
N ALA C 99 -17.92 -13.71 -4.53
CA ALA C 99 -18.27 -14.98 -5.13
C ALA C 99 -17.60 -16.13 -4.40
N ARG C 100 -18.20 -17.31 -4.53
CA ARG C 100 -17.73 -18.54 -3.92
C ARG C 100 -16.60 -19.11 -4.74
N LEU C 101 -15.36 -18.83 -4.33
CA LEU C 101 -14.19 -19.23 -5.12
C LEU C 101 -14.24 -20.70 -5.51
N ALA C 102 -14.67 -21.56 -4.58
CA ALA C 102 -14.70 -23.00 -4.82
C ALA C 102 -15.62 -23.38 -5.98
N GLU C 103 -16.62 -22.55 -6.29
CA GLU C 103 -17.51 -22.86 -7.41
C GLU C 103 -16.97 -22.34 -8.74
N GLY C 104 -15.89 -21.55 -8.73
CA GLY C 104 -15.19 -21.21 -9.94
C GLY C 104 -16.00 -20.42 -10.95
N VAL C 105 -15.77 -20.73 -12.21
CA VAL C 105 -16.37 -19.93 -13.28
C VAL C 105 -17.88 -20.02 -13.26
N ARG C 106 -18.42 -21.13 -12.76
CA ARG C 106 -19.86 -21.23 -12.64
C ARG C 106 -20.41 -20.15 -11.72
N ALA C 107 -19.63 -19.74 -10.72
CA ALA C 107 -20.09 -18.67 -9.85
C ALA C 107 -19.96 -17.31 -10.54
N LEU C 108 -18.88 -17.08 -11.30
CA LEU C 108 -18.77 -15.83 -12.06
C LEU C 108 -19.94 -15.67 -13.02
N HIS C 109 -20.21 -16.71 -13.81
CA HIS C 109 -21.40 -16.71 -14.65
C HIS C 109 -22.65 -16.38 -13.84
N ALA C 110 -22.86 -17.08 -12.73
CA ALA C 110 -24.08 -16.85 -11.96
C ALA C 110 -24.14 -15.41 -11.44
N VAL C 111 -23.00 -14.86 -10.99
CA VAL C 111 -22.96 -13.46 -10.55
C VAL C 111 -23.32 -12.54 -11.71
N GLY C 112 -22.76 -12.80 -12.90
CA GLY C 112 -23.09 -11.99 -14.07
C GLY C 112 -24.57 -12.01 -14.39
N GLN C 113 -25.23 -13.14 -14.15
CA GLN C 113 -26.66 -13.20 -14.39
C GLN C 113 -27.46 -12.38 -13.39
N VAL C 114 -26.96 -12.17 -12.17
CA VAL C 114 -27.62 -11.20 -11.30
C VAL C 114 -27.49 -9.80 -11.88
N PHE C 115 -26.27 -9.41 -12.28
CA PHE C 115 -26.07 -8.13 -12.97
C PHE C 115 -27.06 -7.96 -14.12
N GLU C 116 -27.07 -8.92 -15.05
CA GLU C 116 -27.97 -8.84 -16.19
C GLU C 116 -29.40 -8.63 -15.74
N ALA C 117 -29.80 -9.30 -14.66
CA ALA C 117 -31.13 -9.09 -14.11
C ALA C 117 -31.32 -7.66 -13.64
N MET C 118 -30.32 -7.09 -12.93
CA MET C 118 -30.42 -5.71 -12.48
C MET C 118 -30.45 -4.73 -13.66
N ILE C 119 -29.65 -4.98 -14.70
CA ILE C 119 -29.65 -4.13 -15.88
C ILE C 119 -31.01 -4.18 -16.59
N ARG C 120 -31.66 -5.34 -16.60
CA ARG C 120 -32.99 -5.49 -17.20
C ARG C 120 -34.06 -4.71 -16.42
N ALA C 121 -34.01 -4.76 -15.09
CA ALA C 121 -34.97 -4.04 -14.26
C ALA C 121 -34.70 -2.54 -14.18
N SER C 122 -33.51 -2.11 -14.61
CA SER C 122 -33.08 -0.71 -14.54
C SER C 122 -34.08 0.27 -15.15
N GLY C 123 -34.44 1.29 -14.37
CA GLY C 123 -35.38 2.29 -14.82
C GLY C 123 -36.79 1.84 -14.99
N TYR C 124 -37.10 0.57 -14.70
CA TYR C 124 -38.45 0.01 -14.80
C TYR C 124 -39.05 -0.32 -13.45
N ILE C 125 -38.27 -0.83 -12.51
CA ILE C 125 -38.68 -0.95 -11.11
C ILE C 125 -37.62 -0.33 -10.22
N PRO C 126 -37.97 0.24 -9.06
CA PRO C 126 -36.94 0.79 -8.15
C PRO C 126 -36.10 -0.31 -7.50
N GLN C 127 -34.78 -0.11 -7.49
CA GLN C 127 -33.84 -1.03 -6.85
C GLN C 127 -33.10 -0.30 -5.74
N ILE C 128 -33.40 -0.66 -4.50
CA ILE C 128 -32.73 -0.13 -3.31
C ILE C 128 -31.80 -1.21 -2.74
N SER C 129 -30.62 -0.81 -2.32
CA SER C 129 -29.67 -1.72 -1.70
C SER C 129 -29.35 -1.23 -0.29
N VAL C 130 -29.49 -2.13 0.69
CA VAL C 130 -29.14 -1.86 2.08
C VAL C 130 -27.92 -2.73 2.40
N VAL C 131 -26.78 -2.10 2.62
CA VAL C 131 -25.54 -2.82 2.85
C VAL C 131 -25.28 -2.81 4.34
N VAL C 132 -25.47 -3.97 4.98
CA VAL C 132 -25.46 -4.07 6.44
C VAL C 132 -24.18 -4.73 6.91
N GLY C 133 -23.65 -5.68 6.13
CA GLY C 133 -22.39 -6.31 6.43
C GLY C 133 -21.28 -5.83 5.51
N PHE C 134 -20.15 -6.55 5.58
CA PHE C 134 -19.10 -6.35 4.59
C PHE C 134 -19.59 -6.82 3.22
N ALA C 135 -19.15 -6.12 2.18
CA ALA C 135 -19.57 -6.44 0.83
C ALA C 135 -18.38 -6.23 -0.10
N ALA C 136 -17.98 -7.29 -0.80
CA ALA C 136 -16.78 -7.22 -1.62
C ALA C 136 -17.03 -7.85 -2.97
N GLY C 137 -16.21 -7.46 -3.93
CA GLY C 137 -16.23 -8.11 -5.22
C GLY C 137 -17.58 -7.92 -5.88
N GLY C 138 -18.16 -9.03 -6.34
CA GLY C 138 -19.46 -8.97 -6.95
C GLY C 138 -20.52 -8.46 -6.01
N ALA C 139 -20.25 -8.56 -4.70
CA ALA C 139 -21.16 -8.00 -3.71
C ALA C 139 -21.01 -6.50 -3.57
N ALA C 140 -19.99 -5.90 -4.17
CA ALA C 140 -19.92 -4.45 -4.27
C ALA C 140 -20.43 -3.93 -5.62
N TYR C 141 -20.17 -4.66 -6.73
CA TYR C 141 -20.71 -4.20 -8.01
C TYR C 141 -22.22 -4.33 -8.03
N GLY C 142 -22.78 -5.32 -7.35
CA GLY C 142 -24.20 -5.49 -7.26
C GLY C 142 -24.94 -4.22 -6.85
N PRO C 143 -24.66 -3.70 -5.67
CA PRO C 143 -25.36 -2.47 -5.26
C PRO C 143 -25.03 -1.30 -6.16
N ALA C 144 -23.82 -1.25 -6.71
CA ALA C 144 -23.43 -0.23 -7.68
C ALA C 144 -24.32 -0.23 -8.92
N LEU C 145 -25.04 -1.32 -9.20
CA LEU C 145 -26.00 -1.36 -10.30
C LEU C 145 -27.39 -0.89 -9.90
N THR C 146 -27.69 -0.69 -8.63
CA THR C 146 -29.06 -0.34 -8.28
C THR C 146 -29.22 1.19 -8.27
N ASP C 147 -30.37 1.69 -7.78
CA ASP C 147 -30.69 3.10 -7.88
C ASP C 147 -30.21 3.89 -6.67
N VAL C 148 -30.47 3.39 -5.46
CA VAL C 148 -29.99 4.00 -4.23
C VAL C 148 -29.31 2.91 -3.42
N VAL C 149 -28.14 3.22 -2.87
CA VAL C 149 -27.42 2.34 -1.95
C VAL C 149 -27.42 3.00 -0.57
N VAL C 150 -28.03 2.33 0.41
CA VAL C 150 -27.98 2.73 1.83
C VAL C 150 -26.93 1.89 2.52
N MET C 151 -26.10 2.51 3.36
CA MET C 151 -24.97 1.83 3.98
C MET C 151 -24.98 1.99 5.49
N ALA C 152 -24.98 0.88 6.19
CA ALA C 152 -24.83 0.91 7.63
C ALA C 152 -23.36 1.02 7.99
N PRO C 153 -23.03 1.72 9.09
CA PRO C 153 -21.61 2.05 9.34
C PRO C 153 -20.77 0.84 9.69
N GLU C 154 -21.37 -0.22 10.24
CA GLU C 154 -20.61 -1.43 10.53
C GLU C 154 -20.17 -2.15 9.25
N SER C 155 -19.43 -1.45 8.39
CA SER C 155 -18.81 -2.01 7.18
C SER C 155 -17.54 -1.21 6.87
N SER C 188 -15.25 8.53 -3.45
CA SER C 188 -15.81 7.29 -3.98
C SER C 188 -17.21 7.59 -4.53
N GLY C 189 -18.12 8.03 -3.66
CA GLY C 189 -19.43 8.40 -4.15
C GLY C 189 -20.29 7.23 -4.61
N VAL C 190 -19.94 6.01 -4.21
CA VAL C 190 -20.74 4.84 -4.60
C VAL C 190 -21.92 4.66 -3.68
N CYS C 191 -21.75 4.96 -2.39
CA CYS C 191 -22.86 4.93 -1.44
C CYS C 191 -23.60 6.26 -1.45
N HIS C 192 -24.94 6.19 -1.45
CA HIS C 192 -25.78 7.37 -1.50
C HIS C 192 -26.16 7.90 -0.12
N ILE C 193 -26.48 7.01 0.81
CA ILE C 193 -26.97 7.37 2.14
C ILE C 193 -26.26 6.51 3.18
N VAL C 194 -25.68 7.13 4.20
CA VAL C 194 -25.01 6.43 5.31
C VAL C 194 -25.91 6.54 6.53
N ALA C 195 -26.45 5.41 6.98
CA ALA C 195 -27.37 5.37 8.09
C ALA C 195 -26.62 5.52 9.41
N ASP C 196 -27.35 5.44 10.52
CA ASP C 196 -26.70 5.43 11.82
C ASP C 196 -26.34 4.02 12.29
N ASP C 197 -27.08 3.01 11.84
CA ASP C 197 -26.84 1.63 12.23
C ASP C 197 -27.80 0.73 11.45
N GLU C 198 -27.75 -0.58 11.70
CA GLU C 198 -28.48 -1.50 10.82
C GLU C 198 -29.97 -1.18 10.80
N LEU C 199 -30.57 -0.96 11.96
CA LEU C 199 -32.01 -0.77 12.01
C LEU C 199 -32.43 0.56 11.40
N ASP C 200 -31.56 1.56 11.50
CA ASP C 200 -31.77 2.84 10.81
C ASP C 200 -31.62 2.71 9.30
N ALA C 201 -30.67 1.88 8.83
CA ALA C 201 -30.58 1.58 7.41
C ALA C 201 -31.90 1.05 6.88
N TYR C 202 -32.52 0.11 7.62
CA TYR C 202 -33.83 -0.40 7.25
C TYR C 202 -34.87 0.71 7.23
N ASP C 203 -34.85 1.58 8.25
CA ASP C 203 -35.79 2.69 8.26
C ASP C 203 -35.62 3.55 7.02
N ARG C 204 -34.38 3.94 6.72
CA ARG C 204 -34.14 4.80 5.58
CA ARG C 204 -34.14 4.79 5.57
C ARG C 204 -34.45 4.06 4.27
N GLY C 205 -34.17 2.76 4.21
CA GLY C 205 -34.61 1.98 3.05
C GLY C 205 -36.12 2.01 2.86
N ARG C 206 -36.86 1.91 3.97
CA ARG C 206 -38.31 1.92 3.88
C ARG C 206 -38.85 3.27 3.39
N ARG C 207 -38.23 4.37 3.81
CA ARG C 207 -38.64 5.69 3.32
C ARG C 207 -38.39 5.82 1.83
N LEU C 208 -37.25 5.32 1.36
CA LEU C 208 -36.92 5.38 -0.06
C LEU C 208 -37.92 4.61 -0.90
N VAL C 209 -38.34 3.43 -0.44
CA VAL C 209 -39.43 2.74 -1.12
C VAL C 209 -40.64 3.65 -1.19
N GLY C 210 -40.91 4.37 -0.10
CA GLY C 210 -42.04 5.28 -0.08
C GLY C 210 -41.88 6.40 -1.07
N LEU C 211 -40.68 6.99 -1.15
CA LEU C 211 -40.45 8.07 -2.10
C LEU C 211 -40.64 7.62 -3.55
N PHE C 212 -40.24 6.39 -3.88
CA PHE C 212 -40.36 5.94 -5.28
C PHE C 212 -41.75 5.40 -5.62
N CYS C 213 -42.46 4.79 -4.65
CA CYS C 213 -43.71 4.07 -4.91
C CYS C 213 -44.94 4.66 -4.23
N GLN C 214 -44.79 5.67 -3.38
CA GLN C 214 -45.89 6.50 -2.91
C GLN C 214 -45.53 7.96 -3.19
N GLN C 215 -45.43 8.29 -4.48
CA GLN C 215 -45.01 9.62 -4.85
C GLN C 215 -46.08 10.66 -4.56
N GLY C 216 -47.32 10.26 -4.44
CA GLY C 216 -48.32 11.24 -4.12
C GLY C 216 -48.65 12.22 -5.24
N HIS C 217 -49.49 13.18 -4.87
CA HIS C 217 -49.93 14.25 -5.74
C HIS C 217 -49.46 15.59 -5.17
N PHE C 218 -49.28 16.57 -6.04
CA PHE C 218 -49.13 17.95 -5.59
C PHE C 218 -50.45 18.44 -4.98
N ASP C 219 -50.36 19.14 -3.86
CA ASP C 219 -51.52 19.74 -3.21
C ASP C 219 -51.32 21.25 -3.18
N ARG C 220 -52.03 21.99 -4.03
CA ARG C 220 -51.74 23.41 -4.17
C ARG C 220 -52.10 24.20 -2.92
N SER C 221 -53.16 23.80 -2.22
CA SER C 221 -53.54 24.49 -0.98
C SER C 221 -52.49 24.28 0.10
N LYS C 222 -51.96 23.04 0.19
CA LYS C 222 -50.99 22.63 1.19
C LYS C 222 -49.60 23.19 0.93
N ALA C 223 -49.32 23.64 -0.30
CA ALA C 223 -48.06 24.33 -0.60
C ALA C 223 -48.09 25.77 -0.13
N GLU C 224 -49.19 26.48 -0.42
CA GLU C 224 -49.35 27.85 0.05
C GLU C 224 -49.33 27.94 1.58
N ALA C 225 -49.90 26.93 2.25
CA ALA C 225 -49.95 26.95 3.71
C ALA C 225 -48.56 26.87 4.33
N GLY C 226 -47.57 26.34 3.59
CA GLY C 226 -46.19 26.28 4.03
C GLY C 226 -45.29 27.40 3.57
N ASP C 227 -45.85 28.41 2.88
CA ASP C 227 -45.03 29.48 2.31
C ASP C 227 -44.29 30.25 3.40
N THR C 228 -43.08 30.69 3.08
CA THR C 228 -42.21 31.40 3.99
C THR C 228 -41.37 32.37 3.15
N ASP C 229 -40.69 33.32 3.82
CA ASP C 229 -39.66 34.11 3.12
C ASP C 229 -38.35 33.31 3.19
N ILE C 230 -38.13 32.50 2.15
CA ILE C 230 -36.87 31.78 2.04
C ILE C 230 -35.70 32.75 1.90
N HIS C 231 -35.97 33.93 1.35
CA HIS C 231 -34.91 34.90 1.06
C HIS C 231 -34.19 35.39 2.31
N ALA C 232 -34.85 35.31 3.47
CA ALA C 232 -34.22 35.76 4.71
C ALA C 232 -32.90 35.03 4.98
N LEU C 233 -32.80 33.76 4.57
CA LEU C 233 -31.67 32.92 4.97
C LEU C 233 -30.42 33.18 4.14
N LEU C 234 -30.52 33.88 3.01
CA LEU C 234 -29.32 34.29 2.30
C LEU C 234 -28.58 35.35 3.10
N PRO C 235 -27.23 35.40 3.00
CA PRO C 235 -26.49 36.47 3.69
C PRO C 235 -26.85 37.85 3.13
N GLU C 236 -26.30 38.92 3.71
CA GLU C 236 -26.54 40.26 3.20
C GLU C 236 -25.59 40.64 2.08
N SER C 237 -24.31 40.31 2.21
CA SER C 237 -23.37 40.52 1.11
C SER C 237 -23.56 39.46 0.05
N SER C 238 -23.76 39.89 -1.20
CA SER C 238 -23.91 38.93 -2.29
C SER C 238 -22.64 38.18 -2.58
N ARG C 239 -21.55 38.44 -1.85
CA ARG C 239 -20.30 37.73 -2.03
C ARG C 239 -19.99 36.76 -0.89
N ARG C 240 -20.74 36.78 0.20
CA ARG C 240 -20.47 35.86 1.31
C ARG C 240 -21.03 34.48 0.98
N ALA C 241 -20.17 33.47 1.05
CA ALA C 241 -20.63 32.10 0.88
C ALA C 241 -21.56 31.72 2.02
N TYR C 242 -22.43 30.76 1.75
CA TYR C 242 -23.45 30.31 2.68
C TYR C 242 -23.80 28.86 2.30
N ASP C 243 -24.45 28.18 3.21
CA ASP C 243 -24.87 26.79 2.99
C ASP C 243 -26.28 26.78 2.43
N VAL C 244 -26.44 26.19 1.23
CA VAL C 244 -27.71 26.21 0.53
C VAL C 244 -28.77 25.31 1.19
N ARG C 245 -28.36 24.33 1.98
CA ARG C 245 -29.31 23.31 2.44
C ARG C 245 -30.45 23.86 3.31
N PRO C 246 -30.26 24.87 4.16
CA PRO C 246 -31.44 25.54 4.75
C PRO C 246 -32.40 26.14 3.74
N ILE C 247 -31.91 26.71 2.63
CA ILE C 247 -32.81 27.17 1.56
C ILE C 247 -33.66 26.01 1.05
N VAL C 248 -33.06 24.84 0.90
CA VAL C 248 -33.75 23.67 0.37
C VAL C 248 -34.81 23.22 1.34
N THR C 249 -34.50 23.26 2.64
CA THR C 249 -35.42 22.80 3.68
C THR C 249 -36.63 23.71 3.79
N ALA C 250 -36.44 25.01 3.60
CA ALA C 250 -37.57 25.93 3.61
C ALA C 250 -38.53 25.66 2.47
N ILE C 251 -38.00 25.37 1.27
CA ILE C 251 -38.85 25.04 0.12
C ILE C 251 -39.60 23.73 0.35
N LEU C 252 -38.86 22.66 0.63
CA LEU C 252 -39.49 21.38 0.86
C LEU C 252 -40.40 21.43 2.08
N ASP C 253 -41.26 20.42 2.20
CA ASP C 253 -42.22 20.37 3.29
C ASP C 253 -41.52 20.36 4.63
N ALA C 254 -42.10 21.08 5.59
CA ALA C 254 -41.43 21.30 6.87
C ALA C 254 -41.29 20.00 7.67
N ASP C 255 -42.29 19.13 7.68
CA ASP C 255 -42.28 17.98 8.57
C ASP C 255 -41.57 16.75 8.00
N THR C 256 -41.00 16.83 6.79
CA THR C 256 -40.45 15.67 6.06
C THR C 256 -38.91 15.67 6.13
N PRO C 257 -38.27 14.50 6.23
CA PRO C 257 -36.81 14.45 6.05
C PRO C 257 -36.43 14.81 4.62
N PHE C 258 -35.34 15.56 4.48
CA PHE C 258 -34.70 15.72 3.17
C PHE C 258 -33.62 14.64 3.04
N ASP C 259 -33.78 13.77 2.05
CA ASP C 259 -32.93 12.58 1.93
C ASP C 259 -31.84 12.86 0.90
N GLU C 260 -30.82 13.59 1.36
CA GLU C 260 -29.71 13.99 0.50
C GLU C 260 -28.85 12.77 0.12
N PHE C 261 -28.48 12.71 -1.16
CA PHE C 261 -27.64 11.64 -1.71
C PHE C 261 -26.20 12.14 -1.79
N GLN C 262 -25.25 11.29 -1.35
CA GLN C 262 -23.83 11.54 -1.56
C GLN C 262 -23.38 12.88 -0.96
N ALA C 263 -23.74 13.13 0.30
CA ALA C 263 -23.47 14.45 0.85
C ALA C 263 -21.99 14.77 0.82
N ASN C 264 -21.15 13.75 0.99
CA ASN C 264 -19.73 14.02 1.16
C ASN C 264 -18.92 13.76 -0.10
N TRP C 265 -19.58 13.53 -1.22
CA TRP C 265 -18.94 13.46 -2.52
C TRP C 265 -19.42 14.63 -3.36
N ALA C 266 -18.47 15.36 -3.98
CA ALA C 266 -18.75 16.53 -4.80
C ALA C 266 -19.69 17.48 -4.10
N PRO C 267 -19.29 18.12 -3.00
CA PRO C 267 -20.24 18.88 -2.20
C PRO C 267 -20.46 20.33 -2.61
N SER C 268 -19.94 20.78 -3.77
CA SER C 268 -20.45 22.03 -4.34
C SER C 268 -21.84 21.85 -4.90
N MET C 269 -22.35 20.62 -4.89
CA MET C 269 -23.66 20.27 -5.43
C MET C 269 -24.40 19.45 -4.38
N VAL C 270 -25.60 19.91 -4.00
CA VAL C 270 -26.51 19.12 -3.17
C VAL C 270 -27.55 18.49 -4.09
N VAL C 271 -27.81 17.18 -3.88
CA VAL C 271 -28.91 16.49 -4.53
C VAL C 271 -29.60 15.61 -3.49
N GLY C 272 -30.89 15.42 -3.68
CA GLY C 272 -31.62 14.54 -2.78
C GLY C 272 -33.09 14.56 -3.11
N LEU C 273 -33.78 13.58 -2.54
CA LEU C 273 -35.22 13.44 -2.68
C LEU C 273 -35.90 13.98 -1.44
N GLY C 274 -37.04 14.67 -1.65
CA GLY C 274 -37.84 15.17 -0.55
C GLY C 274 -39.28 15.26 -0.97
N ARG C 275 -40.10 16.00 -0.22
CA ARG C 275 -41.50 16.13 -0.53
C ARG C 275 -41.91 17.59 -0.61
N LEU C 276 -42.72 17.91 -1.62
CA LEU C 276 -43.18 19.27 -1.88
C LEU C 276 -44.69 19.24 -1.94
N SER C 277 -45.34 19.76 -0.89
CA SER C 277 -46.79 19.62 -0.69
C SER C 277 -47.23 18.15 -0.80
N GLY C 278 -46.37 17.24 -0.36
CA GLY C 278 -46.69 15.83 -0.36
C GLY C 278 -46.04 15.04 -1.47
N ARG C 279 -45.88 15.65 -2.65
CA ARG C 279 -45.33 14.97 -3.83
C ARG C 279 -43.82 14.82 -3.72
N THR C 280 -43.31 13.60 -3.98
CA THR C 280 -41.87 13.40 -4.10
C THR C 280 -41.32 14.27 -5.20
N VAL C 281 -40.28 15.05 -4.88
CA VAL C 281 -39.51 15.80 -5.86
C VAL C 281 -38.04 15.49 -5.66
N GLY C 282 -37.26 15.69 -6.72
CA GLY C 282 -35.81 15.74 -6.64
C GLY C 282 -35.33 17.18 -6.60
N VAL C 283 -34.26 17.42 -5.85
CA VAL C 283 -33.71 18.76 -5.68
C VAL C 283 -32.24 18.74 -6.09
N LEU C 284 -31.87 19.65 -7.00
CA LEU C 284 -30.49 19.95 -7.32
C LEU C 284 -30.21 21.39 -6.92
N ALA C 285 -29.12 21.61 -6.20
CA ALA C 285 -28.80 22.97 -5.77
C ALA C 285 -27.31 23.15 -5.65
N ASN C 286 -26.77 24.17 -6.32
CA ASN C 286 -25.39 24.58 -6.09
C ASN C 286 -25.18 24.97 -4.64
N ASN C 287 -24.07 24.55 -4.06
CA ASN C 287 -23.82 24.90 -2.66
C ASN C 287 -22.68 25.90 -2.54
N PRO C 288 -22.95 27.20 -2.43
CA PRO C 288 -21.86 28.19 -2.35
C PRO C 288 -20.86 27.95 -1.23
N LEU C 289 -21.18 27.09 -0.27
CA LEU C 289 -20.30 26.83 0.87
C LEU C 289 -19.02 26.10 0.46
N ARG C 290 -19.05 25.38 -0.65
CA ARG C 290 -17.92 24.57 -1.10
C ARG C 290 -17.59 24.96 -2.52
N LEU C 291 -16.28 25.06 -2.82
CA LEU C 291 -15.78 25.44 -4.14
C LEU C 291 -16.53 26.64 -4.72
N GLY C 292 -16.96 27.55 -3.83
CA GLY C 292 -17.75 28.68 -4.28
C GLY C 292 -19.02 28.34 -5.03
N GLY C 293 -19.49 27.10 -4.91
CA GLY C 293 -20.68 26.64 -5.58
C GLY C 293 -20.50 26.25 -7.02
N CYS C 294 -19.27 26.25 -7.54
CA CYS C 294 -19.05 26.05 -8.98
C CYS C 294 -19.18 24.59 -9.39
N LEU C 295 -19.50 24.41 -10.67
CA LEU C 295 -19.49 23.10 -11.28
C LEU C 295 -18.06 22.64 -11.54
N ASN C 296 -17.82 21.35 -11.37
CA ASN C 296 -16.57 20.75 -11.77
C ASN C 296 -16.91 19.34 -12.24
N SER C 297 -15.88 18.53 -12.48
CA SER C 297 -16.13 17.22 -13.08
C SER C 297 -17.07 16.39 -12.23
N GLU C 298 -16.87 16.39 -10.92
CA GLU C 298 -17.67 15.51 -10.08
C GLU C 298 -19.06 16.06 -9.82
N SER C 299 -19.20 17.33 -9.43
CA SER C 299 -20.54 17.89 -9.25
C SER C 299 -21.41 17.65 -10.49
N ALA C 300 -20.83 17.75 -11.70
CA ALA C 300 -21.60 17.49 -12.93
C ALA C 300 -22.02 16.04 -13.05
N GLU C 301 -21.13 15.09 -12.71
CA GLU C 301 -21.50 13.68 -12.73
C GLU C 301 -22.62 13.39 -11.74
N LYS C 302 -22.45 13.84 -10.49
CA LYS C 302 -23.44 13.64 -9.44
C LYS C 302 -24.80 14.20 -9.84
N ALA C 303 -24.81 15.42 -10.37
CA ALA C 303 -26.05 16.01 -10.84
C ALA C 303 -26.63 15.20 -12.00
N ALA C 304 -25.81 14.83 -12.98
CA ALA C 304 -26.35 14.18 -14.17
C ALA C 304 -26.97 12.82 -13.85
N ARG C 305 -26.30 12.02 -13.00
CA ARG C 305 -26.85 10.70 -12.66
C ARG C 305 -28.15 10.86 -11.88
N PHE C 306 -28.25 11.90 -11.07
CA PHE C 306 -29.46 12.11 -10.29
C PHE C 306 -30.63 12.53 -11.18
N VAL C 307 -30.37 13.35 -12.20
CA VAL C 307 -31.46 13.78 -13.10
C VAL C 307 -31.99 12.60 -13.87
N ARG C 308 -31.08 11.78 -14.39
CA ARG C 308 -31.51 10.58 -15.11
CA ARG C 308 -31.48 10.55 -15.10
C ARG C 308 -32.35 9.67 -14.21
N LEU C 309 -32.06 9.63 -12.92
CA LEU C 309 -32.80 8.76 -12.01
C LEU C 309 -34.22 9.27 -11.79
N CYS C 310 -34.36 10.55 -11.46
CA CYS C 310 -35.69 11.14 -11.30
C CYS C 310 -36.49 11.07 -12.59
N ASP C 311 -35.85 11.33 -13.73
CA ASP C 311 -36.57 11.31 -15.00
C ASP C 311 -37.15 9.93 -15.27
N ALA C 312 -36.43 8.86 -14.89
CA ALA C 312 -36.88 7.51 -15.20
C ALA C 312 -38.11 7.10 -14.37
N PHE C 313 -38.25 7.59 -13.14
CA PHE C 313 -39.38 7.20 -12.31
C PHE C 313 -40.41 8.32 -12.15
N GLY C 314 -40.39 9.32 -13.03
CA GLY C 314 -41.47 10.28 -13.07
C GLY C 314 -41.46 11.31 -11.97
N ILE C 315 -40.29 11.63 -11.41
CA ILE C 315 -40.17 12.50 -10.25
C ILE C 315 -39.78 13.88 -10.76
N PRO C 316 -40.63 14.90 -10.61
CA PRO C 316 -40.24 16.26 -11.05
C PRO C 316 -39.09 16.79 -10.23
N LEU C 317 -38.46 17.84 -10.77
CA LEU C 317 -37.19 18.37 -10.30
C LEU C 317 -37.30 19.85 -9.99
N VAL C 318 -36.73 20.24 -8.85
CA VAL C 318 -36.50 21.63 -8.47
C VAL C 318 -34.99 21.90 -8.53
N VAL C 319 -34.60 22.89 -9.33
CA VAL C 319 -33.20 23.21 -9.56
C VAL C 319 -32.94 24.60 -8.99
N VAL C 320 -32.22 24.67 -7.87
CA VAL C 320 -31.92 25.95 -7.20
C VAL C 320 -30.50 26.37 -7.59
N VAL C 321 -30.38 27.49 -8.31
CA VAL C 321 -29.14 27.89 -8.99
C VAL C 321 -28.51 29.11 -8.30
N ASP C 322 -27.24 28.97 -7.92
CA ASP C 322 -26.37 30.07 -7.49
C ASP C 322 -24.93 29.63 -7.80
N VAL C 323 -24.59 29.65 -9.09
CA VAL C 323 -23.34 29.13 -9.59
C VAL C 323 -22.57 30.27 -10.25
N PRO C 324 -21.27 30.41 -9.99
CA PRO C 324 -20.48 31.50 -10.59
C PRO C 324 -19.54 31.09 -11.72
N GLY C 325 -19.43 29.80 -12.00
CA GLY C 325 -18.52 29.34 -13.03
C GLY C 325 -18.32 27.84 -12.87
N TYR C 326 -17.25 27.36 -13.50
CA TYR C 326 -16.87 25.96 -13.40
C TYR C 326 -15.35 25.86 -13.29
N LEU C 327 -14.89 24.72 -12.81
CA LEU C 327 -13.50 24.49 -12.41
C LEU C 327 -12.93 23.25 -13.07
N PRO C 328 -11.65 23.28 -13.43
CA PRO C 328 -10.96 22.04 -13.83
C PRO C 328 -10.59 21.20 -12.62
N GLY C 329 -9.85 20.13 -12.85
CA GLY C 329 -9.43 19.28 -11.76
C GLY C 329 -7.92 19.20 -11.63
N VAL C 330 -7.39 17.97 -11.55
CA VAL C 330 -6.01 17.62 -11.23
C VAL C 330 -4.99 18.66 -11.66
N ASP C 331 -4.39 18.46 -12.82
CA ASP C 331 -3.29 19.33 -13.27
C ASP C 331 -3.82 20.38 -14.24
N GLN C 332 -4.78 21.17 -13.77
CA GLN C 332 -5.58 22.06 -14.62
C GLN C 332 -6.19 21.28 -15.79
N GLU C 333 -6.64 20.06 -15.49
CA GLU C 333 -7.15 19.11 -16.47
C GLU C 333 -8.63 19.40 -16.72
N TRP C 334 -8.98 19.82 -17.94
CA TRP C 334 -10.36 20.17 -18.24
C TRP C 334 -11.18 19.03 -18.81
N GLY C 335 -10.54 17.93 -19.23
CA GLY C 335 -11.28 16.88 -19.92
C GLY C 335 -12.38 16.29 -19.07
N GLY C 336 -12.19 16.22 -17.76
CA GLY C 336 -13.21 15.65 -16.92
C GLY C 336 -14.49 16.47 -16.89
N VAL C 337 -14.36 17.80 -16.89
CA VAL C 337 -15.53 18.66 -16.80
C VAL C 337 -16.13 18.95 -18.15
N VAL C 338 -15.37 18.77 -19.23
CA VAL C 338 -15.98 18.81 -20.56
C VAL C 338 -16.73 17.52 -20.82
N ARG C 339 -16.11 16.39 -20.50
CA ARG C 339 -16.74 15.10 -20.77
C ARG C 339 -18.00 14.92 -19.93
N ARG C 340 -17.94 15.30 -18.66
CA ARG C 340 -19.09 15.06 -17.80
C ARG C 340 -20.09 16.20 -17.81
N GLY C 341 -19.65 17.43 -18.06
CA GLY C 341 -20.60 18.52 -18.27
C GLY C 341 -21.44 18.29 -19.51
N ALA C 342 -20.82 17.78 -20.58
CA ALA C 342 -21.61 17.37 -21.75
C ALA C 342 -22.70 16.38 -21.36
N LYS C 343 -22.38 15.42 -20.47
CA LYS C 343 -23.42 14.48 -20.06
C LYS C 343 -24.50 15.15 -19.22
N LEU C 344 -24.19 16.23 -18.49
CA LEU C 344 -25.23 16.91 -17.75
C LEU C 344 -26.17 17.67 -18.68
N LEU C 345 -25.63 18.33 -19.70
CA LEU C 345 -26.46 18.94 -20.75
C LEU C 345 -27.43 17.91 -21.33
N HIS C 346 -26.92 16.72 -21.66
CA HIS C 346 -27.74 15.63 -22.14
C HIS C 346 -28.87 15.31 -21.15
N ALA C 347 -28.53 15.23 -19.86
CA ALA C 347 -29.52 14.74 -18.90
C ALA C 347 -30.68 15.71 -18.77
N PHE C 348 -30.40 17.02 -18.78
CA PHE C 348 -31.50 17.97 -18.79
C PHE C 348 -32.17 18.05 -20.15
N GLY C 349 -31.37 18.02 -21.23
CA GLY C 349 -31.92 18.13 -22.58
C GLY C 349 -32.95 17.06 -22.92
N GLU C 350 -32.68 15.80 -22.54
CA GLU C 350 -33.57 14.68 -22.82
C GLU C 350 -34.58 14.44 -21.71
N CYS C 351 -34.62 15.31 -20.72
CA CYS C 351 -35.53 15.15 -19.58
C CYS C 351 -36.98 15.40 -19.96
N THR C 352 -37.89 14.57 -19.45
CA THR C 352 -39.31 14.78 -19.79
C THR C 352 -40.21 15.02 -18.59
N VAL C 353 -39.73 14.83 -17.37
CA VAL C 353 -40.52 15.14 -16.18
C VAL C 353 -40.52 16.66 -16.07
N PRO C 354 -41.42 17.27 -15.31
CA PRO C 354 -41.30 18.71 -15.07
C PRO C 354 -39.97 19.03 -14.42
N ARG C 355 -39.35 20.15 -14.82
CA ARG C 355 -38.14 20.65 -14.18
C ARG C 355 -38.20 22.17 -14.12
N VAL C 356 -38.26 22.73 -12.91
CA VAL C 356 -38.32 24.17 -12.72
C VAL C 356 -36.98 24.65 -12.21
N THR C 357 -36.54 25.81 -12.69
CA THR C 357 -35.32 26.46 -12.24
C THR C 357 -35.69 27.65 -11.36
N LEU C 358 -34.89 27.88 -10.32
CA LEU C 358 -35.02 29.07 -9.49
C LEU C 358 -33.63 29.69 -9.35
N VAL C 359 -33.40 30.85 -9.98
CA VAL C 359 -32.16 31.58 -9.77
C VAL C 359 -32.33 32.43 -8.51
N THR C 360 -31.61 32.09 -7.44
CA THR C 360 -31.69 32.82 -6.19
C THR C 360 -30.76 34.03 -6.19
N ARG C 361 -29.49 33.83 -6.53
CA ARG C 361 -28.51 34.89 -6.45
C ARG C 361 -27.86 35.19 -7.79
N LYS C 362 -27.15 34.23 -8.39
CA LYS C 362 -26.45 34.53 -9.63
C LYS C 362 -26.21 33.26 -10.44
N THR C 363 -26.13 33.42 -11.75
CA THR C 363 -25.79 32.33 -12.66
C THR C 363 -25.06 32.95 -13.84
N TYR C 364 -23.82 32.47 -14.09
CA TYR C 364 -22.91 33.08 -15.06
C TYR C 364 -22.46 32.07 -16.11
N GLY C 365 -22.38 32.55 -17.35
CA GLY C 365 -21.64 31.86 -18.39
C GLY C 365 -22.16 30.49 -18.75
N GLY C 366 -21.22 29.58 -19.03
CA GLY C 366 -21.57 28.21 -19.40
C GLY C 366 -22.28 27.44 -18.30
N ALA C 367 -21.96 27.70 -17.03
CA ALA C 367 -22.70 27.06 -15.95
C ALA C 367 -24.15 27.47 -15.95
N TYR C 368 -24.47 28.64 -16.51
CA TYR C 368 -25.87 29.04 -16.60
C TYR C 368 -26.64 28.14 -17.55
N ILE C 369 -26.03 27.78 -18.69
CA ILE C 369 -26.69 26.92 -19.66
C ILE C 369 -26.97 25.55 -19.07
N ALA C 370 -25.95 24.96 -18.42
CA ALA C 370 -26.04 23.60 -17.93
C ALA C 370 -27.11 23.45 -16.86
N MET C 371 -27.25 24.44 -15.96
CA MET C 371 -28.17 24.33 -14.81
C MET C 371 -29.62 24.58 -15.26
N ASN C 372 -30.12 23.64 -16.07
CA ASN C 372 -31.52 23.63 -16.50
C ASN C 372 -31.95 24.99 -17.05
N SER C 373 -31.19 25.50 -18.02
CA SER C 373 -31.57 26.75 -18.65
C SER C 373 -32.82 26.58 -19.51
N ARG C 374 -33.37 27.71 -19.96
CA ARG C 374 -34.51 27.65 -20.86
C ARG C 374 -34.14 27.00 -22.18
N SER C 375 -32.89 27.16 -22.63
CA SER C 375 -32.49 26.60 -23.92
C SER C 375 -32.36 25.06 -23.89
N LEU C 376 -32.25 24.44 -22.72
CA LEU C 376 -32.46 23.01 -22.58
C LEU C 376 -33.93 22.64 -22.31
N ASN C 377 -34.86 23.55 -22.61
CA ASN C 377 -36.30 23.33 -22.50
C ASN C 377 -36.75 23.10 -21.06
N ALA C 378 -36.15 23.84 -20.12
CA ALA C 378 -36.68 23.89 -18.76
C ALA C 378 -38.18 24.18 -18.77
N THR C 379 -38.89 23.59 -17.80
CA THR C 379 -40.35 23.76 -17.73
C THR C 379 -40.73 25.21 -17.44
N LYS C 380 -40.08 25.83 -16.45
CA LYS C 380 -40.27 27.24 -16.16
C LYS C 380 -39.06 27.71 -15.35
N VAL C 381 -38.60 28.93 -15.63
CA VAL C 381 -37.43 29.52 -14.94
C VAL C 381 -37.90 30.71 -14.12
N PHE C 382 -37.64 30.68 -12.81
CA PHE C 382 -37.94 31.77 -11.89
C PHE C 382 -36.66 32.44 -11.41
N ALA C 383 -36.74 33.74 -11.11
CA ALA C 383 -35.68 34.44 -10.37
C ALA C 383 -36.27 35.26 -9.23
N TRP C 384 -35.58 35.23 -8.08
CA TRP C 384 -35.77 36.24 -7.03
C TRP C 384 -35.38 37.62 -7.57
N PRO C 385 -35.83 38.71 -6.93
CA PRO C 385 -35.72 40.02 -7.60
C PRO C 385 -34.30 40.52 -7.76
N ASP C 386 -33.37 40.13 -6.88
CA ASP C 386 -31.99 40.60 -6.98
C ASP C 386 -31.08 39.66 -7.76
N ALA C 387 -31.64 38.68 -8.45
CA ALA C 387 -30.86 37.68 -9.16
C ALA C 387 -30.00 38.33 -10.23
N GLU C 388 -28.91 37.64 -10.57
CA GLU C 388 -27.94 38.09 -11.56
C GLU C 388 -27.82 37.01 -12.65
N VAL C 389 -28.31 37.31 -13.85
CA VAL C 389 -28.17 36.43 -14.99
C VAL C 389 -27.25 37.11 -15.99
N ALA C 390 -26.04 36.59 -16.17
CA ALA C 390 -25.05 37.34 -16.94
C ALA C 390 -23.98 36.39 -17.45
N VAL C 391 -23.14 36.91 -18.35
CA VAL C 391 -22.03 36.10 -18.86
C VAL C 391 -20.96 35.91 -17.79
N MET C 392 -20.72 36.93 -16.98
CA MET C 392 -19.69 36.90 -15.95
C MET C 392 -19.97 38.05 -15.00
N GLY C 393 -19.17 38.15 -13.94
CA GLY C 393 -19.26 39.32 -13.08
C GLY C 393 -19.06 40.59 -13.88
N ALA C 394 -19.89 41.60 -13.62
CA ALA C 394 -19.79 42.83 -14.39
C ALA C 394 -18.41 43.47 -14.27
N LYS C 395 -17.72 43.29 -13.15
CA LYS C 395 -16.36 43.82 -13.00
C LYS C 395 -15.43 43.22 -14.06
N ALA C 396 -15.34 41.90 -14.09
CA ALA C 396 -14.54 41.21 -15.11
C ALA C 396 -14.97 41.57 -16.53
N ALA C 397 -16.27 41.79 -16.73
CA ALA C 397 -16.79 42.05 -18.08
C ALA C 397 -16.30 43.38 -18.64
N VAL C 398 -16.12 44.39 -17.79
CA VAL C 398 -15.55 45.66 -18.23
C VAL C 398 -14.10 45.49 -18.60
N GLY C 399 -13.34 44.68 -17.83
CA GLY C 399 -11.97 44.40 -18.14
C GLY C 399 -11.76 43.94 -19.57
N ILE C 400 -12.47 42.89 -19.98
CA ILE C 400 -12.41 42.41 -21.35
C ILE C 400 -12.93 43.47 -22.31
N LEU C 401 -14.23 43.74 -22.25
CA LEU C 401 -14.89 44.50 -23.30
C LEU C 401 -14.76 46.04 -23.12
N HIS C 402 -13.70 46.51 -22.42
CA HIS C 402 -13.43 47.96 -22.38
C HIS C 402 -11.92 48.18 -22.26
N LYS C 403 -11.22 48.01 -23.37
CA LYS C 403 -9.89 48.56 -23.56
C LYS C 403 -9.94 49.99 -24.08
N LYS C 404 -11.14 50.59 -24.14
CA LYS C 404 -11.28 52.02 -24.41
C LYS C 404 -10.63 52.84 -23.31
N LYS C 405 -11.13 52.70 -22.07
CA LYS C 405 -10.42 53.21 -20.90
C LYS C 405 -9.33 52.22 -20.52
N LEU C 406 -9.59 51.38 -19.51
CA LEU C 406 -8.64 50.37 -19.03
C LEU C 406 -7.28 51.01 -18.74
N ALA C 407 -6.53 51.32 -19.81
CA ALA C 407 -5.23 51.95 -19.69
C ALA C 407 -5.07 53.05 -20.74
N GLN C 420 -14.40 50.65 -8.95
CA GLN C 420 -14.98 51.83 -9.58
C GLN C 420 -15.63 51.49 -10.93
N LEU C 421 -14.94 51.90 -12.00
CA LEU C 421 -15.29 51.60 -13.38
C LEU C 421 -15.60 50.12 -13.55
N ALA C 422 -16.87 49.75 -13.32
CA ALA C 422 -17.36 48.39 -13.50
C ALA C 422 -18.89 48.36 -13.47
N ALA C 423 -19.48 48.87 -12.39
CA ALA C 423 -20.92 48.81 -12.18
C ALA C 423 -21.73 49.59 -13.19
N GLU C 424 -21.17 50.15 -14.29
CA GLU C 424 -22.05 50.80 -15.26
C GLU C 424 -22.64 49.80 -16.24
N HIS C 425 -21.87 48.79 -16.60
CA HIS C 425 -22.42 47.66 -17.35
C HIS C 425 -23.52 46.96 -16.58
N GLU C 426 -23.30 46.72 -15.27
CA GLU C 426 -24.28 46.08 -14.41
C GLU C 426 -25.63 46.78 -14.43
N ARG C 427 -25.67 48.06 -14.79
CA ARG C 427 -26.95 48.77 -14.86
C ARG C 427 -27.72 48.41 -16.13
N ILE C 428 -27.04 48.42 -17.29
CA ILE C 428 -27.73 48.29 -18.56
C ILE C 428 -28.20 46.85 -18.79
N ALA C 429 -27.52 45.88 -18.21
CA ALA C 429 -27.82 44.47 -18.42
C ALA C 429 -27.22 43.66 -17.28
N GLY C 430 -27.59 42.37 -17.24
CA GLY C 430 -27.23 41.50 -16.15
C GLY C 430 -28.30 41.31 -15.10
N GLY C 431 -29.34 42.15 -15.13
CA GLY C 431 -30.42 42.03 -14.15
C GLY C 431 -31.51 41.08 -14.58
N VAL C 432 -32.42 40.81 -13.63
CA VAL C 432 -33.59 39.98 -13.93
C VAL C 432 -34.39 40.58 -15.07
N ASP C 433 -34.54 41.92 -15.07
CA ASP C 433 -35.44 42.58 -16.01
C ASP C 433 -34.95 42.42 -17.44
N SER C 434 -33.64 42.53 -17.65
CA SER C 434 -33.06 42.21 -18.94
C SER C 434 -33.35 40.76 -19.30
N ALA C 435 -33.11 39.84 -18.35
CA ALA C 435 -33.30 38.41 -18.61
C ALA C 435 -34.76 38.10 -18.88
N LEU C 436 -35.67 38.68 -18.08
CA LEU C 436 -37.10 38.67 -18.40
C LEU C 436 -37.36 39.11 -19.84
N ASP C 437 -36.64 40.14 -20.29
CA ASP C 437 -36.87 40.70 -21.60
C ASP C 437 -36.34 39.82 -22.72
N ILE C 438 -35.13 39.26 -22.56
CA ILE C 438 -34.65 38.27 -23.51
C ILE C 438 -35.61 37.10 -23.57
N GLY C 439 -35.89 36.49 -22.43
CA GLY C 439 -36.83 35.38 -22.36
C GLY C 439 -36.25 34.18 -21.64
N VAL C 440 -35.05 34.35 -21.07
CA VAL C 440 -34.40 33.25 -20.36
C VAL C 440 -34.82 33.16 -18.91
N VAL C 441 -35.50 34.16 -18.38
CA VAL C 441 -36.24 34.07 -17.13
C VAL C 441 -37.70 34.27 -17.47
N ASP C 442 -38.59 33.53 -16.82
CA ASP C 442 -40.01 33.57 -17.14
C ASP C 442 -40.82 34.42 -16.17
N GLU C 443 -40.35 34.60 -14.94
CA GLU C 443 -41.09 35.38 -13.96
C GLU C 443 -40.15 35.75 -12.82
N LYS C 444 -40.11 37.02 -12.47
CA LYS C 444 -39.55 37.45 -11.20
C LYS C 444 -40.62 37.24 -10.14
N ILE C 445 -40.27 36.55 -9.05
CA ILE C 445 -41.27 36.22 -8.04
C ILE C 445 -40.84 36.78 -6.70
N ASP C 446 -41.83 37.04 -5.86
CA ASP C 446 -41.55 37.43 -4.49
C ASP C 446 -41.11 36.19 -3.71
N PRO C 447 -39.92 36.19 -3.10
CA PRO C 447 -39.40 34.96 -2.50
C PRO C 447 -40.26 34.41 -1.38
N ALA C 448 -41.10 35.24 -0.76
CA ALA C 448 -42.04 34.72 0.22
C ALA C 448 -43.10 33.81 -0.42
N HIS C 449 -43.11 33.70 -1.75
CA HIS C 449 -44.04 32.83 -2.47
C HIS C 449 -43.35 31.71 -3.22
N THR C 450 -42.05 31.50 -2.99
CA THR C 450 -41.31 30.49 -3.73
C THR C 450 -42.04 29.15 -3.75
N ARG C 451 -42.45 28.68 -2.57
CA ARG C 451 -42.96 27.32 -2.44
C ARG C 451 -44.25 27.12 -3.23
N SER C 452 -45.21 28.03 -3.10
CA SER C 452 -46.43 27.90 -3.89
C SER C 452 -46.16 28.10 -5.38
N LYS C 453 -45.26 29.03 -5.72
CA LYS C 453 -44.94 29.29 -7.12
C LYS C 453 -44.33 28.08 -7.82
N LEU C 454 -43.39 27.40 -7.15
CA LEU C 454 -42.80 26.20 -7.72
C LEU C 454 -43.84 25.12 -7.88
N THR C 455 -44.64 24.89 -6.83
CA THR C 455 -45.66 23.83 -6.86
C THR C 455 -46.63 24.03 -8.01
N GLU C 456 -47.10 25.27 -8.19
CA GLU C 456 -47.97 25.61 -9.30
C GLU C 456 -47.37 25.22 -10.65
N ALA C 457 -46.16 25.73 -10.95
CA ALA C 457 -45.54 25.43 -12.23
C ALA C 457 -45.39 23.93 -12.44
N LEU C 458 -45.02 23.20 -11.37
CA LEU C 458 -44.83 21.75 -11.48
C LEU C 458 -46.15 21.01 -11.63
N ALA C 459 -47.18 21.41 -10.87
CA ALA C 459 -48.49 20.80 -11.03
C ALA C 459 -49.07 21.03 -12.43
N GLN C 460 -48.81 22.21 -13.01
CA GLN C 460 -49.43 22.54 -14.29
C GLN C 460 -48.74 21.89 -15.48
N ALA C 461 -47.47 21.55 -15.36
CA ALA C 461 -46.78 20.92 -16.46
C ALA C 461 -47.29 19.50 -16.64
N PRO C 462 -47.18 18.92 -17.84
CA PRO C 462 -47.51 17.50 -18.00
C PRO C 462 -46.56 16.62 -17.20
N ALA C 463 -47.09 15.54 -16.64
CA ALA C 463 -46.21 14.57 -15.97
C ALA C 463 -45.17 13.99 -16.94
N ARG C 464 -45.41 14.08 -18.24
CA ARG C 464 -44.44 13.61 -19.22
C ARG C 464 -44.59 14.41 -20.52
N ARG C 465 -43.55 14.35 -21.35
CA ARG C 465 -43.35 15.12 -22.59
C ARG C 465 -42.83 16.52 -22.27
N GLY C 466 -41.91 17.02 -23.07
CA GLY C 466 -41.49 18.42 -22.97
C GLY C 466 -40.44 18.76 -21.92
N LEU D 13 -6.76 33.95 -51.31
CA LEU D 13 -7.80 33.74 -50.30
C LEU D 13 -7.25 33.52 -48.91
N ASP D 14 -7.98 34.00 -47.90
CA ASP D 14 -7.66 33.70 -46.51
C ASP D 14 -7.80 32.19 -46.26
N PRO D 15 -6.86 31.56 -45.56
CA PRO D 15 -6.98 30.11 -45.31
C PRO D 15 -8.14 29.74 -44.39
N ARG D 16 -8.67 30.67 -43.62
CA ARG D 16 -9.75 30.40 -42.70
C ARG D 16 -11.12 30.64 -43.33
N ASP D 17 -11.17 30.91 -44.63
CA ASP D 17 -12.44 31.19 -45.27
C ASP D 17 -13.35 29.95 -45.18
N PRO D 18 -14.56 30.09 -44.64
CA PRO D 18 -15.43 28.91 -44.49
C PRO D 18 -15.89 28.30 -45.81
N LEU D 19 -16.18 29.10 -46.84
CA LEU D 19 -16.48 28.49 -48.14
C LEU D 19 -15.30 27.70 -48.66
N LEU D 20 -14.07 28.21 -48.48
CA LEU D 20 -12.89 27.44 -48.84
C LEU D 20 -12.83 26.12 -48.07
N ARG D 21 -13.16 26.14 -46.78
CA ARG D 21 -13.07 24.94 -45.96
C ARG D 21 -14.19 23.95 -46.28
N LEU D 22 -15.42 24.43 -46.48
CA LEU D 22 -16.49 23.51 -46.86
C LEU D 22 -16.22 22.86 -48.21
N SER D 23 -15.60 23.58 -49.14
CA SER D 23 -15.31 22.99 -50.44
C SER D 23 -14.18 21.97 -50.34
N ASN D 24 -13.28 22.15 -49.38
CA ASN D 24 -12.24 21.13 -49.19
C ASN D 24 -12.81 19.87 -48.57
N PHE D 25 -13.80 20.02 -47.69
CA PHE D 25 -14.42 18.86 -47.06
C PHE D 25 -15.22 18.05 -48.08
N PHE D 26 -16.12 18.69 -48.80
CA PHE D 26 -17.09 18.00 -49.64
C PHE D 26 -16.45 17.47 -50.92
N ASP D 27 -17.22 16.65 -51.63
CA ASP D 27 -16.92 16.33 -53.02
C ASP D 27 -16.84 17.60 -53.85
N ASP D 28 -15.94 17.58 -54.84
CA ASP D 28 -15.79 18.72 -55.74
C ASP D 28 -17.12 19.05 -56.40
N GLY D 29 -17.49 20.32 -56.36
CA GLY D 29 -18.68 20.78 -57.02
C GLY D 29 -20.00 20.43 -56.37
N SER D 30 -20.00 19.88 -55.15
CA SER D 30 -21.26 19.51 -54.51
C SER D 30 -21.84 20.59 -53.61
N VAL D 31 -21.04 21.59 -53.19
CA VAL D 31 -21.52 22.53 -52.20
C VAL D 31 -22.75 23.25 -52.73
N GLU D 32 -23.75 23.41 -51.84
CA GLU D 32 -24.95 24.21 -52.09
C GLU D 32 -25.24 24.93 -50.78
N LEU D 33 -24.92 26.22 -50.72
CA LEU D 33 -25.11 26.98 -49.48
C LEU D 33 -26.55 26.86 -49.00
N LEU D 34 -26.73 26.87 -47.68
CA LEU D 34 -28.04 26.71 -47.08
C LEU D 34 -28.67 28.05 -46.69
N HIS D 35 -27.94 29.15 -46.89
CA HIS D 35 -28.35 30.50 -46.52
C HIS D 35 -27.37 31.48 -47.13
N GLU D 36 -27.76 32.75 -47.17
CA GLU D 36 -26.92 33.74 -47.81
C GLU D 36 -25.70 34.04 -46.93
N ARG D 37 -24.54 34.14 -47.58
CA ARG D 37 -23.31 34.47 -46.88
C ARG D 37 -23.45 35.81 -46.19
N ASP D 38 -23.09 35.84 -44.91
CA ASP D 38 -23.15 37.06 -44.10
C ASP D 38 -21.91 37.07 -43.20
N ARG D 39 -21.91 37.93 -42.18
CA ARG D 39 -20.83 38.00 -41.22
C ARG D 39 -21.27 37.50 -39.84
N SER D 40 -22.19 36.54 -39.83
CA SER D 40 -22.63 35.83 -38.64
C SER D 40 -21.52 35.06 -37.93
N GLY D 41 -20.50 34.63 -38.67
CA GLY D 41 -19.51 33.74 -38.11
C GLY D 41 -19.73 32.29 -38.48
N VAL D 42 -20.74 31.99 -39.30
CA VAL D 42 -21.09 30.61 -39.64
C VAL D 42 -21.55 30.56 -41.08
N LEU D 43 -21.01 29.61 -41.84
CA LEU D 43 -21.54 29.26 -43.15
C LEU D 43 -21.92 27.79 -43.13
N ALA D 44 -23.19 27.49 -43.46
CA ALA D 44 -23.69 26.12 -43.50
C ALA D 44 -24.13 25.73 -44.91
N ALA D 45 -23.98 24.44 -45.25
CA ALA D 45 -24.11 24.05 -46.64
C ALA D 45 -24.48 22.58 -46.74
N ALA D 46 -25.11 22.22 -47.87
CA ALA D 46 -25.29 20.84 -48.26
C ALA D 46 -24.20 20.41 -49.23
N GLY D 47 -23.89 19.12 -49.22
CA GLY D 47 -22.90 18.57 -50.12
C GLY D 47 -23.03 17.07 -50.21
N THR D 48 -22.03 16.44 -50.79
CA THR D 48 -21.91 15.00 -50.76
C THR D 48 -20.51 14.62 -50.31
N VAL D 49 -20.42 13.52 -49.57
CA VAL D 49 -19.16 12.87 -49.25
C VAL D 49 -19.21 11.49 -49.88
N ASN D 50 -18.36 11.26 -50.88
CA ASN D 50 -18.36 10.04 -51.68
C ASN D 50 -19.77 9.59 -52.04
N GLY D 51 -20.65 10.54 -52.42
CA GLY D 51 -21.98 10.21 -52.82
C GLY D 51 -23.08 10.46 -51.79
N VAL D 52 -22.82 10.24 -50.48
CA VAL D 52 -23.92 10.39 -49.51
C VAL D 52 -24.17 11.87 -49.25
N ARG D 53 -25.46 12.24 -49.18
CA ARG D 53 -25.82 13.62 -48.90
C ARG D 53 -25.47 13.97 -47.45
N THR D 54 -24.75 15.08 -47.26
CA THR D 54 -24.18 15.44 -45.98
C THR D 54 -24.40 16.93 -45.75
N ILE D 55 -24.89 17.28 -44.58
CA ILE D 55 -24.98 18.67 -44.16
C ILE D 55 -23.71 19.03 -43.40
N ALA D 56 -23.23 20.26 -43.56
CA ALA D 56 -22.05 20.69 -42.82
C ALA D 56 -22.12 22.18 -42.55
N PHE D 57 -21.63 22.59 -41.38
CA PHE D 57 -21.44 23.99 -41.07
C PHE D 57 -19.98 24.25 -40.70
N CYS D 58 -19.58 25.51 -40.73
CA CYS D 58 -18.19 25.89 -40.49
C CYS D 58 -18.15 27.26 -39.84
N THR D 59 -17.52 27.35 -38.68
CA THR D 59 -17.33 28.65 -38.04
C THR D 59 -16.34 29.48 -38.85
N ASP D 60 -16.57 30.78 -38.88
CA ASP D 60 -15.82 31.69 -39.73
C ASP D 60 -14.69 32.33 -38.92
N GLY D 61 -13.47 31.77 -39.03
CA GLY D 61 -12.31 32.32 -38.34
C GLY D 61 -11.95 33.75 -38.74
N THR D 62 -12.37 34.18 -39.93
CA THR D 62 -12.09 35.54 -40.36
C THR D 62 -12.96 36.59 -39.68
N VAL D 63 -14.00 36.20 -38.94
CA VAL D 63 -14.83 37.15 -38.22
C VAL D 63 -14.67 36.86 -36.72
N MET D 64 -13.86 37.69 -36.05
CA MET D 64 -13.68 37.65 -34.59
C MET D 64 -13.16 36.30 -34.12
N GLY D 65 -12.15 35.79 -34.82
CA GLY D 65 -11.64 34.44 -34.58
C GLY D 65 -12.68 33.35 -34.59
N GLY D 66 -13.89 33.65 -35.05
CA GLY D 66 -14.97 32.69 -35.06
C GLY D 66 -15.92 32.74 -33.89
N ALA D 67 -15.85 33.77 -33.03
CA ALA D 67 -16.76 33.85 -31.88
C ALA D 67 -18.21 33.73 -32.29
N MET D 68 -18.96 32.95 -31.51
CA MET D 68 -20.32 32.55 -31.87
C MET D 68 -21.32 33.62 -31.48
N GLY D 69 -22.13 34.07 -32.44
CA GLY D 69 -23.15 35.06 -32.21
C GLY D 69 -24.53 34.45 -32.33
N VAL D 70 -25.53 35.26 -32.00
CA VAL D 70 -26.90 34.78 -32.03
C VAL D 70 -27.26 34.26 -33.42
N GLU D 71 -27.02 35.07 -34.45
CA GLU D 71 -27.45 34.68 -35.79
C GLU D 71 -26.61 33.52 -36.31
N GLY D 72 -25.30 33.53 -36.03
CA GLY D 72 -24.45 32.44 -36.46
C GLY D 72 -24.92 31.11 -35.91
N CYS D 73 -25.31 31.09 -34.63
CA CYS D 73 -25.87 29.88 -34.03
C CYS D 73 -27.15 29.46 -34.70
N THR D 74 -28.05 30.42 -34.96
CA THR D 74 -29.29 30.09 -35.65
C THR D 74 -29.05 29.40 -36.98
N HIS D 75 -27.97 29.75 -37.68
CA HIS D 75 -27.58 28.97 -38.84
C HIS D 75 -27.28 27.52 -38.48
N ILE D 76 -26.55 27.28 -37.38
CA ILE D 76 -26.23 25.91 -37.02
C ILE D 76 -27.49 25.15 -36.64
N VAL D 77 -28.36 25.76 -35.83
CA VAL D 77 -29.63 25.10 -35.50
C VAL D 77 -30.41 24.76 -36.77
N ASN D 78 -30.47 25.69 -37.72
CA ASN D 78 -31.21 25.39 -38.96
C ASN D 78 -30.55 24.25 -39.74
N ALA D 79 -29.21 24.26 -39.82
CA ALA D 79 -28.49 23.13 -40.39
C ALA D 79 -28.88 21.81 -39.72
N TYR D 80 -28.99 21.81 -38.39
CA TYR D 80 -29.33 20.60 -37.67
C TYR D 80 -30.74 20.14 -38.03
N ASP D 81 -31.67 21.08 -38.19
CA ASP D 81 -33.02 20.68 -38.54
C ASP D 81 -33.06 20.10 -39.96
N THR D 82 -32.36 20.73 -40.90
CA THR D 82 -32.19 20.15 -42.23
C THR D 82 -31.75 18.68 -42.17
N ALA D 83 -30.67 18.39 -41.43
CA ALA D 83 -30.10 17.04 -41.47
C ALA D 83 -30.93 16.02 -40.68
N ILE D 84 -31.52 16.42 -39.55
CA ILE D 84 -32.44 15.54 -38.84
C ILE D 84 -33.61 15.21 -39.73
N GLU D 85 -34.02 16.16 -40.56
CA GLU D 85 -35.16 15.98 -41.46
C GLU D 85 -34.87 14.90 -42.49
N ASP D 86 -33.73 14.98 -43.18
CA ASP D 86 -33.38 14.04 -44.24
C ASP D 86 -32.59 12.84 -43.74
N GLN D 87 -32.47 12.66 -42.42
CA GLN D 87 -31.49 11.76 -41.83
C GLN D 87 -30.14 11.84 -42.54
N SER D 88 -29.68 13.05 -42.79
CA SER D 88 -28.33 13.22 -43.33
C SER D 88 -27.31 13.32 -42.18
N PRO D 89 -26.10 12.80 -42.36
CA PRO D 89 -25.03 13.11 -41.41
C PRO D 89 -24.69 14.59 -41.45
N ILE D 90 -24.21 15.11 -40.32
CA ILE D 90 -23.88 16.53 -40.21
C ILE D 90 -22.47 16.67 -39.62
N VAL D 91 -21.65 17.51 -40.25
CA VAL D 91 -20.25 17.69 -39.88
C VAL D 91 -20.02 19.15 -39.53
N GLY D 92 -19.45 19.40 -38.34
CA GLY D 92 -19.09 20.75 -37.93
C GLY D 92 -17.59 20.94 -38.08
N ILE D 93 -17.22 22.07 -38.68
CA ILE D 93 -15.84 22.48 -38.82
C ILE D 93 -15.66 23.68 -37.89
N TRP D 94 -14.84 23.50 -36.85
CA TRP D 94 -14.82 24.38 -35.69
C TRP D 94 -13.52 25.16 -35.62
N HIS D 95 -13.66 26.49 -35.54
CA HIS D 95 -12.55 27.41 -35.35
C HIS D 95 -13.15 28.63 -34.65
N SER D 96 -13.07 28.65 -33.32
CA SER D 96 -13.80 29.66 -32.57
C SER D 96 -13.37 29.80 -31.12
N GLY D 97 -13.20 31.04 -30.66
CA GLY D 97 -12.81 31.27 -29.29
C GLY D 97 -13.92 31.07 -28.28
N GLY D 98 -15.18 31.07 -28.72
CA GLY D 98 -16.32 30.92 -27.84
C GLY D 98 -17.38 31.95 -28.15
N ALA D 99 -18.21 32.25 -27.17
CA ALA D 99 -19.34 33.14 -27.40
C ALA D 99 -18.88 34.59 -27.51
N ARG D 100 -19.57 35.34 -28.37
CA ARG D 100 -19.37 36.78 -28.45
C ARG D 100 -19.76 37.46 -27.15
N LEU D 101 -18.78 38.01 -26.43
CA LEU D 101 -19.07 38.68 -25.17
C LEU D 101 -20.07 39.82 -25.34
N ALA D 102 -19.97 40.56 -26.45
CA ALA D 102 -20.79 41.76 -26.65
C ALA D 102 -22.27 41.45 -26.83
N GLU D 103 -22.63 40.22 -27.17
CA GLU D 103 -24.05 39.89 -27.30
C GLU D 103 -24.66 39.45 -26.00
N GLY D 104 -23.83 39.11 -25.00
CA GLY D 104 -24.30 38.87 -23.64
C GLY D 104 -25.09 37.57 -23.47
N VAL D 105 -26.15 37.65 -22.66
CA VAL D 105 -26.99 36.49 -22.38
C VAL D 105 -27.65 35.97 -23.65
N ARG D 106 -28.00 36.87 -24.58
CA ARG D 106 -28.61 36.41 -25.83
C ARG D 106 -27.72 35.41 -26.57
N ALA D 107 -26.40 35.58 -26.49
CA ALA D 107 -25.47 34.63 -27.12
C ALA D 107 -25.34 33.36 -26.30
N LEU D 108 -25.30 33.49 -24.98
CA LEU D 108 -25.33 32.30 -24.13
C LEU D 108 -26.53 31.43 -24.48
N HIS D 109 -27.71 32.06 -24.57
CA HIS D 109 -28.93 31.35 -24.97
C HIS D 109 -28.80 30.71 -26.35
N ALA D 110 -28.13 31.40 -27.28
CA ALA D 110 -28.01 30.88 -28.65
C ALA D 110 -27.08 29.68 -28.69
N VAL D 111 -25.97 29.72 -27.94
CA VAL D 111 -25.12 28.54 -27.83
C VAL D 111 -25.89 27.39 -27.19
N GLY D 112 -26.68 27.68 -26.15
CA GLY D 112 -27.53 26.64 -25.58
C GLY D 112 -28.42 25.98 -26.61
N GLN D 113 -29.00 26.76 -27.52
CA GLN D 113 -29.86 26.19 -28.56
C GLN D 113 -29.08 25.35 -29.55
N VAL D 114 -27.79 25.62 -29.76
CA VAL D 114 -26.98 24.69 -30.52
C VAL D 114 -26.84 23.38 -29.78
N PHE D 115 -26.47 23.45 -28.49
CA PHE D 115 -26.37 22.23 -27.68
C PHE D 115 -27.67 21.44 -27.79
N GLU D 116 -28.81 22.10 -27.59
CA GLU D 116 -30.06 21.36 -27.63
C GLU D 116 -30.30 20.74 -29.02
N ALA D 117 -29.91 21.45 -30.09
CA ALA D 117 -29.99 20.84 -31.41
C ALA D 117 -29.16 19.57 -31.50
N MET D 118 -27.92 19.61 -30.97
CA MET D 118 -27.06 18.44 -31.01
C MET D 118 -27.60 17.30 -30.16
N ILE D 119 -28.27 17.61 -29.04
CA ILE D 119 -28.84 16.56 -28.21
C ILE D 119 -29.99 15.87 -28.94
N ARG D 120 -30.87 16.65 -29.62
CA ARG D 120 -31.97 16.08 -30.40
C ARG D 120 -31.47 15.10 -31.46
N ALA D 121 -30.33 15.39 -32.07
CA ALA D 121 -29.83 14.54 -33.14
C ALA D 121 -29.02 13.36 -32.64
N SER D 122 -28.75 13.30 -31.34
CA SER D 122 -27.86 12.28 -30.80
C SER D 122 -28.47 10.89 -30.95
N GLY D 123 -27.67 9.95 -31.44
CA GLY D 123 -28.16 8.63 -31.81
C GLY D 123 -29.08 8.61 -33.01
N TYR D 124 -29.56 9.76 -33.48
CA TYR D 124 -30.45 9.78 -34.61
C TYR D 124 -29.69 9.88 -35.92
N ILE D 125 -28.83 10.88 -36.05
CA ILE D 125 -27.98 11.05 -37.23
C ILE D 125 -26.55 11.18 -36.75
N PRO D 126 -25.58 10.61 -37.44
CA PRO D 126 -24.18 10.75 -37.01
C PRO D 126 -23.73 12.20 -37.03
N GLN D 127 -23.01 12.59 -35.98
CA GLN D 127 -22.45 13.93 -35.85
C GLN D 127 -20.93 13.82 -35.73
N ILE D 128 -20.23 14.52 -36.61
CA ILE D 128 -18.78 14.50 -36.66
C ILE D 128 -18.26 15.93 -36.57
N SER D 129 -17.23 16.13 -35.78
CA SER D 129 -16.65 17.46 -35.58
C SER D 129 -15.21 17.45 -36.06
N VAL D 130 -14.85 18.39 -36.93
CA VAL D 130 -13.47 18.55 -37.34
C VAL D 130 -12.97 19.85 -36.71
N VAL D 131 -12.03 19.76 -35.77
CA VAL D 131 -11.53 20.96 -35.12
C VAL D 131 -10.23 21.36 -35.83
N VAL D 132 -10.26 22.52 -36.49
CA VAL D 132 -9.18 22.94 -37.38
C VAL D 132 -8.44 24.18 -36.87
N GLY D 133 -8.98 24.86 -35.87
CA GLY D 133 -8.31 25.96 -35.23
C GLY D 133 -8.57 26.00 -33.74
N PHE D 134 -8.15 27.07 -33.09
CA PHE D 134 -8.44 27.25 -31.68
C PHE D 134 -9.95 27.15 -31.43
N ALA D 135 -10.34 26.38 -30.41
CA ALA D 135 -11.75 26.22 -30.05
C ALA D 135 -11.88 26.15 -28.54
N ALA D 136 -12.60 27.10 -27.95
CA ALA D 136 -12.74 27.13 -26.50
C ALA D 136 -14.16 27.55 -26.11
N GLY D 137 -14.49 27.36 -24.82
CA GLY D 137 -15.80 27.76 -24.32
C GLY D 137 -16.89 26.97 -25.00
N GLY D 138 -17.90 27.68 -25.53
CA GLY D 138 -18.97 26.99 -26.23
C GLY D 138 -18.47 26.14 -27.38
N ALA D 139 -17.42 26.61 -28.05
CA ALA D 139 -16.82 25.87 -29.15
C ALA D 139 -15.97 24.70 -28.69
N ALA D 140 -15.80 24.47 -27.38
CA ALA D 140 -15.24 23.22 -26.90
C ALA D 140 -16.31 22.25 -26.39
N TYR D 141 -17.43 22.75 -25.86
CA TYR D 141 -18.52 21.84 -25.50
C TYR D 141 -19.31 21.38 -26.72
N GLY D 142 -19.44 22.23 -27.75
CA GLY D 142 -20.05 21.82 -28.99
C GLY D 142 -19.54 20.47 -29.50
N PRO D 143 -18.27 20.42 -29.93
CA PRO D 143 -17.68 19.13 -30.33
C PRO D 143 -17.83 18.03 -29.30
N ALA D 144 -17.84 18.37 -28.01
CA ALA D 144 -17.95 17.36 -26.97
C ALA D 144 -19.32 16.69 -26.91
N LEU D 145 -20.33 17.25 -27.57
CA LEU D 145 -21.64 16.62 -27.66
C LEU D 145 -21.84 15.81 -28.92
N THR D 146 -20.81 15.63 -29.73
CA THR D 146 -20.99 14.91 -30.99
C THR D 146 -20.35 13.52 -30.87
N ASP D 147 -20.30 12.79 -31.97
CA ASP D 147 -19.95 11.37 -31.88
C ASP D 147 -18.46 11.10 -32.05
N VAL D 148 -17.81 11.72 -33.03
CA VAL D 148 -16.37 11.59 -33.19
C VAL D 148 -15.79 12.97 -33.37
N VAL D 149 -14.73 13.29 -32.62
CA VAL D 149 -14.04 14.57 -32.75
C VAL D 149 -12.71 14.32 -33.46
N VAL D 150 -12.54 14.91 -34.65
CA VAL D 150 -11.25 14.91 -35.35
C VAL D 150 -10.57 16.25 -35.09
N MET D 151 -9.30 16.20 -34.71
CA MET D 151 -8.55 17.42 -34.43
C MET D 151 -7.35 17.51 -35.34
N ALA D 152 -7.23 18.65 -36.04
CA ALA D 152 -6.05 18.99 -36.83
C ALA D 152 -4.98 19.60 -35.94
N PRO D 153 -3.70 19.40 -36.28
CA PRO D 153 -2.63 19.81 -35.33
C PRO D 153 -2.55 21.30 -35.10
N GLU D 154 -2.95 22.12 -36.08
CA GLU D 154 -3.00 23.56 -35.88
C GLU D 154 -3.94 23.97 -34.74
N SER D 155 -4.85 23.10 -34.31
CA SER D 155 -5.75 23.39 -33.19
C SER D 155 -5.17 23.01 -31.83
N ARG D 156 -4.03 22.32 -31.77
CA ARG D 156 -3.38 21.97 -30.52
C ARG D 156 -2.27 22.95 -30.15
N VAL D 157 -2.20 24.10 -30.82
CA VAL D 157 -1.17 25.11 -30.62
C VAL D 157 -1.81 26.31 -29.90
N PHE D 158 -1.31 27.54 -30.12
CA PHE D 158 -1.97 28.78 -29.74
C PHE D 158 -1.14 29.97 -30.21
N VAL D 159 -1.77 31.09 -30.60
CA VAL D 159 -1.03 32.34 -30.80
C VAL D 159 -0.61 32.96 -29.47
N THR D 160 -1.07 32.40 -28.33
CA THR D 160 -0.68 32.82 -26.98
C THR D 160 0.47 32.00 -26.42
N GLY D 161 0.53 30.69 -26.70
CA GLY D 161 1.59 29.83 -26.21
C GLY D 161 2.03 28.70 -27.15
N SER D 188 -7.03 13.96 -21.56
CA SER D 188 -8.30 14.65 -21.74
C SER D 188 -9.46 13.71 -22.11
N GLY D 189 -9.27 12.88 -23.13
CA GLY D 189 -10.30 11.96 -23.58
C GLY D 189 -11.39 12.58 -24.46
N VAL D 190 -11.27 13.86 -24.80
CA VAL D 190 -12.33 14.53 -25.54
C VAL D 190 -12.18 14.32 -27.05
N CYS D 191 -10.95 14.15 -27.52
CA CYS D 191 -10.65 14.10 -28.94
C CYS D 191 -10.37 12.65 -29.34
N HIS D 192 -11.10 12.16 -30.32
CA HIS D 192 -10.98 10.76 -30.69
C HIS D 192 -9.84 10.50 -31.67
N ILE D 193 -9.62 11.41 -32.62
CA ILE D 193 -8.68 11.17 -33.72
C ILE D 193 -7.82 12.42 -33.92
N VAL D 194 -6.51 12.23 -34.00
CA VAL D 194 -5.55 13.31 -34.22
C VAL D 194 -5.06 13.22 -35.65
N ALA D 195 -5.23 14.30 -36.39
CA ALA D 195 -4.92 14.33 -37.81
C ALA D 195 -3.54 14.93 -38.04
N ASP D 196 -2.98 14.66 -39.21
CA ASP D 196 -1.61 15.08 -39.52
C ASP D 196 -1.55 16.52 -40.00
N ASP D 197 -2.60 16.99 -40.68
CA ASP D 197 -2.77 18.40 -41.04
C ASP D 197 -4.24 18.65 -41.38
N GLU D 198 -4.54 19.86 -41.84
CA GLU D 198 -5.94 20.25 -42.05
C GLU D 198 -6.58 19.41 -43.16
N LEU D 199 -5.90 19.24 -44.30
CA LEU D 199 -6.47 18.41 -45.35
C LEU D 199 -6.65 16.97 -44.88
N ASP D 200 -5.71 16.47 -44.07
CA ASP D 200 -5.87 15.13 -43.49
C ASP D 200 -7.04 15.06 -42.51
N ALA D 201 -7.22 16.10 -41.69
CA ALA D 201 -8.40 16.16 -40.82
C ALA D 201 -9.68 15.94 -41.62
N TYR D 202 -9.80 16.59 -42.78
CA TYR D 202 -11.00 16.40 -43.60
C TYR D 202 -11.06 14.99 -44.15
N ASP D 203 -9.90 14.44 -44.52
CA ASP D 203 -9.90 13.14 -45.13
C ASP D 203 -10.40 12.08 -44.15
N ARG D 204 -10.00 12.21 -42.88
CA ARG D 204 -10.48 11.28 -41.85
C ARG D 204 -11.94 11.53 -41.54
N GLY D 205 -12.37 12.80 -41.50
CA GLY D 205 -13.79 13.09 -41.37
C GLY D 205 -14.61 12.52 -42.50
N ARG D 206 -14.14 12.67 -43.74
CA ARG D 206 -14.86 12.10 -44.88
C ARG D 206 -14.94 10.58 -44.77
N ARG D 207 -13.87 9.94 -44.29
CA ARG D 207 -13.93 8.49 -44.13
C ARG D 207 -14.79 8.07 -42.94
N LEU D 208 -14.79 8.87 -41.86
CA LEU D 208 -15.72 8.59 -40.76
C LEU D 208 -17.16 8.60 -41.25
N VAL D 209 -17.52 9.59 -42.09
CA VAL D 209 -18.86 9.64 -42.67
C VAL D 209 -19.17 8.34 -43.39
N GLY D 210 -18.21 7.82 -44.15
CA GLY D 210 -18.46 6.61 -44.90
C GLY D 210 -18.67 5.41 -44.01
N LEU D 211 -18.03 5.41 -42.84
CA LEU D 211 -18.15 4.29 -41.90
C LEU D 211 -19.53 4.22 -41.26
N PHE D 212 -20.16 5.38 -41.03
CA PHE D 212 -21.50 5.44 -40.43
C PHE D 212 -22.61 5.30 -41.46
N CYS D 213 -22.42 5.78 -42.69
CA CYS D 213 -23.48 5.87 -43.69
C CYS D 213 -23.33 4.93 -44.88
N GLN D 214 -22.19 4.25 -45.01
CA GLN D 214 -21.96 3.24 -46.07
C GLN D 214 -21.42 1.96 -45.41
N GLN D 215 -22.26 1.37 -44.57
CA GLN D 215 -21.78 0.34 -43.66
C GLN D 215 -21.40 -0.94 -44.39
N GLY D 216 -21.99 -1.18 -45.57
CA GLY D 216 -21.64 -2.38 -46.33
C GLY D 216 -22.38 -3.62 -45.85
N HIS D 217 -21.79 -4.77 -46.15
CA HIS D 217 -22.39 -6.04 -45.79
C HIS D 217 -21.29 -7.08 -45.61
N PHE D 218 -21.60 -8.14 -44.88
CA PHE D 218 -20.62 -9.21 -44.69
C PHE D 218 -20.55 -10.10 -45.93
N ASP D 219 -19.33 -10.41 -46.37
CA ASP D 219 -19.04 -11.28 -47.50
C ASP D 219 -18.25 -12.48 -47.00
N ARG D 220 -18.85 -13.67 -47.06
CA ARG D 220 -18.15 -14.86 -46.60
C ARG D 220 -16.86 -15.11 -47.38
N SER D 221 -16.88 -14.87 -48.70
CA SER D 221 -15.73 -15.21 -49.53
C SER D 221 -14.52 -14.36 -49.17
N LYS D 222 -14.68 -13.03 -49.16
CA LYS D 222 -13.58 -12.14 -48.76
C LYS D 222 -13.15 -12.39 -47.33
N ALA D 223 -14.11 -12.70 -46.45
CA ALA D 223 -13.74 -13.02 -45.07
C ALA D 223 -12.78 -14.22 -45.05
N GLU D 224 -13.11 -15.27 -45.81
CA GLU D 224 -12.23 -16.42 -45.86
C GLU D 224 -10.96 -16.13 -46.64
N ALA D 225 -11.03 -15.23 -47.62
CA ALA D 225 -9.85 -14.91 -48.41
C ALA D 225 -8.74 -14.32 -47.56
N GLY D 226 -9.07 -13.49 -46.57
CA GLY D 226 -8.11 -12.86 -45.70
C GLY D 226 -7.75 -13.62 -44.43
N ASP D 227 -8.13 -14.90 -44.33
CA ASP D 227 -7.76 -15.68 -43.16
C ASP D 227 -6.25 -15.83 -43.08
N THR D 228 -5.72 -15.65 -41.87
CA THR D 228 -4.33 -15.98 -41.56
C THR D 228 -4.29 -16.56 -40.15
N ASP D 229 -3.08 -16.88 -39.71
CA ASP D 229 -2.86 -17.49 -38.39
C ASP D 229 -2.58 -16.35 -37.42
N ILE D 230 -3.68 -15.76 -36.92
CA ILE D 230 -3.60 -14.63 -36.00
C ILE D 230 -2.78 -15.01 -34.77
N HIS D 231 -2.90 -16.26 -34.32
CA HIS D 231 -2.23 -16.68 -33.10
C HIS D 231 -0.72 -16.53 -33.19
N ALA D 232 -0.17 -16.65 -34.41
CA ALA D 232 1.26 -16.50 -34.63
C ALA D 232 1.81 -15.15 -34.18
N LEU D 233 0.94 -14.16 -33.96
CA LEU D 233 1.37 -12.84 -33.51
C LEU D 233 1.56 -12.76 -32.00
N LEU D 234 1.13 -13.78 -31.26
CA LEU D 234 1.33 -13.75 -29.81
C LEU D 234 2.78 -14.08 -29.48
N PRO D 235 3.31 -13.51 -28.39
CA PRO D 235 4.62 -13.94 -27.88
C PRO D 235 4.61 -15.42 -27.49
N GLU D 236 5.81 -16.02 -27.52
CA GLU D 236 5.88 -17.45 -27.23
C GLU D 236 5.63 -17.73 -25.76
N SER D 237 6.00 -16.82 -24.86
CA SER D 237 5.71 -16.97 -23.44
C SER D 237 4.36 -16.38 -23.09
N SER D 238 3.53 -17.16 -22.39
CA SER D 238 2.22 -16.67 -21.96
C SER D 238 2.31 -15.43 -21.09
N ARG D 239 3.42 -15.24 -20.36
CA ARG D 239 3.54 -14.12 -19.46
C ARG D 239 3.90 -12.81 -20.16
N ARG D 240 4.50 -12.86 -21.35
CA ARG D 240 5.02 -11.65 -21.98
C ARG D 240 3.89 -10.79 -22.55
N ALA D 241 4.01 -9.48 -22.38
CA ALA D 241 3.05 -8.50 -22.90
C ALA D 241 3.27 -8.27 -24.39
N TYR D 242 2.30 -7.62 -25.02
CA TYR D 242 2.34 -7.38 -26.45
C TYR D 242 1.33 -6.29 -26.81
N ASP D 243 1.59 -5.60 -27.90
CA ASP D 243 0.64 -4.64 -28.45
C ASP D 243 -0.39 -5.41 -29.27
N VAL D 244 -1.66 -5.31 -28.86
CA VAL D 244 -2.75 -6.06 -29.47
C VAL D 244 -3.09 -5.55 -30.87
N ARG D 245 -2.70 -4.33 -31.20
CA ARG D 245 -3.15 -3.75 -32.47
C ARG D 245 -2.77 -4.57 -33.70
N PRO D 246 -1.61 -5.23 -33.77
CA PRO D 246 -1.40 -6.24 -34.82
C PRO D 246 -2.50 -7.29 -34.92
N ILE D 247 -2.97 -7.81 -33.79
CA ILE D 247 -4.06 -8.79 -33.81
C ILE D 247 -5.33 -8.18 -34.40
N VAL D 248 -5.73 -7.00 -33.89
CA VAL D 248 -6.90 -6.31 -34.41
C VAL D 248 -6.76 -6.07 -35.91
N THR D 249 -5.62 -5.52 -36.29
CA THR D 249 -5.34 -5.19 -37.68
C THR D 249 -5.37 -6.44 -38.58
N ALA D 250 -4.90 -7.57 -38.06
CA ALA D 250 -4.91 -8.79 -38.84
C ALA D 250 -6.33 -9.35 -39.01
N ILE D 251 -7.22 -9.15 -38.03
CA ILE D 251 -8.61 -9.56 -38.20
C ILE D 251 -9.29 -8.70 -39.26
N LEU D 252 -9.10 -7.38 -39.18
CA LEU D 252 -9.79 -6.45 -40.08
C LEU D 252 -9.27 -6.59 -41.51
N ASP D 253 -10.00 -5.95 -42.43
CA ASP D 253 -9.64 -5.93 -43.84
C ASP D 253 -8.24 -5.36 -44.03
N ALA D 254 -7.45 -6.04 -44.85
CA ALA D 254 -6.01 -5.77 -44.94
C ALA D 254 -5.68 -4.43 -45.59
N ASP D 255 -6.56 -3.88 -46.43
CA ASP D 255 -6.24 -2.63 -47.12
C ASP D 255 -7.16 -1.48 -46.71
N THR D 256 -7.84 -1.60 -45.58
CA THR D 256 -8.65 -0.53 -45.02
C THR D 256 -8.00 0.00 -43.75
N PRO D 257 -8.06 1.31 -43.48
CA PRO D 257 -7.50 1.85 -42.23
C PRO D 257 -8.31 1.42 -41.01
N PHE D 258 -7.61 1.31 -39.87
CA PHE D 258 -8.24 1.10 -38.57
C PHE D 258 -8.21 2.42 -37.82
N ASP D 259 -9.36 3.10 -37.77
CA ASP D 259 -9.47 4.42 -37.17
C ASP D 259 -9.63 4.22 -35.67
N GLU D 260 -8.50 4.27 -34.97
CA GLU D 260 -8.48 4.09 -33.52
C GLU D 260 -8.95 5.36 -32.81
N PHE D 261 -9.92 5.22 -31.92
CA PHE D 261 -10.41 6.35 -31.13
C PHE D 261 -9.52 6.48 -29.91
N GLN D 262 -9.21 7.73 -29.52
CA GLN D 262 -8.62 8.03 -28.22
C GLN D 262 -7.40 7.16 -27.93
N ALA D 263 -6.50 7.07 -28.91
CA ALA D 263 -5.39 6.13 -28.80
C ALA D 263 -4.48 6.44 -27.60
N ASN D 264 -4.53 7.67 -27.08
CA ASN D 264 -3.61 8.07 -26.01
C ASN D 264 -4.25 8.18 -24.63
N TRP D 265 -5.58 8.14 -24.54
CA TRP D 265 -6.27 8.10 -23.27
C TRP D 265 -6.68 6.67 -22.98
N ALA D 266 -6.52 6.24 -21.74
CA ALA D 266 -6.88 4.89 -21.31
C ALA D 266 -6.27 3.82 -22.21
N PRO D 267 -4.93 3.75 -22.28
CA PRO D 267 -4.28 2.89 -23.28
C PRO D 267 -4.21 1.40 -22.91
N SER D 268 -4.76 0.97 -21.77
CA SER D 268 -4.99 -0.45 -21.51
C SER D 268 -6.13 -1.02 -22.34
N MET D 269 -6.87 -0.16 -23.04
CA MET D 269 -8.03 -0.56 -23.83
C MET D 269 -7.93 0.13 -25.18
N VAL D 270 -8.10 -0.64 -26.26
CA VAL D 270 -8.06 -0.16 -27.63
C VAL D 270 -9.47 -0.22 -28.20
N VAL D 271 -9.95 0.90 -28.79
CA VAL D 271 -11.22 0.86 -29.52
C VAL D 271 -11.11 1.64 -30.82
N GLY D 272 -11.99 1.31 -31.75
CA GLY D 272 -11.98 1.96 -33.05
C GLY D 272 -12.83 1.23 -34.08
N LEU D 273 -13.04 1.92 -35.19
CA LEU D 273 -13.83 1.44 -36.31
C LEU D 273 -12.93 0.94 -37.45
N GLY D 274 -13.44 -0.07 -38.15
CA GLY D 274 -12.69 -0.70 -39.22
C GLY D 274 -13.65 -1.43 -40.13
N ARG D 275 -13.10 -2.26 -41.00
CA ARG D 275 -13.96 -2.99 -41.91
C ARG D 275 -13.64 -4.47 -41.91
N LEU D 276 -14.68 -5.29 -41.95
CA LEU D 276 -14.56 -6.74 -41.87
C LEU D 276 -15.33 -7.32 -43.06
N SER D 277 -14.58 -7.83 -44.05
CA SER D 277 -15.13 -8.23 -45.35
C SER D 277 -16.04 -7.15 -45.92
N GLY D 278 -15.64 -5.89 -45.73
CA GLY D 278 -16.32 -4.74 -46.26
C GLY D 278 -17.24 -4.06 -45.27
N ARG D 279 -17.73 -4.79 -44.28
CA ARG D 279 -18.77 -4.29 -43.39
C ARG D 279 -18.13 -3.47 -42.26
N THR D 280 -18.70 -2.30 -41.97
CA THR D 280 -18.24 -1.50 -40.83
C THR D 280 -18.42 -2.28 -39.54
N VAL D 281 -17.33 -2.42 -38.78
CA VAL D 281 -17.37 -3.01 -37.45
C VAL D 281 -16.58 -2.12 -36.50
N GLY D 282 -16.94 -2.22 -35.21
CA GLY D 282 -16.19 -1.60 -34.14
C GLY D 282 -15.47 -2.68 -33.37
N VAL D 283 -14.27 -2.38 -32.91
CA VAL D 283 -13.45 -3.32 -32.16
C VAL D 283 -13.15 -2.74 -30.77
N LEU D 284 -13.19 -3.60 -29.76
CA LEU D 284 -12.67 -3.30 -28.44
C LEU D 284 -11.68 -4.40 -28.07
N ALA D 285 -10.54 -4.03 -27.50
CA ALA D 285 -9.49 -5.01 -27.24
C ALA D 285 -8.66 -4.55 -26.06
N ASN D 286 -8.60 -5.38 -25.02
CA ASN D 286 -7.61 -5.20 -23.96
C ASN D 286 -6.22 -5.23 -24.57
N ASN D 287 -5.42 -4.22 -24.23
CA ASN D 287 -4.04 -4.12 -24.68
C ASN D 287 -3.09 -4.55 -23.56
N PRO D 288 -2.55 -5.77 -23.58
CA PRO D 288 -1.61 -6.18 -22.53
C PRO D 288 -0.37 -5.32 -22.45
N LEU D 289 -0.08 -4.51 -23.47
CA LEU D 289 1.15 -3.73 -23.45
C LEU D 289 1.10 -2.62 -22.40
N ARG D 290 -0.09 -2.15 -22.02
CA ARG D 290 -0.23 -1.04 -21.08
C ARG D 290 -1.10 -1.45 -19.90
N LEU D 291 -0.58 -1.23 -18.68
CA LEU D 291 -1.19 -1.69 -17.43
C LEU D 291 -1.54 -3.18 -17.51
N GLY D 292 -0.69 -3.95 -18.18
CA GLY D 292 -0.88 -5.38 -18.24
C GLY D 292 -2.20 -5.80 -18.83
N GLY D 293 -2.89 -4.90 -19.54
CA GLY D 293 -4.20 -5.18 -20.06
C GLY D 293 -5.34 -4.99 -19.08
N CYS D 294 -5.05 -4.51 -17.87
CA CYS D 294 -6.08 -4.44 -16.86
C CYS D 294 -7.15 -3.39 -17.19
N LEU D 295 -8.33 -3.61 -16.65
CA LEU D 295 -9.40 -2.64 -16.66
C LEU D 295 -9.21 -1.65 -15.50
N ASN D 296 -9.68 -0.43 -15.71
CA ASN D 296 -9.64 0.59 -14.66
C ASN D 296 -10.68 1.65 -15.04
N SER D 297 -10.75 2.73 -14.25
CA SER D 297 -11.80 3.73 -14.48
C SER D 297 -11.79 4.25 -15.90
N GLU D 298 -10.62 4.68 -16.40
CA GLU D 298 -10.54 5.32 -17.71
C GLU D 298 -10.91 4.35 -18.83
N SER D 299 -10.38 3.13 -18.77
CA SER D 299 -10.63 2.18 -19.84
C SER D 299 -12.06 1.67 -19.79
N ALA D 300 -12.63 1.52 -18.59
CA ALA D 300 -14.05 1.18 -18.52
C ALA D 300 -14.90 2.29 -19.14
N GLU D 301 -14.56 3.54 -18.83
CA GLU D 301 -15.27 4.66 -19.45
C GLU D 301 -15.07 4.65 -20.97
N LYS D 302 -13.83 4.49 -21.42
CA LYS D 302 -13.57 4.51 -22.85
C LYS D 302 -14.35 3.42 -23.58
N ALA D 303 -14.38 2.22 -23.00
CA ALA D 303 -15.07 1.11 -23.64
C ALA D 303 -16.57 1.32 -23.65
N ALA D 304 -17.15 1.82 -22.55
CA ALA D 304 -18.61 1.95 -22.48
C ALA D 304 -19.13 3.03 -23.42
N ARG D 305 -18.42 4.15 -23.54
CA ARG D 305 -18.91 5.19 -24.44
C ARG D 305 -18.89 4.66 -25.87
N PHE D 306 -17.89 3.85 -26.20
CA PHE D 306 -17.77 3.29 -27.55
C PHE D 306 -18.84 2.25 -27.83
N VAL D 307 -19.15 1.38 -26.86
CA VAL D 307 -20.20 0.39 -27.08
C VAL D 307 -21.54 1.09 -27.30
N ARG D 308 -21.86 2.10 -26.49
CA ARG D 308 -23.10 2.85 -26.68
C ARG D 308 -23.17 3.44 -28.08
N LEU D 309 -22.04 3.93 -28.59
CA LEU D 309 -22.06 4.58 -29.91
C LEU D 309 -22.34 3.57 -31.02
N CYS D 310 -21.67 2.42 -31.01
CA CYS D 310 -21.88 1.43 -32.08
C CYS D 310 -23.30 0.90 -32.02
N ASP D 311 -23.81 0.61 -30.82
CA ASP D 311 -25.19 0.20 -30.63
C ASP D 311 -26.16 1.22 -31.23
N ALA D 312 -25.89 2.51 -31.03
CA ALA D 312 -26.79 3.54 -31.52
C ALA D 312 -26.92 3.47 -33.01
N PHE D 313 -25.83 3.19 -33.72
CA PHE D 313 -25.82 3.32 -35.16
C PHE D 313 -25.76 1.98 -35.88
N GLY D 314 -26.01 0.87 -35.19
CA GLY D 314 -26.10 -0.40 -35.88
C GLY D 314 -24.80 -1.09 -36.23
N ILE D 315 -23.69 -0.70 -35.63
CA ILE D 315 -22.37 -1.20 -35.97
C ILE D 315 -22.06 -2.39 -35.06
N PRO D 316 -21.91 -3.61 -35.58
CA PRO D 316 -21.58 -4.75 -34.74
C PRO D 316 -20.18 -4.67 -34.15
N LEU D 317 -20.01 -5.36 -33.00
CA LEU D 317 -18.83 -5.27 -32.15
C LEU D 317 -18.03 -6.57 -32.15
N VAL D 318 -16.70 -6.42 -32.18
CA VAL D 318 -15.76 -7.53 -31.97
C VAL D 318 -14.99 -7.20 -30.70
N VAL D 319 -15.16 -8.01 -29.66
CA VAL D 319 -14.43 -7.82 -28.41
C VAL D 319 -13.30 -8.84 -28.34
N VAL D 320 -12.06 -8.37 -28.36
CA VAL D 320 -10.89 -9.23 -28.31
C VAL D 320 -10.35 -9.15 -26.88
N VAL D 321 -10.51 -10.25 -26.13
CA VAL D 321 -10.38 -10.25 -24.67
C VAL D 321 -9.08 -10.94 -24.28
N ASP D 322 -8.36 -10.32 -23.35
CA ASP D 322 -7.13 -10.82 -22.73
C ASP D 322 -6.88 -9.96 -21.50
N VAL D 323 -7.70 -10.14 -20.45
CA VAL D 323 -7.72 -9.21 -19.33
C VAL D 323 -7.42 -10.00 -18.05
N PRO D 324 -6.41 -9.61 -17.28
CA PRO D 324 -6.05 -10.38 -16.07
C PRO D 324 -6.68 -9.87 -14.79
N GLY D 325 -7.31 -8.70 -14.81
CA GLY D 325 -7.90 -8.15 -13.61
C GLY D 325 -8.20 -6.68 -13.83
N TYR D 326 -8.45 -5.97 -12.74
CA TYR D 326 -8.77 -4.55 -12.80
C TYR D 326 -8.06 -3.82 -11.66
N LEU D 327 -7.84 -2.53 -11.87
CA LEU D 327 -7.13 -1.74 -10.88
C LEU D 327 -7.93 -0.55 -10.43
N PRO D 328 -7.56 -0.04 -9.26
CA PRO D 328 -8.22 1.12 -8.66
C PRO D 328 -7.74 2.48 -9.19
N GLY D 329 -6.98 3.22 -8.39
CA GLY D 329 -6.51 4.54 -8.77
C GLY D 329 -5.22 5.04 -8.12
N VAL D 330 -5.14 6.35 -7.95
CA VAL D 330 -4.02 7.06 -7.37
C VAL D 330 -4.50 7.33 -5.98
N ASP D 331 -4.03 6.54 -5.04
CA ASP D 331 -4.50 6.65 -3.66
C ASP D 331 -5.37 5.47 -3.23
N GLN D 332 -5.42 4.45 -4.07
CA GLN D 332 -6.19 3.24 -3.80
C GLN D 332 -7.71 3.56 -3.77
N GLU D 333 -8.18 4.53 -4.57
CA GLU D 333 -9.61 4.84 -4.70
C GLU D 333 -10.27 3.85 -5.64
N TRP D 334 -11.38 3.25 -5.21
CA TRP D 334 -12.08 2.29 -6.06
C TRP D 334 -13.37 2.83 -6.65
N GLY D 335 -13.81 4.01 -6.23
CA GLY D 335 -15.11 4.49 -6.66
C GLY D 335 -15.21 4.62 -8.16
N GLY D 336 -14.12 5.06 -8.80
CA GLY D 336 -14.14 5.22 -10.24
C GLY D 336 -14.36 3.92 -10.96
N VAL D 337 -13.54 2.91 -10.66
CA VAL D 337 -13.71 1.64 -11.34
C VAL D 337 -15.00 0.96 -10.92
N VAL D 338 -15.53 1.26 -9.73
CA VAL D 338 -16.85 0.72 -9.38
C VAL D 338 -17.93 1.43 -10.17
N ARG D 339 -17.95 2.78 -10.11
CA ARG D 339 -18.96 3.56 -10.83
C ARG D 339 -18.89 3.33 -12.34
N ARG D 340 -17.73 3.63 -12.94
CA ARG D 340 -17.57 3.48 -14.39
C ARG D 340 -17.65 2.02 -14.81
N GLY D 341 -17.12 1.11 -13.98
CA GLY D 341 -17.21 -0.30 -14.29
C GLY D 341 -18.64 -0.77 -14.44
N ALA D 342 -19.49 -0.36 -13.48
CA ALA D 342 -20.93 -0.64 -13.58
C ALA D 342 -21.53 -0.14 -14.90
N LYS D 343 -21.08 1.04 -15.38
CA LYS D 343 -21.57 1.55 -16.67
C LYS D 343 -21.15 0.67 -17.85
N LEU D 344 -19.98 0.01 -17.78
CA LEU D 344 -19.60 -0.93 -18.83
C LEU D 344 -20.54 -2.14 -18.85
N LEU D 345 -20.79 -2.74 -17.67
CA LEU D 345 -21.82 -3.77 -17.55
C LEU D 345 -23.10 -3.33 -18.24
N HIS D 346 -23.46 -2.07 -18.06
CA HIS D 346 -24.71 -1.56 -18.59
C HIS D 346 -24.66 -1.39 -20.10
N ALA D 347 -23.55 -0.88 -20.61
CA ALA D 347 -23.41 -0.78 -22.06
C ALA D 347 -23.61 -2.14 -22.72
N PHE D 348 -22.90 -3.16 -22.22
CA PHE D 348 -22.96 -4.47 -22.86
C PHE D 348 -24.31 -5.16 -22.63
N GLY D 349 -24.87 -5.05 -21.42
CA GLY D 349 -26.10 -5.77 -21.14
C GLY D 349 -27.32 -5.24 -21.85
N GLU D 350 -27.34 -3.94 -22.15
CA GLU D 350 -28.38 -3.31 -22.96
C GLU D 350 -28.13 -3.37 -24.45
N CYS D 351 -26.90 -3.69 -24.86
CA CYS D 351 -26.53 -3.71 -26.27
C CYS D 351 -27.39 -4.68 -27.06
N THR D 352 -27.85 -4.25 -28.24
CA THR D 352 -28.64 -5.15 -29.10
C THR D 352 -28.02 -5.43 -30.46
N VAL D 353 -26.92 -4.78 -30.84
CA VAL D 353 -26.21 -5.10 -32.08
C VAL D 353 -25.44 -6.38 -31.82
N PRO D 354 -25.15 -7.18 -32.85
CA PRO D 354 -24.32 -8.38 -32.64
C PRO D 354 -23.00 -8.02 -31.99
N ARG D 355 -22.47 -8.93 -31.19
CA ARG D 355 -21.21 -8.65 -30.49
C ARG D 355 -20.55 -9.98 -30.12
N VAL D 356 -19.38 -10.24 -30.69
CA VAL D 356 -18.72 -11.53 -30.60
C VAL D 356 -17.49 -11.37 -29.73
N THR D 357 -17.28 -12.29 -28.79
CA THR D 357 -16.14 -12.21 -27.90
C THR D 357 -15.11 -13.24 -28.32
N LEU D 358 -13.86 -12.83 -28.38
CA LEU D 358 -12.76 -13.75 -28.68
C LEU D 358 -11.82 -13.70 -27.49
N VAL D 359 -11.68 -14.83 -26.78
CA VAL D 359 -10.70 -14.93 -25.71
C VAL D 359 -9.42 -15.47 -26.35
N THR D 360 -8.38 -14.62 -26.41
CA THR D 360 -7.09 -15.03 -26.96
C THR D 360 -6.24 -15.75 -25.91
N ARG D 361 -5.90 -15.07 -24.81
CA ARG D 361 -5.05 -15.72 -23.81
C ARG D 361 -5.80 -15.99 -22.51
N LYS D 362 -6.06 -14.98 -21.68
CA LYS D 362 -6.68 -15.22 -20.39
C LYS D 362 -7.77 -14.18 -20.12
N THR D 363 -8.84 -14.61 -19.45
CA THR D 363 -9.83 -13.67 -18.93
C THR D 363 -10.24 -14.11 -17.52
N TYR D 364 -9.94 -13.28 -16.52
CA TYR D 364 -10.05 -13.68 -15.12
C TYR D 364 -11.13 -12.88 -14.39
N GLY D 365 -11.65 -13.47 -13.32
CA GLY D 365 -12.46 -12.80 -12.32
C GLY D 365 -13.54 -11.86 -12.82
N GLY D 366 -13.75 -10.74 -12.12
CA GLY D 366 -14.83 -9.85 -12.46
C GLY D 366 -14.67 -9.20 -13.82
N ALA D 367 -13.43 -9.01 -14.27
CA ALA D 367 -13.25 -8.44 -15.60
C ALA D 367 -13.76 -9.38 -16.68
N TYR D 368 -13.62 -10.69 -16.48
CA TYR D 368 -14.21 -11.65 -17.41
C TYR D 368 -15.69 -11.35 -17.67
N ILE D 369 -16.45 -11.04 -16.61
CA ILE D 369 -17.88 -10.76 -16.78
C ILE D 369 -18.09 -9.51 -17.62
N ALA D 370 -17.25 -8.50 -17.42
CA ALA D 370 -17.50 -7.22 -18.05
C ALA D 370 -17.10 -7.20 -19.51
N MET D 371 -16.10 -7.98 -19.89
CA MET D 371 -15.69 -8.08 -21.29
C MET D 371 -16.66 -8.96 -22.06
N ASN D 372 -17.90 -8.50 -22.14
CA ASN D 372 -18.91 -9.09 -23.02
C ASN D 372 -19.00 -10.62 -22.86
N SER D 373 -19.24 -11.04 -21.61
CA SER D 373 -19.46 -12.45 -21.31
C SER D 373 -20.85 -12.91 -21.79
N ARG D 374 -21.07 -14.24 -21.73
CA ARG D 374 -22.38 -14.77 -22.07
C ARG D 374 -23.43 -14.29 -21.07
N SER D 375 -23.06 -14.11 -19.82
CA SER D 375 -24.03 -13.64 -18.83
C SER D 375 -24.56 -12.25 -19.14
N LEU D 376 -23.83 -11.44 -19.93
CA LEU D 376 -24.32 -10.18 -20.47
C LEU D 376 -24.89 -10.31 -21.88
N ASN D 377 -25.18 -11.53 -22.33
CA ASN D 377 -25.85 -11.80 -23.60
C ASN D 377 -24.94 -11.57 -24.81
N ALA D 378 -23.66 -11.94 -24.69
CA ALA D 378 -22.78 -12.00 -25.85
C ALA D 378 -23.42 -12.82 -26.97
N THR D 379 -23.13 -12.44 -28.22
CA THR D 379 -23.73 -13.15 -29.35
C THR D 379 -23.13 -14.54 -29.49
N LYS D 380 -21.82 -14.62 -29.64
CA LYS D 380 -21.08 -15.86 -29.48
C LYS D 380 -19.82 -15.52 -28.72
N VAL D 381 -19.29 -16.51 -27.99
CA VAL D 381 -18.00 -16.40 -27.33
C VAL D 381 -17.11 -17.47 -27.90
N PHE D 382 -15.98 -17.07 -28.50
CA PHE D 382 -14.98 -17.98 -29.04
C PHE D 382 -13.75 -17.94 -28.15
N ALA D 383 -12.99 -19.02 -28.16
CA ALA D 383 -11.71 -19.08 -27.49
C ALA D 383 -10.68 -19.80 -28.36
N TRP D 384 -9.48 -19.23 -28.42
CA TRP D 384 -8.35 -19.94 -28.98
C TRP D 384 -8.02 -21.14 -28.08
N PRO D 385 -7.31 -22.14 -28.61
CA PRO D 385 -7.24 -23.44 -27.90
C PRO D 385 -6.51 -23.40 -26.56
N ASP D 386 -5.60 -22.46 -26.31
CA ASP D 386 -4.91 -22.40 -25.03
C ASP D 386 -5.40 -21.25 -24.16
N ALA D 387 -6.62 -20.79 -24.40
CA ALA D 387 -7.21 -19.75 -23.59
C ALA D 387 -7.46 -20.23 -22.17
N GLU D 388 -7.58 -19.26 -21.27
CA GLU D 388 -7.87 -19.49 -19.87
C GLU D 388 -9.13 -18.71 -19.51
N VAL D 389 -10.09 -19.39 -18.88
CA VAL D 389 -11.24 -18.74 -18.26
C VAL D 389 -11.26 -19.19 -16.81
N ALA D 390 -10.87 -18.31 -15.89
CA ALA D 390 -10.73 -18.68 -14.49
C ALA D 390 -11.18 -17.54 -13.60
N VAL D 391 -11.34 -17.85 -12.30
CA VAL D 391 -11.50 -16.78 -11.34
C VAL D 391 -10.19 -16.08 -11.04
N MET D 392 -9.05 -16.75 -11.27
CA MET D 392 -7.71 -16.16 -11.10
C MET D 392 -6.68 -17.23 -11.50
N GLY D 393 -5.43 -16.78 -11.64
CA GLY D 393 -4.32 -17.69 -11.85
C GLY D 393 -4.26 -18.77 -10.77
N ALA D 394 -4.11 -20.03 -11.20
CA ALA D 394 -4.32 -21.16 -10.30
C ALA D 394 -3.40 -21.12 -9.08
N LYS D 395 -2.23 -20.49 -9.20
CA LYS D 395 -1.38 -20.34 -8.02
C LYS D 395 -2.03 -19.45 -6.99
N ALA D 396 -2.81 -18.46 -7.42
CA ALA D 396 -3.41 -17.53 -6.47
C ALA D 396 -4.67 -18.09 -5.85
N ALA D 397 -5.40 -18.92 -6.59
CA ALA D 397 -6.61 -19.54 -6.05
C ALA D 397 -6.24 -20.63 -5.08
N VAL D 398 -5.20 -21.40 -5.42
CA VAL D 398 -4.73 -22.45 -4.53
C VAL D 398 -4.16 -21.85 -3.26
N GLY D 399 -3.56 -20.66 -3.33
CA GLY D 399 -3.11 -19.96 -2.15
C GLY D 399 -4.22 -19.48 -1.26
N ILE D 400 -5.44 -19.41 -1.77
CA ILE D 400 -6.61 -19.05 -0.97
C ILE D 400 -7.33 -20.33 -0.56
N LEU D 401 -7.65 -21.17 -1.54
CA LEU D 401 -8.39 -22.40 -1.29
C LEU D 401 -7.67 -23.32 -0.31
N HIS D 402 -6.34 -23.27 -0.30
CA HIS D 402 -5.55 -24.16 0.54
C HIS D 402 -4.65 -23.37 1.50
N LYS D 403 -5.07 -22.17 1.90
CA LYS D 403 -4.28 -21.37 2.83
C LYS D 403 -3.89 -22.19 4.06
N LYS D 404 -4.81 -23.01 4.59
CA LYS D 404 -4.51 -23.75 5.81
C LYS D 404 -3.54 -24.91 5.54
N LYS D 405 -3.74 -25.66 4.45
CA LYS D 405 -2.79 -26.72 4.09
C LYS D 405 -1.39 -26.15 3.81
N LEU D 406 -1.30 -24.92 3.30
CA LEU D 406 -0.01 -24.31 3.05
C LEU D 406 0.58 -23.68 4.30
N ALA D 407 -0.26 -23.15 5.18
CA ALA D 407 0.25 -22.63 6.44
C ALA D 407 0.89 -23.74 7.27
N ALA D 408 0.16 -24.84 7.47
CA ALA D 408 0.57 -25.88 8.41
C ALA D 408 1.87 -26.57 7.98
N ALA D 409 2.17 -26.55 6.68
CA ALA D 409 3.27 -27.35 6.15
C ALA D 409 4.63 -26.78 6.56
N PRO D 410 5.64 -27.63 6.67
CA PRO D 410 6.99 -27.13 7.00
C PRO D 410 7.53 -26.22 5.89
N GLU D 411 8.14 -25.10 6.30
CA GLU D 411 8.69 -24.16 5.34
C GLU D 411 9.67 -24.83 4.38
N HIS D 412 10.25 -25.97 4.79
CA HIS D 412 11.18 -26.71 3.94
C HIS D 412 10.57 -27.07 2.59
N GLU D 413 9.26 -27.35 2.57
CA GLU D 413 8.59 -27.73 1.33
C GLU D 413 7.24 -27.03 1.15
N ARG D 414 7.01 -25.90 1.83
CA ARG D 414 5.75 -25.16 1.67
C ARG D 414 5.63 -24.62 0.26
N GLU D 415 6.68 -23.97 -0.24
CA GLU D 415 6.71 -23.53 -1.63
C GLU D 415 6.69 -24.70 -2.61
N ALA D 416 7.11 -25.89 -2.18
CA ALA D 416 7.04 -27.06 -3.05
C ALA D 416 5.62 -27.59 -3.13
N LEU D 417 4.91 -27.58 -1.99
CA LEU D 417 3.51 -27.99 -1.97
C LEU D 417 2.64 -27.04 -2.76
N HIS D 418 2.91 -25.73 -2.66
CA HIS D 418 2.15 -24.72 -3.38
C HIS D 418 2.14 -24.99 -4.90
N ASP D 419 3.28 -25.39 -5.45
CA ASP D 419 3.33 -25.67 -6.88
C ASP D 419 2.54 -26.92 -7.22
N GLN D 420 2.72 -28.00 -6.46
CA GLN D 420 2.03 -29.25 -6.80
C GLN D 420 0.52 -29.09 -6.70
N LEU D 421 0.04 -28.31 -5.72
CA LEU D 421 -1.41 -28.10 -5.60
C LEU D 421 -1.95 -27.30 -6.78
N ALA D 422 -1.16 -26.35 -7.28
CA ALA D 422 -1.59 -25.56 -8.43
C ALA D 422 -1.64 -26.40 -9.70
N ALA D 423 -0.72 -27.35 -9.87
CA ALA D 423 -0.71 -28.18 -11.06
C ALA D 423 -1.97 -29.04 -11.16
N GLU D 424 -2.50 -29.51 -10.01
CA GLU D 424 -3.74 -30.28 -10.04
C GLU D 424 -4.97 -29.38 -10.09
N HIS D 425 -4.88 -28.16 -9.54
CA HIS D 425 -5.95 -27.19 -9.71
C HIS D 425 -6.05 -26.73 -11.16
N GLU D 426 -4.91 -26.52 -11.81
CA GLU D 426 -4.86 -26.17 -13.22
C GLU D 426 -5.38 -27.30 -14.10
N ARG D 427 -5.38 -28.53 -13.60
CA ARG D 427 -5.82 -29.67 -14.40
C ARG D 427 -7.34 -29.83 -14.35
N ILE D 428 -7.95 -29.61 -13.18
CA ILE D 428 -9.39 -29.80 -13.04
C ILE D 428 -10.15 -28.66 -13.71
N ALA D 429 -9.82 -27.42 -13.35
CA ALA D 429 -10.53 -26.23 -13.82
C ALA D 429 -9.54 -25.20 -14.35
N GLY D 430 -9.92 -24.55 -15.45
CA GLY D 430 -9.11 -23.47 -16.00
C GLY D 430 -9.20 -23.26 -17.50
N GLY D 431 -9.24 -24.34 -18.29
CA GLY D 431 -9.10 -24.24 -19.72
C GLY D 431 -10.40 -24.00 -20.45
N VAL D 432 -10.29 -24.00 -21.78
CA VAL D 432 -11.47 -23.86 -22.63
C VAL D 432 -12.37 -25.06 -22.49
N ASP D 433 -11.78 -26.25 -22.35
CA ASP D 433 -12.56 -27.49 -22.26
C ASP D 433 -13.60 -27.42 -21.15
N SER D 434 -13.17 -27.04 -19.93
CA SER D 434 -14.13 -26.86 -18.85
C SER D 434 -15.14 -25.76 -19.17
N ALA D 435 -14.67 -24.68 -19.80
CA ALA D 435 -15.54 -23.55 -20.12
C ALA D 435 -16.60 -23.95 -21.14
N LEU D 436 -16.24 -24.78 -22.11
CA LEU D 436 -17.24 -25.29 -23.04
C LEU D 436 -18.32 -26.08 -22.31
N ASP D 437 -17.92 -26.81 -21.26
CA ASP D 437 -18.88 -27.64 -20.53
C ASP D 437 -19.84 -26.78 -19.72
N ILE D 438 -19.30 -25.84 -18.95
CA ILE D 438 -20.15 -24.86 -18.27
C ILE D 438 -21.11 -24.22 -19.27
N GLY D 439 -20.58 -23.79 -20.41
CA GLY D 439 -21.35 -23.10 -21.42
C GLY D 439 -20.97 -21.65 -21.66
N VAL D 440 -19.89 -21.16 -21.04
CA VAL D 440 -19.58 -19.74 -21.13
C VAL D 440 -18.78 -19.44 -22.40
N VAL D 441 -18.08 -20.44 -22.93
CA VAL D 441 -17.51 -20.38 -24.27
C VAL D 441 -18.36 -21.25 -25.18
N ASP D 442 -18.71 -20.73 -26.36
CA ASP D 442 -19.54 -21.48 -27.26
C ASP D 442 -18.75 -22.42 -28.16
N GLU D 443 -17.48 -22.14 -28.40
CA GLU D 443 -16.73 -22.97 -29.32
C GLU D 443 -15.25 -22.66 -29.16
N LYS D 444 -14.41 -23.69 -29.27
CA LYS D 444 -12.97 -23.52 -29.38
C LYS D 444 -12.62 -23.47 -30.86
N ILE D 445 -11.89 -22.43 -31.28
CA ILE D 445 -11.67 -22.24 -32.70
C ILE D 445 -10.19 -22.40 -33.02
N ASP D 446 -9.93 -22.78 -34.26
CA ASP D 446 -8.61 -22.75 -34.87
C ASP D 446 -8.28 -21.29 -35.14
N PRO D 447 -7.19 -20.75 -34.59
CA PRO D 447 -6.89 -19.33 -34.82
C PRO D 447 -6.64 -18.98 -36.28
N ALA D 448 -6.51 -19.97 -37.15
CA ALA D 448 -6.35 -19.73 -38.58
C ALA D 448 -7.65 -19.30 -39.27
N HIS D 449 -8.80 -19.48 -38.64
CA HIS D 449 -10.09 -19.06 -39.17
C HIS D 449 -10.72 -17.94 -38.36
N THR D 450 -10.02 -17.42 -37.35
CA THR D 450 -10.49 -16.30 -36.54
C THR D 450 -11.30 -15.28 -37.34
N ARG D 451 -10.75 -14.79 -38.44
CA ARG D 451 -11.42 -13.75 -39.19
C ARG D 451 -12.75 -14.24 -39.76
N SER D 452 -12.73 -15.39 -40.44
CA SER D 452 -13.97 -15.91 -41.02
C SER D 452 -14.96 -16.35 -39.94
N LYS D 453 -14.47 -16.86 -38.80
CA LYS D 453 -15.36 -17.28 -37.70
C LYS D 453 -16.10 -16.09 -37.10
N LEU D 454 -15.36 -15.04 -36.71
CA LEU D 454 -15.99 -13.82 -36.22
C LEU D 454 -16.98 -13.27 -37.23
N THR D 455 -16.59 -13.25 -38.53
CA THR D 455 -17.48 -12.72 -39.55
C THR D 455 -18.78 -13.50 -39.62
N GLU D 456 -18.65 -14.83 -39.65
CA GLU D 456 -19.80 -15.73 -39.72
C GLU D 456 -20.77 -15.47 -38.57
N ALA D 457 -20.24 -15.24 -37.36
CA ALA D 457 -21.09 -15.04 -36.18
C ALA D 457 -21.77 -13.67 -36.21
N LEU D 458 -21.08 -12.64 -36.70
CA LEU D 458 -21.71 -11.34 -36.85
C LEU D 458 -22.75 -11.34 -37.97
N ALA D 459 -22.44 -12.00 -39.08
CA ALA D 459 -23.35 -12.01 -40.22
C ALA D 459 -24.63 -12.77 -39.90
N GLN D 460 -24.54 -13.85 -39.12
CA GLN D 460 -25.68 -14.72 -38.88
C GLN D 460 -26.49 -14.35 -37.65
N ALA D 461 -25.99 -13.41 -36.86
CA ALA D 461 -26.75 -12.83 -35.75
C ALA D 461 -27.93 -12.02 -36.28
N PRO D 462 -28.96 -11.86 -35.45
CA PRO D 462 -30.00 -10.86 -35.75
C PRO D 462 -29.41 -9.46 -35.66
N ALA D 463 -30.03 -8.52 -36.36
CA ALA D 463 -29.46 -7.18 -36.30
C ALA D 463 -29.80 -6.45 -35.01
N ARG D 464 -30.90 -6.80 -34.32
CA ARG D 464 -31.23 -6.25 -33.02
C ARG D 464 -31.68 -7.37 -32.10
N ARG D 465 -32.07 -7.00 -30.86
CA ARG D 465 -32.35 -7.93 -29.75
C ARG D 465 -31.12 -8.78 -29.40
N GLY D 466 -30.97 -9.10 -28.11
CA GLY D 466 -29.82 -9.83 -27.58
C GLY D 466 -29.13 -9.14 -26.40
N LEU E 13 11.80 -46.95 69.53
CA LEU E 13 11.56 -46.10 70.69
C LEU E 13 10.08 -46.16 71.09
N ASP E 14 9.80 -46.38 72.38
CA ASP E 14 8.48 -46.58 73.01
C ASP E 14 7.33 -45.91 72.25
N PRO E 15 7.34 -44.58 72.04
CA PRO E 15 6.12 -43.95 71.48
C PRO E 15 5.74 -44.48 70.10
N ARG E 16 6.72 -44.94 69.32
CA ARG E 16 6.51 -45.53 67.99
C ARG E 16 6.15 -47.02 68.04
N ASP E 17 5.76 -47.55 69.19
CA ASP E 17 5.49 -48.98 69.28
C ASP E 17 4.16 -49.31 68.61
N PRO E 18 4.11 -50.39 67.82
CA PRO E 18 2.88 -50.68 67.07
C PRO E 18 1.67 -50.96 67.95
N LEU E 19 1.84 -51.71 69.05
CA LEU E 19 0.69 -51.99 69.91
C LEU E 19 0.22 -50.73 70.63
N LEU E 20 1.12 -49.84 71.00
CA LEU E 20 0.68 -48.59 71.61
C LEU E 20 -0.10 -47.77 70.59
N ARG E 21 0.43 -47.66 69.38
CA ARG E 21 -0.19 -46.83 68.35
C ARG E 21 -1.55 -47.39 67.96
N LEU E 22 -1.61 -48.68 67.63
CA LEU E 22 -2.90 -49.33 67.37
C LEU E 22 -3.84 -49.19 68.57
N SER E 23 -3.29 -49.15 69.79
CA SER E 23 -4.17 -49.04 70.95
C SER E 23 -4.73 -47.64 71.07
N ASN E 24 -3.92 -46.61 70.78
CA ASN E 24 -4.44 -45.25 70.78
C ASN E 24 -5.57 -45.10 69.79
N PHE E 25 -5.49 -45.79 68.66
CA PHE E 25 -6.45 -45.58 67.58
C PHE E 25 -7.75 -46.31 67.85
N PHE E 26 -7.69 -47.57 68.28
CA PHE E 26 -8.89 -48.36 68.48
C PHE E 26 -9.61 -47.95 69.76
N ASP E 27 -10.88 -48.37 69.87
CA ASP E 27 -11.62 -48.24 71.12
C ASP E 27 -10.91 -48.96 72.25
N ASP E 28 -10.92 -48.36 73.44
CA ASP E 28 -10.21 -48.92 74.59
C ASP E 28 -10.67 -50.33 74.89
N GLY E 29 -9.70 -51.26 74.96
CA GLY E 29 -9.94 -52.64 75.31
C GLY E 29 -10.49 -53.56 74.23
N SER E 30 -10.49 -53.14 72.96
CA SER E 30 -11.03 -53.97 71.88
C SER E 30 -9.95 -54.57 70.98
N VAL E 31 -8.69 -54.18 71.16
CA VAL E 31 -7.63 -54.68 70.31
C VAL E 31 -7.49 -56.19 70.45
N GLU E 32 -7.37 -56.89 69.31
CA GLU E 32 -7.18 -58.34 69.28
C GLU E 32 -6.32 -58.67 68.06
N LEU E 33 -5.07 -59.05 68.30
CA LEU E 33 -4.13 -59.16 67.19
C LEU E 33 -4.58 -60.23 66.19
N LEU E 34 -4.13 -60.07 64.95
CA LEU E 34 -4.44 -61.04 63.92
C LEU E 34 -3.34 -62.07 63.76
N HIS E 35 -2.22 -61.86 64.43
CA HIS E 35 -1.08 -62.76 64.38
C HIS E 35 -0.25 -62.48 65.63
N GLU E 36 0.70 -63.35 65.89
CA GLU E 36 1.56 -63.18 67.05
C GLU E 36 2.60 -62.10 66.77
N ARG E 37 2.87 -61.30 67.81
CA ARG E 37 3.89 -60.26 67.75
C ARG E 37 5.21 -60.84 67.28
N ASP E 38 6.03 -60.01 66.62
CA ASP E 38 7.29 -60.44 66.01
C ASP E 38 8.06 -59.20 65.57
N ARG E 39 9.10 -59.41 64.75
CA ARG E 39 9.91 -58.32 64.20
C ARG E 39 9.79 -58.22 62.68
N SER E 40 8.64 -58.60 62.13
CA SER E 40 8.37 -58.36 60.71
C SER E 40 8.44 -56.87 60.37
N GLY E 41 8.02 -56.01 61.29
CA GLY E 41 7.86 -54.61 60.99
C GLY E 41 6.43 -54.20 60.81
N VAL E 42 5.49 -55.10 61.06
CA VAL E 42 4.06 -54.81 60.95
C VAL E 42 3.37 -55.61 62.03
N LEU E 43 2.42 -54.97 62.70
CA LEU E 43 1.54 -55.63 63.63
C LEU E 43 0.12 -55.35 63.14
N ALA E 44 -0.69 -56.38 62.98
CA ALA E 44 -2.03 -56.21 62.45
C ALA E 44 -3.04 -56.65 63.49
N ALA E 45 -4.06 -55.81 63.70
CA ALA E 45 -5.06 -56.09 64.73
C ALA E 45 -6.46 -55.83 64.22
N ALA E 46 -7.41 -56.60 64.73
CA ALA E 46 -8.82 -56.22 64.69
C ALA E 46 -9.18 -55.44 65.95
N GLY E 47 -10.24 -54.67 65.86
CA GLY E 47 -10.70 -53.88 66.98
C GLY E 47 -12.03 -53.25 66.64
N THR E 48 -12.38 -52.19 67.36
CA THR E 48 -13.55 -51.39 66.98
C THR E 48 -13.23 -49.91 67.05
N VAL E 49 -13.93 -49.15 66.21
CA VAL E 49 -13.88 -47.70 66.17
C VAL E 49 -15.30 -47.24 66.39
N ASN E 50 -15.55 -46.60 67.53
CA ASN E 50 -16.89 -46.18 67.98
C ASN E 50 -17.94 -47.23 67.64
N GLY E 51 -17.58 -48.50 67.86
CA GLY E 51 -18.47 -49.63 67.68
C GLY E 51 -18.27 -50.43 66.41
N VAL E 52 -17.81 -49.78 65.33
CA VAL E 52 -17.69 -50.47 64.05
C VAL E 52 -16.51 -51.44 64.07
N ARG E 53 -16.76 -52.69 63.72
CA ARG E 53 -15.67 -53.65 63.59
C ARG E 53 -14.69 -53.19 62.50
N THR E 54 -13.41 -53.02 62.88
CA THR E 54 -12.38 -52.41 62.04
C THR E 54 -11.12 -53.26 62.08
N ILE E 55 -10.43 -53.37 60.92
CA ILE E 55 -9.08 -53.93 60.86
C ILE E 55 -8.08 -52.80 60.79
N ALA E 56 -6.89 -53.01 61.36
CA ALA E 56 -5.81 -52.04 61.26
C ALA E 56 -4.47 -52.74 61.25
N PHE E 57 -3.47 -52.08 60.67
CA PHE E 57 -2.10 -52.56 60.71
C PHE E 57 -1.17 -51.37 60.85
N CYS E 58 -0.07 -51.59 61.56
CA CYS E 58 0.86 -50.52 61.85
C CYS E 58 2.27 -50.98 61.48
N THR E 59 2.96 -50.20 60.65
CA THR E 59 4.36 -50.54 60.38
C THR E 59 5.18 -50.18 61.60
N ASP E 60 6.12 -51.06 61.95
CA ASP E 60 6.84 -50.98 63.23
C ASP E 60 8.08 -50.12 63.05
N GLY E 61 7.94 -48.81 63.29
CA GLY E 61 9.00 -47.84 63.10
C GLY E 61 10.21 -48.01 64.01
N THR E 62 10.11 -48.85 65.04
CA THR E 62 11.19 -49.16 65.96
C THR E 62 12.00 -50.38 65.53
N VAL E 63 11.75 -50.93 64.35
CA VAL E 63 12.44 -52.10 63.85
C VAL E 63 12.96 -51.72 62.48
N MET E 64 14.26 -51.49 62.39
CA MET E 64 14.91 -51.14 61.12
C MET E 64 14.18 -50.01 60.42
N GLY E 65 13.77 -49.01 61.19
CA GLY E 65 13.05 -47.88 60.62
C GLY E 65 11.70 -48.20 60.02
N GLY E 66 11.05 -49.26 60.49
CA GLY E 66 9.82 -49.67 59.85
C GLY E 66 9.95 -50.13 58.42
N ALA E 67 11.15 -50.51 58.00
CA ALA E 67 11.38 -50.98 56.63
C ALA E 67 10.61 -52.29 56.35
N MET E 68 9.97 -52.34 55.17
CA MET E 68 9.00 -53.37 54.84
C MET E 68 9.65 -54.59 54.20
N GLY E 69 9.31 -55.76 54.71
CA GLY E 69 9.91 -57.00 54.26
C GLY E 69 8.85 -58.04 53.92
N VAL E 70 9.33 -59.19 53.45
CA VAL E 70 8.42 -60.24 52.99
C VAL E 70 7.45 -60.64 54.09
N GLU E 71 7.97 -60.90 55.31
CA GLU E 71 7.10 -61.40 56.37
C GLU E 71 6.11 -60.35 56.81
N GLY E 72 6.53 -59.08 56.85
CA GLY E 72 5.64 -58.00 57.24
C GLY E 72 4.57 -57.71 56.21
N CYS E 73 4.97 -57.57 54.95
CA CYS E 73 4.01 -57.42 53.86
C CYS E 73 2.93 -58.51 53.87
N THR E 74 3.31 -59.74 54.22
CA THR E 74 2.32 -60.82 54.28
C THR E 74 1.26 -60.56 55.34
N HIS E 75 1.66 -59.95 56.47
CA HIS E 75 0.69 -59.61 57.50
C HIS E 75 -0.33 -58.59 56.99
N ILE E 76 0.16 -57.56 56.27
CA ILE E 76 -0.70 -56.55 55.67
C ILE E 76 -1.69 -57.19 54.70
N VAL E 77 -1.23 -58.18 53.92
CA VAL E 77 -2.10 -58.81 52.94
C VAL E 77 -3.18 -59.63 53.65
N ASN E 78 -2.77 -60.45 54.61
CA ASN E 78 -3.75 -61.17 55.44
C ASN E 78 -4.69 -60.19 56.13
N ALA E 79 -4.15 -59.05 56.60
CA ALA E 79 -5.02 -58.02 57.16
C ALA E 79 -6.07 -57.58 56.14
N TYR E 80 -5.64 -57.40 54.88
CA TYR E 80 -6.55 -56.96 53.85
C TYR E 80 -7.58 -58.03 53.54
N ASP E 81 -7.13 -59.29 53.39
CA ASP E 81 -8.05 -60.37 53.07
C ASP E 81 -9.08 -60.55 54.20
N THR E 82 -8.66 -60.36 55.45
CA THR E 82 -9.63 -60.40 56.55
C THR E 82 -10.67 -59.31 56.39
N ALA E 83 -10.23 -58.06 56.21
CA ALA E 83 -11.15 -56.95 56.08
C ALA E 83 -12.08 -57.12 54.87
N ILE E 84 -11.54 -57.54 53.74
CA ILE E 84 -12.36 -57.76 52.55
C ILE E 84 -13.40 -58.84 52.84
N GLU E 85 -13.00 -59.90 53.53
CA GLU E 85 -13.91 -60.99 53.84
C GLU E 85 -15.04 -60.55 54.78
N ASP E 86 -14.71 -59.94 55.92
CA ASP E 86 -15.71 -59.43 56.87
C ASP E 86 -16.44 -58.17 56.38
N GLN E 87 -16.04 -57.61 55.24
CA GLN E 87 -16.50 -56.29 54.74
C GLN E 87 -16.35 -55.20 55.81
N SER E 88 -15.12 -55.09 56.33
CA SER E 88 -14.79 -54.17 57.39
C SER E 88 -13.81 -53.12 56.87
N PRO E 89 -13.89 -51.86 57.33
CA PRO E 89 -12.87 -50.88 56.94
C PRO E 89 -11.49 -51.28 57.44
N ILE E 90 -10.47 -50.95 56.64
CA ILE E 90 -9.09 -51.24 57.00
C ILE E 90 -8.32 -49.93 57.09
N VAL E 91 -7.49 -49.81 58.14
CA VAL E 91 -6.76 -48.59 58.49
C VAL E 91 -5.29 -48.95 58.65
N GLY E 92 -4.42 -48.18 58.00
CA GLY E 92 -2.98 -48.38 58.09
C GLY E 92 -2.33 -47.21 58.81
N ILE E 93 -1.43 -47.54 59.73
CA ILE E 93 -0.61 -46.54 60.39
C ILE E 93 0.81 -46.66 59.86
N TRP E 94 1.26 -45.61 59.19
CA TRP E 94 2.41 -45.68 58.30
C TRP E 94 3.57 -44.88 58.86
N HIS E 95 4.74 -45.54 58.89
CA HIS E 95 5.99 -44.98 59.39
C HIS E 95 7.12 -45.90 58.90
N SER E 96 7.80 -45.52 57.81
CA SER E 96 8.63 -46.50 57.11
C SER E 96 9.55 -45.87 56.08
N GLY E 97 10.84 -46.23 56.13
CA GLY E 97 11.75 -45.78 55.10
C GLY E 97 11.58 -46.46 53.75
N GLY E 98 10.78 -47.54 53.69
CA GLY E 98 10.54 -48.25 52.45
C GLY E 98 10.87 -49.72 52.57
N ALA E 99 11.14 -50.34 51.41
CA ALA E 99 11.40 -51.77 51.33
C ALA E 99 12.78 -52.11 51.88
N ARG E 100 12.87 -53.26 52.56
CA ARG E 100 14.12 -53.77 53.11
C ARG E 100 15.06 -54.17 51.97
N LEU E 101 16.11 -53.37 51.75
CA LEU E 101 17.00 -53.63 50.62
C LEU E 101 17.75 -54.95 50.77
N ALA E 102 18.03 -55.39 51.99
CA ALA E 102 18.74 -56.66 52.12
C ALA E 102 17.90 -57.83 51.65
N GLU E 103 16.57 -57.70 51.61
CA GLU E 103 15.71 -58.78 51.11
C GLU E 103 15.56 -58.79 49.60
N GLY E 104 16.14 -57.81 48.89
CA GLY E 104 16.19 -57.86 47.43
C GLY E 104 14.84 -57.84 46.73
N VAL E 105 14.79 -58.50 45.57
CA VAL E 105 13.58 -58.48 44.75
C VAL E 105 12.43 -59.14 45.48
N ARG E 106 12.72 -60.20 46.23
CA ARG E 106 11.75 -60.79 47.14
C ARG E 106 10.91 -59.73 47.83
N ALA E 107 11.53 -58.62 48.25
CA ALA E 107 10.78 -57.59 48.97
C ALA E 107 9.98 -56.69 48.02
N LEU E 108 10.54 -56.36 46.86
CA LEU E 108 9.80 -55.60 45.86
C LEU E 108 8.49 -56.30 45.52
N HIS E 109 8.56 -57.62 45.29
CA HIS E 109 7.40 -58.43 44.98
C HIS E 109 6.38 -58.42 46.11
N ALA E 110 6.85 -58.46 47.36
CA ALA E 110 5.93 -58.48 48.49
C ALA E 110 5.25 -57.12 48.68
N VAL E 111 5.98 -56.03 48.45
CA VAL E 111 5.36 -54.71 48.46
C VAL E 111 4.34 -54.61 47.33
N GLY E 112 4.66 -55.17 46.16
CA GLY E 112 3.70 -55.19 45.07
C GLY E 112 2.46 -55.99 45.40
N GLN E 113 2.59 -57.00 46.28
CA GLN E 113 1.43 -57.76 46.73
C GLN E 113 0.56 -56.94 47.68
N VAL E 114 1.18 -56.09 48.49
CA VAL E 114 0.38 -55.13 49.25
C VAL E 114 -0.41 -54.25 48.29
N PHE E 115 0.26 -53.70 47.28
CA PHE E 115 -0.40 -52.86 46.29
C PHE E 115 -1.59 -53.59 45.67
N GLU E 116 -1.36 -54.81 45.18
CA GLU E 116 -2.43 -55.55 44.54
C GLU E 116 -3.61 -55.72 45.48
N ALA E 117 -3.35 -55.89 46.77
CA ALA E 117 -4.44 -56.11 47.71
C ALA E 117 -5.21 -54.82 47.93
N MET E 118 -4.52 -53.68 47.96
CA MET E 118 -5.22 -52.40 48.09
C MET E 118 -6.08 -52.15 46.86
N ILE E 119 -5.60 -52.58 45.69
CA ILE E 119 -6.37 -52.46 44.47
C ILE E 119 -7.60 -53.34 44.54
N ARG E 120 -7.46 -54.56 45.09
CA ARG E 120 -8.62 -55.42 45.26
C ARG E 120 -9.65 -54.77 46.18
N ALA E 121 -9.20 -54.25 47.31
CA ALA E 121 -10.14 -53.63 48.24
C ALA E 121 -10.80 -52.39 47.68
N SER E 122 -10.22 -51.80 46.62
CA SER E 122 -10.58 -50.46 46.21
C SER E 122 -12.05 -50.34 45.79
N GLY E 123 -12.73 -49.33 46.34
CA GLY E 123 -14.15 -49.18 46.13
C GLY E 123 -15.01 -50.19 46.85
N TYR E 124 -14.42 -51.21 47.45
CA TYR E 124 -15.17 -52.29 48.08
C TYR E 124 -15.28 -52.10 49.60
N ILE E 125 -14.18 -51.80 50.27
CA ILE E 125 -14.19 -51.40 51.68
C ILE E 125 -13.45 -50.07 51.78
N PRO E 126 -13.74 -49.23 52.76
CA PRO E 126 -12.97 -48.00 52.92
C PRO E 126 -11.55 -48.31 53.36
N GLN E 127 -10.59 -47.60 52.76
CA GLN E 127 -9.19 -47.69 53.14
C GLN E 127 -8.71 -46.33 53.59
N ILE E 128 -8.29 -46.23 54.85
CA ILE E 128 -7.83 -44.98 55.45
C ILE E 128 -6.36 -45.12 55.86
N SER E 129 -5.57 -44.09 55.61
CA SER E 129 -4.17 -44.08 55.98
C SER E 129 -3.90 -42.96 56.99
N VAL E 130 -3.14 -43.30 58.01
CA VAL E 130 -2.67 -42.34 59.00
C VAL E 130 -1.15 -42.39 58.92
N VAL E 131 -0.59 -41.41 58.22
CA VAL E 131 0.86 -41.25 58.14
C VAL E 131 1.29 -40.48 59.39
N VAL E 132 1.95 -41.17 60.34
CA VAL E 132 2.35 -40.54 61.61
C VAL E 132 3.82 -40.17 61.56
N GLY E 133 4.62 -40.90 60.79
CA GLY E 133 6.02 -40.56 60.62
C GLY E 133 6.40 -40.55 59.14
N PHE E 134 7.67 -40.24 58.90
CA PHE E 134 8.29 -40.36 57.59
C PHE E 134 7.84 -41.65 56.91
N ALA E 135 7.27 -41.49 55.72
CA ALA E 135 6.82 -42.61 54.89
C ALA E 135 7.40 -42.41 53.50
N ALA E 136 8.37 -43.25 53.14
CA ALA E 136 9.13 -43.06 51.91
C ALA E 136 9.08 -44.32 51.05
N GLY E 137 9.38 -44.13 49.76
CA GLY E 137 9.52 -45.24 48.84
C GLY E 137 8.23 -46.04 48.71
N GLY E 138 8.34 -47.35 48.89
CA GLY E 138 7.17 -48.20 48.81
C GLY E 138 6.09 -47.78 49.78
N ALA E 139 6.50 -47.36 50.97
CA ALA E 139 5.52 -46.90 51.96
C ALA E 139 4.96 -45.51 51.64
N ALA E 140 5.38 -44.90 50.53
CA ALA E 140 4.72 -43.69 50.07
C ALA E 140 3.60 -44.02 49.10
N TYR E 141 3.82 -45.02 48.25
CA TYR E 141 2.81 -45.41 47.28
C TYR E 141 1.62 -46.09 47.93
N GLY E 142 1.83 -46.80 49.05
CA GLY E 142 0.77 -47.47 49.77
C GLY E 142 -0.37 -46.54 50.13
N PRO E 143 -0.10 -45.55 50.99
CA PRO E 143 -1.12 -44.52 51.26
C PRO E 143 -1.75 -43.92 50.02
N ALA E 144 -0.96 -43.69 48.95
CA ALA E 144 -1.54 -43.11 47.75
C ALA E 144 -2.61 -43.99 47.11
N LEU E 145 -2.57 -45.31 47.36
CA LEU E 145 -3.56 -46.22 46.82
C LEU E 145 -4.85 -46.26 47.62
N THR E 146 -4.90 -45.67 48.82
CA THR E 146 -6.07 -45.78 49.67
C THR E 146 -7.02 -44.60 49.43
N ASP E 147 -8.05 -44.48 50.28
CA ASP E 147 -9.14 -43.55 49.99
C ASP E 147 -8.90 -42.17 50.58
N VAL E 148 -8.50 -42.10 51.85
CA VAL E 148 -8.18 -40.82 52.50
C VAL E 148 -6.87 -40.98 53.25
N VAL E 149 -6.03 -39.96 53.18
CA VAL E 149 -4.74 -39.96 53.85
C VAL E 149 -4.76 -38.85 54.89
N VAL E 150 -4.69 -39.23 56.17
CA VAL E 150 -4.49 -38.28 57.28
C VAL E 150 -2.99 -38.16 57.55
N MET E 151 -2.48 -36.95 57.66
CA MET E 151 -1.06 -36.76 57.93
C MET E 151 -0.84 -35.96 59.21
N ALA E 152 -0.04 -36.51 60.09
CA ALA E 152 0.39 -35.84 61.31
C ALA E 152 1.47 -34.89 60.92
N PRO E 153 1.59 -33.78 61.61
CA PRO E 153 2.58 -32.79 61.14
C PRO E 153 4.03 -33.21 61.40
N GLU E 154 4.27 -34.19 62.25
CA GLU E 154 5.63 -34.62 62.50
C GLU E 154 6.07 -35.66 61.50
N SER E 155 5.64 -35.52 60.26
CA SER E 155 6.00 -36.46 59.20
C SER E 155 6.01 -35.84 57.79
N ARG E 156 6.06 -36.71 56.77
CA ARG E 156 6.09 -36.30 55.37
C ARG E 156 6.12 -37.54 54.48
N VAL E 157 5.38 -37.49 53.36
CA VAL E 157 5.44 -38.51 52.31
C VAL E 157 6.50 -38.09 51.30
N PHE E 158 7.43 -39.01 50.98
CA PHE E 158 8.61 -38.72 50.18
C PHE E 158 8.96 -39.93 49.29
N VAL E 159 9.62 -39.67 48.16
CA VAL E 159 10.29 -40.71 47.37
C VAL E 159 11.51 -40.17 46.64
N SER E 188 0.60 -30.29 46.78
CA SER E 188 0.84 -31.69 46.46
C SER E 188 -0.45 -32.38 45.99
N GLY E 189 -1.39 -32.63 46.91
CA GLY E 189 -2.59 -33.38 46.62
C GLY E 189 -2.59 -34.81 47.12
N VAL E 190 -1.41 -35.39 47.41
CA VAL E 190 -1.33 -36.78 47.87
C VAL E 190 -2.04 -36.94 49.20
N CYS E 191 -1.77 -36.03 50.12
CA CYS E 191 -2.37 -36.04 51.45
C CYS E 191 -3.69 -35.26 51.48
N HIS E 192 -4.72 -35.85 52.09
CA HIS E 192 -6.01 -35.17 52.13
C HIS E 192 -6.19 -34.30 53.36
N ILE E 193 -5.77 -34.77 54.53
CA ILE E 193 -6.04 -34.09 55.79
C ILE E 193 -4.73 -33.92 56.54
N VAL E 194 -4.63 -32.83 57.30
CA VAL E 194 -3.43 -32.51 58.07
C VAL E 194 -3.82 -32.35 59.53
N ALA E 195 -3.35 -33.24 60.39
CA ALA E 195 -3.70 -33.22 61.80
C ALA E 195 -2.79 -32.28 62.60
N ASP E 196 -3.29 -31.86 63.77
CA ASP E 196 -2.49 -31.03 64.65
C ASP E 196 -1.32 -31.80 65.26
N ASP E 197 -1.52 -33.09 65.55
CA ASP E 197 -0.54 -33.94 66.22
C ASP E 197 -0.89 -35.38 65.92
N GLU E 198 -0.06 -36.31 66.41
CA GLU E 198 -0.32 -37.72 66.12
C GLU E 198 -1.61 -38.20 66.76
N LEU E 199 -1.92 -37.78 67.99
CA LEU E 199 -3.19 -38.18 68.58
C LEU E 199 -4.36 -37.61 67.80
N ASP E 200 -4.19 -36.40 67.26
CA ASP E 200 -5.24 -35.78 66.46
C ASP E 200 -5.46 -36.57 65.18
N ALA E 201 -4.37 -37.11 64.62
CA ALA E 201 -4.51 -37.95 63.44
C ALA E 201 -5.43 -39.13 63.73
N TYR E 202 -5.20 -39.84 64.85
CA TYR E 202 -6.11 -40.93 65.19
C TYR E 202 -7.53 -40.41 65.39
N ASP E 203 -7.66 -39.24 66.01
CA ASP E 203 -8.99 -38.67 66.22
C ASP E 203 -9.75 -38.55 64.90
N ARG E 204 -9.07 -38.02 63.87
CA ARG E 204 -9.68 -37.81 62.56
C ARG E 204 -9.73 -39.08 61.73
N GLY E 205 -8.77 -39.98 61.92
CA GLY E 205 -8.91 -41.30 61.33
C GLY E 205 -10.18 -41.97 61.83
N ARG E 206 -10.50 -41.77 63.11
CA ARG E 206 -11.66 -42.41 63.70
C ARG E 206 -12.95 -41.78 63.21
N ARG E 207 -12.97 -40.45 63.06
CA ARG E 207 -14.12 -39.80 62.45
C ARG E 207 -14.39 -40.34 61.05
N LEU E 208 -13.34 -40.43 60.22
CA LEU E 208 -13.53 -40.86 58.84
C LEU E 208 -14.12 -42.26 58.78
N VAL E 209 -13.62 -43.19 59.62
CA VAL E 209 -14.25 -44.52 59.68
C VAL E 209 -15.74 -44.39 59.96
N GLY E 210 -16.13 -43.38 60.76
CA GLY E 210 -17.53 -43.12 61.06
C GLY E 210 -18.29 -42.50 59.90
N LEU E 211 -17.67 -41.56 59.20
CA LEU E 211 -18.31 -40.99 58.02
C LEU E 211 -18.59 -42.04 56.95
N PHE E 212 -17.73 -43.07 56.81
CA PHE E 212 -17.92 -44.10 55.78
C PHE E 212 -18.77 -45.28 56.23
N CYS E 213 -18.72 -45.65 57.52
CA CYS E 213 -19.37 -46.85 58.00
C CYS E 213 -20.56 -46.60 58.91
N GLN E 214 -20.81 -45.36 59.34
CA GLN E 214 -22.02 -44.98 60.06
C GLN E 214 -22.66 -43.78 59.33
N GLN E 215 -23.18 -44.02 58.12
CA GLN E 215 -23.60 -42.90 57.29
C GLN E 215 -24.90 -42.25 57.75
N GLY E 216 -25.72 -42.94 58.54
CA GLY E 216 -26.91 -42.34 59.09
C GLY E 216 -28.03 -42.27 58.07
N HIS E 217 -29.04 -41.45 58.38
CA HIS E 217 -30.15 -41.19 57.48
C HIS E 217 -30.45 -39.69 57.48
N PHE E 218 -31.20 -39.25 56.47
CA PHE E 218 -31.67 -37.86 56.46
C PHE E 218 -32.85 -37.71 57.41
N ASP E 219 -32.97 -36.51 57.99
CA ASP E 219 -34.01 -36.23 58.98
C ASP E 219 -34.60 -34.86 58.66
N ARG E 220 -35.86 -34.84 58.23
CA ARG E 220 -36.48 -33.58 57.80
C ARG E 220 -36.55 -32.57 58.93
N SER E 221 -36.86 -33.03 60.15
CA SER E 221 -37.02 -32.09 61.27
C SER E 221 -35.70 -31.44 61.67
N LYS E 222 -34.62 -32.22 61.67
CA LYS E 222 -33.33 -31.65 62.02
C LYS E 222 -32.81 -30.74 60.90
N ALA E 223 -33.06 -31.12 59.66
CA ALA E 223 -32.69 -30.28 58.53
C ALA E 223 -33.34 -28.91 58.63
N GLU E 224 -34.66 -28.88 58.83
CA GLU E 224 -35.37 -27.61 58.94
C GLU E 224 -34.93 -26.83 60.17
N ALA E 225 -34.75 -27.50 61.31
CA ALA E 225 -34.25 -26.83 62.49
C ALA E 225 -32.91 -26.14 62.27
N GLY E 226 -32.28 -26.30 61.11
CA GLY E 226 -30.97 -25.73 60.85
C GLY E 226 -30.99 -24.58 59.87
N ASP E 227 -32.12 -24.37 59.19
CA ASP E 227 -32.19 -23.34 58.16
C ASP E 227 -31.75 -21.98 58.71
N THR E 228 -31.05 -21.24 57.85
CA THR E 228 -30.55 -19.90 58.14
C THR E 228 -30.64 -19.12 56.84
N ASP E 229 -30.57 -17.80 56.91
CA ASP E 229 -30.53 -17.04 55.65
C ASP E 229 -29.11 -17.12 55.13
N ILE E 230 -28.84 -18.19 54.37
CA ILE E 230 -27.50 -18.42 53.87
C ILE E 230 -27.12 -17.36 52.85
N HIS E 231 -28.10 -16.80 52.15
CA HIS E 231 -27.80 -15.72 51.23
C HIS E 231 -27.08 -14.56 51.92
N ALA E 232 -27.39 -14.33 53.19
CA ALA E 232 -26.81 -13.21 53.91
C ALA E 232 -25.30 -13.30 54.04
N LEU E 233 -24.70 -14.49 53.86
CA LEU E 233 -23.24 -14.59 53.96
C LEU E 233 -22.50 -14.17 52.68
N LEU E 234 -23.21 -13.75 51.62
CA LEU E 234 -22.56 -13.25 50.41
C LEU E 234 -22.30 -11.76 50.53
N PRO E 235 -21.38 -11.21 49.73
CA PRO E 235 -21.20 -9.76 49.70
C PRO E 235 -22.42 -9.07 49.10
N GLU E 236 -22.42 -7.74 49.14
CA GLU E 236 -23.52 -7.02 48.54
C GLU E 236 -23.31 -6.83 47.04
N SER E 237 -22.07 -6.70 46.59
CA SER E 237 -21.76 -6.56 45.18
C SER E 237 -21.45 -7.93 44.56
N SER E 238 -22.18 -8.27 43.50
CA SER E 238 -22.03 -9.52 42.78
C SER E 238 -20.67 -9.66 42.10
N ARG E 239 -19.80 -8.67 42.23
CA ARG E 239 -18.47 -8.73 41.65
C ARG E 239 -17.38 -8.85 42.74
N ARG E 240 -17.74 -8.75 44.01
CA ARG E 240 -16.80 -9.00 45.09
C ARG E 240 -16.70 -10.49 45.41
N ALA E 241 -15.53 -10.90 45.89
CA ALA E 241 -15.24 -12.29 46.21
C ALA E 241 -15.54 -12.59 47.67
N TYR E 242 -15.62 -13.88 48.00
CA TYR E 242 -15.84 -14.35 49.36
C TYR E 242 -15.34 -15.79 49.48
N ASP E 243 -14.97 -16.18 50.70
CA ASP E 243 -14.66 -17.57 51.01
C ASP E 243 -15.97 -18.34 51.14
N VAL E 244 -16.11 -19.42 50.36
CA VAL E 244 -17.35 -20.20 50.34
C VAL E 244 -17.49 -21.11 51.56
N ARG E 245 -16.42 -21.39 52.30
CA ARG E 245 -16.50 -22.30 53.45
C ARG E 245 -17.54 -21.92 54.51
N PRO E 246 -17.80 -20.64 54.79
CA PRO E 246 -18.97 -20.30 55.64
C PRO E 246 -20.33 -20.62 55.00
N ILE E 247 -20.47 -20.59 53.67
CA ILE E 247 -21.69 -21.09 53.04
C ILE E 247 -21.84 -22.59 53.27
N VAL E 248 -20.78 -23.35 52.95
CA VAL E 248 -20.80 -24.79 53.15
C VAL E 248 -21.20 -25.12 54.58
N THR E 249 -20.41 -24.66 55.55
CA THR E 249 -20.64 -25.02 56.95
C THR E 249 -21.98 -24.53 57.47
N ALA E 250 -22.58 -23.53 56.82
CA ALA E 250 -23.94 -23.16 57.19
C ALA E 250 -24.98 -24.14 56.65
N ILE E 251 -24.69 -24.80 55.52
CA ILE E 251 -25.59 -25.83 55.01
C ILE E 251 -25.50 -27.10 55.88
N LEU E 252 -24.28 -27.51 56.22
CA LEU E 252 -24.03 -28.69 57.04
C LEU E 252 -24.42 -28.42 58.48
N ASP E 253 -24.48 -29.52 59.24
CA ASP E 253 -25.00 -29.53 60.61
C ASP E 253 -24.20 -28.61 61.52
N ALA E 254 -24.92 -27.87 62.37
CA ALA E 254 -24.36 -26.69 63.04
C ALA E 254 -23.03 -26.99 63.71
N ASP E 255 -23.03 -27.92 64.65
CA ASP E 255 -21.76 -28.38 65.22
C ASP E 255 -21.61 -29.85 64.94
N THR E 256 -20.99 -30.12 63.79
CA THR E 256 -20.28 -31.31 63.36
C THR E 256 -19.16 -30.83 62.44
N PRO E 257 -17.95 -31.34 62.59
CA PRO E 257 -16.84 -30.92 61.69
C PRO E 257 -17.17 -31.11 60.23
N PHE E 258 -16.71 -30.17 59.40
CA PHE E 258 -16.59 -30.36 57.97
C PHE E 258 -15.16 -30.82 57.72
N ASP E 259 -14.99 -32.07 57.26
CA ASP E 259 -13.66 -32.64 57.04
C ASP E 259 -13.20 -32.31 55.63
N GLU E 260 -12.69 -31.09 55.46
CA GLU E 260 -12.26 -30.65 54.15
C GLU E 260 -11.06 -31.46 53.68
N PHE E 261 -11.10 -31.89 52.42
CA PHE E 261 -9.98 -32.60 51.79
C PHE E 261 -9.11 -31.62 51.00
N GLN E 262 -7.79 -31.78 51.11
CA GLN E 262 -6.82 -31.15 50.19
C GLN E 262 -6.99 -29.63 50.10
N ALA E 263 -6.97 -28.95 51.26
CA ALA E 263 -7.36 -27.55 51.31
C ALA E 263 -6.33 -26.63 50.66
N ASN E 264 -5.06 -26.97 50.73
CA ASN E 264 -4.07 -26.10 50.12
C ASN E 264 -3.71 -26.52 48.70
N TRP E 265 -4.51 -27.41 48.12
CA TRP E 265 -4.35 -27.88 46.75
C TRP E 265 -5.58 -27.49 45.95
N ALA E 266 -5.36 -26.86 44.81
CA ALA E 266 -6.45 -26.39 43.98
C ALA E 266 -7.52 -25.64 44.81
N PRO E 267 -7.14 -24.52 45.44
CA PRO E 267 -8.07 -23.87 46.38
C PRO E 267 -9.21 -23.12 45.71
N SER E 268 -9.32 -23.11 44.37
CA SER E 268 -10.50 -22.57 43.74
C SER E 268 -11.71 -23.51 43.86
N MET E 269 -11.47 -24.74 44.35
CA MET E 269 -12.45 -25.80 44.55
C MET E 269 -12.30 -26.31 45.98
N VAL E 270 -13.42 -26.47 46.67
CA VAL E 270 -13.49 -26.96 48.04
C VAL E 270 -14.26 -28.26 48.03
N VAL E 271 -13.70 -29.31 48.63
CA VAL E 271 -14.38 -30.60 48.70
C VAL E 271 -14.15 -31.20 50.07
N GLY E 272 -15.15 -31.94 50.56
CA GLY E 272 -14.96 -32.64 51.83
C GLY E 272 -16.20 -33.39 52.27
N LEU E 273 -16.04 -34.11 53.38
CA LEU E 273 -17.14 -34.81 54.02
C LEU E 273 -17.65 -34.05 55.23
N GLY E 274 -18.98 -34.08 55.39
CA GLY E 274 -19.65 -33.50 56.53
C GLY E 274 -20.96 -34.24 56.73
N ARG E 275 -21.90 -33.65 57.47
CA ARG E 275 -23.16 -34.32 57.76
C ARG E 275 -24.32 -33.35 57.60
N LEU E 276 -25.38 -33.83 56.97
CA LEU E 276 -26.55 -33.01 56.64
C LEU E 276 -27.75 -33.70 57.26
N SER E 277 -28.31 -33.06 58.30
CA SER E 277 -29.32 -33.69 59.17
C SER E 277 -28.87 -35.06 59.67
N GLY E 278 -27.56 -35.24 59.89
CA GLY E 278 -27.03 -36.48 60.43
C GLY E 278 -26.55 -37.51 59.41
N ARG E 279 -26.83 -37.31 58.12
CA ARG E 279 -26.41 -38.20 57.03
C ARG E 279 -25.06 -37.74 56.46
N THR E 280 -24.14 -38.67 56.29
CA THR E 280 -22.86 -38.36 55.63
C THR E 280 -23.12 -37.85 54.22
N VAL E 281 -22.59 -36.67 53.91
CA VAL E 281 -22.63 -36.13 52.55
C VAL E 281 -21.26 -35.60 52.21
N GLY E 282 -20.99 -35.54 50.91
CA GLY E 282 -19.80 -34.87 50.40
C GLY E 282 -20.18 -33.58 49.71
N VAL E 283 -19.32 -32.57 49.82
CA VAL E 283 -19.58 -31.25 49.25
C VAL E 283 -18.50 -30.91 48.22
N LEU E 284 -18.93 -30.42 47.07
CA LEU E 284 -18.06 -29.76 46.09
C LEU E 284 -18.56 -28.36 45.86
N ALA E 285 -17.67 -27.38 46.02
CA ALA E 285 -18.08 -25.98 45.98
C ALA E 285 -16.98 -25.11 45.38
N ASN E 286 -17.34 -24.29 44.41
CA ASN E 286 -16.39 -23.32 43.90
C ASN E 286 -16.12 -22.26 44.97
N ASN E 287 -14.85 -21.89 45.11
CA ASN E 287 -14.41 -20.88 46.07
C ASN E 287 -14.08 -19.59 45.33
N PRO E 288 -14.97 -18.59 45.35
CA PRO E 288 -14.70 -17.33 44.64
C PRO E 288 -13.46 -16.61 45.14
N LEU E 289 -13.01 -16.93 46.35
CA LEU E 289 -11.86 -16.24 46.94
C LEU E 289 -10.55 -16.56 46.25
N ARG E 290 -10.50 -17.55 45.37
CA ARG E 290 -9.27 -17.99 44.75
C ARG E 290 -9.51 -18.20 43.27
N LEU E 291 -8.69 -17.57 42.43
CA LEU E 291 -8.83 -17.66 40.98
C LEU E 291 -10.25 -17.30 40.52
N GLY E 292 -10.93 -16.45 41.29
CA GLY E 292 -12.28 -16.03 40.96
C GLY E 292 -13.31 -17.15 41.04
N GLY E 293 -12.90 -18.31 41.52
CA GLY E 293 -13.78 -19.45 41.53
C GLY E 293 -13.71 -20.28 40.26
N CYS E 294 -12.79 -19.96 39.36
CA CYS E 294 -12.71 -20.66 38.08
C CYS E 294 -12.31 -22.13 38.26
N LEU E 295 -12.64 -22.93 37.24
CA LEU E 295 -12.12 -24.27 37.12
C LEU E 295 -10.77 -24.23 36.42
N ASN E 296 -9.83 -25.06 36.88
CA ASN E 296 -8.62 -25.30 36.13
C ASN E 296 -8.29 -26.79 36.25
N SER E 297 -7.12 -27.19 35.80
CA SER E 297 -6.88 -28.64 35.76
C SER E 297 -6.79 -29.24 37.16
N GLU E 298 -6.24 -28.54 38.15
CA GLU E 298 -6.14 -29.18 39.46
C GLU E 298 -7.50 -29.28 40.13
N SER E 299 -8.30 -28.22 40.04
CA SER E 299 -9.65 -28.25 40.59
C SER E 299 -10.56 -29.28 39.90
N ALA E 300 -10.47 -29.42 38.58
CA ALA E 300 -11.18 -30.52 37.92
C ALA E 300 -10.73 -31.87 38.44
N GLU E 301 -9.43 -32.07 38.61
CA GLU E 301 -8.94 -33.36 39.09
C GLU E 301 -9.31 -33.59 40.55
N LYS E 302 -9.15 -32.55 41.39
CA LYS E 302 -9.67 -32.59 42.75
C LYS E 302 -11.13 -33.02 42.78
N ALA E 303 -11.98 -32.34 42.01
CA ALA E 303 -13.41 -32.67 42.02
C ALA E 303 -13.67 -34.09 41.54
N ALA E 304 -13.00 -34.54 40.48
CA ALA E 304 -13.33 -35.82 39.88
C ALA E 304 -12.99 -36.99 40.81
N ARG E 305 -11.80 -36.97 41.43
CA ARG E 305 -11.48 -38.03 42.37
C ARG E 305 -12.48 -38.07 43.50
N PHE E 306 -12.84 -36.91 44.02
CA PHE E 306 -13.76 -36.87 45.14
C PHE E 306 -15.16 -37.34 44.73
N VAL E 307 -15.59 -37.03 43.50
CA VAL E 307 -16.90 -37.51 43.04
C VAL E 307 -16.89 -39.04 42.95
N ARG E 308 -15.83 -39.61 42.35
CA ARG E 308 -15.78 -41.06 42.22
CA ARG E 308 -15.75 -41.06 42.22
C ARG E 308 -15.74 -41.74 43.59
N LEU E 309 -15.18 -41.08 44.60
CA LEU E 309 -15.03 -41.71 45.91
C LEU E 309 -16.36 -41.77 46.65
N CYS E 310 -17.13 -40.67 46.66
CA CYS E 310 -18.47 -40.77 47.23
C CYS E 310 -19.36 -41.69 46.42
N ASP E 311 -19.18 -41.74 45.11
CA ASP E 311 -20.01 -42.62 44.29
C ASP E 311 -19.79 -44.08 44.66
N ALA E 312 -18.54 -44.44 44.96
CA ALA E 312 -18.26 -45.84 45.26
C ALA E 312 -18.86 -46.27 46.58
N PHE E 313 -18.96 -45.35 47.54
CA PHE E 313 -19.35 -45.70 48.90
C PHE E 313 -20.75 -45.25 49.25
N GLY E 314 -21.54 -44.80 48.27
CA GLY E 314 -22.92 -44.48 48.50
C GLY E 314 -23.19 -43.17 49.18
N ILE E 315 -22.28 -42.21 49.06
CA ILE E 315 -22.37 -40.93 49.76
C ILE E 315 -22.97 -39.90 48.81
N PRO E 316 -24.12 -39.29 49.12
CA PRO E 316 -24.71 -38.31 48.20
C PRO E 316 -23.94 -37.00 48.20
N LEU E 317 -24.06 -36.26 47.10
CA LEU E 317 -23.22 -35.10 46.83
C LEU E 317 -24.04 -33.82 46.81
N VAL E 318 -23.55 -32.80 47.52
CA VAL E 318 -24.04 -31.43 47.40
C VAL E 318 -23.04 -30.62 46.57
N VAL E 319 -23.50 -30.01 45.49
CA VAL E 319 -22.61 -29.24 44.62
C VAL E 319 -23.09 -27.79 44.61
N VAL E 320 -22.31 -26.91 45.24
CA VAL E 320 -22.60 -25.47 45.31
C VAL E 320 -21.83 -24.79 44.21
N VAL E 321 -22.51 -24.04 43.35
CA VAL E 321 -21.91 -23.55 42.12
C VAL E 321 -21.91 -22.02 42.11
N ASP E 322 -20.74 -21.46 41.82
CA ASP E 322 -20.55 -20.04 41.61
C ASP E 322 -19.25 -19.95 40.79
N VAL E 323 -19.35 -20.23 39.49
CA VAL E 323 -18.20 -20.45 38.63
C VAL E 323 -18.33 -19.59 37.37
N PRO E 324 -17.39 -18.69 37.09
CA PRO E 324 -17.51 -17.80 35.92
C PRO E 324 -16.73 -18.23 34.67
N GLY E 325 -15.89 -19.26 34.73
CA GLY E 325 -15.14 -19.71 33.58
C GLY E 325 -14.10 -20.73 34.00
N TYR E 326 -13.17 -21.00 33.09
CA TYR E 326 -12.04 -21.87 33.40
C TYR E 326 -10.76 -21.22 32.90
N LEU E 327 -9.63 -21.87 33.12
CA LEU E 327 -8.34 -21.20 33.02
C LEU E 327 -7.29 -22.20 32.59
N PRO E 328 -6.29 -21.79 31.83
CA PRO E 328 -5.25 -22.72 31.42
C PRO E 328 -4.13 -22.75 32.44
N GLY E 329 -3.02 -23.39 32.10
CA GLY E 329 -1.87 -23.44 32.97
C GLY E 329 -1.13 -22.12 33.02
N VAL E 330 -0.04 -22.12 33.78
CA VAL E 330 0.82 -20.94 33.91
C VAL E 330 1.23 -20.44 32.52
N ASP E 331 1.33 -21.35 31.57
CA ASP E 331 2.00 -21.18 30.30
C ASP E 331 1.00 -20.92 29.18
N GLN E 332 -0.27 -20.82 29.51
CA GLN E 332 -1.38 -21.04 28.57
C GLN E 332 -1.38 -22.48 28.03
N GLU E 333 -1.14 -23.45 28.91
CA GLU E 333 -1.38 -24.85 28.56
C GLU E 333 -2.83 -25.19 28.83
N TRP E 334 -3.56 -25.55 27.78
CA TRP E 334 -4.93 -26.00 27.93
C TRP E 334 -5.04 -27.51 28.03
N GLY E 335 -3.96 -28.24 27.76
CA GLY E 335 -4.06 -29.69 27.76
C GLY E 335 -4.54 -30.25 29.09
N GLY E 336 -4.12 -29.62 30.18
CA GLY E 336 -4.52 -30.09 31.50
C GLY E 336 -6.00 -29.88 31.76
N VAL E 337 -6.49 -28.67 31.51
CA VAL E 337 -7.89 -28.41 31.78
C VAL E 337 -8.81 -29.19 30.84
N VAL E 338 -8.33 -29.60 29.67
CA VAL E 338 -9.17 -30.35 28.73
C VAL E 338 -9.23 -31.82 29.14
N ARG E 339 -8.06 -32.44 29.35
CA ARG E 339 -8.03 -33.82 29.80
C ARG E 339 -8.77 -33.98 31.13
N ARG E 340 -8.45 -33.13 32.10
CA ARG E 340 -9.06 -33.30 33.40
C ARG E 340 -10.46 -32.72 33.46
N GLY E 341 -10.74 -31.69 32.67
CA GLY E 341 -12.12 -31.26 32.51
C GLY E 341 -13.00 -32.40 32.03
N ALA E 342 -12.50 -33.18 31.07
CA ALA E 342 -13.26 -34.32 30.58
C ALA E 342 -13.46 -35.37 31.68
N LYS E 343 -12.41 -35.66 32.45
CA LYS E 343 -12.55 -36.66 33.50
C LYS E 343 -13.57 -36.24 34.56
N LEU E 344 -13.75 -34.94 34.79
CA LEU E 344 -14.81 -34.47 35.66
C LEU E 344 -16.18 -34.74 35.05
N LEU E 345 -16.35 -34.46 33.75
CA LEU E 345 -17.60 -34.76 33.07
C LEU E 345 -17.94 -36.22 33.19
N HIS E 346 -16.93 -37.07 33.00
CA HIS E 346 -17.12 -38.52 33.12
C HIS E 346 -17.49 -38.93 34.54
N ALA E 347 -16.88 -38.31 35.53
CA ALA E 347 -17.21 -38.62 36.91
C ALA E 347 -18.69 -38.33 37.19
N PHE E 348 -19.15 -37.12 36.89
CA PHE E 348 -20.54 -36.79 37.16
C PHE E 348 -21.49 -37.57 36.25
N GLY E 349 -21.16 -37.68 34.96
CA GLY E 349 -22.02 -38.39 34.04
C GLY E 349 -22.24 -39.86 34.35
N GLU E 350 -21.26 -40.52 34.96
CA GLU E 350 -21.37 -41.95 35.29
C GLU E 350 -21.82 -42.22 36.70
N CYS E 351 -22.13 -41.18 37.46
CA CYS E 351 -22.33 -41.27 38.90
C CYS E 351 -23.77 -41.62 39.23
N THR E 352 -23.98 -42.40 40.28
CA THR E 352 -25.30 -42.94 40.53
C THR E 352 -25.89 -42.61 41.89
N VAL E 353 -25.14 -42.01 42.80
CA VAL E 353 -25.68 -41.58 44.09
C VAL E 353 -26.47 -40.30 43.84
N PRO E 354 -27.41 -39.93 44.70
CA PRO E 354 -28.04 -38.62 44.54
C PRO E 354 -26.99 -37.52 44.58
N ARG E 355 -27.18 -36.52 43.73
CA ARG E 355 -26.29 -35.37 43.66
C ARG E 355 -27.13 -34.16 43.28
N VAL E 356 -27.27 -33.21 44.19
CA VAL E 356 -28.05 -32.01 43.93
C VAL E 356 -27.08 -30.88 43.69
N THR E 357 -27.52 -29.90 42.92
CA THR E 357 -26.72 -28.75 42.57
C THR E 357 -27.46 -27.51 43.01
N LEU E 358 -26.72 -26.57 43.57
CA LEU E 358 -27.29 -25.30 44.00
C LEU E 358 -26.49 -24.19 43.35
N VAL E 359 -27.14 -23.42 42.48
CA VAL E 359 -26.55 -22.23 41.89
C VAL E 359 -26.84 -21.06 42.83
N THR E 360 -25.76 -20.45 43.36
CA THR E 360 -25.88 -19.32 44.28
C THR E 360 -25.84 -17.97 43.56
N ARG E 361 -24.75 -17.69 42.81
CA ARG E 361 -24.64 -16.42 42.09
C ARG E 361 -24.60 -16.63 40.58
N LYS E 362 -23.53 -17.20 40.04
CA LYS E 362 -23.44 -17.32 38.61
C LYS E 362 -22.91 -18.70 38.25
N THR E 363 -23.24 -19.13 37.04
CA THR E 363 -22.66 -20.32 36.47
C THR E 363 -22.69 -20.15 34.96
N TYR E 364 -21.52 -20.28 34.34
CA TYR E 364 -21.27 -19.75 33.02
C TYR E 364 -20.60 -20.81 32.15
N GLY E 365 -21.14 -21.02 30.95
CA GLY E 365 -20.37 -21.66 29.89
C GLY E 365 -20.04 -23.11 30.13
N GLY E 366 -18.86 -23.51 29.64
CA GLY E 366 -18.44 -24.90 29.78
C GLY E 366 -18.36 -25.36 31.23
N ALA E 367 -17.94 -24.46 32.12
CA ALA E 367 -17.90 -24.83 33.53
C ALA E 367 -19.30 -25.10 34.07
N TYR E 368 -20.31 -24.43 33.53
CA TYR E 368 -21.67 -24.71 33.95
C TYR E 368 -22.07 -26.15 33.63
N ILE E 369 -21.74 -26.61 32.42
CA ILE E 369 -22.07 -27.98 32.04
C ILE E 369 -21.36 -28.96 32.94
N ALA E 370 -20.15 -28.63 33.39
CA ALA E 370 -19.35 -29.62 34.10
C ALA E 370 -19.74 -29.73 35.57
N MET E 371 -20.22 -28.65 36.19
CA MET E 371 -20.57 -28.64 37.61
C MET E 371 -21.95 -29.26 37.85
N ASN E 372 -22.08 -30.54 37.51
CA ASN E 372 -23.29 -31.31 37.84
C ASN E 372 -24.56 -30.66 37.26
N SER E 373 -24.55 -30.52 35.94
CA SER E 373 -25.67 -29.91 35.26
C SER E 373 -26.75 -30.94 34.96
N ARG E 374 -27.90 -30.41 34.52
CA ARG E 374 -29.00 -31.26 34.08
C ARG E 374 -28.56 -32.18 32.94
N SER E 375 -27.69 -31.68 32.06
CA SER E 375 -27.27 -32.50 30.92
C SER E 375 -26.47 -33.73 31.34
N LEU E 376 -25.74 -33.65 32.46
CA LEU E 376 -25.09 -34.84 33.01
C LEU E 376 -25.98 -35.59 34.01
N ASN E 377 -27.29 -35.35 33.99
CA ASN E 377 -28.29 -36.10 34.75
C ASN E 377 -28.18 -35.85 36.26
N ALA E 378 -27.98 -34.59 36.65
CA ALA E 378 -28.07 -34.23 38.06
C ALA E 378 -29.44 -34.57 38.64
N THR E 379 -29.44 -35.02 39.90
CA THR E 379 -30.68 -35.42 40.57
C THR E 379 -31.70 -34.27 40.60
N LYS E 380 -31.30 -33.10 41.10
CA LYS E 380 -32.14 -31.93 41.08
C LYS E 380 -31.22 -30.71 41.09
N VAL E 381 -31.68 -29.62 40.47
CA VAL E 381 -30.91 -28.38 40.33
C VAL E 381 -31.70 -27.24 40.94
N PHE E 382 -31.09 -26.52 41.87
CA PHE E 382 -31.74 -25.43 42.56
C PHE E 382 -31.01 -24.12 42.27
N ALA E 383 -31.74 -23.01 42.28
CA ALA E 383 -31.10 -21.72 42.11
C ALA E 383 -31.73 -20.73 43.07
N TRP E 384 -30.90 -19.93 43.73
CA TRP E 384 -31.39 -18.79 44.48
C TRP E 384 -31.97 -17.76 43.50
N PRO E 385 -32.86 -16.89 43.98
CA PRO E 385 -33.61 -16.04 43.03
C PRO E 385 -32.76 -15.16 42.12
N ASP E 386 -31.67 -14.58 42.64
CA ASP E 386 -30.86 -13.66 41.83
C ASP E 386 -29.81 -14.36 40.97
N ALA E 387 -29.70 -15.69 41.07
CA ALA E 387 -28.67 -16.42 40.35
C ALA E 387 -28.73 -16.15 38.84
N GLU E 388 -27.62 -16.42 38.18
CA GLU E 388 -27.48 -16.18 36.75
C GLU E 388 -26.92 -17.44 36.08
N VAL E 389 -27.64 -17.97 35.09
CA VAL E 389 -27.25 -19.18 34.37
C VAL E 389 -27.18 -18.84 32.90
N ALA E 390 -25.96 -18.71 32.37
CA ALA E 390 -25.82 -18.09 31.05
C ALA E 390 -24.57 -18.60 30.36
N VAL E 391 -24.48 -18.33 29.04
CA VAL E 391 -23.25 -18.66 28.32
C VAL E 391 -22.08 -17.81 28.79
N MET E 392 -22.34 -16.58 29.22
CA MET E 392 -21.32 -15.67 29.75
C MET E 392 -22.01 -14.42 30.27
N GLY E 393 -21.26 -13.44 30.78
CA GLY E 393 -21.89 -12.21 31.22
C GLY E 393 -22.60 -11.50 30.09
N ALA E 394 -23.67 -10.79 30.45
CA ALA E 394 -24.44 -10.08 29.42
C ALA E 394 -23.55 -9.16 28.59
N LYS E 395 -22.73 -8.34 29.25
CA LYS E 395 -21.85 -7.43 28.51
C LYS E 395 -20.87 -8.19 27.64
N ALA E 396 -20.24 -9.24 28.18
CA ALA E 396 -19.36 -10.05 27.36
C ALA E 396 -20.07 -10.51 26.10
N ALA E 397 -21.34 -10.91 26.22
CA ALA E 397 -22.02 -11.53 25.09
C ALA E 397 -22.34 -10.51 24.00
N VAL E 398 -22.99 -9.39 24.35
CA VAL E 398 -23.28 -8.41 23.31
C VAL E 398 -22.00 -7.78 22.80
N GLY E 399 -20.94 -7.82 23.60
CA GLY E 399 -19.64 -7.48 23.08
C GLY E 399 -19.26 -8.31 21.88
N ILE E 400 -19.64 -9.58 21.87
CA ILE E 400 -19.39 -10.48 20.74
C ILE E 400 -20.51 -10.40 19.71
N LEU E 401 -21.77 -10.59 20.16
CA LEU E 401 -22.90 -10.59 19.23
C LEU E 401 -23.00 -9.30 18.44
N HIS E 402 -22.50 -8.18 18.98
CA HIS E 402 -22.60 -6.88 18.31
C HIS E 402 -21.25 -6.14 18.25
N LYS E 403 -20.14 -6.89 18.10
CA LYS E 403 -18.81 -6.29 18.01
C LYS E 403 -18.81 -5.10 17.05
N LYS E 404 -19.49 -5.25 15.90
CA LYS E 404 -19.47 -4.24 14.85
C LYS E 404 -20.38 -3.04 15.16
N LYS E 405 -21.57 -3.27 15.75
CA LYS E 405 -22.41 -2.13 16.09
C LYS E 405 -21.78 -1.26 17.18
N LEU E 406 -20.89 -1.82 18.01
CA LEU E 406 -20.25 -0.98 19.02
C LEU E 406 -19.00 -0.29 18.50
N ALA E 407 -18.16 -0.99 17.74
CA ALA E 407 -16.95 -0.38 17.20
C ALA E 407 -17.26 0.82 16.30
N ALA E 408 -18.39 0.78 15.59
CA ALA E 408 -18.81 1.87 14.73
C ALA E 408 -19.49 3.01 15.48
N ALA E 409 -19.58 2.94 16.80
CA ALA E 409 -20.18 4.02 17.55
C ALA E 409 -19.17 5.14 17.80
N PRO E 410 -19.65 6.38 17.97
CA PRO E 410 -18.82 7.42 18.59
C PRO E 410 -18.29 6.95 19.94
N GLU E 411 -17.00 7.18 20.18
CA GLU E 411 -16.37 6.54 21.32
C GLU E 411 -16.92 7.08 22.65
N HIS E 412 -17.38 8.32 22.69
CA HIS E 412 -17.98 8.80 23.93
C HIS E 412 -19.40 8.29 24.13
N GLU E 413 -20.02 7.71 23.11
CA GLU E 413 -21.32 7.09 23.27
C GLU E 413 -21.24 5.58 23.40
N ARG E 414 -20.08 5.00 23.03
CA ARG E 414 -19.95 3.55 22.93
C ARG E 414 -20.35 2.82 24.21
N GLU E 415 -20.04 3.39 25.38
CA GLU E 415 -20.31 2.58 26.56
C GLU E 415 -21.75 2.71 27.03
N ALA E 416 -22.43 3.80 26.71
CA ALA E 416 -23.87 3.82 26.99
C ALA E 416 -24.59 2.83 26.09
N LEU E 417 -24.11 2.68 24.86
CA LEU E 417 -24.70 1.71 23.94
C LEU E 417 -24.42 0.27 24.39
N HIS E 418 -23.20 0.01 24.91
CA HIS E 418 -22.89 -1.31 25.46
C HIS E 418 -23.82 -1.67 26.60
N ASP E 419 -24.10 -0.70 27.48
CA ASP E 419 -24.92 -0.94 28.66
C ASP E 419 -26.38 -1.12 28.32
N GLN E 420 -26.86 -0.44 27.28
CA GLN E 420 -28.25 -0.63 26.88
C GLN E 420 -28.42 -1.94 26.13
N LEU E 421 -27.45 -2.31 25.28
CA LEU E 421 -27.50 -3.60 24.61
C LEU E 421 -27.41 -4.75 25.60
N ALA E 422 -26.65 -4.56 26.67
CA ALA E 422 -26.50 -5.60 27.68
C ALA E 422 -27.77 -5.76 28.49
N ALA E 423 -28.38 -4.64 28.91
CA ALA E 423 -29.62 -4.70 29.69
C ALA E 423 -30.77 -5.34 28.93
N GLU E 424 -30.74 -5.32 27.59
CA GLU E 424 -31.81 -5.97 26.86
C GLU E 424 -31.46 -7.42 26.54
N HIS E 425 -30.17 -7.74 26.49
CA HIS E 425 -29.79 -9.15 26.37
C HIS E 425 -30.22 -9.94 27.59
N GLU E 426 -30.31 -9.28 28.75
CA GLU E 426 -30.67 -9.97 29.98
C GLU E 426 -32.13 -9.82 30.37
N ARG E 427 -32.93 -9.06 29.62
CA ARG E 427 -34.37 -9.20 29.76
C ARG E 427 -34.84 -10.58 29.28
N ILE E 428 -34.13 -11.16 28.31
CA ILE E 428 -34.51 -12.46 27.77
C ILE E 428 -33.61 -13.58 28.31
N ALA E 429 -32.30 -13.39 28.42
CA ALA E 429 -31.37 -14.45 28.78
C ALA E 429 -30.82 -14.28 30.20
N GLY E 430 -30.26 -15.39 30.73
CA GLY E 430 -29.36 -15.36 31.85
C GLY E 430 -29.95 -15.64 33.22
N GLY E 431 -31.26 -15.47 33.40
CA GLY E 431 -31.87 -15.52 34.71
C GLY E 431 -32.53 -16.87 35.08
N VAL E 432 -32.99 -16.94 36.33
CA VAL E 432 -33.51 -18.20 36.83
C VAL E 432 -34.86 -18.51 36.19
N ASP E 433 -35.65 -17.47 35.89
CA ASP E 433 -36.94 -17.67 35.21
C ASP E 433 -36.75 -18.24 33.80
N SER E 434 -35.77 -17.71 33.07
CA SER E 434 -35.47 -18.24 31.76
C SER E 434 -34.92 -19.67 31.84
N ALA E 435 -34.17 -19.98 32.91
CA ALA E 435 -33.58 -21.31 33.04
C ALA E 435 -34.61 -22.35 33.43
N LEU E 436 -35.67 -21.94 34.12
CA LEU E 436 -36.75 -22.85 34.47
C LEU E 436 -37.57 -23.22 33.24
N ASP E 437 -37.76 -22.27 32.32
CA ASP E 437 -38.45 -22.57 31.07
C ASP E 437 -37.68 -23.58 30.23
N ILE E 438 -36.40 -23.30 29.97
CA ILE E 438 -35.56 -24.28 29.26
C ILE E 438 -35.61 -25.63 29.97
N GLY E 439 -35.58 -25.61 31.30
CA GLY E 439 -35.58 -26.81 32.10
C GLY E 439 -34.24 -27.19 32.71
N VAL E 440 -33.21 -26.32 32.63
CA VAL E 440 -31.92 -26.62 33.24
C VAL E 440 -31.84 -26.25 34.73
N VAL E 441 -32.75 -25.46 35.24
CA VAL E 441 -32.95 -25.31 36.67
C VAL E 441 -34.31 -25.90 37.00
N ASP E 442 -34.42 -26.59 38.12
CA ASP E 442 -35.67 -27.26 38.47
C ASP E 442 -36.55 -26.45 39.41
N GLU E 443 -35.97 -25.65 40.31
CA GLU E 443 -36.78 -24.87 41.24
C GLU E 443 -36.00 -23.67 41.75
N LYS E 444 -36.67 -22.51 41.79
CA LYS E 444 -36.13 -21.34 42.48
C LYS E 444 -36.49 -21.46 43.94
N ILE E 445 -35.50 -21.31 44.82
CA ILE E 445 -35.74 -21.53 46.25
C ILE E 445 -35.32 -20.30 47.05
N ASP E 446 -36.13 -20.00 48.07
CA ASP E 446 -35.78 -19.05 49.11
C ASP E 446 -34.47 -19.49 49.78
N PRO E 447 -33.43 -18.68 49.73
CA PRO E 447 -32.15 -19.08 50.34
C PRO E 447 -32.31 -19.44 51.81
N ALA E 448 -33.35 -18.92 52.46
CA ALA E 448 -33.60 -19.24 53.87
C ALA E 448 -34.00 -20.70 54.11
N HIS E 449 -34.40 -21.45 53.07
CA HIS E 449 -34.68 -22.88 53.19
C HIS E 449 -33.68 -23.74 52.44
N THR E 450 -32.49 -23.20 52.17
CA THR E 450 -31.53 -23.92 51.34
C THR E 450 -31.22 -25.30 51.90
N ARG E 451 -30.95 -25.35 53.21
CA ARG E 451 -30.53 -26.59 53.84
C ARG E 451 -31.63 -27.64 53.81
N SER E 452 -32.89 -27.23 53.92
CA SER E 452 -33.92 -28.26 53.97
C SER E 452 -34.40 -28.65 52.58
N LYS E 453 -34.16 -27.80 51.57
CA LYS E 453 -34.49 -28.17 50.20
C LYS E 453 -33.49 -29.16 49.61
N LEU E 454 -32.19 -28.96 49.85
CA LEU E 454 -31.22 -29.99 49.47
C LEU E 454 -31.49 -31.31 50.20
N THR E 455 -31.80 -31.26 51.49
CA THR E 455 -32.07 -32.49 52.22
C THR E 455 -33.27 -33.23 51.63
N GLU E 456 -34.33 -32.50 51.32
CA GLU E 456 -35.51 -33.10 50.70
C GLU E 456 -35.13 -33.88 49.45
N ALA E 457 -34.35 -33.25 48.54
CA ALA E 457 -34.09 -33.88 47.25
C ALA E 457 -33.08 -35.02 47.35
N LEU E 458 -32.12 -34.93 48.26
CA LEU E 458 -31.25 -36.09 48.47
C LEU E 458 -32.02 -37.24 49.10
N ALA E 459 -32.95 -36.94 50.00
CA ALA E 459 -33.62 -38.01 50.73
C ALA E 459 -34.57 -38.78 49.84
N GLN E 460 -35.27 -38.10 48.93
CA GLN E 460 -36.31 -38.75 48.15
C GLN E 460 -35.81 -39.27 46.81
N ALA E 461 -34.53 -39.07 46.50
CA ALA E 461 -33.96 -39.65 45.30
C ALA E 461 -33.75 -41.15 45.47
N PRO E 462 -33.78 -41.91 44.39
CA PRO E 462 -33.30 -43.30 44.47
C PRO E 462 -31.88 -43.35 45.02
N ALA E 463 -31.55 -44.44 45.72
CA ALA E 463 -30.18 -44.55 46.21
C ALA E 463 -29.20 -44.83 45.05
N ARG E 464 -29.67 -45.45 43.97
CA ARG E 464 -28.83 -45.69 42.79
C ARG E 464 -29.62 -45.39 41.52
N ARG E 465 -28.91 -45.38 40.38
CA ARG E 465 -29.35 -44.85 39.07
C ARG E 465 -29.61 -43.35 39.13
N GLY E 466 -29.22 -42.65 38.06
CA GLY E 466 -29.12 -41.20 38.01
C GLY E 466 -27.93 -40.79 37.13
N LEU F 13 -17.48 -28.86 -5.31
CA LEU F 13 -18.05 -28.75 -3.97
C LEU F 13 -17.00 -28.17 -3.03
N ASP F 14 -17.44 -27.47 -1.99
CA ASP F 14 -16.51 -26.88 -1.03
C ASP F 14 -15.72 -27.98 -0.31
N PRO F 15 -14.42 -27.78 -0.09
CA PRO F 15 -13.65 -28.75 0.70
C PRO F 15 -14.25 -29.13 2.04
N ARG F 16 -14.96 -28.22 2.69
CA ARG F 16 -15.55 -28.44 4.01
C ARG F 16 -16.95 -29.02 3.97
N ASP F 17 -17.51 -29.27 2.78
CA ASP F 17 -18.88 -29.77 2.70
C ASP F 17 -19.03 -31.06 3.52
N PRO F 18 -20.01 -31.15 4.42
CA PRO F 18 -20.10 -32.36 5.26
C PRO F 18 -20.32 -33.63 4.46
N LEU F 19 -21.24 -33.62 3.49
CA LEU F 19 -21.46 -34.84 2.70
C LEU F 19 -20.21 -35.23 1.92
N LEU F 20 -19.36 -34.28 1.53
CA LEU F 20 -18.13 -34.68 0.87
C LEU F 20 -17.13 -35.25 1.87
N ARG F 21 -17.14 -34.75 3.10
CA ARG F 21 -16.19 -35.23 4.10
C ARG F 21 -16.54 -36.64 4.56
N LEU F 22 -17.81 -36.87 4.91
CA LEU F 22 -18.28 -38.22 5.19
C LEU F 22 -17.89 -39.19 4.08
N SER F 23 -18.03 -38.75 2.82
CA SER F 23 -17.85 -39.65 1.69
C SER F 23 -16.39 -40.02 1.48
N ASN F 24 -15.46 -39.11 1.79
CA ASN F 24 -14.05 -39.48 1.75
C ASN F 24 -13.73 -40.51 2.81
N PHE F 25 -14.42 -40.47 3.95
CA PHE F 25 -14.12 -41.37 5.05
C PHE F 25 -14.70 -42.75 4.81
N PHE F 26 -15.99 -42.82 4.49
CA PHE F 26 -16.68 -44.08 4.34
C PHE F 26 -16.25 -44.82 3.08
N ASP F 27 -16.59 -46.11 3.05
CA ASP F 27 -16.48 -46.89 1.80
C ASP F 27 -17.29 -46.23 0.68
N ASP F 28 -16.77 -46.32 -0.54
CA ASP F 28 -17.48 -45.71 -1.66
C ASP F 28 -18.86 -46.30 -1.83
N GLY F 29 -19.85 -45.43 -2.02
CA GLY F 29 -21.20 -45.88 -2.26
C GLY F 29 -21.89 -46.53 -1.08
N SER F 30 -21.39 -46.33 0.14
CA SER F 30 -22.02 -46.92 1.32
C SER F 30 -22.70 -45.90 2.23
N VAL F 31 -22.55 -44.60 1.95
CA VAL F 31 -23.20 -43.58 2.77
C VAL F 31 -24.72 -43.74 2.71
N GLU F 32 -25.36 -43.47 3.84
CA GLU F 32 -26.80 -43.49 4.01
C GLU F 32 -27.18 -42.53 5.10
N LEU F 33 -27.56 -41.33 4.76
CA LEU F 33 -27.87 -40.31 5.76
C LEU F 33 -28.90 -40.83 6.77
N LEU F 34 -28.73 -40.44 8.02
CA LEU F 34 -29.71 -40.77 9.05
C LEU F 34 -30.76 -39.67 9.21
N HIS F 35 -30.62 -38.57 8.47
CA HIS F 35 -31.54 -37.45 8.55
C HIS F 35 -31.32 -36.63 7.31
N GLU F 36 -32.28 -35.73 7.04
CA GLU F 36 -32.23 -34.85 5.88
C GLU F 36 -31.28 -33.69 6.14
N ARG F 37 -30.43 -33.39 5.14
CA ARG F 37 -29.55 -32.22 5.24
C ARG F 37 -30.34 -30.97 5.59
N ASP F 38 -29.75 -30.14 6.45
CA ASP F 38 -30.41 -28.92 6.90
C ASP F 38 -29.32 -27.91 7.24
N ARG F 39 -29.70 -26.83 7.92
CA ARG F 39 -28.75 -25.80 8.32
C ARG F 39 -28.28 -25.98 9.76
N SER F 40 -28.50 -27.15 10.35
CA SER F 40 -28.09 -27.37 11.73
C SER F 40 -26.58 -27.36 11.90
N GLY F 41 -25.82 -27.57 10.84
CA GLY F 41 -24.39 -27.66 11.00
C GLY F 41 -23.88 -29.02 11.42
N VAL F 42 -24.67 -30.06 11.20
CA VAL F 42 -24.27 -31.44 11.47
C VAL F 42 -24.92 -32.32 10.42
N LEU F 43 -24.18 -33.33 9.97
CA LEU F 43 -24.72 -34.33 9.05
C LEU F 43 -24.22 -35.67 9.55
N ALA F 44 -25.15 -36.54 9.94
CA ALA F 44 -24.82 -37.85 10.48
C ALA F 44 -25.27 -38.92 9.50
N ALA F 45 -24.51 -40.00 9.42
CA ALA F 45 -24.70 -40.97 8.36
C ALA F 45 -24.21 -42.33 8.83
N ALA F 46 -24.77 -43.39 8.23
CA ALA F 46 -24.24 -44.73 8.33
C ALA F 46 -23.41 -45.04 7.09
N GLY F 47 -22.46 -45.94 7.25
CA GLY F 47 -21.62 -46.34 6.13
C GLY F 47 -20.95 -47.64 6.45
N THR F 48 -19.92 -47.97 5.65
CA THR F 48 -19.03 -49.06 6.00
C THR F 48 -17.59 -48.57 5.91
N VAL F 49 -16.72 -49.21 6.70
CA VAL F 49 -15.29 -48.97 6.65
C VAL F 49 -14.65 -50.33 6.52
N ASN F 50 -14.21 -50.68 5.30
CA ASN F 50 -13.72 -52.02 4.95
C ASN F 50 -14.70 -53.11 5.39
N GLY F 51 -15.99 -52.83 5.24
CA GLY F 51 -17.03 -53.80 5.50
C GLY F 51 -17.74 -53.64 6.82
N VAL F 52 -17.16 -52.92 7.76
CA VAL F 52 -17.73 -52.75 9.10
C VAL F 52 -18.80 -51.67 9.07
N ARG F 53 -19.98 -51.97 9.60
CA ARG F 53 -21.05 -50.98 9.69
C ARG F 53 -20.63 -49.91 10.70
N THR F 54 -20.36 -48.70 10.21
CA THR F 54 -19.92 -47.59 11.03
C THR F 54 -21.00 -46.51 11.04
N ILE F 55 -21.05 -45.73 12.11
CA ILE F 55 -21.85 -44.52 12.17
C ILE F 55 -20.88 -43.35 12.24
N ALA F 56 -21.23 -42.27 11.56
CA ALA F 56 -20.39 -41.08 11.53
C ALA F 56 -21.24 -39.81 11.50
N PHE F 57 -20.72 -38.77 12.13
CA PHE F 57 -21.29 -37.45 12.03
C PHE F 57 -20.17 -36.49 11.71
N CYS F 58 -20.51 -35.42 11.00
CA CYS F 58 -19.54 -34.44 10.60
C CYS F 58 -20.13 -33.06 10.88
N THR F 59 -19.35 -32.18 11.50
CA THR F 59 -19.80 -30.82 11.69
C THR F 59 -19.60 -30.03 10.41
N ASP F 60 -20.50 -29.09 10.18
CA ASP F 60 -20.60 -28.40 8.90
C ASP F 60 -19.92 -27.04 9.04
N GLY F 61 -18.63 -27.00 8.68
CA GLY F 61 -17.87 -25.76 8.76
C GLY F 61 -18.35 -24.67 7.83
N THR F 62 -19.30 -24.97 6.95
CA THR F 62 -19.81 -23.93 6.07
C THR F 62 -20.97 -23.16 6.69
N VAL F 63 -21.64 -23.71 7.70
CA VAL F 63 -22.70 -23.00 8.40
C VAL F 63 -22.13 -22.51 9.73
N MET F 64 -22.01 -21.19 9.88
CA MET F 64 -21.56 -20.56 11.11
C MET F 64 -20.25 -21.18 11.63
N GLY F 65 -19.32 -21.42 10.71
CA GLY F 65 -18.04 -21.97 11.11
C GLY F 65 -18.12 -23.29 11.84
N GLY F 66 -19.22 -24.02 11.68
CA GLY F 66 -19.39 -25.30 12.32
C GLY F 66 -19.91 -25.24 13.73
N ALA F 67 -20.33 -24.06 14.20
CA ALA F 67 -20.78 -23.91 15.58
C ALA F 67 -21.92 -24.87 15.90
N MET F 68 -21.82 -25.52 17.06
CA MET F 68 -22.82 -26.47 17.54
C MET F 68 -24.03 -25.78 18.13
N GLY F 69 -25.21 -26.13 17.63
CA GLY F 69 -26.48 -25.66 18.16
C GLY F 69 -27.39 -26.80 18.57
N VAL F 70 -28.63 -26.43 18.94
CA VAL F 70 -29.57 -27.39 19.51
C VAL F 70 -29.88 -28.52 18.52
N GLU F 71 -30.17 -28.17 17.26
CA GLU F 71 -30.60 -29.22 16.33
C GLU F 71 -29.43 -30.07 15.87
N GLY F 72 -28.29 -29.45 15.60
CA GLY F 72 -27.12 -30.23 15.21
C GLY F 72 -26.70 -31.19 16.31
N CYS F 73 -26.67 -30.70 17.56
CA CYS F 73 -26.40 -31.54 18.72
C CYS F 73 -27.37 -32.73 18.79
N THR F 74 -28.65 -32.47 18.51
CA THR F 74 -29.62 -33.54 18.56
C THR F 74 -29.37 -34.59 17.46
N HIS F 75 -28.80 -34.19 16.31
CA HIS F 75 -28.41 -35.21 15.35
C HIS F 75 -27.26 -36.03 15.90
N ILE F 76 -26.27 -35.39 16.51
CA ILE F 76 -25.17 -36.14 17.10
C ILE F 76 -25.68 -37.11 18.14
N VAL F 77 -26.61 -36.68 19.00
CA VAL F 77 -27.09 -37.60 20.02
C VAL F 77 -27.83 -38.76 19.38
N ASN F 78 -28.67 -38.48 18.38
CA ASN F 78 -29.36 -39.54 17.65
C ASN F 78 -28.39 -40.49 16.99
N ALA F 79 -27.27 -39.96 16.47
CA ALA F 79 -26.26 -40.83 15.86
C ALA F 79 -25.67 -41.79 16.89
N TYR F 80 -25.49 -41.31 18.13
CA TYR F 80 -24.95 -42.16 19.18
C TYR F 80 -25.95 -43.24 19.57
N ASP F 81 -27.22 -42.86 19.76
CA ASP F 81 -28.22 -43.85 20.10
C ASP F 81 -28.31 -44.91 19.02
N THR F 82 -28.11 -44.51 17.77
CA THR F 82 -28.13 -45.49 16.70
C THR F 82 -26.93 -46.42 16.81
N ALA F 83 -25.73 -45.86 16.94
CA ALA F 83 -24.53 -46.70 16.99
C ALA F 83 -24.53 -47.60 18.22
N ILE F 84 -24.99 -47.08 19.36
CA ILE F 84 -25.03 -47.86 20.59
C ILE F 84 -25.96 -49.07 20.42
N GLU F 85 -27.14 -48.85 19.86
CA GLU F 85 -28.09 -49.94 19.70
C GLU F 85 -27.59 -51.00 18.71
N ASP F 86 -26.93 -50.58 17.64
CA ASP F 86 -26.36 -51.52 16.67
C ASP F 86 -25.00 -52.04 17.09
N GLN F 87 -24.49 -51.61 18.24
CA GLN F 87 -23.11 -51.85 18.68
C GLN F 87 -22.13 -51.68 17.53
N SER F 88 -22.16 -50.49 16.92
CA SER F 88 -21.28 -50.10 15.85
C SER F 88 -20.31 -49.05 16.34
N PRO F 89 -19.11 -48.96 15.77
CA PRO F 89 -18.24 -47.84 16.09
C PRO F 89 -18.81 -46.54 15.55
N ILE F 90 -18.51 -45.44 16.22
CA ILE F 90 -19.00 -44.13 15.83
C ILE F 90 -17.82 -43.19 15.65
N VAL F 91 -17.80 -42.47 14.53
CA VAL F 91 -16.69 -41.62 14.13
C VAL F 91 -17.22 -40.21 13.95
N GLY F 92 -16.58 -39.25 14.60
CA GLY F 92 -16.96 -37.85 14.50
C GLY F 92 -15.93 -37.06 13.71
N ILE F 93 -16.40 -36.36 12.69
CA ILE F 93 -15.51 -35.50 11.92
C ILE F 93 -15.75 -34.07 12.38
N TRP F 94 -14.71 -33.46 12.93
CA TRP F 94 -14.86 -32.26 13.75
C TRP F 94 -14.26 -31.06 13.07
N HIS F 95 -15.00 -29.96 13.11
CA HIS F 95 -14.60 -28.67 12.56
C HIS F 95 -15.63 -27.68 13.09
N SER F 96 -15.26 -26.89 14.11
CA SER F 96 -16.28 -26.13 14.84
C SER F 96 -15.63 -25.20 15.85
N GLY F 97 -16.12 -23.97 15.93
CA GLY F 97 -15.60 -23.07 16.94
C GLY F 97 -16.21 -23.23 18.31
N GLY F 98 -17.24 -24.06 18.43
CA GLY F 98 -17.87 -24.32 19.72
C GLY F 98 -19.35 -24.05 19.64
N ALA F 99 -19.96 -23.66 20.77
CA ALA F 99 -21.41 -23.47 20.84
C ALA F 99 -21.86 -22.18 20.16
N ARG F 100 -23.10 -22.18 19.71
CA ARG F 100 -23.71 -21.03 19.05
C ARG F 100 -24.13 -20.01 20.10
N LEU F 101 -23.34 -18.94 20.23
CA LEU F 101 -23.57 -17.96 21.30
C LEU F 101 -25.00 -17.46 21.29
N ALA F 102 -25.58 -17.22 20.12
CA ALA F 102 -26.92 -16.67 20.04
C ALA F 102 -28.01 -17.65 20.47
N GLU F 103 -27.73 -18.95 20.48
CA GLU F 103 -28.75 -19.89 20.93
C GLU F 103 -28.79 -20.04 22.45
N GLY F 104 -27.90 -19.37 23.18
CA GLY F 104 -28.08 -19.24 24.62
C GLY F 104 -27.73 -20.49 25.41
N VAL F 105 -28.39 -20.63 26.57
CA VAL F 105 -28.20 -21.80 27.44
C VAL F 105 -28.71 -23.07 26.76
N ARG F 106 -29.77 -22.96 25.96
CA ARG F 106 -30.26 -24.09 25.20
C ARG F 106 -29.16 -24.79 24.42
N ALA F 107 -28.21 -24.02 23.89
CA ALA F 107 -27.17 -24.69 23.11
C ALA F 107 -26.12 -25.29 24.03
N LEU F 108 -25.80 -24.59 25.11
CA LEU F 108 -24.94 -25.17 26.14
C LEU F 108 -25.53 -26.47 26.66
N HIS F 109 -26.83 -26.48 26.93
CA HIS F 109 -27.48 -27.69 27.39
C HIS F 109 -27.36 -28.81 26.35
N ALA F 110 -27.62 -28.50 25.07
CA ALA F 110 -27.56 -29.53 24.04
C ALA F 110 -26.15 -30.07 23.84
N VAL F 111 -25.13 -29.21 23.98
CA VAL F 111 -23.75 -29.70 23.95
C VAL F 111 -23.48 -30.66 25.11
N GLY F 112 -24.04 -30.38 26.29
CA GLY F 112 -23.89 -31.30 27.40
C GLY F 112 -24.53 -32.65 27.15
N GLN F 113 -25.69 -32.66 26.51
CA GLN F 113 -26.31 -33.93 26.13
C GLN F 113 -25.47 -34.72 25.14
N VAL F 114 -24.65 -34.03 24.33
CA VAL F 114 -23.70 -34.74 23.48
C VAL F 114 -22.60 -35.38 24.33
N PHE F 115 -22.08 -34.64 25.32
CA PHE F 115 -21.12 -35.23 26.26
C PHE F 115 -21.69 -36.47 26.94
N GLU F 116 -22.96 -36.43 27.32
CA GLU F 116 -23.58 -37.53 28.03
C GLU F 116 -23.75 -38.76 27.13
N ALA F 117 -24.03 -38.54 25.84
CA ALA F 117 -24.05 -39.67 24.91
C ALA F 117 -22.67 -40.29 24.78
N MET F 118 -21.63 -39.45 24.77
CA MET F 118 -20.29 -40.01 24.68
C MET F 118 -19.94 -40.78 25.94
N ILE F 119 -20.46 -40.37 27.08
CA ILE F 119 -20.15 -41.03 28.33
C ILE F 119 -20.88 -42.37 28.43
N ARG F 120 -22.15 -42.43 28.00
CA ARG F 120 -22.77 -43.74 28.08
C ARG F 120 -22.23 -44.66 27.01
N ALA F 121 -21.65 -44.13 25.94
CA ALA F 121 -21.01 -45.02 24.99
C ALA F 121 -19.63 -45.48 25.47
N SER F 122 -19.08 -44.86 26.50
CA SER F 122 -17.67 -45.09 26.80
C SER F 122 -17.41 -46.56 27.16
N GLY F 123 -16.44 -47.18 26.47
CA GLY F 123 -16.11 -48.57 26.68
C GLY F 123 -17.12 -49.57 26.14
N TYR F 124 -18.21 -49.12 25.54
CA TYR F 124 -19.22 -50.01 24.98
C TYR F 124 -19.14 -50.12 23.46
N ILE F 125 -18.86 -49.02 22.75
CA ILE F 125 -18.57 -49.02 21.32
C ILE F 125 -17.33 -48.17 21.14
N PRO F 126 -16.47 -48.45 20.17
CA PRO F 126 -15.30 -47.60 19.94
C PRO F 126 -15.70 -46.22 19.43
N GLN F 127 -14.98 -45.19 19.87
CA GLN F 127 -15.24 -43.83 19.43
C GLN F 127 -13.96 -43.20 18.89
N ILE F 128 -13.95 -42.86 17.60
CA ILE F 128 -12.83 -42.16 16.99
C ILE F 128 -13.24 -40.73 16.62
N SER F 129 -12.34 -39.78 16.87
CA SER F 129 -12.52 -38.39 16.49
C SER F 129 -11.45 -37.99 15.49
N VAL F 130 -11.89 -37.41 14.38
CA VAL F 130 -11.01 -36.92 13.33
C VAL F 130 -11.19 -35.42 13.27
N VAL F 131 -10.21 -34.68 13.78
CA VAL F 131 -10.28 -33.22 13.85
C VAL F 131 -9.62 -32.67 12.59
N VAL F 132 -10.44 -32.12 11.69
CA VAL F 132 -9.97 -31.71 10.38
C VAL F 132 -9.92 -30.21 10.22
N GLY F 133 -10.57 -29.45 11.11
CA GLY F 133 -10.49 -28.01 11.11
C GLY F 133 -10.40 -27.47 12.52
N PHE F 134 -10.57 -26.16 12.68
CA PHE F 134 -10.50 -25.55 13.99
C PHE F 134 -11.53 -26.18 14.92
N ALA F 135 -11.09 -26.50 16.13
CA ALA F 135 -11.93 -27.15 17.13
C ALA F 135 -11.74 -26.41 18.43
N ALA F 136 -12.81 -25.78 18.92
CA ALA F 136 -12.69 -24.90 20.07
C ALA F 136 -13.89 -25.12 20.98
N GLY F 137 -13.75 -24.72 22.24
CA GLY F 137 -14.89 -24.74 23.14
C GLY F 137 -15.39 -26.16 23.35
N GLY F 138 -16.72 -26.29 23.35
CA GLY F 138 -17.35 -27.60 23.40
C GLY F 138 -16.85 -28.57 22.36
N ALA F 139 -16.33 -28.06 21.23
CA ALA F 139 -15.79 -28.91 20.19
C ALA F 139 -14.36 -29.35 20.51
N ALA F 140 -13.72 -28.78 21.52
CA ALA F 140 -12.45 -29.35 21.95
C ALA F 140 -12.65 -30.47 22.98
N TYR F 141 -13.78 -30.45 23.69
CA TYR F 141 -14.05 -31.44 24.74
C TYR F 141 -14.75 -32.68 24.19
N GLY F 142 -15.61 -32.53 23.19
CA GLY F 142 -16.19 -33.66 22.51
C GLY F 142 -15.13 -34.71 22.20
N PRO F 143 -14.16 -34.37 21.35
CA PRO F 143 -13.08 -35.33 21.07
C PRO F 143 -12.35 -35.79 22.33
N ALA F 144 -12.11 -34.89 23.29
CA ALA F 144 -11.44 -35.29 24.53
C ALA F 144 -12.18 -36.38 25.28
N LEU F 145 -13.47 -36.54 25.07
CA LEU F 145 -14.23 -37.63 25.68
C LEU F 145 -14.26 -38.91 24.84
N THR F 146 -13.64 -38.94 23.67
CA THR F 146 -13.67 -40.17 22.89
C THR F 146 -12.42 -40.98 23.17
N ASP F 147 -12.22 -42.06 22.42
CA ASP F 147 -11.16 -43.02 22.72
C ASP F 147 -9.85 -42.66 22.02
N VAL F 148 -9.87 -42.37 20.73
CA VAL F 148 -8.67 -42.00 19.99
C VAL F 148 -8.97 -40.76 19.17
N VAL F 149 -8.01 -39.84 19.10
CA VAL F 149 -8.16 -38.58 18.40
C VAL F 149 -7.12 -38.49 17.28
N VAL F 150 -7.60 -38.32 16.05
CA VAL F 150 -6.74 -38.07 14.88
C VAL F 150 -6.88 -36.59 14.51
N MET F 151 -5.75 -35.91 14.36
CA MET F 151 -5.72 -34.48 14.01
C MET F 151 -5.01 -34.25 12.69
N ALA F 152 -5.70 -33.59 11.76
CA ALA F 152 -5.07 -33.08 10.56
C ALA F 152 -4.27 -31.82 10.90
N PRO F 153 -3.08 -31.65 10.30
CA PRO F 153 -2.20 -30.56 10.76
C PRO F 153 -2.83 -29.17 10.64
N GLU F 154 -3.91 -29.03 9.88
CA GLU F 154 -4.60 -27.75 9.76
C GLU F 154 -5.57 -27.60 10.94
N SER F 155 -5.04 -27.17 12.09
CA SER F 155 -5.88 -26.74 13.23
C SER F 155 -5.12 -25.76 14.11
N LYS F 186 -1.86 -24.28 23.08
CA LYS F 186 -1.21 -25.53 23.47
C LYS F 186 -2.14 -26.45 24.24
N LYS F 187 -2.61 -27.52 23.59
CA LYS F 187 -3.46 -28.50 24.26
C LYS F 187 -2.75 -29.86 24.35
N SER F 188 -1.63 -29.93 25.09
CA SER F 188 -0.77 -31.11 25.05
C SER F 188 -1.41 -32.32 25.72
N GLY F 189 -1.12 -33.50 25.16
CA GLY F 189 -1.66 -34.75 25.62
C GLY F 189 -2.96 -35.15 24.98
N VAL F 190 -3.66 -34.20 24.35
CA VAL F 190 -5.05 -34.46 23.92
C VAL F 190 -5.12 -35.14 22.57
N CYS F 191 -4.20 -34.83 21.67
CA CYS F 191 -4.18 -35.50 20.38
C CYS F 191 -3.41 -36.80 20.50
N HIS F 192 -3.95 -37.87 19.92
CA HIS F 192 -3.28 -39.17 19.95
C HIS F 192 -2.44 -39.42 18.71
N ILE F 193 -2.91 -39.01 17.54
CA ILE F 193 -2.22 -39.28 16.27
C ILE F 193 -2.27 -38.02 15.39
N VAL F 194 -1.10 -37.55 14.96
CA VAL F 194 -1.03 -36.44 14.04
C VAL F 194 -0.93 -37.00 12.63
N ALA F 195 -1.86 -36.61 11.77
CA ALA F 195 -1.85 -37.07 10.39
C ALA F 195 -1.11 -36.07 9.52
N ASP F 196 -0.89 -36.47 8.27
CA ASP F 196 -0.11 -35.66 7.34
C ASP F 196 -0.96 -34.62 6.64
N ASP F 197 -2.21 -34.96 6.32
CA ASP F 197 -3.15 -34.10 5.63
C ASP F 197 -4.56 -34.59 5.96
N GLU F 198 -5.57 -33.87 5.48
CA GLU F 198 -6.94 -34.22 5.83
C GLU F 198 -7.33 -35.61 5.32
N LEU F 199 -6.96 -35.94 4.08
CA LEU F 199 -7.28 -37.27 3.58
C LEU F 199 -6.45 -38.36 4.26
N ASP F 200 -5.20 -38.06 4.66
CA ASP F 200 -4.46 -39.02 5.47
C ASP F 200 -5.09 -39.22 6.83
N ALA F 201 -5.76 -38.19 7.36
CA ALA F 201 -6.45 -38.34 8.63
C ALA F 201 -7.58 -39.35 8.53
N TYR F 202 -8.38 -39.31 7.45
CA TYR F 202 -9.41 -40.33 7.27
C TYR F 202 -8.80 -41.71 7.05
N ASP F 203 -7.56 -41.77 6.59
CA ASP F 203 -6.91 -43.05 6.40
C ASP F 203 -6.49 -43.67 7.75
N ARG F 204 -5.91 -42.88 8.66
CA ARG F 204 -5.69 -43.37 10.01
C ARG F 204 -7.00 -43.75 10.69
N GLY F 205 -7.99 -42.86 10.62
CA GLY F 205 -9.29 -43.13 11.22
C GLY F 205 -9.94 -44.40 10.71
N ARG F 206 -9.87 -44.64 9.39
CA ARG F 206 -10.36 -45.91 8.86
C ARG F 206 -9.58 -47.09 9.47
N ARG F 207 -8.24 -46.97 9.55
CA ARG F 207 -7.43 -48.07 10.08
C ARG F 207 -7.68 -48.30 11.56
N LEU F 208 -8.04 -47.26 12.30
CA LEU F 208 -8.38 -47.43 13.72
C LEU F 208 -9.63 -48.28 13.89
N VAL F 209 -10.66 -48.03 13.08
CA VAL F 209 -11.86 -48.86 13.14
C VAL F 209 -11.49 -50.33 12.99
N GLY F 210 -10.59 -50.62 12.06
CA GLY F 210 -10.20 -52.01 11.83
C GLY F 210 -9.44 -52.61 13.01
N LEU F 211 -8.55 -51.83 13.61
CA LEU F 211 -7.87 -52.33 14.82
C LEU F 211 -8.85 -52.61 15.95
N PHE F 212 -9.88 -51.78 16.11
CA PHE F 212 -10.83 -51.94 17.20
C PHE F 212 -11.95 -52.93 16.90
N CYS F 213 -12.29 -53.14 15.62
CA CYS F 213 -13.50 -53.85 15.21
C CYS F 213 -13.20 -55.08 14.37
N GLN F 214 -11.94 -55.29 14.00
CA GLN F 214 -11.51 -56.46 13.26
C GLN F 214 -10.20 -56.94 13.91
N GLN F 215 -10.28 -57.24 15.21
CA GLN F 215 -9.09 -57.57 15.99
C GLN F 215 -8.49 -58.90 15.57
N GLY F 216 -9.32 -59.85 15.15
CA GLY F 216 -8.82 -61.10 14.66
C GLY F 216 -8.43 -62.07 15.77
N HIS F 217 -7.79 -63.15 15.33
CA HIS F 217 -7.22 -64.18 16.19
C HIS F 217 -5.70 -64.18 16.07
N PHE F 218 -5.03 -64.51 17.16
CA PHE F 218 -3.61 -64.83 17.06
C PHE F 218 -3.43 -66.04 16.15
N ASP F 219 -2.26 -66.10 15.52
CA ASP F 219 -1.94 -67.18 14.59
C ASP F 219 -0.51 -67.64 14.85
N ARG F 220 -0.35 -68.69 15.65
CA ARG F 220 0.99 -69.19 16.03
C ARG F 220 1.88 -69.42 14.81
N SER F 221 1.28 -69.73 13.65
CA SER F 221 2.07 -69.96 12.45
C SER F 221 2.74 -68.68 11.96
N LYS F 222 1.95 -67.61 11.76
CA LYS F 222 2.56 -66.35 11.33
C LYS F 222 3.56 -65.81 12.36
N ALA F 223 3.32 -66.06 13.65
CA ALA F 223 4.24 -65.62 14.69
C ALA F 223 5.64 -66.18 14.45
N GLU F 224 5.74 -67.50 14.25
CA GLU F 224 7.05 -68.11 14.01
C GLU F 224 7.65 -67.66 12.69
N ALA F 225 6.80 -67.47 11.66
CA ALA F 225 7.33 -67.06 10.37
C ALA F 225 7.95 -65.67 10.41
N GLY F 226 7.53 -64.84 11.39
CA GLY F 226 7.98 -63.48 11.58
C GLY F 226 9.11 -63.29 12.57
N ASP F 227 9.57 -64.36 13.20
CA ASP F 227 10.61 -64.28 14.21
C ASP F 227 11.92 -63.80 13.60
N THR F 228 12.68 -63.05 14.40
CA THR F 228 14.00 -62.53 14.02
C THR F 228 14.83 -62.42 15.29
N ASP F 229 16.11 -62.14 15.13
CA ASP F 229 16.93 -61.80 16.29
C ASP F 229 16.65 -60.34 16.64
N ILE F 230 15.63 -60.14 17.49
CA ILE F 230 15.33 -58.78 17.92
C ILE F 230 16.46 -58.26 18.80
N HIS F 231 17.17 -59.15 19.50
CA HIS F 231 18.25 -58.70 20.38
C HIS F 231 19.31 -57.93 19.63
N ALA F 232 19.54 -58.27 18.36
CA ALA F 232 20.61 -57.62 17.60
C ALA F 232 20.35 -56.13 17.41
N LEU F 233 19.12 -55.67 17.63
CA LEU F 233 18.83 -54.23 17.56
C LEU F 233 19.22 -53.49 18.82
N LEU F 234 19.67 -54.18 19.86
CA LEU F 234 20.17 -53.50 21.03
C LEU F 234 21.59 -52.97 20.76
N PRO F 235 21.98 -51.90 21.47
CA PRO F 235 23.38 -51.49 21.41
C PRO F 235 24.27 -52.51 22.11
N GLU F 236 25.56 -52.48 21.74
CA GLU F 236 26.48 -53.45 22.32
C GLU F 236 26.76 -53.14 23.79
N SER F 237 26.87 -51.88 24.15
CA SER F 237 26.97 -51.54 25.56
C SER F 237 25.62 -51.57 26.23
N SER F 238 25.61 -52.06 27.47
CA SER F 238 24.41 -52.07 28.30
C SER F 238 24.07 -50.69 28.86
N ARG F 239 24.92 -49.69 28.67
CA ARG F 239 24.61 -48.34 29.16
C ARG F 239 24.41 -47.31 28.05
N ARG F 240 24.57 -47.68 26.78
CA ARG F 240 24.13 -46.79 25.71
C ARG F 240 22.60 -46.76 25.61
N ALA F 241 22.08 -45.58 25.30
CA ALA F 241 20.65 -45.35 25.24
C ALA F 241 20.18 -45.48 23.78
N TYR F 242 19.29 -46.42 23.54
CA TYR F 242 18.75 -46.65 22.21
C TYR F 242 17.31 -46.13 22.13
N ASP F 243 16.84 -45.97 20.89
CA ASP F 243 15.42 -45.82 20.62
C ASP F 243 14.76 -47.20 20.66
N VAL F 244 13.69 -47.32 21.43
CA VAL F 244 13.04 -48.61 21.60
C VAL F 244 12.14 -48.96 20.42
N ARG F 245 11.78 -48.01 19.57
CA ARG F 245 10.76 -48.27 18.56
C ARG F 245 11.12 -49.39 17.59
N PRO F 246 12.34 -49.46 17.03
CA PRO F 246 12.66 -50.61 16.17
C PRO F 246 12.50 -51.96 16.85
N ILE F 247 12.69 -52.03 18.17
CA ILE F 247 12.37 -53.25 18.90
C ILE F 247 10.88 -53.56 18.79
N VAL F 248 10.04 -52.55 19.07
CA VAL F 248 8.59 -52.70 18.96
C VAL F 248 8.21 -53.12 17.56
N THR F 249 8.79 -52.45 16.56
CA THR F 249 8.54 -52.76 15.16
C THR F 249 8.91 -54.20 14.81
N ALA F 250 10.06 -54.68 15.30
CA ALA F 250 10.47 -56.05 15.03
C ALA F 250 9.51 -57.07 15.67
N ILE F 251 8.89 -56.72 16.79
CA ILE F 251 7.95 -57.64 17.43
C ILE F 251 6.65 -57.71 16.63
N LEU F 252 6.15 -56.55 16.21
CA LEU F 252 4.88 -56.46 15.51
C LEU F 252 5.04 -56.85 14.03
N ASP F 253 3.91 -57.10 13.39
CA ASP F 253 3.89 -57.68 12.05
C ASP F 253 4.60 -56.77 11.05
N ALA F 254 5.30 -57.40 10.10
CA ALA F 254 6.31 -56.72 9.32
C ALA F 254 5.73 -55.56 8.54
N ASP F 255 4.67 -55.81 7.77
CA ASP F 255 4.13 -54.64 7.08
C ASP F 255 2.64 -54.45 7.32
N THR F 256 2.30 -54.27 8.59
CA THR F 256 1.14 -53.53 9.03
C THR F 256 1.67 -52.39 9.90
N PRO F 257 1.05 -51.22 9.88
CA PRO F 257 1.66 -50.06 10.56
C PRO F 257 1.53 -50.16 12.08
N PHE F 258 2.43 -49.43 12.77
CA PHE F 258 2.37 -49.29 14.23
C PHE F 258 1.82 -47.90 14.55
N ASP F 259 0.63 -47.87 15.12
CA ASP F 259 -0.10 -46.61 15.29
C ASP F 259 0.24 -46.03 16.65
N GLU F 260 1.40 -45.39 16.72
CA GLU F 260 1.89 -44.82 17.96
C GLU F 260 0.97 -43.71 18.44
N PHE F 261 0.61 -43.75 19.73
CA PHE F 261 -0.22 -42.71 20.36
C PHE F 261 0.67 -41.71 21.07
N GLN F 262 0.31 -40.42 20.93
CA GLN F 262 0.88 -39.34 21.73
C GLN F 262 2.40 -39.33 21.67
N ALA F 263 2.94 -39.46 20.46
CA ALA F 263 4.36 -39.73 20.34
C ALA F 263 5.23 -38.56 20.80
N ASN F 264 4.68 -37.36 20.93
CA ASN F 264 5.47 -36.23 21.39
C ASN F 264 5.28 -35.89 22.87
N TRP F 265 4.37 -36.56 23.56
CA TRP F 265 4.05 -36.26 24.94
C TRP F 265 4.60 -37.40 25.79
N ALA F 266 5.27 -37.05 26.88
CA ALA F 266 5.92 -38.03 27.75
C ALA F 266 6.82 -39.00 26.95
N PRO F 267 7.83 -38.46 26.25
CA PRO F 267 8.56 -39.30 25.29
C PRO F 267 9.39 -40.43 25.90
N SER F 268 9.45 -40.59 27.23
CA SER F 268 10.18 -41.73 27.78
C SER F 268 9.35 -43.01 27.74
N MET F 269 8.11 -42.91 27.25
CA MET F 269 7.15 -43.98 27.19
C MET F 269 6.60 -44.06 25.78
N VAL F 270 6.64 -45.25 25.17
CA VAL F 270 6.02 -45.47 23.87
C VAL F 270 4.81 -46.38 24.08
N VAL F 271 3.66 -45.96 23.53
CA VAL F 271 2.44 -46.75 23.47
C VAL F 271 1.85 -46.68 22.07
N GLY F 272 1.11 -47.71 21.70
CA GLY F 272 0.41 -47.68 20.44
C GLY F 272 -0.29 -49.01 20.17
N LEU F 273 -1.14 -48.97 19.15
CA LEU F 273 -1.78 -50.16 18.61
C LEU F 273 -1.04 -50.63 17.37
N GLY F 274 -0.89 -51.94 17.25
CA GLY F 274 -0.46 -52.57 16.02
C GLY F 274 -1.06 -53.97 15.95
N ARG F 275 -0.41 -54.87 15.22
CA ARG F 275 -0.87 -56.25 15.13
C ARG F 275 0.29 -57.21 15.34
N LEU F 276 0.01 -58.24 16.14
CA LEU F 276 0.94 -59.32 16.45
C LEU F 276 0.33 -60.61 15.92
N SER F 277 0.90 -61.14 14.82
CA SER F 277 0.42 -62.35 14.15
C SER F 277 -1.03 -62.22 13.67
N GLY F 278 -1.38 -61.02 13.20
CA GLY F 278 -2.72 -60.72 12.75
C GLY F 278 -3.66 -60.22 13.82
N ARG F 279 -3.28 -60.31 15.09
CA ARG F 279 -4.15 -59.94 16.21
C ARG F 279 -3.83 -58.52 16.68
N THR F 280 -4.86 -57.69 16.84
CA THR F 280 -4.65 -56.36 17.41
C THR F 280 -4.09 -56.46 18.82
N VAL F 281 -2.94 -55.84 19.05
CA VAL F 281 -2.35 -55.76 20.38
C VAL F 281 -2.04 -54.32 20.72
N GLY F 282 -1.99 -54.05 22.02
CA GLY F 282 -1.48 -52.80 22.55
C GLY F 282 -0.07 -53.04 23.04
N VAL F 283 0.78 -52.02 22.88
CA VAL F 283 2.18 -52.10 23.23
C VAL F 283 2.51 -50.93 24.16
N LEU F 284 3.25 -51.23 25.22
CA LEU F 284 3.84 -50.24 26.09
C LEU F 284 5.32 -50.59 26.17
N ALA F 285 6.16 -49.57 26.12
CA ALA F 285 7.59 -49.79 26.00
C ALA F 285 8.31 -48.57 26.56
N ASN F 286 9.15 -48.77 27.58
CA ASN F 286 10.03 -47.70 27.99
C ASN F 286 10.99 -47.37 26.87
N ASN F 287 11.22 -46.07 26.66
CA ASN F 287 12.11 -45.63 25.58
C ASN F 287 13.38 -45.01 26.16
N PRO F 288 14.50 -45.77 26.24
CA PRO F 288 15.69 -45.23 26.90
C PRO F 288 16.30 -44.05 26.18
N LEU F 289 15.79 -43.72 24.99
CA LEU F 289 16.29 -42.55 24.25
C LEU F 289 16.05 -41.27 25.04
N ARG F 290 14.91 -41.15 25.71
CA ARG F 290 14.51 -39.92 26.41
C ARG F 290 14.34 -40.18 27.89
N LEU F 291 14.93 -39.30 28.72
CA LEU F 291 14.92 -39.41 30.18
C LEU F 291 15.48 -40.75 30.66
N GLY F 292 16.35 -41.36 29.87
CA GLY F 292 16.87 -42.66 30.24
C GLY F 292 15.84 -43.75 30.33
N GLY F 293 14.66 -43.56 29.74
CA GLY F 293 13.57 -44.51 29.86
C GLY F 293 12.88 -44.54 31.21
N CYS F 294 13.14 -43.57 32.07
CA CYS F 294 12.53 -43.56 33.40
C CYS F 294 11.03 -43.30 33.31
N LEU F 295 10.30 -43.86 34.26
CA LEU F 295 8.95 -43.40 34.54
C LEU F 295 8.99 -42.01 35.16
N ASN F 296 7.96 -41.23 34.88
CA ASN F 296 7.73 -40.00 35.63
C ASN F 296 6.23 -39.76 35.63
N SER F 297 5.83 -38.60 36.18
CA SER F 297 4.42 -38.22 36.24
C SER F 297 3.70 -38.40 34.90
N GLU F 298 4.25 -37.84 33.83
CA GLU F 298 3.50 -37.81 32.57
C GLU F 298 3.52 -39.14 31.83
N SER F 299 4.66 -39.83 31.82
CA SER F 299 4.69 -41.15 31.21
C SER F 299 3.81 -42.14 31.97
N ALA F 300 3.65 -41.96 33.27
CA ALA F 300 2.75 -42.83 34.00
C ALA F 300 1.30 -42.55 33.66
N GLU F 301 0.99 -41.29 33.34
CA GLU F 301 -0.35 -40.95 32.90
C GLU F 301 -0.62 -41.52 31.52
N LYS F 302 0.28 -41.25 30.57
CA LYS F 302 0.19 -41.80 29.21
C LYS F 302 -0.03 -43.30 29.24
N ALA F 303 0.78 -44.02 30.01
CA ALA F 303 0.69 -45.48 30.06
C ALA F 303 -0.63 -45.94 30.68
N ALA F 304 -1.04 -45.34 31.81
CA ALA F 304 -2.26 -45.77 32.49
C ALA F 304 -3.49 -45.58 31.62
N ARG F 305 -3.63 -44.41 30.97
CA ARG F 305 -4.81 -44.20 30.12
C ARG F 305 -4.86 -45.22 28.99
N PHE F 306 -3.70 -45.53 28.41
CA PHE F 306 -3.63 -46.52 27.36
C PHE F 306 -4.06 -47.90 27.85
N VAL F 307 -3.48 -48.37 28.97
CA VAL F 307 -3.87 -49.66 29.54
C VAL F 307 -5.38 -49.75 29.74
N ARG F 308 -6.00 -48.68 30.28
CA ARG F 308 -7.45 -48.70 30.47
CA ARG F 308 -7.45 -48.68 30.47
C ARG F 308 -8.18 -48.79 29.14
N LEU F 309 -7.65 -48.19 28.07
CA LEU F 309 -8.29 -48.27 26.77
C LEU F 309 -8.32 -49.71 26.26
N CYS F 310 -7.14 -50.37 26.21
CA CYS F 310 -7.07 -51.75 25.70
C CYS F 310 -7.89 -52.72 26.54
N ASP F 311 -7.82 -52.59 27.87
CA ASP F 311 -8.65 -53.41 28.76
C ASP F 311 -10.12 -53.29 28.41
N ALA F 312 -10.58 -52.08 28.07
CA ALA F 312 -12.02 -51.89 27.86
C ALA F 312 -12.52 -52.59 26.60
N PHE F 313 -11.65 -52.77 25.61
CA PHE F 313 -12.08 -53.38 24.35
C PHE F 313 -11.49 -54.76 24.13
N GLY F 314 -10.91 -55.37 25.16
CA GLY F 314 -10.43 -56.73 25.07
C GLY F 314 -9.13 -56.90 24.32
N ILE F 315 -8.23 -55.91 24.37
CA ILE F 315 -7.04 -55.89 23.53
C ILE F 315 -5.85 -56.33 24.39
N PRO F 316 -5.23 -57.47 24.10
CA PRO F 316 -4.09 -57.92 24.92
C PRO F 316 -2.91 -56.97 24.83
N LEU F 317 -2.15 -56.88 25.93
CA LEU F 317 -1.00 -55.99 26.01
C LEU F 317 0.30 -56.75 25.93
N VAL F 318 1.30 -56.12 25.31
CA VAL F 318 2.68 -56.57 25.33
C VAL F 318 3.49 -55.44 25.96
N VAL F 319 4.19 -55.74 27.04
CA VAL F 319 4.88 -54.71 27.80
C VAL F 319 6.36 -54.99 27.74
N VAL F 320 7.11 -54.06 27.15
CA VAL F 320 8.54 -54.24 26.90
C VAL F 320 9.28 -53.29 27.83
N VAL F 321 10.02 -53.86 28.77
CA VAL F 321 10.48 -53.16 29.96
C VAL F 321 11.98 -52.94 29.89
N ASP F 322 12.41 -51.71 30.14
CA ASP F 322 13.81 -51.34 30.21
C ASP F 322 13.92 -50.03 30.99
N VAL F 323 13.56 -50.09 32.27
CA VAL F 323 13.35 -48.90 33.08
C VAL F 323 14.35 -48.94 34.23
N PRO F 324 15.10 -47.87 34.48
CA PRO F 324 16.09 -47.85 35.57
C PRO F 324 15.68 -47.10 36.84
N GLY F 325 14.48 -46.56 36.90
CA GLY F 325 14.03 -45.78 38.02
C GLY F 325 13.00 -44.78 37.56
N TYR F 326 12.63 -43.88 38.46
CA TYR F 326 11.66 -42.84 38.14
C TYR F 326 12.13 -41.49 38.64
N LEU F 327 11.51 -40.43 38.11
CA LEU F 327 11.94 -39.06 38.32
C LEU F 327 10.80 -38.21 38.88
N PRO F 328 11.14 -37.20 39.66
CA PRO F 328 10.14 -36.26 40.17
C PRO F 328 9.77 -35.21 39.13
N GLY F 329 8.88 -34.31 39.52
CA GLY F 329 8.39 -33.29 38.64
C GLY F 329 9.35 -32.15 38.37
N VAL F 330 8.79 -30.99 38.02
CA VAL F 330 9.60 -29.90 37.49
C VAL F 330 10.49 -29.29 38.56
N ASP F 331 9.97 -29.11 39.76
CA ASP F 331 10.78 -28.55 40.84
C ASP F 331 10.97 -29.56 41.97
N GLN F 332 11.52 -30.73 41.65
CA GLN F 332 11.72 -31.81 42.63
C GLN F 332 10.43 -32.15 43.39
N GLU F 333 9.28 -31.99 42.74
CA GLU F 333 7.98 -32.28 43.34
C GLU F 333 7.59 -33.73 43.05
N TRP F 334 7.48 -34.54 44.11
CA TRP F 334 7.13 -35.95 43.97
C TRP F 334 5.64 -36.21 43.86
N GLY F 335 4.79 -35.17 43.85
CA GLY F 335 3.36 -35.39 43.94
C GLY F 335 2.78 -36.04 42.70
N GLY F 336 3.24 -35.63 41.52
CA GLY F 336 2.69 -36.18 40.29
C GLY F 336 3.05 -37.64 40.11
N VAL F 337 4.32 -38.00 40.35
CA VAL F 337 4.74 -39.38 40.14
C VAL F 337 4.09 -40.29 41.19
N VAL F 338 3.79 -39.78 42.38
CA VAL F 338 3.07 -40.59 43.34
C VAL F 338 1.62 -40.78 42.89
N ARG F 339 0.91 -39.68 42.62
CA ARG F 339 -0.50 -39.79 42.24
C ARG F 339 -0.69 -40.57 40.95
N ARG F 340 0.17 -40.35 39.95
CA ARG F 340 -0.03 -41.01 38.67
C ARG F 340 0.61 -42.40 38.64
N GLY F 341 1.67 -42.61 39.43
CA GLY F 341 2.13 -43.98 39.64
C GLY F 341 1.08 -44.86 40.27
N ALA F 342 0.36 -44.32 41.26
CA ALA F 342 -0.75 -45.04 41.86
C ALA F 342 -1.81 -45.39 40.82
N LYS F 343 -2.07 -44.48 39.89
CA LYS F 343 -3.04 -44.79 38.84
C LYS F 343 -2.51 -45.87 37.88
N LEU F 344 -1.20 -45.86 37.61
CA LEU F 344 -0.64 -46.91 36.78
C LEU F 344 -0.75 -48.26 37.47
N LEU F 345 -0.38 -48.34 38.76
CA LEU F 345 -0.58 -49.59 39.49
C LEU F 345 -2.03 -50.04 39.41
N HIS F 346 -2.96 -49.08 39.57
CA HIS F 346 -4.39 -49.38 39.54
C HIS F 346 -4.82 -49.93 38.18
N ALA F 347 -4.26 -49.37 37.09
CA ALA F 347 -4.56 -49.81 35.74
C ALA F 347 -4.15 -51.26 35.54
N PHE F 348 -2.86 -51.58 35.71
CA PHE F 348 -2.41 -52.95 35.56
C PHE F 348 -3.10 -53.88 36.57
N GLY F 349 -3.25 -53.44 37.81
CA GLY F 349 -3.84 -54.30 38.83
C GLY F 349 -5.25 -54.74 38.51
N GLU F 350 -6.09 -53.80 38.07
CA GLU F 350 -7.47 -54.09 37.69
C GLU F 350 -7.63 -54.64 36.28
N CYS F 351 -6.56 -54.62 35.50
CA CYS F 351 -6.61 -55.11 34.13
C CYS F 351 -7.01 -56.58 34.08
N THR F 352 -7.81 -56.94 33.08
CA THR F 352 -8.26 -58.32 32.95
C THR F 352 -7.98 -58.94 31.59
N VAL F 353 -7.37 -58.20 30.66
CA VAL F 353 -6.97 -58.79 29.37
C VAL F 353 -5.62 -59.45 29.56
N PRO F 354 -5.24 -60.40 28.70
CA PRO F 354 -3.86 -60.90 28.74
C PRO F 354 -2.87 -59.76 28.61
N ARG F 355 -1.94 -59.68 29.56
CA ARG F 355 -0.83 -58.74 29.43
C ARG F 355 0.45 -59.51 29.71
N VAL F 356 1.39 -59.44 28.78
CA VAL F 356 2.65 -60.15 28.91
C VAL F 356 3.80 -59.15 29.01
N THR F 357 4.74 -59.43 29.89
CA THR F 357 5.92 -58.59 30.10
C THR F 357 7.18 -59.28 29.56
N LEU F 358 8.00 -58.49 28.87
CA LEU F 358 9.30 -58.91 28.36
C LEU F 358 10.35 -57.93 28.89
N VAL F 359 11.27 -58.40 29.73
CA VAL F 359 12.34 -57.56 30.22
C VAL F 359 13.53 -57.69 29.27
N THR F 360 13.91 -56.57 28.62
CA THR F 360 15.01 -56.64 27.66
C THR F 360 16.38 -56.46 28.31
N ARG F 361 16.56 -55.43 29.15
CA ARG F 361 17.84 -55.22 29.82
C ARG F 361 17.68 -55.03 31.31
N LYS F 362 17.12 -53.90 31.73
CA LYS F 362 17.05 -53.53 33.13
C LYS F 362 15.59 -53.42 33.57
N THR F 363 15.35 -53.77 34.83
CA THR F 363 14.13 -53.34 35.51
C THR F 363 14.46 -53.26 37.00
N TYR F 364 14.48 -52.04 37.53
CA TYR F 364 14.96 -51.77 38.87
C TYR F 364 13.84 -51.20 39.73
N GLY F 365 13.88 -51.54 41.02
CA GLY F 365 13.15 -50.86 42.09
C GLY F 365 11.66 -50.71 41.88
N GLY F 366 11.14 -49.59 42.41
CA GLY F 366 9.70 -49.37 42.43
C GLY F 366 9.09 -49.42 41.04
N ALA F 367 9.83 -48.93 40.03
CA ALA F 367 9.33 -48.95 38.65
C ALA F 367 9.19 -50.37 38.12
N TYR F 368 10.02 -51.31 38.59
CA TYR F 368 9.84 -52.71 38.21
C TYR F 368 8.44 -53.20 38.55
N ILE F 369 7.92 -52.78 39.71
CA ILE F 369 6.61 -53.26 40.14
C ILE F 369 5.53 -52.71 39.24
N ALA F 370 5.59 -51.42 38.95
CA ALA F 370 4.53 -50.76 38.20
C ALA F 370 4.48 -51.20 36.74
N MET F 371 5.56 -51.73 36.19
CA MET F 371 5.60 -52.13 34.78
C MET F 371 5.12 -53.57 34.60
N ASN F 372 3.84 -53.79 34.93
CA ASN F 372 3.21 -55.09 34.76
C ASN F 372 4.07 -56.22 35.31
N SER F 373 4.12 -56.35 36.63
CA SER F 373 4.93 -57.34 37.30
C SER F 373 4.06 -58.46 37.84
N ARG F 374 4.72 -59.57 38.19
CA ARG F 374 4.01 -60.71 38.74
C ARG F 374 3.07 -60.31 39.86
N SER F 375 3.53 -59.43 40.76
CA SER F 375 2.71 -59.05 41.91
C SER F 375 1.43 -58.33 41.51
N LEU F 376 1.39 -57.70 40.33
CA LEU F 376 0.17 -57.09 39.82
C LEU F 376 -0.55 -57.98 38.82
N ASN F 377 -0.20 -59.28 38.79
CA ASN F 377 -0.91 -60.34 38.07
C ASN F 377 -0.64 -60.36 36.57
N ALA F 378 0.56 -59.98 36.14
CA ALA F 378 0.94 -60.15 34.74
C ALA F 378 0.70 -61.58 34.28
N THR F 379 0.24 -61.73 33.03
CA THR F 379 -0.07 -63.06 32.52
C THR F 379 1.17 -63.94 32.49
N LYS F 380 2.28 -63.40 31.98
CA LYS F 380 3.58 -64.04 32.03
C LYS F 380 4.65 -62.95 31.99
N VAL F 381 5.81 -63.26 32.56
CA VAL F 381 6.96 -62.38 32.50
C VAL F 381 8.10 -63.17 31.87
N PHE F 382 8.60 -62.68 30.74
CA PHE F 382 9.77 -63.23 30.08
C PHE F 382 10.97 -62.32 30.31
N ALA F 383 12.17 -62.88 30.16
CA ALA F 383 13.36 -62.06 30.21
C ALA F 383 14.38 -62.55 29.18
N TRP F 384 15.01 -61.61 28.50
CA TRP F 384 16.15 -61.93 27.66
C TRP F 384 17.32 -62.39 28.52
N PRO F 385 18.23 -63.20 27.97
CA PRO F 385 19.27 -63.81 28.82
C PRO F 385 20.00 -62.85 29.74
N ASP F 386 20.45 -61.71 29.23
CA ASP F 386 21.29 -60.81 30.02
C ASP F 386 20.49 -59.77 30.80
N ALA F 387 19.17 -59.96 30.96
CA ALA F 387 18.36 -59.00 31.70
C ALA F 387 18.75 -58.97 33.16
N GLU F 388 18.61 -57.79 33.76
CA GLU F 388 18.83 -57.61 35.18
C GLU F 388 17.51 -57.21 35.83
N VAL F 389 17.12 -57.95 36.87
CA VAL F 389 15.95 -57.66 37.70
C VAL F 389 16.48 -57.45 39.10
N ALA F 390 16.43 -56.22 39.60
CA ALA F 390 17.09 -55.89 40.86
C ALA F 390 16.42 -54.66 41.46
N VAL F 391 16.92 -54.25 42.63
CA VAL F 391 16.43 -53.05 43.30
C VAL F 391 17.13 -51.79 42.80
N MET F 392 18.41 -51.89 42.43
CA MET F 392 19.17 -50.82 41.80
C MET F 392 20.44 -51.43 41.26
N GLY F 393 21.28 -50.60 40.61
CA GLY F 393 22.60 -51.02 40.19
C GLY F 393 23.39 -51.69 41.30
N ALA F 394 24.30 -52.61 40.95
CA ALA F 394 25.08 -53.32 41.97
C ALA F 394 25.95 -52.37 42.77
N LYS F 395 26.58 -51.40 42.11
CA LYS F 395 27.41 -50.47 42.87
C LYS F 395 26.56 -49.62 43.81
N ALA F 396 25.50 -48.98 43.29
CA ALA F 396 24.60 -48.21 44.13
C ALA F 396 24.02 -49.03 45.28
N ALA F 397 23.82 -50.35 45.08
CA ALA F 397 23.17 -51.17 46.08
C ALA F 397 24.12 -51.57 47.20
N VAL F 398 25.39 -51.86 46.87
CA VAL F 398 26.32 -52.23 47.94
C VAL F 398 26.65 -51.02 48.80
N GLY F 399 26.74 -49.82 48.21
CA GLY F 399 27.03 -48.63 49.00
C GLY F 399 26.03 -48.40 50.11
N ILE F 400 24.78 -48.83 49.92
CA ILE F 400 23.76 -48.74 50.96
C ILE F 400 23.79 -49.96 51.86
N LEU F 401 23.80 -51.16 51.29
CA LEU F 401 23.77 -52.39 52.07
C LEU F 401 24.97 -52.53 52.99
N HIS F 402 26.08 -51.88 52.65
CA HIS F 402 27.32 -51.97 53.42
C HIS F 402 27.88 -50.58 53.67
N LYS F 403 26.99 -49.61 53.93
CA LYS F 403 27.38 -48.27 54.39
C LYS F 403 28.43 -48.35 55.49
N LYS F 404 28.05 -49.00 56.59
CA LYS F 404 28.91 -49.14 57.75
C LYS F 404 30.26 -49.77 57.44
N LYS F 405 30.24 -51.00 56.94
CA LYS F 405 31.48 -51.70 56.62
C LYS F 405 32.35 -50.87 55.67
N LEU F 406 31.76 -50.27 54.65
CA LEU F 406 32.53 -49.43 53.75
C LEU F 406 33.10 -48.20 54.47
N ALA F 407 32.29 -47.53 55.29
CA ALA F 407 32.76 -46.30 55.92
C ALA F 407 33.75 -46.55 57.06
N ALA F 408 33.87 -47.78 57.53
CA ALA F 408 34.83 -48.11 58.57
C ALA F 408 36.16 -48.57 58.00
N ALA F 409 36.31 -48.60 56.70
CA ALA F 409 37.55 -49.17 56.18
C ALA F 409 38.46 -48.06 55.67
N PRO F 410 39.78 -48.29 55.73
CA PRO F 410 40.74 -47.24 55.35
C PRO F 410 40.39 -46.60 54.01
N GLU F 411 40.50 -45.27 53.94
CA GLU F 411 40.06 -44.57 52.73
C GLU F 411 40.79 -45.09 51.49
N HIS F 412 42.07 -45.43 51.62
CA HIS F 412 42.85 -45.94 50.51
C HIS F 412 42.48 -47.38 50.12
N GLU F 413 41.50 -47.99 50.78
CA GLU F 413 40.97 -49.30 50.37
C GLU F 413 39.46 -49.31 50.24
N ARG F 414 38.79 -48.20 50.55
CA ARG F 414 37.34 -48.14 50.48
C ARG F 414 36.85 -48.40 49.06
N GLU F 415 37.44 -47.70 48.07
CA GLU F 415 37.01 -47.87 46.69
C GLU F 415 37.39 -49.23 46.10
N ALA F 416 38.35 -49.92 46.70
CA ALA F 416 38.66 -51.29 46.28
C ALA F 416 37.73 -52.30 46.94
N LEU F 417 37.43 -52.14 48.22
CA LEU F 417 36.41 -53.00 48.84
C LEU F 417 35.02 -52.75 48.26
N HIS F 418 34.75 -51.52 47.80
CA HIS F 418 33.49 -51.21 47.14
C HIS F 418 33.32 -52.03 45.86
N ASP F 419 34.27 -51.93 44.94
CA ASP F 419 34.17 -52.63 43.67
C ASP F 419 34.20 -54.14 43.87
N GLN F 420 34.82 -54.62 44.95
CA GLN F 420 34.81 -56.05 45.20
C GLN F 420 33.42 -56.51 45.63
N LEU F 421 32.81 -55.83 46.61
CA LEU F 421 31.48 -56.21 47.07
C LEU F 421 30.45 -56.14 45.96
N ALA F 422 30.59 -55.16 45.05
CA ALA F 422 29.68 -55.06 43.92
C ALA F 422 29.79 -56.30 43.04
N ALA F 423 30.99 -56.89 42.95
CA ALA F 423 31.18 -58.07 42.11
C ALA F 423 30.50 -59.30 42.72
N GLU F 424 30.75 -59.58 44.00
CA GLU F 424 30.04 -60.70 44.59
C GLU F 424 28.63 -60.33 45.01
N HIS F 425 28.17 -59.13 44.67
CA HIS F 425 26.74 -58.88 44.73
C HIS F 425 26.03 -59.47 43.50
N GLU F 426 26.62 -59.30 42.32
CA GLU F 426 26.10 -59.91 41.10
C GLU F 426 26.25 -61.43 41.09
N ARG F 427 27.08 -62.00 41.96
CA ARG F 427 27.15 -63.45 42.06
C ARG F 427 25.90 -64.01 42.74
N ILE F 428 25.34 -63.29 43.71
CA ILE F 428 24.16 -63.79 44.40
C ILE F 428 22.88 -63.28 43.74
N ALA F 429 22.85 -62.01 43.35
CA ALA F 429 21.61 -61.39 42.89
C ALA F 429 21.74 -60.83 41.48
N GLY F 430 20.86 -59.89 41.14
CA GLY F 430 20.93 -59.20 39.86
C GLY F 430 20.25 -59.89 38.69
N GLY F 431 20.75 -61.06 38.27
CA GLY F 431 20.42 -61.65 36.99
C GLY F 431 19.09 -62.38 36.93
N VAL F 432 18.85 -62.99 35.77
CA VAL F 432 17.58 -63.66 35.49
C VAL F 432 17.43 -64.94 36.30
N ASP F 433 18.53 -65.61 36.62
CA ASP F 433 18.45 -66.88 37.33
C ASP F 433 17.97 -66.67 38.77
N SER F 434 18.45 -65.61 39.42
CA SER F 434 17.89 -65.24 40.72
C SER F 434 16.38 -64.98 40.60
N ALA F 435 15.97 -64.12 39.68
CA ALA F 435 14.56 -63.78 39.52
C ALA F 435 13.73 -65.00 39.14
N LEU F 436 14.29 -65.91 38.35
CA LEU F 436 13.57 -67.13 38.00
C LEU F 436 13.24 -67.97 39.24
N ASP F 437 14.19 -68.11 40.18
CA ASP F 437 13.92 -68.91 41.38
C ASP F 437 12.94 -68.20 42.31
N ILE F 438 13.08 -66.88 42.45
CA ILE F 438 12.09 -66.08 43.17
C ILE F 438 10.69 -66.35 42.63
N GLY F 439 10.57 -66.48 41.30
CA GLY F 439 9.30 -66.61 40.62
C GLY F 439 8.84 -65.37 39.86
N VAL F 440 9.56 -64.26 39.95
CA VAL F 440 9.05 -63.01 39.37
C VAL F 440 9.35 -62.91 37.89
N VAL F 441 10.21 -63.77 37.37
CA VAL F 441 10.29 -64.06 35.95
C VAL F 441 9.80 -65.49 35.75
N ASP F 442 9.07 -65.72 34.67
CA ASP F 442 8.55 -67.04 34.42
C ASP F 442 9.42 -67.84 33.47
N GLU F 443 10.09 -67.19 32.52
CA GLU F 443 10.89 -67.94 31.58
C GLU F 443 11.95 -67.05 30.97
N LYS F 444 13.14 -67.59 30.81
CA LYS F 444 14.19 -66.92 30.07
C LYS F 444 14.11 -67.43 28.64
N ILE F 445 14.07 -66.50 27.67
CA ILE F 445 13.74 -66.87 26.30
C ILE F 445 14.85 -66.43 25.37
N ASP F 446 15.09 -67.25 24.36
CA ASP F 446 15.98 -66.90 23.28
C ASP F 446 15.39 -65.71 22.54
N PRO F 447 16.09 -64.57 22.45
CA PRO F 447 15.51 -63.41 21.73
C PRO F 447 15.14 -63.69 20.29
N ALA F 448 15.67 -64.73 19.65
CA ALA F 448 15.18 -65.01 18.31
C ALA F 448 13.77 -65.62 18.32
N HIS F 449 13.19 -65.89 19.49
CA HIS F 449 11.87 -66.51 19.58
C HIS F 449 10.86 -65.61 20.27
N THR F 450 11.13 -64.31 20.34
CA THR F 450 10.28 -63.39 21.10
C THR F 450 8.84 -63.40 20.62
N ARG F 451 8.62 -63.23 19.31
CA ARG F 451 7.25 -63.23 18.80
C ARG F 451 6.47 -64.49 19.22
N SER F 452 7.00 -65.67 18.91
CA SER F 452 6.22 -66.87 19.16
C SER F 452 6.04 -67.13 20.64
N LYS F 453 7.03 -66.78 21.47
CA LYS F 453 6.86 -66.90 22.92
C LYS F 453 5.78 -65.95 23.43
N LEU F 454 5.83 -64.68 23.01
CA LEU F 454 4.77 -63.73 23.37
C LEU F 454 3.41 -64.18 22.85
N THR F 455 3.37 -64.64 21.61
CA THR F 455 2.11 -65.10 21.01
C THR F 455 1.58 -66.33 21.73
N GLU F 456 2.44 -67.31 22.03
CA GLU F 456 2.03 -68.46 22.80
C GLU F 456 1.46 -68.04 24.16
N ALA F 457 2.17 -67.17 24.88
CA ALA F 457 1.72 -66.74 26.20
C ALA F 457 0.41 -65.99 26.14
N LEU F 458 0.27 -65.08 25.17
CA LEU F 458 -0.97 -64.34 25.00
C LEU F 458 -2.13 -65.26 24.65
N ALA F 459 -1.88 -66.21 23.73
CA ALA F 459 -2.92 -67.11 23.25
C ALA F 459 -3.49 -68.01 24.34
N GLN F 460 -2.72 -68.33 25.38
CA GLN F 460 -3.20 -69.33 26.32
C GLN F 460 -3.81 -68.74 27.58
N ALA F 461 -3.62 -67.45 27.85
CA ALA F 461 -4.38 -66.77 28.86
C ALA F 461 -5.87 -66.82 28.51
N PRO F 462 -6.75 -66.55 29.47
CA PRO F 462 -8.15 -66.32 29.13
C PRO F 462 -8.37 -64.94 28.56
N ALA F 463 -9.43 -64.80 27.76
CA ALA F 463 -9.77 -63.47 27.26
C ALA F 463 -10.08 -62.49 28.39
N ARG F 464 -10.39 -62.97 29.60
CA ARG F 464 -10.77 -62.11 30.72
C ARG F 464 -10.35 -62.75 32.03
N ARG F 465 -10.34 -61.94 33.10
CA ARG F 465 -9.71 -62.26 34.39
C ARG F 465 -8.20 -62.45 34.23
N GLY F 466 -7.49 -62.62 35.34
CA GLY F 466 -6.04 -62.77 35.33
C GLY F 466 -5.26 -61.71 36.10
N LEU G 13 12.78 27.38 -8.75
CA LEU G 13 14.15 27.78 -9.04
C LEU G 13 14.74 28.66 -7.91
N ASP G 14 14.95 29.93 -8.27
CA ASP G 14 15.30 31.00 -7.32
C ASP G 14 14.26 31.24 -6.23
N PRO G 15 12.97 30.88 -6.34
CA PRO G 15 12.11 30.96 -5.15
C PRO G 15 12.61 30.15 -3.97
N ARG G 16 13.32 29.04 -4.21
CA ARG G 16 13.90 28.20 -3.18
C ARG G 16 15.28 28.64 -2.73
N ASP G 17 15.72 29.82 -3.14
CA ASP G 17 17.06 30.27 -2.80
C ASP G 17 17.13 30.53 -1.29
N PRO G 18 18.11 29.97 -0.59
CA PRO G 18 18.07 30.05 0.88
C PRO G 18 18.30 31.45 1.41
N LEU G 19 19.16 32.25 0.76
CA LEU G 19 19.34 33.63 1.20
C LEU G 19 18.03 34.42 1.04
N LEU G 20 17.25 34.10 0.01
CA LEU G 20 15.95 34.73 -0.14
C LEU G 20 15.02 34.33 1.01
N ARG G 21 14.94 33.03 1.30
CA ARG G 21 14.09 32.55 2.39
C ARG G 21 14.46 33.20 3.72
N LEU G 22 15.74 33.17 4.08
CA LEU G 22 16.17 33.77 5.35
C LEU G 22 15.79 35.25 5.43
N SER G 23 15.74 35.94 4.29
CA SER G 23 15.50 37.37 4.28
C SER G 23 14.01 37.70 4.38
N ASN G 24 13.16 36.91 3.72
CA ASN G 24 11.73 37.00 4.00
C ASN G 24 11.41 36.77 5.48
N PHE G 25 12.21 35.96 6.19
CA PHE G 25 11.90 35.63 7.59
C PHE G 25 12.43 36.68 8.56
N PHE G 26 13.70 37.07 8.43
CA PHE G 26 14.29 38.03 9.34
C PHE G 26 13.75 39.45 9.10
N ASP G 27 14.04 40.32 10.07
CA ASP G 27 13.85 41.76 9.92
C ASP G 27 14.61 42.26 8.69
N ASP G 28 13.98 43.16 7.93
CA ASP G 28 14.66 43.70 6.76
C ASP G 28 15.97 44.34 7.17
N GLY G 29 17.04 43.99 6.42
CA GLY G 29 18.35 44.53 6.65
C GLY G 29 19.13 43.91 7.79
N SER G 30 18.61 42.86 8.45
CA SER G 30 19.30 42.34 9.63
C SER G 30 20.14 41.10 9.38
N VAL G 31 20.02 40.46 8.20
CA VAL G 31 20.68 39.18 7.98
C VAL G 31 22.21 39.32 8.00
N GLU G 32 22.87 38.39 8.67
CA GLU G 32 24.30 38.33 8.82
C GLU G 32 24.70 36.87 8.65
N LEU G 33 25.40 36.51 7.61
CA LEU G 33 25.68 35.10 7.38
C LEU G 33 26.63 34.57 8.43
N LEU G 34 26.42 33.35 8.87
CA LEU G 34 27.36 32.77 9.82
C LEU G 34 28.54 32.09 9.14
N HIS G 35 28.53 32.00 7.81
CA HIS G 35 29.60 31.35 7.07
C HIS G 35 29.49 31.81 5.61
N GLU G 36 30.57 31.62 4.87
CA GLU G 36 30.54 31.83 3.43
C GLU G 36 29.56 30.85 2.77
N ARG G 37 28.80 31.33 1.78
CA ARG G 37 27.92 30.41 1.07
C ARG G 37 28.74 29.33 0.40
N ASP G 38 28.08 28.21 0.10
CA ASP G 38 28.78 27.10 -0.53
C ASP G 38 27.72 26.21 -1.20
N ARG G 39 28.09 24.93 -1.32
CA ARG G 39 27.30 23.83 -1.89
C ARG G 39 27.50 22.70 -0.88
N SER G 40 26.78 22.80 0.23
CA SER G 40 26.79 21.80 1.29
C SER G 40 25.32 21.45 1.40
N GLY G 41 24.54 22.52 1.43
CA GLY G 41 23.12 22.52 1.43
C GLY G 41 22.59 23.37 2.57
N VAL G 42 23.34 24.26 3.24
CA VAL G 42 22.72 24.93 4.36
C VAL G 42 23.27 26.33 4.37
N LEU G 43 22.43 27.29 4.73
CA LEU G 43 22.89 28.65 5.00
C LEU G 43 22.41 29.01 6.41
N ALA G 44 23.37 29.29 7.30
CA ALA G 44 23.06 29.74 8.66
C ALA G 44 23.31 31.25 8.75
N ALA G 45 22.51 31.91 9.58
CA ALA G 45 22.67 33.36 9.70
C ALA G 45 22.07 33.83 11.02
N ALA G 46 22.55 34.97 11.50
CA ALA G 46 21.94 35.72 12.58
C ALA G 46 21.10 36.87 12.02
N GLY G 47 20.03 37.21 12.71
CA GLY G 47 19.25 38.37 12.36
C GLY G 47 18.44 38.83 13.55
N THR G 48 17.48 39.72 13.29
CA THR G 48 16.50 40.07 14.32
C THR G 48 15.11 39.70 13.85
N VAL G 49 14.24 39.45 14.82
CA VAL G 49 12.82 39.23 14.59
C VAL G 49 12.10 40.16 15.55
N ASN G 50 11.55 41.25 15.02
CA ASN G 50 10.96 42.33 15.81
C ASN G 50 11.89 42.73 16.95
N GLY G 51 13.16 42.91 16.61
CA GLY G 51 14.16 43.35 17.56
C GLY G 51 14.93 42.23 18.24
N VAL G 52 14.34 41.06 18.38
CA VAL G 52 14.92 39.96 19.14
C VAL G 52 16.02 39.27 18.32
N ARG G 53 17.23 39.19 18.88
CA ARG G 53 18.30 38.49 18.16
C ARG G 53 17.97 37.01 17.99
N THR G 54 18.21 36.49 16.80
CA THR G 54 17.77 35.16 16.41
C THR G 54 18.75 34.54 15.43
N ILE G 55 19.03 33.28 15.62
CA ILE G 55 19.81 32.49 14.68
C ILE G 55 18.82 31.67 13.88
N ALA G 56 19.05 31.58 12.56
CA ALA G 56 18.22 30.74 11.71
C ALA G 56 19.13 30.03 10.72
N PHE G 57 18.65 28.87 10.24
CA PHE G 57 19.32 28.13 9.20
C PHE G 57 18.30 27.66 8.17
N CYS G 58 18.75 27.51 6.94
CA CYS G 58 17.85 27.11 5.87
C CYS G 58 18.52 26.04 5.02
N THR G 59 17.83 24.93 4.84
CA THR G 59 18.33 23.94 3.91
C THR G 59 18.04 24.42 2.49
N ASP G 60 18.97 24.14 1.58
CA ASP G 60 18.99 24.78 0.28
C ASP G 60 18.35 23.85 -0.73
N GLY G 61 17.06 24.06 -1.01
CA GLY G 61 16.39 23.24 -1.99
C GLY G 61 17.02 23.24 -3.36
N THR G 62 17.90 24.20 -3.67
CA THR G 62 18.46 24.28 -5.01
C THR G 62 19.62 23.32 -5.22
N VAL G 63 20.23 22.83 -4.14
CA VAL G 63 21.39 21.94 -4.23
C VAL G 63 20.95 20.54 -3.80
N MET G 64 20.99 19.60 -4.73
CA MET G 64 20.66 18.20 -4.48
C MET G 64 19.31 18.05 -3.78
N GLY G 65 18.36 18.91 -4.13
CA GLY G 65 17.06 18.90 -3.48
C GLY G 65 17.07 19.25 -2.01
N GLY G 66 18.14 19.88 -1.53
CA GLY G 66 18.26 20.16 -0.11
C GLY G 66 18.71 19.00 0.73
N ALA G 67 19.19 17.91 0.12
CA ALA G 67 19.62 16.74 0.86
C ALA G 67 20.76 17.07 1.82
N MET G 68 20.69 16.52 3.02
CA MET G 68 21.61 16.88 4.09
C MET G 68 22.91 16.09 4.00
N GLY G 69 24.04 16.81 4.07
CA GLY G 69 25.33 16.17 4.03
C GLY G 69 26.24 16.58 5.17
N VAL G 70 27.50 16.14 5.12
CA VAL G 70 28.41 16.36 6.25
C VAL G 70 28.67 17.84 6.46
N GLU G 71 28.89 18.58 5.37
CA GLU G 71 29.20 20.00 5.53
C GLU G 71 27.95 20.79 5.90
N GLY G 72 26.80 20.45 5.34
CA GLY G 72 25.58 21.16 5.72
C GLY G 72 25.30 21.03 7.20
N CYS G 73 25.37 19.79 7.70
CA CYS G 73 25.04 19.49 9.09
C CYS G 73 26.00 20.19 10.04
N THR G 74 27.25 20.35 9.64
CA THR G 74 28.18 21.07 10.51
C THR G 74 27.82 22.55 10.60
N HIS G 75 27.29 23.15 9.54
CA HIS G 75 26.83 24.52 9.67
C HIS G 75 25.67 24.60 10.64
N ILE G 76 24.78 23.60 10.62
CA ILE G 76 23.66 23.61 11.55
C ILE G 76 24.17 23.47 12.99
N VAL G 77 24.99 22.45 13.25
CA VAL G 77 25.51 22.24 14.60
C VAL G 77 26.21 23.50 15.11
N ASN G 78 26.92 24.21 14.20
CA ASN G 78 27.59 25.44 14.59
C ASN G 78 26.60 26.56 14.86
N ALA G 79 25.55 26.65 14.02
CA ALA G 79 24.47 27.60 14.30
C ALA G 79 23.87 27.36 15.68
N TYR G 80 23.67 26.08 16.04
CA TYR G 80 23.14 25.72 17.35
C TYR G 80 24.11 26.13 18.47
N ASP G 81 25.39 25.82 18.31
CA ASP G 81 26.36 26.26 19.32
C ASP G 81 26.30 27.78 19.48
N THR G 82 26.27 28.52 18.37
CA THR G 82 26.17 29.98 18.47
C THR G 82 24.90 30.38 19.23
N ALA G 83 23.77 29.77 18.88
CA ALA G 83 22.53 30.08 19.57
C ALA G 83 22.61 29.70 21.04
N ILE G 84 23.18 28.53 21.34
CA ILE G 84 23.24 28.08 22.72
C ILE G 84 24.11 29.02 23.54
N GLU G 85 25.17 29.55 22.93
CA GLU G 85 26.08 30.42 23.68
C GLU G 85 25.50 31.80 23.91
N ASP G 86 24.74 32.34 22.96
CA ASP G 86 24.13 33.66 23.15
C ASP G 86 22.74 33.57 23.74
N GLN G 87 22.26 32.38 24.09
CA GLN G 87 20.91 32.15 24.60
C GLN G 87 19.86 32.74 23.67
N SER G 88 20.05 32.53 22.39
CA SER G 88 19.19 33.05 21.33
C SER G 88 18.28 31.96 20.78
N PRO G 89 17.05 32.31 20.39
CA PRO G 89 16.17 31.33 19.72
C PRO G 89 16.75 30.95 18.37
N ILE G 90 16.47 29.72 17.93
CA ILE G 90 17.02 29.24 16.68
C ILE G 90 15.90 28.66 15.85
N VAL G 91 15.79 29.16 14.61
CA VAL G 91 14.70 28.83 13.69
C VAL G 91 15.30 28.02 12.56
N GLY G 92 14.62 26.94 12.16
CA GLY G 92 15.06 26.13 11.03
C GLY G 92 14.05 26.18 9.91
N ILE G 93 14.51 26.49 8.69
CA ILE G 93 13.64 26.52 7.51
C ILE G 93 13.98 25.31 6.67
N TRP G 94 13.00 24.39 6.51
CA TRP G 94 13.25 23.02 6.07
C TRP G 94 12.68 22.75 4.67
N HIS G 95 13.57 22.34 3.77
CA HIS G 95 13.26 21.87 2.42
C HIS G 95 14.33 20.81 2.14
N SER G 96 13.99 19.53 2.25
CA SER G 96 15.01 18.50 2.07
C SER G 96 14.41 17.11 1.97
N GLY G 97 14.86 16.32 1.00
CA GLY G 97 14.42 14.95 0.98
C GLY G 97 15.16 14.02 1.90
N GLY G 98 16.16 14.52 2.64
CA GLY G 98 16.79 13.74 3.68
C GLY G 98 18.30 13.73 3.58
N ALA G 99 18.93 12.64 3.99
CA ALA G 99 20.38 12.58 3.95
C ALA G 99 20.86 12.24 2.54
N ARG G 100 22.04 12.73 2.23
CA ARG G 100 22.71 12.44 0.98
C ARG G 100 23.15 10.99 0.96
N LEU G 101 22.43 10.15 0.22
CA LEU G 101 22.73 8.71 0.21
C LEU G 101 24.14 8.42 -0.28
N ALA G 102 24.63 9.22 -1.26
CA ALA G 102 25.97 9.03 -1.79
C ALA G 102 27.06 9.28 -0.75
N GLU G 103 26.77 10.00 0.33
CA GLU G 103 27.76 10.29 1.36
C GLU G 103 27.79 9.23 2.46
N GLY G 104 26.96 8.19 2.35
CA GLY G 104 26.97 6.99 3.19
C GLY G 104 26.75 7.24 4.68
N VAL G 105 27.44 6.44 5.49
CA VAL G 105 27.28 6.55 6.93
C VAL G 105 27.83 7.87 7.45
N ARG G 106 28.76 8.48 6.72
CA ARG G 106 29.25 9.79 7.14
C ARG G 106 28.11 10.79 7.27
N ALA G 107 27.13 10.75 6.35
CA ALA G 107 26.02 11.68 6.43
C ALA G 107 25.09 11.28 7.57
N LEU G 108 24.90 9.98 7.76
CA LEU G 108 24.10 9.48 8.87
C LEU G 108 24.62 10.03 10.20
N HIS G 109 25.91 9.83 10.47
CA HIS G 109 26.53 10.39 11.66
C HIS G 109 26.35 11.91 11.73
N ALA G 110 26.56 12.62 10.62
CA ALA G 110 26.40 14.07 10.65
C ALA G 110 24.97 14.43 11.01
N VAL G 111 23.99 13.81 10.34
CA VAL G 111 22.58 14.04 10.66
C VAL G 111 22.32 13.82 12.15
N GLY G 112 22.84 12.71 12.69
CA GLY G 112 22.63 12.43 14.10
C GLY G 112 23.22 13.50 15.00
N GLN G 113 24.33 14.10 14.58
CA GLN G 113 24.94 15.16 15.37
C GLN G 113 24.12 16.43 15.35
N VAL G 114 23.23 16.60 14.37
CA VAL G 114 22.30 17.72 14.47
C VAL G 114 21.25 17.42 15.51
N PHE G 115 20.76 16.16 15.55
CA PHE G 115 19.84 15.74 16.61
C PHE G 115 20.45 16.00 17.97
N GLU G 116 21.66 15.50 18.18
CA GLU G 116 22.32 15.72 19.45
C GLU G 116 22.34 17.20 19.81
N ALA G 117 22.72 18.05 18.84
CA ALA G 117 22.68 19.48 19.06
C ALA G 117 21.30 19.96 19.47
N MET G 118 20.27 19.55 18.73
CA MET G 118 18.90 19.90 19.10
C MET G 118 18.55 19.41 20.51
N ILE G 119 19.12 18.28 20.94
CA ILE G 119 18.79 17.76 22.25
C ILE G 119 19.51 18.52 23.38
N ARG G 120 20.73 19.01 23.13
CA ARG G 120 21.38 19.87 24.10
C ARG G 120 20.63 21.18 24.27
N ALA G 121 20.09 21.73 23.17
CA ALA G 121 19.40 23.00 23.27
C ALA G 121 18.01 22.87 23.85
N SER G 122 17.48 21.65 23.88
CA SER G 122 16.09 21.45 24.27
C SER G 122 15.82 22.00 25.67
N GLY G 123 14.78 22.82 25.79
CA GLY G 123 14.44 23.46 27.05
C GLY G 123 15.36 24.59 27.48
N TYR G 124 16.42 24.89 26.72
CA TYR G 124 17.35 25.97 27.03
C TYR G 124 17.15 27.20 26.15
N ILE G 125 17.05 27.00 24.83
CA ILE G 125 16.62 28.06 23.91
C ILE G 125 15.38 27.55 23.18
N PRO G 126 14.47 28.43 22.76
CA PRO G 126 13.34 27.98 21.93
C PRO G 126 13.80 27.59 20.52
N GLN G 127 13.20 26.52 20.00
CA GLN G 127 13.50 26.04 18.64
C GLN G 127 12.21 25.97 17.84
N ILE G 128 12.11 26.77 16.77
CA ILE G 128 10.96 26.77 15.86
C ILE G 128 11.38 26.15 14.52
N SER G 129 10.47 25.43 13.90
CA SER G 129 10.69 24.78 12.62
C SER G 129 9.66 25.30 11.62
N VAL G 130 10.12 25.77 10.48
CA VAL G 130 9.24 26.24 9.42
C VAL G 130 9.49 25.34 8.22
N VAL G 131 8.64 24.33 8.04
CA VAL G 131 8.78 23.37 6.95
C VAL G 131 8.09 23.95 5.74
N VAL G 132 8.88 24.36 4.73
CA VAL G 132 8.33 25.06 3.59
C VAL G 132 8.39 24.22 2.31
N GLY G 133 9.32 23.28 2.20
CA GLY G 133 9.34 22.32 1.12
C GLY G 133 9.00 20.93 1.59
N PHE G 134 9.31 19.94 0.74
CA PHE G 134 9.19 18.57 1.18
C PHE G 134 10.24 18.29 2.26
N ALA G 135 9.92 17.35 3.14
CA ALA G 135 10.84 17.02 4.24
C ALA G 135 10.70 15.54 4.57
N ALA G 136 11.70 14.75 4.16
CA ALA G 136 11.70 13.32 4.40
C ALA G 136 12.90 12.90 5.24
N GLY G 137 12.77 11.73 5.87
CA GLY G 137 13.88 11.09 6.55
C GLY G 137 14.37 11.91 7.72
N GLY G 138 15.68 12.14 7.76
CA GLY G 138 16.24 13.00 8.78
C GLY G 138 15.61 14.37 8.81
N ALA G 139 15.09 14.84 7.68
CA ALA G 139 14.41 16.13 7.64
C ALA G 139 12.99 16.07 8.20
N ALA G 140 12.45 14.87 8.42
CA ALA G 140 11.21 14.76 9.18
C ALA G 140 11.51 14.65 10.68
N TYR G 141 12.58 13.94 11.05
CA TYR G 141 12.88 13.78 12.46
C TYR G 141 13.48 15.03 13.08
N GLY G 142 14.20 15.83 12.29
CA GLY G 142 14.75 17.08 12.75
C GLY G 142 13.73 18.00 13.40
N PRO G 143 12.71 18.42 12.64
CA PRO G 143 11.70 19.31 13.24
C PRO G 143 10.94 18.64 14.35
N ALA G 144 10.80 17.32 14.27
CA ALA G 144 10.19 16.53 15.34
C ALA G 144 10.93 16.65 16.68
N LEU G 145 12.19 17.10 16.69
CA LEU G 145 12.91 17.37 17.94
C LEU G 145 12.77 18.81 18.43
N THR G 146 12.28 19.73 17.60
CA THR G 146 12.16 21.11 18.07
C THR G 146 10.84 21.29 18.85
N ASP G 147 10.58 22.52 19.30
CA ASP G 147 9.48 22.80 20.21
C ASP G 147 8.15 23.05 19.50
N VAL G 148 8.16 23.80 18.39
CA VAL G 148 6.96 24.08 17.61
C VAL G 148 7.32 23.92 16.13
N VAL G 149 6.47 23.24 15.38
CA VAL G 149 6.67 23.01 13.94
C VAL G 149 5.54 23.68 13.18
N VAL G 150 5.89 24.65 12.34
CA VAL G 150 4.95 25.33 11.45
C VAL G 150 5.11 24.73 10.06
N MET G 151 4.00 24.35 9.43
CA MET G 151 4.02 23.69 8.13
C MET G 151 3.31 24.53 7.08
N ALA G 152 4.03 24.88 6.03
CA ALA G 152 3.40 25.49 4.87
C ALA G 152 2.74 24.40 4.02
N PRO G 153 1.54 24.65 3.49
CA PRO G 153 0.75 23.56 2.86
C PRO G 153 1.36 23.02 1.57
N GLU G 154 2.37 23.69 0.99
CA GLU G 154 3.06 23.15 -0.17
C GLU G 154 4.03 22.02 0.18
N SER G 155 3.70 21.17 1.14
CA SER G 155 4.46 19.94 1.35
C SER G 155 3.51 18.74 1.38
N SER G 188 -0.88 12.44 12.22
CA SER G 188 0.47 12.50 12.74
C SER G 188 0.48 13.08 14.15
N GLY G 189 0.11 14.35 14.29
CA GLY G 189 0.43 15.08 15.51
C GLY G 189 1.80 15.70 15.53
N VAL G 190 2.62 15.52 14.48
CA VAL G 190 3.96 16.10 14.44
C VAL G 190 3.89 17.58 14.17
N CYS G 191 3.05 18.00 13.22
CA CYS G 191 2.88 19.41 12.93
C CYS G 191 2.07 20.10 14.02
N HIS G 192 2.53 21.27 14.45
CA HIS G 192 1.77 22.06 15.42
C HIS G 192 0.85 23.10 14.79
N ILE G 193 1.33 23.82 13.76
CA ILE G 193 0.61 24.93 13.15
C ILE G 193 0.68 24.78 11.63
N VAL G 194 -0.49 24.79 10.97
CA VAL G 194 -0.56 24.76 9.51
C VAL G 194 -0.78 26.19 9.05
N ALA G 195 0.15 26.71 8.25
CA ALA G 195 0.03 28.07 7.77
C ALA G 195 -0.82 28.09 6.50
N ASP G 196 -0.99 29.28 5.93
CA ASP G 196 -1.68 29.41 4.65
C ASP G 196 -0.73 29.29 3.47
N ASP G 197 0.53 29.66 3.64
CA ASP G 197 1.52 29.58 2.57
C ASP G 197 2.89 29.98 3.13
N GLU G 198 3.92 29.95 2.29
CA GLU G 198 5.27 30.13 2.81
C GLU G 198 5.40 31.46 3.55
N LEU G 199 4.83 32.53 3.01
CA LEU G 199 5.01 33.82 3.70
C LEU G 199 4.22 33.86 5.00
N ASP G 200 3.04 33.23 5.03
CA ASP G 200 2.30 33.09 6.27
C ASP G 200 3.04 32.22 7.28
N ALA G 201 3.69 31.14 6.81
CA ALA G 201 4.46 30.31 7.73
C ALA G 201 5.57 31.09 8.39
N TYR G 202 6.24 31.96 7.62
CA TYR G 202 7.22 32.87 8.20
C TYR G 202 6.56 33.80 9.20
N ASP G 203 5.39 34.32 8.84
CA ASP G 203 4.76 35.31 9.70
C ASP G 203 4.33 34.68 11.02
N ARG G 204 3.79 33.46 10.97
CA ARG G 204 3.46 32.76 12.20
CA ARG G 204 3.45 32.76 12.21
C ARG G 204 4.70 32.34 12.96
N GLY G 205 5.71 31.82 12.25
CA GLY G 205 6.98 31.55 12.92
C GLY G 205 7.54 32.79 13.61
N ARG G 206 7.40 33.96 12.99
CA ARG G 206 7.87 35.19 13.63
C ARG G 206 7.09 35.48 14.90
N ARG G 207 5.77 35.33 14.87
CA ARG G 207 4.97 35.59 16.07
C ARG G 207 5.36 34.65 17.19
N LEU G 208 5.76 33.43 16.83
CA LEU G 208 6.17 32.43 17.83
C LEU G 208 7.43 32.85 18.56
N VAL G 209 8.42 33.44 17.87
CA VAL G 209 9.60 33.84 18.64
C VAL G 209 9.27 35.06 19.49
N GLY G 210 8.18 35.74 19.20
CA GLY G 210 7.77 36.85 20.03
C GLY G 210 7.13 36.29 21.27
N LEU G 211 6.33 35.24 21.10
CA LEU G 211 5.66 34.61 22.23
C LEU G 211 6.65 34.04 23.23
N PHE G 212 7.77 33.48 22.73
CA PHE G 212 8.74 32.82 23.59
C PHE G 212 9.77 33.80 24.17
N CYS G 213 10.12 34.86 23.42
CA CYS G 213 11.23 35.74 23.78
C CYS G 213 10.80 37.17 24.09
N GLN G 214 9.56 37.53 23.77
CA GLN G 214 9.00 38.78 24.24
C GLN G 214 7.76 38.43 25.06
N GLN G 215 7.96 37.64 26.12
CA GLN G 215 6.86 37.15 26.95
C GLN G 215 6.16 38.25 27.73
N GLY G 216 6.82 39.36 28.01
CA GLY G 216 6.14 40.46 28.66
C GLY G 216 5.84 40.26 30.15
N HIS G 217 5.08 41.23 30.68
CA HIS G 217 4.60 41.26 32.05
C HIS G 217 3.07 41.22 32.06
N PHE G 218 2.50 40.67 33.13
CA PHE G 218 1.07 40.91 33.37
C PHE G 218 0.85 42.38 33.71
N ASP G 219 -0.23 42.93 33.19
CA ASP G 219 -0.66 44.28 33.50
C ASP G 219 -2.04 44.15 34.13
N ARG G 220 -2.13 44.31 35.45
CA ARG G 220 -3.41 44.15 36.11
C ARG G 220 -4.43 45.18 35.65
N SER G 221 -3.98 46.30 35.10
CA SER G 221 -4.89 47.31 34.56
C SER G 221 -5.53 46.86 33.26
N LYS G 222 -4.74 46.30 32.33
CA LYS G 222 -5.27 45.80 31.05
C LYS G 222 -6.22 44.64 31.24
N ALA G 223 -5.99 43.82 32.27
CA ALA G 223 -6.82 42.65 32.52
C ALA G 223 -8.24 43.06 32.89
N GLU G 224 -8.38 43.87 33.95
CA GLU G 224 -9.70 44.34 34.35
C GLU G 224 -10.41 45.11 33.24
N ALA G 225 -9.64 45.79 32.38
CA ALA G 225 -10.27 46.55 31.30
C ALA G 225 -10.96 45.62 30.31
N GLY G 226 -10.33 44.48 29.98
CA GLY G 226 -10.88 43.52 29.06
C GLY G 226 -11.87 42.53 29.63
N ASP G 227 -12.32 42.75 30.87
CA ASP G 227 -13.26 41.83 31.51
C ASP G 227 -14.60 41.86 30.80
N THR G 228 -15.11 40.68 30.47
CA THR G 228 -16.43 40.50 29.88
C THR G 228 -17.11 39.33 30.59
N ASP G 229 -18.37 39.06 30.26
CA ASP G 229 -19.10 37.92 30.82
C ASP G 229 -18.91 36.70 29.91
N ILE G 230 -17.96 35.83 30.27
CA ILE G 230 -17.71 34.68 29.42
C ILE G 230 -18.81 33.64 29.60
N HIS G 231 -19.52 33.69 30.73
CA HIS G 231 -20.59 32.72 30.97
C HIS G 231 -21.67 32.75 29.90
N ALA G 232 -21.91 33.93 29.31
CA ALA G 232 -22.87 34.06 28.23
C ALA G 232 -22.61 33.04 27.11
N LEU G 233 -21.33 32.76 26.82
CA LEU G 233 -20.98 31.87 25.71
C LEU G 233 -21.43 30.43 25.95
N LEU G 234 -21.48 29.98 27.20
CA LEU G 234 -21.92 28.62 27.49
C LEU G 234 -23.38 28.45 27.08
N PRO G 235 -23.77 27.24 26.65
CA PRO G 235 -25.18 27.01 26.30
C PRO G 235 -26.04 26.98 27.55
N GLU G 236 -27.36 27.03 27.35
CA GLU G 236 -28.29 27.09 28.48
C GLU G 236 -28.41 25.74 29.19
N SER G 237 -28.51 24.66 28.43
CA SER G 237 -28.63 23.33 29.04
C SER G 237 -27.25 22.82 29.39
N SER G 238 -27.07 22.43 30.65
CA SER G 238 -25.79 21.95 31.14
C SER G 238 -25.37 20.63 30.49
N ARG G 239 -26.14 20.16 29.50
CA ARG G 239 -25.77 18.97 28.76
C ARG G 239 -25.48 19.20 27.27
N ARG G 240 -25.77 20.37 26.71
CA ARG G 240 -25.47 20.57 25.30
C ARG G 240 -23.97 20.80 25.13
N ALA G 241 -23.33 19.91 24.36
CA ALA G 241 -21.95 20.14 23.93
C ALA G 241 -21.82 21.48 23.22
N TYR G 242 -20.63 22.06 23.28
CA TYR G 242 -20.36 23.39 22.75
C TYR G 242 -18.88 23.45 22.45
N ASP G 243 -18.48 24.48 21.70
CA ASP G 243 -17.10 24.66 21.30
C ASP G 243 -16.43 25.62 22.29
N VAL G 244 -15.36 25.14 22.95
CA VAL G 244 -14.75 25.91 24.03
C VAL G 244 -13.90 27.08 23.50
N ARG G 245 -13.41 26.99 22.27
CA ARG G 245 -12.50 28.01 21.74
C ARG G 245 -13.01 29.45 21.83
N PRO G 246 -14.31 29.75 21.62
CA PRO G 246 -14.81 31.09 22.00
C PRO G 246 -14.59 31.50 23.46
N ILE G 247 -14.70 30.56 24.40
CA ILE G 247 -14.43 30.90 25.80
C ILE G 247 -12.96 31.24 26.00
N VAL G 248 -12.06 30.47 25.36
CA VAL G 248 -10.63 30.78 25.40
C VAL G 248 -10.39 32.18 24.85
N THR G 249 -10.98 32.47 23.68
CA THR G 249 -10.83 33.78 23.06
C THR G 249 -11.32 34.91 23.96
N ALA G 250 -12.41 34.67 24.69
CA ALA G 250 -12.94 35.70 25.59
C ALA G 250 -12.04 35.96 26.80
N ILE G 251 -11.36 34.94 27.32
CA ILE G 251 -10.36 35.15 28.37
C ILE G 251 -9.16 35.90 27.82
N LEU G 252 -8.61 35.42 26.70
CA LEU G 252 -7.38 35.96 26.14
C LEU G 252 -7.61 37.35 25.55
N ASP G 253 -6.49 38.05 25.34
CA ASP G 253 -6.54 39.45 24.89
C ASP G 253 -7.37 39.55 23.62
N ALA G 254 -8.12 40.63 23.52
CA ALA G 254 -9.05 40.79 22.40
C ALA G 254 -8.33 41.02 21.08
N ASP G 255 -7.14 41.57 21.12
CA ASP G 255 -6.45 41.97 19.90
C ASP G 255 -5.51 40.90 19.36
N THR G 256 -5.00 40.01 20.23
CA THR G 256 -3.95 39.05 19.95
C THR G 256 -4.53 37.80 19.30
N PRO G 257 -3.83 37.17 18.35
CA PRO G 257 -4.27 35.87 17.84
C PRO G 257 -4.06 34.76 18.85
N PHE G 258 -4.94 33.75 18.83
CA PHE G 258 -4.73 32.57 19.63
C PHE G 258 -4.09 31.51 18.76
N ASP G 259 -2.88 31.11 19.11
CA ASP G 259 -2.10 30.19 18.30
C ASP G 259 -2.27 28.77 18.85
N GLU G 260 -3.32 28.10 18.37
CA GLU G 260 -3.63 26.74 18.82
C GLU G 260 -2.69 25.72 18.18
N PHE G 261 -2.20 24.79 18.99
CA PHE G 261 -1.29 23.76 18.50
C PHE G 261 -2.07 22.48 18.23
N GLN G 262 -1.73 21.81 17.13
CA GLN G 262 -2.25 20.47 16.84
C GLN G 262 -3.78 20.44 16.86
N ALA G 263 -4.42 21.37 16.14
CA ALA G 263 -5.87 21.50 16.31
C ALA G 263 -6.61 20.30 15.74
N ASN G 264 -6.03 19.60 14.77
CA ASN G 264 -6.72 18.47 14.18
C ASN G 264 -6.26 17.13 14.76
N TRP G 265 -5.63 17.14 15.92
CA TRP G 265 -5.13 15.94 16.58
C TRP G 265 -5.61 15.95 18.02
N ALA G 266 -6.35 14.91 18.41
CA ALA G 266 -6.94 14.82 19.74
C ALA G 266 -7.78 16.07 20.00
N PRO G 267 -8.84 16.31 19.23
CA PRO G 267 -9.57 17.57 19.33
C PRO G 267 -10.55 17.67 20.50
N SER G 268 -10.53 16.73 21.44
CA SER G 268 -11.24 16.97 22.69
C SER G 268 -10.43 17.84 23.65
N MET G 269 -9.23 18.24 23.22
CA MET G 269 -8.30 19.03 24.01
C MET G 269 -7.78 20.16 23.14
N VAL G 270 -8.04 21.41 23.53
CA VAL G 270 -7.43 22.58 22.89
C VAL G 270 -6.21 22.98 23.71
N VAL G 271 -5.07 23.14 23.06
CA VAL G 271 -3.90 23.75 23.66
C VAL G 271 -3.35 24.78 22.69
N GLY G 272 -2.78 25.85 23.23
CA GLY G 272 -2.08 26.81 22.41
C GLY G 272 -1.56 27.95 23.25
N LEU G 273 -0.81 28.82 22.60
CA LEU G 273 -0.21 30.00 23.22
C LEU G 273 -0.98 31.24 22.84
N GLY G 274 -1.11 32.17 23.79
CA GLY G 274 -1.71 33.46 23.54
C GLY G 274 -1.25 34.52 24.50
N ARG G 275 -1.98 35.65 24.62
CA ARG G 275 -1.57 36.72 25.52
C ARG G 275 -2.70 37.13 26.45
N LEU G 276 -2.35 37.34 27.72
CA LEU G 276 -3.30 37.68 28.78
C LEU G 276 -2.80 38.96 29.43
N SER G 277 -3.49 40.07 29.16
CA SER G 277 -3.05 41.40 29.55
C SER G 277 -1.63 41.70 29.04
N GLY G 278 -1.28 41.11 27.89
CA GLY G 278 0.02 41.29 27.29
C GLY G 278 1.01 40.17 27.56
N ARG G 279 0.77 39.36 28.61
CA ARG G 279 1.71 38.30 28.99
C ARG G 279 1.43 37.01 28.21
N THR G 280 2.48 36.41 27.64
CA THR G 280 2.38 35.09 27.03
C THR G 280 1.91 34.07 28.06
N VAL G 281 0.76 33.45 27.82
CA VAL G 281 0.32 32.31 28.63
C VAL G 281 0.08 31.11 27.72
N GLY G 282 0.09 29.93 28.32
CA GLY G 282 -0.36 28.71 27.66
C GLY G 282 -1.74 28.33 28.20
N VAL G 283 -2.62 27.89 27.29
CA VAL G 283 -4.00 27.55 27.63
C VAL G 283 -4.24 26.07 27.35
N LEU G 284 -4.86 25.38 28.29
CA LEU G 284 -5.36 24.02 28.11
C LEU G 284 -6.85 23.99 28.44
N ALA G 285 -7.65 23.44 27.53
CA ALA G 285 -9.10 23.46 27.72
C ALA G 285 -9.71 22.18 27.14
N ASN G 286 -10.51 21.49 27.95
CA ASN G 286 -11.32 20.41 27.43
C ASN G 286 -12.32 20.97 26.44
N ASN G 287 -12.50 20.26 25.32
CA ASN G 287 -13.44 20.72 24.31
C ASN G 287 -14.67 19.83 24.25
N PRO G 288 -15.78 20.18 24.91
CA PRO G 288 -16.98 19.33 24.84
C PRO G 288 -17.50 19.05 23.43
N LEU G 289 -17.04 19.80 22.42
CA LEU G 289 -17.57 19.61 21.07
C LEU G 289 -17.17 18.27 20.47
N ARG G 290 -16.12 17.63 20.98
CA ARG G 290 -15.59 16.39 20.42
C ARG G 290 -15.36 15.39 21.55
N LEU G 291 -15.79 14.14 21.33
CA LEU G 291 -15.66 13.06 22.32
C LEU G 291 -16.24 13.45 23.68
N GLY G 292 -17.23 14.33 23.69
CA GLY G 292 -17.83 14.78 24.94
C GLY G 292 -16.91 15.56 25.86
N GLY G 293 -15.74 15.97 25.36
CA GLY G 293 -14.75 16.64 26.18
C GLY G 293 -13.83 15.74 26.95
N CYS G 294 -14.03 14.43 26.85
CA CYS G 294 -13.32 13.45 27.65
C CYS G 294 -11.83 13.41 27.34
N LEU G 295 -11.04 13.06 28.35
CA LEU G 295 -9.66 12.70 28.15
C LEU G 295 -9.57 11.30 27.53
N ASN G 296 -8.56 11.09 26.70
CA ASN G 296 -8.22 9.76 26.21
C ASN G 296 -6.70 9.70 26.08
N SER G 297 -6.19 8.63 25.49
CA SER G 297 -4.74 8.51 25.34
C SER G 297 -4.17 9.68 24.55
N GLU G 298 -4.80 10.01 23.43
CA GLU G 298 -4.25 11.02 22.54
C GLU G 298 -4.29 12.41 23.15
N SER G 299 -5.44 12.82 23.71
CA SER G 299 -5.50 14.16 24.30
C SER G 299 -4.63 14.31 25.55
N ALA G 300 -4.44 13.23 26.31
CA ALA G 300 -3.53 13.26 27.45
C ALA G 300 -2.08 13.50 27.01
N GLU G 301 -1.63 12.78 25.98
CA GLU G 301 -0.32 13.02 25.42
C GLU G 301 -0.18 14.45 24.92
N LYS G 302 -1.20 14.95 24.20
CA LYS G 302 -1.16 16.32 23.68
C LYS G 302 -1.00 17.32 24.81
N ALA G 303 -1.86 17.21 25.83
CA ALA G 303 -1.77 18.12 26.98
C ALA G 303 -0.44 17.98 27.73
N ALA G 304 0.04 16.74 27.92
CA ALA G 304 1.28 16.56 28.70
C ALA G 304 2.46 17.26 28.05
N ARG G 305 2.67 17.05 26.74
CA ARG G 305 3.79 17.70 26.06
C ARG G 305 3.66 19.22 26.12
N PHE G 306 2.44 19.74 26.09
CA PHE G 306 2.30 21.19 26.09
C PHE G 306 2.63 21.77 27.45
N VAL G 307 2.23 21.09 28.53
CA VAL G 307 2.57 21.55 29.87
C VAL G 307 4.08 21.57 30.06
N ARG G 308 4.76 20.52 29.58
CA ARG G 308 6.20 20.49 29.75
CA ARG G 308 6.21 20.45 29.69
C ARG G 308 6.88 21.59 28.92
N LEU G 309 6.32 21.93 27.76
CA LEU G 309 6.91 22.99 26.96
C LEU G 309 6.84 24.34 27.68
N CYS G 310 5.63 24.69 28.14
CA CYS G 310 5.42 25.96 28.85
C CYS G 310 6.27 26.03 30.10
N ASP G 311 6.31 24.93 30.84
CA ASP G 311 7.08 24.88 32.07
C ASP G 311 8.56 25.13 31.81
N ALA G 312 9.07 24.64 30.66
CA ALA G 312 10.48 24.81 30.36
C ALA G 312 10.85 26.26 30.08
N PHE G 313 9.93 27.05 29.52
CA PHE G 313 10.26 28.43 29.16
C PHE G 313 9.57 29.45 30.05
N GLY G 314 9.08 29.03 31.22
CA GLY G 314 8.50 29.97 32.17
C GLY G 314 7.21 30.61 31.74
N ILE G 315 6.38 29.91 30.98
CA ILE G 315 5.09 30.42 30.51
C ILE G 315 4.01 29.91 31.46
N PRO G 316 3.31 30.78 32.18
CA PRO G 316 2.20 30.34 33.04
C PRO G 316 1.07 29.73 32.21
N LEU G 317 0.27 28.88 32.88
CA LEU G 317 -0.79 28.07 32.29
C LEU G 317 -2.16 28.43 32.86
N VAL G 318 -3.13 28.56 31.96
CA VAL G 318 -4.55 28.64 32.29
C VAL G 318 -5.22 27.33 31.87
N VAL G 319 -5.74 26.58 32.83
CA VAL G 319 -6.38 25.29 32.61
C VAL G 319 -7.89 25.47 32.76
N VAL G 320 -8.61 25.47 31.63
CA VAL G 320 -10.06 25.62 31.63
C VAL G 320 -10.66 24.22 31.57
N VAL G 321 -11.40 23.81 32.61
CA VAL G 321 -11.82 22.42 32.77
C VAL G 321 -13.32 22.27 32.54
N ASP G 322 -13.68 21.28 31.71
CA ASP G 322 -15.05 20.82 31.54
C ASP G 322 -15.00 19.39 31.02
N VAL G 323 -14.58 18.45 31.87
CA VAL G 323 -14.35 17.07 31.45
C VAL G 323 -15.25 16.14 32.24
N PRO G 324 -15.90 15.16 31.60
CA PRO G 324 -16.82 14.27 32.33
C PRO G 324 -16.25 12.88 32.63
N GLY G 325 -15.12 12.54 32.01
CA GLY G 325 -14.55 11.22 32.21
C GLY G 325 -13.40 11.01 31.25
N TYR G 326 -13.01 9.74 31.08
CA TYR G 326 -11.96 9.37 30.15
C TYR G 326 -12.32 8.07 29.40
N LEU G 327 -11.72 7.90 28.23
CA LEU G 327 -12.07 6.88 27.26
C LEU G 327 -10.87 6.05 26.82
N PRO G 328 -11.07 4.74 26.60
CA PRO G 328 -10.01 3.92 26.00
C PRO G 328 -9.96 4.09 24.50
N GLY G 329 -9.12 3.28 23.84
CA GLY G 329 -8.96 3.37 22.42
C GLY G 329 -9.24 2.09 21.68
N VAL G 330 -8.30 1.72 20.78
CA VAL G 330 -8.30 0.57 19.87
C VAL G 330 -9.55 -0.29 20.03
N ASP G 331 -9.37 -1.52 20.52
CA ASP G 331 -10.49 -2.41 20.76
C ASP G 331 -10.77 -2.46 22.26
N GLN G 332 -11.18 -1.29 22.78
CA GLN G 332 -11.35 -1.06 24.22
C GLN G 332 -10.01 -1.15 24.97
N GLU G 333 -8.93 -0.71 24.33
CA GLU G 333 -7.58 -0.79 24.88
C GLU G 333 -7.34 0.35 25.86
N TRP G 334 -7.07 0.03 27.13
CA TRP G 334 -6.87 1.03 28.18
C TRP G 334 -5.41 1.38 28.44
N GLY G 335 -4.45 0.59 27.96
CA GLY G 335 -3.06 0.89 28.23
C GLY G 335 -2.64 2.26 27.73
N GLY G 336 -3.25 2.72 26.65
CA GLY G 336 -2.91 4.04 26.15
C GLY G 336 -3.18 5.13 27.16
N VAL G 337 -4.40 5.15 27.70
CA VAL G 337 -4.82 6.26 28.55
C VAL G 337 -4.28 6.09 29.96
N VAL G 338 -3.81 4.91 30.32
CA VAL G 338 -3.12 4.74 31.60
C VAL G 338 -1.68 5.24 31.49
N ARG G 339 -0.97 4.84 30.42
CA ARG G 339 0.42 5.25 30.26
C ARG G 339 0.52 6.76 30.08
N ARG G 340 -0.22 7.30 29.10
CA ARG G 340 -0.16 8.75 28.84
C ARG G 340 -0.85 9.54 29.94
N GLY G 341 -1.94 9.01 30.53
CA GLY G 341 -2.54 9.68 31.67
C GLY G 341 -1.55 9.82 32.82
N ALA G 342 -0.76 8.77 33.08
CA ALA G 342 0.23 8.86 34.12
C ALA G 342 1.24 9.97 33.82
N LYS G 343 1.64 10.10 32.54
CA LYS G 343 2.57 11.18 32.23
C LYS G 343 1.91 12.56 32.31
N LEU G 344 0.58 12.66 32.26
CA LEU G 344 -0.04 13.97 32.42
C LEU G 344 -0.07 14.39 33.90
N LEU G 345 -0.42 13.46 34.81
CA LEU G 345 -0.25 13.75 36.24
C LEU G 345 1.16 14.24 36.52
N HIS G 346 2.13 13.49 36.02
CA HIS G 346 3.54 13.81 36.18
C HIS G 346 3.88 15.21 35.67
N ALA G 347 3.27 15.64 34.55
CA ALA G 347 3.59 16.95 33.99
C ALA G 347 3.08 18.07 34.88
N PHE G 348 1.82 17.99 35.33
CA PHE G 348 1.33 18.98 36.27
C PHE G 348 2.04 18.87 37.62
N GLY G 349 2.21 17.64 38.13
CA GLY G 349 2.81 17.46 39.45
C GLY G 349 4.17 18.11 39.63
N GLU G 350 5.06 17.94 38.64
CA GLU G 350 6.41 18.49 38.64
C GLU G 350 6.49 19.91 38.12
N CYS G 351 5.37 20.51 37.77
CA CYS G 351 5.39 21.83 37.14
C CYS G 351 5.64 22.94 38.17
N THR G 352 6.48 23.91 37.79
CA THR G 352 6.82 24.99 38.70
C THR G 352 6.42 26.39 38.23
N VAL G 353 5.98 26.55 36.98
CA VAL G 353 5.41 27.84 36.57
C VAL G 353 4.07 27.97 37.27
N PRO G 354 3.48 29.17 37.34
CA PRO G 354 2.11 29.26 37.87
C PRO G 354 1.16 28.52 36.95
N ARG G 355 0.12 27.94 37.54
CA ARG G 355 -0.88 27.22 36.75
C ARG G 355 -2.21 27.34 37.47
N VAL G 356 -3.12 28.10 36.90
CA VAL G 356 -4.41 28.32 37.53
C VAL G 356 -5.45 27.46 36.82
N THR G 357 -6.27 26.75 37.60
CA THR G 357 -7.39 25.96 37.07
C THR G 357 -8.67 26.79 37.19
N LEU G 358 -9.56 26.64 36.21
CA LEU G 358 -10.86 27.27 36.26
C LEU G 358 -11.88 26.24 35.83
N VAL G 359 -12.74 25.79 36.75
CA VAL G 359 -13.81 24.86 36.40
C VAL G 359 -15.04 25.64 35.93
N THR G 360 -15.49 25.37 34.70
CA THR G 360 -16.63 26.09 34.13
C THR G 360 -17.95 25.33 34.36
N ARG G 361 -18.01 24.06 33.95
CA ARG G 361 -19.21 23.26 34.20
C ARG G 361 -18.90 22.04 35.05
N LYS G 362 -18.47 20.92 34.46
CA LYS G 362 -18.29 19.69 35.21
C LYS G 362 -16.83 19.26 35.25
N THR G 363 -16.44 18.62 36.35
CA THR G 363 -15.20 17.85 36.40
C THR G 363 -15.44 16.63 37.30
N TYR G 364 -15.30 15.44 36.73
CA TYR G 364 -15.66 14.18 37.39
C TYR G 364 -14.48 13.23 37.49
N GLY G 365 -14.38 12.56 38.64
CA GLY G 365 -13.58 11.36 38.73
C GLY G 365 -12.09 11.58 38.58
N GLY G 366 -11.43 10.57 38.01
CA GLY G 366 -9.99 10.66 37.80
C GLY G 366 -9.58 11.78 36.86
N ALA G 367 -10.44 12.13 35.90
CA ALA G 367 -10.13 13.25 35.03
C ALA G 367 -10.06 14.55 35.82
N TYR G 368 -10.82 14.65 36.91
CA TYR G 368 -10.71 15.82 37.77
C TYR G 368 -9.31 15.95 38.32
N ILE G 369 -8.78 14.85 38.89
CA ILE G 369 -7.45 14.85 39.48
C ILE G 369 -6.40 15.29 38.48
N ALA G 370 -6.50 14.77 37.25
CA ALA G 370 -5.46 15.00 36.25
C ALA G 370 -5.48 16.42 35.68
N MET G 371 -6.63 17.08 35.63
CA MET G 371 -6.72 18.44 35.09
C MET G 371 -6.33 19.45 36.17
N ASN G 372 -5.06 19.40 36.58
CA ASN G 372 -4.44 20.42 37.41
C ASN G 372 -5.28 20.68 38.66
N SER G 373 -5.55 19.60 39.41
CA SER G 373 -6.26 19.69 40.68
C SER G 373 -5.38 20.31 41.77
N ARG G 374 -6.05 20.76 42.82
CA ARG G 374 -5.38 21.18 44.06
C ARG G 374 -4.36 20.13 44.52
N SER G 375 -4.69 18.84 44.38
CA SER G 375 -3.81 17.79 44.89
C SER G 375 -2.52 17.64 44.08
N LEU G 376 -2.46 18.11 42.83
CA LEU G 376 -1.19 18.18 42.10
C LEU G 376 -0.54 19.56 42.20
N ASN G 377 -0.89 20.35 43.24
CA ASN G 377 -0.29 21.62 43.62
C ASN G 377 -0.53 22.74 42.60
N ALA G 378 -1.72 22.78 41.99
CA ALA G 378 -2.18 23.94 41.23
C ALA G 378 -1.98 25.24 42.01
N THR G 379 -1.66 26.31 41.29
CA THR G 379 -1.46 27.62 41.91
C THR G 379 -2.74 28.11 42.60
N LYS G 380 -3.89 27.94 41.96
CA LYS G 380 -5.18 28.34 42.50
C LYS G 380 -6.24 27.67 41.65
N VAL G 381 -7.36 27.29 42.28
CA VAL G 381 -8.50 26.70 41.57
C VAL G 381 -9.71 27.62 41.75
N PHE G 382 -10.23 28.12 40.62
CA PHE G 382 -11.50 28.85 40.58
C PHE G 382 -12.59 27.96 39.98
N ALA G 383 -13.84 28.24 40.37
CA ALA G 383 -15.01 27.66 39.71
C ALA G 383 -16.07 28.75 39.50
N TRP G 384 -16.73 28.70 38.34
CA TRP G 384 -17.95 29.46 38.13
C TRP G 384 -19.06 28.94 39.04
N PRO G 385 -20.10 29.74 39.32
CA PRO G 385 -21.00 29.40 40.42
C PRO G 385 -21.83 28.13 40.21
N ASP G 386 -22.07 27.71 38.98
CA ASP G 386 -22.87 26.51 38.72
C ASP G 386 -22.02 25.27 38.46
N ALA G 387 -20.74 25.30 38.81
CA ALA G 387 -19.83 24.21 38.50
C ALA G 387 -20.15 22.97 39.33
N GLU G 388 -19.78 21.83 38.78
CA GLU G 388 -20.00 20.51 39.35
C GLU G 388 -18.66 19.80 39.50
N VAL G 389 -18.23 19.59 40.72
CA VAL G 389 -16.99 18.88 41.04
C VAL G 389 -17.38 17.61 41.80
N ALA G 390 -17.22 16.45 41.18
CA ALA G 390 -17.81 15.26 41.78
C ALA G 390 -17.09 14.01 41.30
N VAL G 391 -17.51 12.86 41.83
CA VAL G 391 -16.92 11.59 41.43
C VAL G 391 -17.50 11.12 40.09
N MET G 392 -18.75 11.47 39.81
CA MET G 392 -19.47 11.09 38.61
C MET G 392 -20.80 11.84 38.65
N GLY G 393 -21.59 11.72 37.58
CA GLY G 393 -22.90 12.32 37.55
C GLY G 393 -23.76 11.93 38.73
N ALA G 394 -24.65 12.82 39.19
CA ALA G 394 -25.39 12.55 40.42
C ALA G 394 -26.38 11.41 40.25
N LYS G 395 -26.89 11.19 39.03
CA LYS G 395 -27.79 10.06 38.78
C LYS G 395 -27.04 8.74 38.86
N ALA G 396 -25.91 8.61 38.13
CA ALA G 396 -25.12 7.39 38.20
C ALA G 396 -24.65 7.10 39.63
N ALA G 397 -24.39 8.14 40.43
CA ALA G 397 -23.87 7.95 41.78
C ALA G 397 -24.86 7.21 42.68
N VAL G 398 -26.16 7.31 42.41
CA VAL G 398 -27.14 6.60 43.21
C VAL G 398 -27.36 5.16 42.75
N GLY G 399 -27.14 4.85 41.46
CA GLY G 399 -27.23 3.47 41.03
C GLY G 399 -26.22 2.58 41.72
N ILE G 400 -25.11 3.16 42.20
CA ILE G 400 -24.14 2.41 42.99
C ILE G 400 -24.56 2.49 44.46
N LEU G 401 -24.59 3.71 45.00
CA LEU G 401 -24.81 3.87 46.43
C LEU G 401 -26.22 3.46 46.85
N HIS G 402 -27.19 3.52 45.95
CA HIS G 402 -28.59 3.37 46.34
C HIS G 402 -29.30 2.29 45.54
N LYS G 403 -28.56 1.26 45.09
CA LYS G 403 -29.17 -0.03 44.80
C LYS G 403 -29.37 -0.84 46.08
N LYS G 404 -29.00 -0.27 47.23
CA LYS G 404 -29.42 -0.79 48.53
C LYS G 404 -30.93 -0.66 48.72
N LYS G 405 -31.53 0.39 48.16
CA LYS G 405 -32.98 0.46 47.95
C LYS G 405 -33.28 -0.09 46.55
N LEU G 406 -33.93 0.70 45.70
CA LEU G 406 -34.42 0.27 44.38
C LEU G 406 -35.01 -1.14 44.45
N ALA G 407 -36.26 -1.23 44.88
CA ALA G 407 -36.96 -2.50 44.93
C ALA G 407 -38.47 -2.23 44.94
N GLN G 420 -34.11 7.57 41.02
CA GLN G 420 -35.29 8.36 41.39
C GLN G 420 -34.89 9.70 41.98
N LEU G 421 -35.25 9.88 43.26
CA LEU G 421 -34.88 11.07 44.04
C LEU G 421 -33.36 11.00 44.27
N ALA G 422 -32.63 11.49 43.28
CA ALA G 422 -31.18 11.48 43.25
C ALA G 422 -30.60 12.89 43.16
N ALA G 423 -31.43 13.91 43.03
CA ALA G 423 -30.96 15.29 43.01
C ALA G 423 -30.44 15.74 44.37
N GLU G 424 -30.37 14.84 45.36
CA GLU G 424 -29.79 15.12 46.66
C GLU G 424 -28.30 14.75 46.73
N HIS G 425 -27.88 13.69 46.04
CA HIS G 425 -26.46 13.53 45.78
C HIS G 425 -25.93 14.73 45.00
N GLU G 426 -26.81 15.41 44.25
CA GLU G 426 -26.48 16.72 43.68
C GLU G 426 -26.69 17.85 44.67
N ARG G 427 -27.60 17.68 45.62
CA ARG G 427 -27.95 18.76 46.55
C ARG G 427 -27.07 18.80 47.80
N ILE G 428 -26.70 17.64 48.35
CA ILE G 428 -25.94 17.63 49.60
C ILE G 428 -24.44 17.74 49.33
N ALA G 429 -24.00 17.33 48.14
CA ALA G 429 -22.60 17.41 47.74
C ALA G 429 -22.55 17.64 46.23
N GLY G 430 -21.35 17.51 45.65
CA GLY G 430 -21.16 17.70 44.24
C GLY G 430 -21.10 19.14 43.77
N GLY G 431 -21.51 20.10 44.61
CA GLY G 431 -21.52 21.50 44.21
C GLY G 431 -20.20 22.20 44.49
N VAL G 432 -20.20 23.51 44.17
CA VAL G 432 -19.03 24.34 44.44
C VAL G 432 -18.85 24.54 45.93
N ASP G 433 -19.95 24.86 46.62
CA ASP G 433 -19.88 25.14 48.06
C ASP G 433 -19.29 23.96 48.82
N SER G 434 -19.74 22.75 48.50
CA SER G 434 -19.11 21.56 49.04
C SER G 434 -17.61 21.60 48.78
N ALA G 435 -17.21 21.71 47.51
CA ALA G 435 -15.80 21.67 47.13
C ALA G 435 -15.01 22.81 47.77
N LEU G 436 -15.62 23.99 47.91
CA LEU G 436 -15.02 25.05 48.70
C LEU G 436 -14.72 24.57 50.12
N ASP G 437 -15.69 23.91 50.76
CA ASP G 437 -15.50 23.46 52.14
C ASP G 437 -14.43 22.38 52.24
N ILE G 438 -14.45 21.40 51.33
CA ILE G 438 -13.38 20.40 51.24
C ILE G 438 -12.03 21.08 51.10
N GLY G 439 -11.94 22.10 50.26
CA GLY G 439 -10.67 22.76 49.98
C GLY G 439 -10.12 22.52 48.58
N VAL G 440 -10.85 21.81 47.72
CA VAL G 440 -10.32 21.54 46.39
C VAL G 440 -10.66 22.63 45.38
N VAL G 441 -11.62 23.51 45.69
CA VAL G 441 -11.79 24.77 44.98
C VAL G 441 -11.40 25.88 45.94
N ASP G 442 -10.67 26.88 45.43
CA ASP G 442 -10.16 27.96 46.28
C ASP G 442 -11.09 29.17 46.33
N GLU G 443 -11.78 29.48 45.24
CA GLU G 443 -12.62 30.67 45.21
C GLU G 443 -13.71 30.45 44.17
N LYS G 444 -14.96 30.62 44.57
CA LYS G 444 -16.05 30.77 43.63
C LYS G 444 -16.07 32.21 43.17
N ILE G 445 -16.15 32.42 41.85
CA ILE G 445 -15.95 33.74 41.28
C ILE G 445 -17.11 34.10 40.38
N ASP G 446 -17.20 35.40 40.08
CA ASP G 446 -18.19 35.95 39.16
C ASP G 446 -17.62 35.88 37.75
N PRO G 447 -18.24 35.12 36.82
CA PRO G 447 -17.68 34.97 35.46
C PRO G 447 -17.32 36.28 34.78
N ALA G 448 -18.08 37.36 35.00
CA ALA G 448 -17.69 38.65 34.43
C ALA G 448 -16.30 39.10 34.86
N HIS G 449 -15.69 38.47 35.88
CA HIS G 449 -14.37 38.82 36.35
C HIS G 449 -13.34 37.71 36.11
N THR G 450 -13.64 36.74 35.25
CA THR G 450 -12.69 35.65 35.01
C THR G 450 -11.32 36.18 34.60
N ARG G 451 -11.28 37.09 33.63
CA ARG G 451 -10.01 37.56 33.10
C ARG G 451 -9.17 38.28 34.16
N SER G 452 -9.78 39.18 34.93
CA SER G 452 -9.02 39.90 35.94
C SER G 452 -8.61 38.98 37.09
N LYS G 453 -9.51 38.08 37.50
CA LYS G 453 -9.23 37.14 38.59
C LYS G 453 -8.05 36.23 38.27
N LEU G 454 -8.05 35.60 37.08
CA LEU G 454 -6.94 34.72 36.69
C LEU G 454 -5.62 35.47 36.66
N THR G 455 -5.61 36.68 36.07
CA THR G 455 -4.41 37.50 35.98
C THR G 455 -3.82 37.79 37.36
N GLU G 456 -4.68 38.13 38.31
CA GLU G 456 -4.25 38.36 39.69
C GLU G 456 -3.54 37.14 40.26
N ALA G 457 -4.20 35.98 40.22
CA ALA G 457 -3.57 34.78 40.77
C ALA G 457 -2.24 34.47 40.06
N LEU G 458 -2.19 34.62 38.73
CA LEU G 458 -0.93 34.33 38.03
C LEU G 458 0.14 35.38 38.35
N ALA G 459 -0.24 36.67 38.38
CA ALA G 459 0.72 37.72 38.72
C ALA G 459 1.24 37.59 40.15
N GLN G 460 0.42 37.07 41.06
CA GLN G 460 0.84 36.98 42.46
C GLN G 460 1.67 35.73 42.74
N ALA G 461 1.57 34.72 41.90
CA ALA G 461 2.35 33.51 42.11
C ALA G 461 3.82 33.81 41.84
N PRO G 462 4.73 33.07 42.50
CA PRO G 462 6.14 33.13 42.07
C PRO G 462 6.29 32.65 40.64
N ALA G 463 7.23 33.26 39.90
CA ALA G 463 7.55 32.76 38.57
C ALA G 463 8.02 31.30 38.58
N ARG G 464 8.44 30.76 39.74
CA ARG G 464 8.90 29.38 39.85
C ARG G 464 8.58 28.79 41.22
N ARG G 465 8.73 27.46 41.31
CA ARG G 465 8.43 26.67 42.50
C ARG G 465 7.03 26.93 43.02
N GLY G 466 6.03 26.34 42.39
CA GLY G 466 4.65 26.55 42.79
C GLY G 466 3.99 25.36 43.46
N LEU H 13 -6.78 -17.74 58.69
CA LEU H 13 -6.54 -16.34 58.32
C LEU H 13 -6.85 -16.09 56.85
N ASP H 14 -7.54 -14.98 56.60
CA ASP H 14 -7.87 -14.59 55.24
C ASP H 14 -6.60 -14.49 54.40
N PRO H 15 -6.55 -15.09 53.22
CA PRO H 15 -5.36 -14.93 52.36
C PRO H 15 -5.08 -13.50 51.94
N ARG H 16 -6.09 -12.63 51.96
CA ARG H 16 -5.89 -11.23 51.61
C ARG H 16 -5.48 -10.39 52.81
N ASP H 17 -5.18 -11.00 53.93
CA ASP H 17 -4.87 -10.23 55.12
C ASP H 17 -3.58 -9.45 54.91
N PRO H 18 -3.57 -8.13 55.16
CA PRO H 18 -2.41 -7.33 54.76
C PRO H 18 -1.19 -7.59 55.65
N LEU H 19 -1.36 -7.74 56.96
CA LEU H 19 -0.21 -8.14 57.76
C LEU H 19 0.33 -9.49 57.31
N LEU H 20 -0.53 -10.39 56.84
CA LEU H 20 -0.04 -11.65 56.30
C LEU H 20 0.79 -11.42 55.03
N ARG H 21 0.31 -10.53 54.15
CA ARG H 21 0.97 -10.26 52.88
C ARG H 21 2.32 -9.57 53.07
N LEU H 22 2.38 -8.58 53.99
CA LEU H 22 3.64 -7.88 54.20
C LEU H 22 4.69 -8.81 54.79
N SER H 23 4.29 -9.68 55.72
CA SER H 23 5.26 -10.58 56.35
C SER H 23 5.76 -11.61 55.37
N ASN H 24 4.91 -12.00 54.42
CA ASN H 24 5.40 -12.79 53.29
C ASN H 24 6.42 -12.00 52.46
N PHE H 25 6.17 -10.71 52.23
CA PHE H 25 7.06 -9.97 51.36
C PHE H 25 8.42 -9.75 52.00
N PHE H 26 8.43 -9.33 53.26
CA PHE H 26 9.64 -8.92 53.97
C PHE H 26 10.45 -10.13 54.44
N ASP H 27 11.70 -9.86 54.82
CA ASP H 27 12.50 -10.84 55.53
C ASP H 27 11.75 -11.32 56.75
N ASP H 28 12.01 -12.56 57.17
CA ASP H 28 11.35 -13.05 58.37
C ASP H 28 11.77 -12.24 59.58
N GLY H 29 10.79 -11.91 60.43
CA GLY H 29 11.06 -11.18 61.65
C GLY H 29 11.28 -9.69 61.49
N SER H 30 11.24 -9.16 60.27
CA SER H 30 11.66 -7.79 60.00
C SER H 30 10.55 -6.75 60.13
N VAL H 31 9.28 -7.16 60.13
CA VAL H 31 8.18 -6.20 60.01
C VAL H 31 8.11 -5.29 61.24
N GLU H 32 7.80 -4.01 61.01
CA GLU H 32 7.75 -2.94 62.02
C GLU H 32 6.65 -1.97 61.57
N LEU H 33 5.43 -2.20 62.05
CA LEU H 33 4.29 -1.44 61.55
C LEU H 33 4.51 0.06 61.72
N LEU H 34 4.13 0.84 60.72
CA LEU H 34 4.39 2.28 60.73
C LEU H 34 3.29 3.07 61.41
N HIS H 35 2.15 2.45 61.70
CA HIS H 35 0.95 3.10 62.22
C HIS H 35 0.10 2.01 62.83
N GLU H 36 -0.78 2.44 63.74
CA GLU H 36 -1.63 1.48 64.40
C GLU H 36 -2.58 0.83 63.40
N ARG H 37 -2.70 -0.49 63.51
CA ARG H 37 -3.54 -1.26 62.60
C ARG H 37 -5.00 -0.89 62.82
N ASP H 38 -5.71 -0.61 61.73
CA ASP H 38 -7.05 -0.06 61.80
C ASP H 38 -7.86 -0.63 60.63
N ARG H 39 -9.00 -0.01 60.33
CA ARG H 39 -9.84 -0.43 59.21
C ARG H 39 -9.84 0.59 58.08
N SER H 40 -8.75 1.37 58.01
CA SER H 40 -8.57 2.39 56.99
C SER H 40 -8.59 1.81 55.57
N GLY H 41 -8.08 0.59 55.42
CA GLY H 41 -7.92 -0.02 54.11
C GLY H 41 -6.49 -0.16 53.66
N VAL H 42 -5.53 0.19 54.52
CA VAL H 42 -4.11 0.21 54.18
C VAL H 42 -3.32 -0.09 55.45
N LEU H 43 -2.33 -0.96 55.33
CA LEU H 43 -1.36 -1.16 56.39
C LEU H 43 0.04 -0.87 55.83
N ALA H 44 0.80 -0.03 56.54
CA ALA H 44 2.13 0.40 56.12
C ALA H 44 3.18 -0.05 57.15
N ALA H 45 4.35 -0.50 56.66
CA ALA H 45 5.35 -1.08 57.54
C ALA H 45 6.76 -0.83 57.02
N ALA H 46 7.72 -0.95 57.92
CA ALA H 46 9.13 -1.04 57.56
C ALA H 46 9.60 -2.48 57.73
N GLY H 47 10.58 -2.86 56.92
CA GLY H 47 11.16 -4.18 57.03
C GLY H 47 12.52 -4.20 56.36
N THR H 48 13.02 -5.40 56.10
CA THR H 48 14.20 -5.57 55.27
C THR H 48 13.89 -6.59 54.16
N VAL H 49 14.54 -6.38 53.02
CA VAL H 49 14.54 -7.30 51.90
C VAL H 49 15.98 -7.69 51.66
N ASN H 50 16.35 -8.92 52.02
CA ASN H 50 17.74 -9.38 51.98
C ASN H 50 18.68 -8.37 52.65
N GLY H 51 18.23 -7.68 53.69
CA GLY H 51 19.06 -6.78 54.44
C GLY H 51 18.86 -5.31 54.13
N VAL H 52 18.34 -4.97 52.95
CA VAL H 52 18.04 -3.58 52.58
C VAL H 52 16.82 -3.11 53.37
N ARG H 53 16.94 -1.98 54.06
CA ARG H 53 15.78 -1.43 54.76
C ARG H 53 14.77 -0.87 53.76
N THR H 54 13.51 -1.33 53.86
CA THR H 54 12.49 -1.13 52.83
C THR H 54 11.15 -0.76 53.45
N ILE H 55 10.56 0.29 52.96
CA ILE H 55 9.18 0.61 53.33
C ILE H 55 8.22 -0.15 52.41
N ALA H 56 7.05 -0.53 52.94
CA ALA H 56 6.01 -1.09 52.10
C ALA H 56 4.64 -0.79 52.69
N PHE H 57 3.68 -0.52 51.81
CA PHE H 57 2.29 -0.47 52.19
C PHE H 57 1.53 -1.54 51.43
N CYS H 58 0.40 -1.96 52.00
CA CYS H 58 -0.42 -2.99 51.36
C CYS H 58 -1.88 -2.59 51.51
N THR H 59 -2.62 -2.54 50.40
CA THR H 59 -4.04 -2.26 50.48
C THR H 59 -4.77 -3.48 51.05
N ASP H 60 -5.77 -3.23 51.88
CA ASP H 60 -6.42 -4.29 52.64
C ASP H 60 -7.60 -4.83 51.85
N GLY H 61 -7.42 -5.99 51.20
CA GLY H 61 -8.51 -6.58 50.43
C GLY H 61 -9.68 -7.09 51.26
N THR H 62 -9.48 -7.29 52.56
CA THR H 62 -10.55 -7.78 53.41
C THR H 62 -11.46 -6.66 53.91
N VAL H 63 -11.32 -5.44 53.40
CA VAL H 63 -12.13 -4.31 53.82
C VAL H 63 -12.59 -3.60 52.55
N MET H 64 -13.87 -3.79 52.20
CA MET H 64 -14.48 -3.18 51.02
C MET H 64 -13.72 -3.55 49.75
N GLY H 65 -13.19 -4.78 49.73
CA GLY H 65 -12.35 -5.24 48.65
C GLY H 65 -11.05 -4.46 48.42
N GLY H 66 -10.70 -3.56 49.34
CA GLY H 66 -9.55 -2.73 49.16
C GLY H 66 -9.81 -1.31 48.68
N ALA H 67 -11.07 -0.88 48.60
CA ALA H 67 -11.37 0.47 48.12
C ALA H 67 -10.68 1.53 48.97
N MET H 68 -10.09 2.51 48.30
CA MET H 68 -9.20 3.48 48.92
C MET H 68 -9.96 4.68 49.49
N GLY H 69 -9.69 4.98 50.76
CA GLY H 69 -10.29 6.12 51.44
C GLY H 69 -9.24 7.11 51.92
N VAL H 70 -9.72 8.17 52.57
CA VAL H 70 -8.84 9.27 52.97
C VAL H 70 -7.79 8.79 53.97
N GLU H 71 -8.22 8.06 55.00
CA GLU H 71 -7.27 7.66 56.03
C GLU H 71 -6.34 6.55 55.52
N GLY H 72 -6.87 5.65 54.70
CA GLY H 72 -5.99 4.72 54.02
C GLY H 72 -4.97 5.43 53.15
N CYS H 73 -5.41 6.44 52.39
CA CYS H 73 -4.50 7.16 51.52
C CYS H 73 -3.44 7.93 52.30
N THR H 74 -3.81 8.50 53.45
CA THR H 74 -2.80 9.23 54.23
C THR H 74 -1.71 8.28 54.74
N HIS H 75 -2.08 7.07 55.17
CA HIS H 75 -1.07 6.08 55.53
C HIS H 75 -0.07 5.86 54.41
N ILE H 76 -0.53 5.93 53.15
CA ILE H 76 0.38 5.72 52.04
C ILE H 76 1.27 6.94 51.83
N VAL H 77 0.70 8.14 52.01
CA VAL H 77 1.51 9.34 51.89
C VAL H 77 2.58 9.38 52.97
N ASN H 78 2.18 9.12 54.23
CA ASN H 78 3.15 9.02 55.30
C ASN H 78 4.20 7.95 55.01
N ALA H 79 3.79 6.81 54.47
CA ALA H 79 4.77 5.81 54.06
C ALA H 79 5.75 6.39 53.07
N TYR H 80 5.24 7.15 52.08
CA TYR H 80 6.11 7.75 51.09
C TYR H 80 7.04 8.77 51.73
N ASP H 81 6.52 9.62 52.62
CA ASP H 81 7.36 10.60 53.30
C ASP H 81 8.51 9.90 54.04
N THR H 82 8.19 8.82 54.75
CA THR H 82 9.20 8.03 55.44
C THR H 82 10.31 7.56 54.51
N ALA H 83 9.94 6.92 53.40
CA ALA H 83 10.96 6.33 52.54
C ALA H 83 11.74 7.40 51.76
N ILE H 84 11.10 8.50 51.36
CA ILE H 84 11.83 9.60 50.74
C ILE H 84 12.84 10.16 51.72
N GLU H 85 12.49 10.16 53.02
CA GLU H 85 13.35 10.75 54.03
C GLU H 85 14.54 9.86 54.39
N ASP H 86 14.38 8.54 54.32
CA ASP H 86 15.48 7.62 54.53
C ASP H 86 16.19 7.23 53.24
N GLN H 87 15.68 7.66 52.09
CA GLN H 87 16.02 7.09 50.79
C GLN H 87 15.87 5.57 50.79
N SER H 88 14.74 5.10 51.29
CA SER H 88 14.56 3.66 51.19
C SER H 88 13.64 3.31 50.03
N PRO H 89 13.81 2.16 49.40
CA PRO H 89 12.82 1.73 48.39
C PRO H 89 11.47 1.53 49.04
N ILE H 90 10.41 1.73 48.25
CA ILE H 90 9.04 1.58 48.76
C ILE H 90 8.27 0.65 47.81
N VAL H 91 7.67 -0.39 48.39
CA VAL H 91 6.96 -1.42 47.64
C VAL H 91 5.48 -1.35 47.99
N GLY H 92 4.64 -1.32 46.97
CA GLY H 92 3.20 -1.33 47.17
C GLY H 92 2.64 -2.68 46.75
N ILE H 93 1.89 -3.29 47.67
CA ILE H 93 1.09 -4.47 47.40
C ILE H 93 -0.35 -4.02 47.21
N TRP H 94 -0.87 -4.22 46.00
CA TRP H 94 -2.11 -3.61 45.54
C TRP H 94 -3.20 -4.65 45.34
N HIS H 95 -4.35 -4.37 45.95
CA HIS H 95 -5.56 -5.18 45.83
C HIS H 95 -6.71 -4.24 46.17
N SER H 96 -7.38 -3.71 45.14
CA SER H 96 -8.35 -2.65 45.39
C SER H 96 -9.15 -2.35 44.12
N GLY H 97 -10.45 -2.06 44.31
CA GLY H 97 -11.31 -1.67 43.20
C GLY H 97 -11.18 -0.22 42.78
N GLY H 98 -10.65 0.65 43.65
CA GLY H 98 -10.45 2.07 43.39
C GLY H 98 -10.91 2.90 44.57
N ALA H 99 -11.25 4.16 44.31
CA ALA H 99 -11.65 5.04 45.39
C ALA H 99 -13.00 4.63 45.96
N ARG H 100 -13.18 4.91 47.25
CA ARG H 100 -14.44 4.69 47.94
C ARG H 100 -15.48 5.70 47.47
N LEU H 101 -16.48 5.23 46.71
CA LEU H 101 -17.52 6.13 46.22
C LEU H 101 -18.20 6.89 47.35
N ALA H 102 -18.42 6.23 48.49
CA ALA H 102 -19.16 6.86 49.57
C ALA H 102 -18.44 8.06 50.18
N GLU H 103 -17.13 8.21 49.98
CA GLU H 103 -16.38 9.33 50.54
C GLU H 103 -16.23 10.51 49.59
N GLY H 104 -16.51 10.32 48.30
CA GLY H 104 -16.67 11.43 47.38
C GLY H 104 -15.38 12.15 47.01
N VAL H 105 -15.53 13.45 46.73
CA VAL H 105 -14.40 14.30 46.32
C VAL H 105 -13.24 14.21 47.31
N ARG H 106 -13.55 14.13 48.62
CA ARG H 106 -12.50 13.95 49.61
C ARG H 106 -11.60 12.75 49.29
N ALA H 107 -12.19 11.62 48.88
CA ALA H 107 -11.34 10.47 48.56
C ALA H 107 -10.64 10.67 47.23
N LEU H 108 -11.30 11.31 46.27
CA LEU H 108 -10.62 11.72 45.04
C LEU H 108 -9.37 12.52 45.36
N HIS H 109 -9.53 13.54 46.23
CA HIS H 109 -8.41 14.37 46.63
C HIS H 109 -7.34 13.55 47.33
N ALA H 110 -7.75 12.57 48.13
CA ALA H 110 -6.78 11.77 48.86
C ALA H 110 -6.02 10.86 47.90
N VAL H 111 -6.73 10.24 46.96
CA VAL H 111 -6.07 9.49 45.89
C VAL H 111 -5.05 10.38 45.19
N GLY H 112 -5.46 11.60 44.80
CA GLY H 112 -4.56 12.50 44.10
C GLY H 112 -3.32 12.84 44.90
N GLN H 113 -3.46 12.94 46.22
CA GLN H 113 -2.31 13.18 47.09
C GLN H 113 -1.35 11.99 47.12
N VAL H 114 -1.86 10.78 46.95
CA VAL H 114 -0.97 9.63 46.76
C VAL H 114 -0.16 9.81 45.48
N PHE H 115 -0.83 10.20 44.39
CA PHE H 115 -0.13 10.39 43.13
C PHE H 115 1.01 11.38 43.32
N GLU H 116 0.70 12.54 43.90
CA GLU H 116 1.72 13.57 44.08
C GLU H 116 2.87 13.08 44.93
N ALA H 117 2.60 12.19 45.89
CA ALA H 117 3.70 11.59 46.66
C ALA H 117 4.55 10.66 45.80
N MET H 118 3.93 9.87 44.93
CA MET H 118 4.71 9.06 44.00
C MET H 118 5.47 9.94 43.01
N ILE H 119 4.91 11.08 42.59
CA ILE H 119 5.66 11.93 41.67
C ILE H 119 6.88 12.53 42.38
N ARG H 120 6.72 12.94 43.66
CA ARG H 120 7.84 13.44 44.45
C ARG H 120 8.95 12.40 44.61
N ALA H 121 8.59 11.11 44.69
CA ALA H 121 9.60 10.08 44.86
C ALA H 121 10.27 9.66 43.55
N SER H 122 9.66 9.99 42.41
CA SER H 122 10.09 9.47 41.12
C SER H 122 11.54 9.83 40.81
N GLY H 123 12.30 8.83 40.40
CA GLY H 123 13.72 9.00 40.16
C GLY H 123 14.55 9.26 41.39
N TYR H 124 13.92 9.38 42.56
CA TYR H 124 14.63 9.59 43.82
C TYR H 124 14.83 8.30 44.59
N ILE H 125 13.75 7.54 44.83
CA ILE H 125 13.84 6.22 45.44
C ILE H 125 13.20 5.25 44.45
N PRO H 126 13.65 4.00 44.37
CA PRO H 126 12.90 3.02 43.58
C PRO H 126 11.47 2.89 44.07
N GLN H 127 10.57 2.57 43.13
CA GLN H 127 9.15 2.36 43.45
C GLN H 127 8.70 1.09 42.72
N ILE H 128 8.36 0.07 43.49
CA ILE H 128 8.04 -1.24 42.97
C ILE H 128 6.63 -1.60 43.41
N SER H 129 5.84 -2.08 42.47
CA SER H 129 4.42 -2.33 42.69
C SER H 129 4.19 -3.81 42.46
N VAL H 130 3.64 -4.49 43.46
CA VAL H 130 3.26 -5.89 43.30
C VAL H 130 1.74 -5.93 43.28
N VAL H 131 1.14 -6.26 42.14
CA VAL H 131 -0.31 -6.31 42.04
C VAL H 131 -0.76 -7.76 42.22
N VAL H 132 -1.51 -8.02 43.29
CA VAL H 132 -1.82 -9.39 43.73
C VAL H 132 -3.30 -9.72 43.67
N GLY H 133 -4.18 -8.73 43.52
CA GLY H 133 -5.59 -8.97 43.28
C GLY H 133 -6.15 -7.98 42.27
N PHE H 134 -7.47 -7.94 42.14
CA PHE H 134 -8.12 -6.92 41.31
C PHE H 134 -7.58 -5.53 41.63
N ALA H 135 -7.23 -4.76 40.60
CA ALA H 135 -6.90 -3.35 40.76
C ALA H 135 -7.60 -2.53 39.68
N ALA H 136 -8.11 -1.37 40.05
CA ALA H 136 -8.82 -0.54 39.08
C ALA H 136 -8.94 0.89 39.59
N GLY H 137 -9.31 1.79 38.68
CA GLY H 137 -9.51 3.18 39.07
C GLY H 137 -8.17 3.82 39.44
N GLY H 138 -8.14 4.47 40.61
CA GLY H 138 -6.88 4.96 41.11
C GLY H 138 -5.90 3.85 41.43
N ALA H 139 -6.41 2.66 41.74
CA ALA H 139 -5.53 1.54 42.05
C ALA H 139 -4.91 0.94 40.80
N ALA H 140 -5.29 1.42 39.61
CA ALA H 140 -4.58 1.12 38.38
C ALA H 140 -3.60 2.23 37.98
N TYR H 141 -3.98 3.51 38.11
CA TYR H 141 -2.98 4.57 37.93
C TYR H 141 -1.92 4.58 39.02
N GLY H 142 -2.22 4.04 40.21
CA GLY H 142 -1.21 3.89 41.24
C GLY H 142 0.04 3.22 40.70
N PRO H 143 -0.05 1.90 40.45
CA PRO H 143 1.11 1.20 39.89
C PRO H 143 1.69 1.88 38.64
N ALA H 144 0.83 2.46 37.81
CA ALA H 144 1.27 3.09 36.56
C ALA H 144 2.27 4.22 36.80
N LEU H 145 2.26 4.84 37.98
CA LEU H 145 3.23 5.89 38.32
C LEU H 145 4.52 5.37 38.93
N THR H 146 4.65 4.07 39.22
CA THR H 146 5.85 3.56 39.85
C THR H 146 6.82 3.00 38.79
N ASP H 147 7.92 2.37 39.25
CA ASP H 147 9.02 2.06 38.34
C ASP H 147 8.92 0.68 37.70
N VAL H 148 8.60 -0.36 38.44
CA VAL H 148 8.39 -1.69 37.87
C VAL H 148 7.10 -2.24 38.47
N VAL H 149 6.24 -2.79 37.62
CA VAL H 149 5.00 -3.44 38.07
C VAL H 149 5.16 -4.95 37.93
N VAL H 150 5.00 -5.67 39.04
CA VAL H 150 4.87 -7.13 39.02
C VAL H 150 3.41 -7.49 39.27
N MET H 151 2.85 -8.31 38.40
CA MET H 151 1.47 -8.74 38.52
C MET H 151 1.44 -10.24 38.77
N ALA H 152 0.67 -10.63 39.78
CA ALA H 152 0.37 -12.03 40.09
C ALA H 152 -0.78 -12.50 39.20
N PRO H 153 -0.85 -13.80 38.90
CA PRO H 153 -1.85 -14.26 37.93
C PRO H 153 -3.27 -14.17 38.43
N GLU H 154 -3.48 -14.22 39.75
CA GLU H 154 -4.81 -14.02 40.32
C GLU H 154 -5.35 -12.62 40.00
N SER H 155 -4.49 -11.65 39.76
CA SER H 155 -4.92 -10.29 39.43
C SER H 155 -5.34 -10.13 37.98
N ARG H 156 -5.37 -11.20 37.18
CA ARG H 156 -5.83 -11.16 35.80
C ARG H 156 -7.09 -11.99 35.58
N VAL H 157 -7.96 -12.07 36.60
CA VAL H 157 -9.10 -13.00 36.66
C VAL H 157 -10.27 -12.34 37.38
N PHE H 158 -11.15 -11.67 36.65
CA PHE H 158 -12.35 -11.11 37.26
C PHE H 158 -13.18 -12.18 37.98
N VAL H 159 -13.82 -11.79 39.10
CA VAL H 159 -14.85 -12.58 39.76
C VAL H 159 -16.19 -12.53 39.03
N THR H 160 -16.32 -11.66 38.00
CA THR H 160 -17.45 -11.68 37.06
C THR H 160 -17.12 -12.24 35.69
N GLY H 161 -15.82 -12.44 35.39
CA GLY H 161 -15.41 -13.03 34.11
C GLY H 161 -14.10 -13.78 34.17
N SER H 188 -1.88 -3.89 27.44
CA SER H 188 -1.72 -2.56 28.01
C SER H 188 -0.30 -2.02 27.79
N GLY H 189 0.71 -2.85 28.07
CA GLY H 189 2.06 -2.34 28.26
C GLY H 189 2.29 -1.70 29.61
N VAL H 190 1.37 -1.91 30.56
CA VAL H 190 1.47 -1.30 31.87
C VAL H 190 2.23 -2.19 32.84
N CYS H 191 2.14 -3.51 32.67
CA CYS H 191 2.69 -4.48 33.59
C CYS H 191 4.04 -4.97 33.09
N HIS H 192 5.08 -4.82 33.92
CA HIS H 192 6.42 -5.16 33.46
C HIS H 192 6.73 -6.65 33.59
N ILE H 193 6.31 -7.28 34.68
CA ILE H 193 6.63 -8.69 34.94
C ILE H 193 5.35 -9.41 35.35
N VAL H 194 5.13 -10.59 34.75
CA VAL H 194 4.03 -11.50 35.11
C VAL H 194 4.60 -12.63 35.95
N ALA H 195 4.11 -12.76 37.17
CA ALA H 195 4.60 -13.78 38.09
C ALA H 195 3.80 -15.07 37.92
N ASP H 196 4.34 -16.16 38.48
CA ASP H 196 3.71 -17.47 38.34
C ASP H 196 2.64 -17.72 39.39
N ASP H 197 2.80 -17.14 40.58
CA ASP H 197 1.75 -17.09 41.58
C ASP H 197 2.07 -15.94 42.53
N GLU H 198 1.23 -15.77 43.55
CA GLU H 198 1.41 -14.65 44.47
C GLU H 198 2.76 -14.73 45.18
N LEU H 199 3.13 -15.90 45.69
CA LEU H 199 4.40 -16.04 46.40
C LEU H 199 5.56 -15.73 45.48
N ASP H 200 5.47 -16.14 44.22
CA ASP H 200 6.46 -15.79 43.21
C ASP H 200 6.46 -14.30 42.88
N ALA H 201 5.29 -13.67 42.84
CA ALA H 201 5.23 -12.22 42.70
C ALA H 201 6.09 -11.54 43.77
N TYR H 202 5.96 -11.98 45.03
CA TYR H 202 6.79 -11.40 46.07
C TYR H 202 8.25 -11.69 45.80
N ASP H 203 8.55 -12.87 45.27
CA ASP H 203 9.94 -13.21 45.06
C ASP H 203 10.56 -12.31 43.99
N ARG H 204 9.80 -12.03 42.93
CA ARG H 204 10.32 -11.20 41.86
C ARG H 204 10.39 -9.74 42.30
N GLY H 205 9.40 -9.29 43.10
CA GLY H 205 9.49 -7.96 43.69
C GLY H 205 10.68 -7.80 44.62
N ARG H 206 11.02 -8.86 45.36
CA ARG H 206 12.17 -8.82 46.27
C ARG H 206 13.48 -8.78 45.48
N ARG H 207 13.55 -9.50 44.36
CA ARG H 207 14.73 -9.45 43.52
C ARG H 207 14.87 -8.09 42.83
N LEU H 208 13.75 -7.44 42.50
CA LEU H 208 13.81 -6.10 41.94
C LEU H 208 14.37 -5.11 42.96
N VAL H 209 13.94 -5.20 44.22
CA VAL H 209 14.54 -4.36 45.25
C VAL H 209 16.03 -4.60 45.31
N GLY H 210 16.46 -5.85 45.11
CA GLY H 210 17.87 -6.13 45.15
C GLY H 210 18.61 -5.53 43.97
N LEU H 211 17.98 -5.57 42.79
CA LEU H 211 18.63 -5.03 41.59
C LEU H 211 18.85 -3.52 41.68
N PHE H 212 17.94 -2.80 42.33
CA PHE H 212 18.00 -1.34 42.40
C PHE H 212 18.84 -0.83 43.57
N CYS H 213 18.91 -1.58 44.68
CA CYS H 213 19.59 -1.13 45.90
C CYS H 213 20.88 -1.87 46.24
N GLN H 214 21.14 -3.02 45.64
CA GLN H 214 22.39 -3.76 45.82
C GLN H 214 23.01 -3.95 44.43
N GLN H 215 23.46 -2.83 43.85
CA GLN H 215 23.82 -2.84 42.44
C GLN H 215 25.14 -3.53 42.17
N GLY H 216 26.00 -3.66 43.15
CA GLY H 216 27.21 -4.44 42.98
C GLY H 216 28.33 -3.66 42.35
N HIS H 217 29.36 -4.40 41.96
CA HIS H 217 30.54 -3.84 41.30
C HIS H 217 30.89 -4.69 40.09
N PHE H 218 31.73 -4.15 39.20
CA PHE H 218 32.18 -4.89 38.03
C PHE H 218 33.46 -5.63 38.36
N ASP H 219 33.43 -6.97 38.25
CA ASP H 219 34.59 -7.82 38.51
C ASP H 219 35.20 -8.29 37.18
N ARG H 220 36.45 -7.90 36.94
CA ARG H 220 37.11 -8.29 35.69
C ARG H 220 37.31 -9.80 35.61
N SER H 221 37.73 -10.43 36.71
CA SER H 221 37.98 -11.86 36.69
C SER H 221 36.71 -12.66 36.44
N LYS H 222 35.63 -12.32 37.16
CA LYS H 222 34.39 -13.06 36.97
C LYS H 222 33.83 -12.85 35.57
N ALA H 223 34.03 -11.65 35.01
CA ALA H 223 33.57 -11.39 33.64
C ALA H 223 34.28 -12.30 32.65
N GLU H 224 35.61 -12.36 32.73
CA GLU H 224 36.36 -13.19 31.79
C GLU H 224 36.07 -14.67 32.01
N ALA H 225 35.88 -15.06 33.27
CA ALA H 225 35.50 -16.44 33.57
C ALA H 225 34.33 -16.90 32.70
N GLY H 226 33.33 -16.06 32.53
CA GLY H 226 32.13 -16.42 31.80
C GLY H 226 32.12 -16.17 30.31
N ASP H 227 33.24 -15.78 29.71
CA ASP H 227 33.28 -15.58 28.27
C ASP H 227 32.94 -16.87 27.54
N THR H 228 32.14 -16.74 26.47
CA THR H 228 31.93 -17.82 25.52
C THR H 228 31.85 -17.20 24.12
N ASP H 229 31.63 -18.07 23.14
CA ASP H 229 31.54 -17.66 21.74
C ASP H 229 30.06 -17.40 21.51
N ILE H 230 29.66 -16.16 21.81
CA ILE H 230 28.27 -15.77 21.60
C ILE H 230 27.90 -15.83 20.13
N HIS H 231 28.85 -15.57 19.23
CA HIS H 231 28.54 -15.56 17.81
C HIS H 231 28.06 -16.93 17.33
N ALA H 232 28.42 -17.99 18.05
CA ALA H 232 27.96 -19.34 17.73
C ALA H 232 26.46 -19.52 17.90
N LEU H 233 25.79 -18.59 18.58
CA LEU H 233 24.34 -18.63 18.70
C LEU H 233 23.62 -18.03 17.50
N LEU H 234 24.33 -17.34 16.62
CA LEU H 234 23.69 -16.75 15.46
C LEU H 234 23.33 -17.82 14.43
N PRO H 235 22.26 -17.60 13.66
CA PRO H 235 21.97 -18.47 12.51
C PRO H 235 23.13 -18.63 11.53
N GLU H 236 23.11 -19.70 10.72
CA GLU H 236 24.16 -19.86 9.71
C GLU H 236 23.99 -18.86 8.59
N SER H 237 22.74 -18.61 8.18
CA SER H 237 22.43 -17.67 7.12
C SER H 237 22.19 -16.27 7.66
N SER H 238 22.79 -15.28 6.99
CA SER H 238 22.66 -13.89 7.42
C SER H 238 21.25 -13.35 7.26
N ARG H 239 20.40 -14.02 6.48
CA ARG H 239 19.06 -13.52 6.21
C ARG H 239 18.01 -14.04 7.17
N ARG H 240 18.31 -15.06 7.98
CA ARG H 240 17.25 -15.70 8.74
C ARG H 240 17.16 -15.14 10.15
N ALA H 241 15.93 -14.96 10.61
CA ALA H 241 15.60 -14.39 11.90
C ALA H 241 15.94 -15.36 13.04
N TYR H 242 15.97 -14.81 14.26
CA TYR H 242 16.34 -15.56 15.44
C TYR H 242 15.92 -14.77 16.67
N ASP H 243 15.65 -15.50 17.76
CA ASP H 243 15.37 -14.90 19.06
C ASP H 243 16.70 -14.48 19.69
N VAL H 244 16.85 -13.16 19.94
CA VAL H 244 18.10 -12.64 20.49
C VAL H 244 18.24 -12.96 21.97
N ARG H 245 17.18 -13.39 22.62
CA ARG H 245 17.25 -13.61 24.07
C ARG H 245 18.32 -14.60 24.50
N PRO H 246 18.63 -15.68 23.76
CA PRO H 246 19.82 -16.48 24.10
C PRO H 246 21.11 -15.68 24.09
N ILE H 247 21.27 -14.80 23.11
CA ILE H 247 22.44 -13.92 23.07
C ILE H 247 22.52 -13.09 24.35
N VAL H 248 21.41 -12.45 24.72
CA VAL H 248 21.36 -11.63 25.93
C VAL H 248 21.69 -12.47 27.15
N THR H 249 21.09 -13.66 27.22
CA THR H 249 21.40 -14.57 28.31
C THR H 249 22.87 -15.00 28.33
N ALA H 250 23.51 -15.08 27.16
CA ALA H 250 24.91 -15.48 27.12
C ALA H 250 25.84 -14.40 27.66
N ILE H 251 25.50 -13.12 27.47
CA ILE H 251 26.33 -12.05 28.00
C ILE H 251 26.18 -11.96 29.51
N LEU H 252 24.93 -12.02 29.99
CA LEU H 252 24.68 -11.84 31.41
C LEU H 252 25.23 -13.00 32.23
N ASP H 253 25.42 -12.74 33.53
CA ASP H 253 25.79 -13.76 34.51
C ASP H 253 25.00 -15.04 34.29
N ALA H 254 25.70 -16.17 34.38
CA ALA H 254 25.13 -17.43 33.89
C ALA H 254 23.95 -17.87 34.72
N ASP H 255 24.08 -17.85 36.03
CA ASP H 255 22.98 -18.35 36.84
C ASP H 255 22.52 -17.26 37.81
N THR H 256 21.90 -16.22 37.22
CA THR H 256 21.28 -15.03 37.78
C THR H 256 20.17 -14.79 36.76
N PRO H 257 18.92 -14.58 37.20
CA PRO H 257 17.82 -14.50 36.25
C PRO H 257 17.85 -13.20 35.46
N PHE H 258 17.41 -13.27 34.20
CA PHE H 258 17.25 -12.06 33.39
C PHE H 258 15.80 -11.61 33.51
N ASP H 259 15.57 -10.54 34.30
CA ASP H 259 14.21 -10.06 34.56
C ASP H 259 13.77 -9.20 33.38
N GLU H 260 13.23 -9.85 32.36
CA GLU H 260 12.73 -9.15 31.19
C GLU H 260 11.47 -8.35 31.51
N PHE H 261 11.40 -7.11 31.01
CA PHE H 261 10.24 -6.26 31.20
C PHE H 261 9.36 -6.36 29.95
N GLN H 262 8.05 -6.47 30.15
CA GLN H 262 7.08 -6.31 29.05
C GLN H 262 7.40 -7.25 27.88
N ALA H 263 7.45 -8.54 28.18
CA ALA H 263 7.90 -9.51 27.19
C ALA H 263 6.91 -9.69 26.06
N ASN H 264 5.63 -9.35 26.29
CA ASN H 264 4.58 -9.53 25.29
C ASN H 264 4.04 -8.20 24.79
N TRP H 265 4.82 -7.13 24.88
CA TRP H 265 4.43 -5.83 24.34
C TRP H 265 5.61 -5.29 23.56
N ALA H 266 5.36 -4.80 22.36
CA ALA H 266 6.41 -4.36 21.45
C ALA H 266 7.53 -5.42 21.37
N PRO H 267 7.22 -6.62 20.88
CA PRO H 267 8.17 -7.74 20.99
C PRO H 267 9.33 -7.71 20.00
N SER H 268 9.37 -6.73 19.08
CA SER H 268 10.59 -6.52 18.29
C SER H 268 11.73 -5.93 19.13
N MET H 269 11.45 -5.55 20.37
CA MET H 269 12.44 -4.97 21.27
C MET H 269 12.38 -5.70 22.60
N VAL H 270 13.54 -6.13 23.07
CA VAL H 270 13.65 -6.82 24.37
C VAL H 270 14.36 -5.87 25.33
N VAL H 271 13.83 -5.71 26.55
CA VAL H 271 14.49 -4.94 27.59
C VAL H 271 14.35 -5.66 28.93
N GLY H 272 15.23 -5.31 29.86
CA GLY H 272 15.13 -5.83 31.20
C GLY H 272 16.45 -5.78 31.93
N LEU H 273 16.39 -6.13 33.21
CA LEU H 273 17.50 -6.00 34.15
C LEU H 273 18.16 -7.35 34.42
N GLY H 274 19.46 -7.29 34.71
CA GLY H 274 20.25 -8.48 34.86
C GLY H 274 21.53 -8.15 35.58
N ARG H 275 22.46 -9.08 35.55
CA ARG H 275 23.72 -8.84 36.24
C ARG H 275 24.86 -9.25 35.34
N LEU H 276 25.90 -8.43 35.36
CA LEU H 276 27.07 -8.60 34.52
C LEU H 276 28.27 -8.55 35.44
N SER H 277 28.89 -9.72 35.65
CA SER H 277 29.93 -9.94 36.67
C SER H 277 29.51 -9.36 38.03
N GLY H 278 28.26 -9.61 38.41
CA GLY H 278 27.74 -9.20 39.69
C GLY H 278 26.99 -7.90 39.68
N ARG H 279 27.26 -7.03 38.72
CA ARG H 279 26.75 -5.66 38.73
C ARG H 279 25.42 -5.58 37.97
N THR H 280 24.45 -4.86 38.56
CA THR H 280 23.16 -4.60 37.89
C THR H 280 23.38 -3.85 36.57
N VAL H 281 22.91 -4.43 35.47
CA VAL H 281 22.86 -3.76 34.18
C VAL H 281 21.48 -3.93 33.60
N GLY H 282 21.07 -2.96 32.77
CA GLY H 282 19.90 -3.09 31.93
C GLY H 282 20.33 -3.39 30.50
N VAL H 283 19.50 -4.13 29.77
CA VAL H 283 19.81 -4.54 28.40
C VAL H 283 18.68 -4.07 27.48
N LEU H 284 19.06 -3.68 26.26
CA LEU H 284 18.12 -3.42 25.16
C LEU H 284 18.64 -4.15 23.93
N ALA H 285 17.78 -4.95 23.32
CA ALA H 285 18.21 -5.74 22.17
C ALA H 285 17.07 -5.79 21.18
N ASN H 286 17.35 -5.42 19.93
CA ASN H 286 16.41 -5.71 18.86
C ASN H 286 16.22 -7.22 18.77
N ASN H 287 14.98 -7.67 18.69
CA ASN H 287 14.71 -9.08 18.49
C ASN H 287 14.36 -9.34 17.04
N PRO H 288 15.24 -9.93 16.23
CA PRO H 288 14.89 -10.21 14.82
C PRO H 288 13.78 -11.23 14.67
N LEU H 289 13.36 -11.89 15.75
CA LEU H 289 12.31 -12.88 15.62
C LEU H 289 10.97 -12.24 15.28
N ARG H 290 10.73 -11.01 15.75
CA ARG H 290 9.45 -10.33 15.57
C ARG H 290 9.65 -9.04 14.78
N LEU H 291 8.86 -8.86 13.71
CA LEU H 291 8.95 -7.67 12.86
C LEU H 291 10.36 -7.45 12.28
N GLY H 292 11.10 -8.53 12.09
CA GLY H 292 12.42 -8.42 11.51
C GLY H 292 13.41 -7.66 12.37
N GLY H 293 13.09 -7.47 13.65
CA GLY H 293 13.91 -6.63 14.52
C GLY H 293 13.70 -5.14 14.35
N CYS H 294 12.58 -4.73 13.76
CA CYS H 294 12.41 -3.35 13.34
C CYS H 294 11.92 -2.48 14.47
N LEU H 295 12.31 -1.22 14.43
CA LEU H 295 11.74 -0.24 15.33
C LEU H 295 10.38 0.22 14.81
N ASN H 296 9.46 0.44 15.73
CA ASN H 296 8.19 1.05 15.41
C ASN H 296 7.81 1.91 16.60
N SER H 297 6.56 2.38 16.61
CA SER H 297 6.11 3.26 17.69
C SER H 297 6.24 2.58 19.05
N GLU H 298 5.72 1.35 19.16
CA GLU H 298 5.65 0.63 20.43
C GLU H 298 7.05 0.30 20.95
N SER H 299 7.89 -0.29 20.10
CA SER H 299 9.23 -0.64 20.54
C SER H 299 10.07 0.59 20.84
N ALA H 300 9.84 1.68 20.12
CA ALA H 300 10.54 2.92 20.44
C ALA H 300 10.14 3.43 21.82
N GLU H 301 8.84 3.41 22.12
CA GLU H 301 8.37 3.81 23.45
C GLU H 301 8.93 2.88 24.52
N LYS H 302 8.88 1.57 24.30
CA LYS H 302 9.36 0.62 25.28
C LYS H 302 10.83 0.85 25.61
N ALA H 303 11.64 1.14 24.59
CA ALA H 303 13.06 1.36 24.83
C ALA H 303 13.33 2.69 25.54
N ALA H 304 12.62 3.76 25.16
CA ALA H 304 12.92 5.07 25.74
C ALA H 304 12.56 5.13 27.22
N ARG H 305 11.46 4.50 27.62
CA ARG H 305 11.11 4.60 29.02
C ARG H 305 12.08 3.78 29.84
N PHE H 306 12.62 2.70 29.26
CA PHE H 306 13.55 1.87 30.01
C PHE H 306 14.88 2.58 30.19
N VAL H 307 15.36 3.26 29.14
CA VAL H 307 16.60 4.03 29.24
C VAL H 307 16.51 5.08 30.34
N ARG H 308 15.38 5.80 30.42
CA ARG H 308 15.23 6.82 31.45
C ARG H 308 15.21 6.21 32.85
N LEU H 309 14.65 5.01 33.01
CA LEU H 309 14.63 4.36 34.31
C LEU H 309 16.03 4.00 34.78
N CYS H 310 16.87 3.50 33.87
CA CYS H 310 18.25 3.15 34.24
C CYS H 310 19.07 4.40 34.47
N ASP H 311 18.96 5.36 33.57
CA ASP H 311 19.63 6.63 33.77
C ASP H 311 19.33 7.19 35.15
N ALA H 312 18.06 7.11 35.56
CA ALA H 312 17.66 7.72 36.83
C ALA H 312 18.34 7.04 38.01
N PHE H 313 18.51 5.72 37.95
CA PHE H 313 19.02 5.02 39.13
C PHE H 313 20.45 4.53 38.96
N GLY H 314 21.19 5.11 38.01
CA GLY H 314 22.61 4.82 37.83
C GLY H 314 22.96 3.46 37.28
N ILE H 315 22.05 2.80 36.57
CA ILE H 315 22.26 1.45 36.06
C ILE H 315 22.85 1.55 34.65
N PRO H 316 24.01 0.97 34.38
CA PRO H 316 24.58 1.02 33.02
C PRO H 316 23.77 0.20 32.02
N LEU H 317 23.86 0.59 30.74
CA LEU H 317 23.11 -0.05 29.66
C LEU H 317 24.02 -0.81 28.71
N VAL H 318 23.57 -1.98 28.29
CA VAL H 318 24.12 -2.71 27.16
C VAL H 318 23.08 -2.66 26.04
N VAL H 319 23.50 -2.31 24.83
CA VAL H 319 22.61 -2.20 23.68
C VAL H 319 23.10 -3.15 22.59
N VAL H 320 22.35 -4.21 22.36
CA VAL H 320 22.71 -5.23 21.38
C VAL H 320 21.90 -4.93 20.11
N VAL H 321 22.56 -4.51 19.05
CA VAL H 321 21.90 -3.94 17.89
C VAL H 321 21.93 -4.92 16.72
N ASP H 322 20.76 -5.15 16.13
CA ASP H 322 20.56 -5.88 14.87
C ASP H 322 19.25 -5.39 14.30
N VAL H 323 19.25 -4.18 13.74
CA VAL H 323 18.03 -3.48 13.36
C VAL H 323 18.13 -3.13 11.88
N PRO H 324 17.12 -3.47 11.06
CA PRO H 324 17.24 -3.27 9.61
C PRO H 324 16.50 -2.05 9.10
N GLY H 325 15.67 -1.46 9.95
CA GLY H 325 14.81 -0.37 9.52
C GLY H 325 13.73 -0.15 10.56
N TYR H 326 12.77 0.70 10.19
CA TYR H 326 11.68 1.05 11.08
C TYR H 326 10.38 1.01 10.29
N LEU H 327 9.26 0.95 11.02
CA LEU H 327 7.99 0.62 10.40
C LEU H 327 6.90 1.57 10.83
N PRO H 328 5.93 1.83 9.98
CA PRO H 328 4.85 2.74 10.34
C PRO H 328 3.74 2.01 11.05
N GLY H 329 2.71 2.73 11.33
CA GLY H 329 1.69 2.14 12.04
C GLY H 329 0.79 1.44 11.13
N VAL H 330 -0.23 0.98 11.78
CA VAL H 330 -1.29 0.26 11.15
C VAL H 330 -1.96 1.26 10.26
N ASP H 331 -2.19 0.92 9.02
CA ASP H 331 -2.89 2.00 8.34
C ASP H 331 -1.88 2.71 7.45
N GLN H 332 -0.72 3.11 7.99
CA GLN H 332 0.18 3.76 7.07
C GLN H 332 0.52 5.04 7.84
N GLU H 333 0.22 5.05 9.14
CA GLU H 333 0.46 6.21 9.99
C GLU H 333 1.92 6.27 10.41
N TRP H 334 2.59 7.38 10.13
CA TRP H 334 3.96 7.56 10.57
C TRP H 334 4.09 8.44 11.81
N GLY H 335 2.98 8.95 12.33
CA GLY H 335 3.05 9.93 13.40
C GLY H 335 3.64 9.37 14.67
N GLY H 336 3.38 8.09 14.94
CA GLY H 336 3.82 7.47 16.17
C GLY H 336 5.30 7.20 16.17
N VAL H 337 5.82 6.70 15.05
CA VAL H 337 7.23 6.40 15.00
C VAL H 337 8.05 7.68 14.93
N VAL H 338 7.48 8.78 14.46
CA VAL H 338 8.22 10.04 14.50
C VAL H 338 8.23 10.60 15.91
N ARG H 339 7.04 10.75 16.52
CA ARG H 339 6.96 11.29 17.87
C ARG H 339 7.72 10.44 18.88
N ARG H 340 7.41 9.13 18.95
CA ARG H 340 8.12 8.23 19.86
C ARG H 340 9.59 8.09 19.48
N GLY H 341 9.87 7.93 18.19
CA GLY H 341 11.26 7.90 17.74
C GLY H 341 12.06 9.05 18.31
N ALA H 342 11.57 10.29 18.12
CA ALA H 342 12.23 11.45 18.70
C ALA H 342 12.51 11.27 20.19
N LYS H 343 11.54 10.73 20.93
CA LYS H 343 11.72 10.50 22.36
C LYS H 343 12.86 9.52 22.64
N LEU H 344 13.03 8.51 21.79
CA LEU H 344 14.17 7.59 21.95
C LEU H 344 15.49 8.33 21.75
N LEU H 345 15.59 9.11 20.66
CA LEU H 345 16.73 10.00 20.45
C LEU H 345 17.03 10.81 21.72
N HIS H 346 15.98 11.38 22.31
CA HIS H 346 16.13 12.20 23.50
C HIS H 346 16.64 11.39 24.67
N ALA H 347 16.10 10.18 24.85
CA ALA H 347 16.50 9.36 25.98
C ALA H 347 17.99 9.05 25.92
N PHE H 348 18.49 8.66 24.75
CA PHE H 348 19.91 8.38 24.66
C PHE H 348 20.76 9.65 24.65
N GLY H 349 20.32 10.69 23.93
CA GLY H 349 21.12 11.90 23.87
C GLY H 349 21.38 12.52 25.22
N GLU H 350 20.38 12.50 26.11
CA GLU H 350 20.45 13.04 27.47
C GLU H 350 21.04 12.08 28.48
N CYS H 351 21.12 10.80 28.16
CA CYS H 351 21.48 9.77 29.13
C CYS H 351 22.93 9.91 29.57
N THR H 352 23.17 9.84 30.89
CA THR H 352 24.53 10.05 31.40
C THR H 352 25.20 8.83 32.03
N VAL H 353 24.52 7.68 32.11
CA VAL H 353 25.13 6.49 32.67
C VAL H 353 25.90 5.86 31.52
N PRO H 354 26.89 4.99 31.78
CA PRO H 354 27.58 4.32 30.68
C PRO H 354 26.59 3.55 29.83
N ARG H 355 26.88 3.43 28.54
CA ARG H 355 25.99 2.71 27.64
C ARG H 355 26.81 2.27 26.44
N VAL H 356 27.11 0.99 26.35
CA VAL H 356 27.93 0.51 25.24
C VAL H 356 27.02 -0.16 24.23
N THR H 357 27.43 -0.08 22.97
CA THR H 357 26.63 -0.60 21.89
C THR H 357 27.40 -1.74 21.25
N LEU H 358 26.71 -2.82 20.94
CA LEU H 358 27.32 -3.94 20.24
C LEU H 358 26.52 -4.17 18.97
N VAL H 359 27.14 -3.91 17.83
CA VAL H 359 26.52 -4.27 16.55
C VAL H 359 26.89 -5.72 16.27
N THR H 360 25.88 -6.56 16.03
CA THR H 360 26.08 -7.99 15.84
C THR H 360 25.95 -8.41 14.38
N ARG H 361 24.82 -8.13 13.74
CA ARG H 361 24.68 -8.37 12.31
C ARG H 361 24.58 -7.07 11.53
N LYS H 362 23.44 -6.37 11.57
CA LYS H 362 23.28 -5.18 10.74
C LYS H 362 22.58 -4.07 11.51
N THR H 363 22.93 -2.84 11.18
CA THR H 363 22.24 -1.64 11.63
C THR H 363 22.19 -0.66 10.45
N TYR H 364 21.02 -0.11 10.17
CA TYR H 364 20.81 0.60 8.93
C TYR H 364 20.17 1.95 9.18
N GLY H 365 20.49 2.92 8.32
CA GLY H 365 19.75 4.16 8.20
C GLY H 365 19.37 4.81 9.52
N GLY H 366 18.15 5.37 9.59
CA GLY H 366 17.71 6.08 10.77
C GLY H 366 17.72 5.25 12.04
N ALA H 367 17.42 3.95 11.94
CA ALA H 367 17.44 3.13 13.14
C ALA H 367 18.84 3.03 13.73
N TYR H 368 19.88 3.06 12.90
CA TYR H 368 21.25 3.04 13.42
C TYR H 368 21.54 4.24 14.32
N ILE H 369 21.03 5.43 13.97
CA ILE H 369 21.28 6.60 14.80
C ILE H 369 20.58 6.45 16.14
N ALA H 370 19.38 5.88 16.13
CA ALA H 370 18.57 5.81 17.34
C ALA H 370 19.10 4.75 18.30
N MET H 371 19.71 3.68 17.80
CA MET H 371 20.16 2.59 18.65
C MET H 371 21.50 2.97 19.28
N ASN H 372 21.49 4.08 20.03
CA ASN H 372 22.63 4.48 20.84
C ASN H 372 23.91 4.59 19.99
N SER H 373 23.84 5.43 18.96
CA SER H 373 25.00 5.59 18.10
C SER H 373 26.05 6.47 18.78
N ARG H 374 27.17 6.63 18.14
CA ARG H 374 28.19 7.44 18.69
C ARG H 374 27.80 8.92 18.61
N SER H 375 26.97 9.26 17.68
CA SER H 375 26.48 10.63 17.55
C SER H 375 25.46 11.03 18.62
N LEU H 376 24.87 10.07 19.34
CA LEU H 376 24.16 10.34 20.60
C LEU H 376 25.06 10.13 21.83
N ASN H 377 26.38 10.06 21.66
CA ASN H 377 27.36 10.02 22.73
C ASN H 377 27.44 8.67 23.44
N ALA H 378 27.26 7.58 22.70
CA ALA H 378 27.51 6.26 23.23
C ALA H 378 28.90 6.17 23.86
N THR H 379 29.03 5.35 24.89
CA THR H 379 30.28 5.30 25.63
C THR H 379 31.37 4.61 24.83
N LYS H 380 31.16 3.35 24.44
CA LYS H 380 31.88 2.72 23.33
C LYS H 380 30.85 2.09 22.41
N VAL H 381 31.24 1.88 21.16
CA VAL H 381 30.48 1.10 20.18
C VAL H 381 31.39 -0.02 19.71
N PHE H 382 30.90 -1.27 19.79
CA PHE H 382 31.62 -2.45 19.34
C PHE H 382 30.87 -3.11 18.19
N ALA H 383 31.59 -3.85 17.35
CA ALA H 383 30.98 -4.61 16.26
C ALA H 383 31.70 -5.93 16.07
N TRP H 384 30.92 -6.99 15.86
CA TRP H 384 31.47 -8.28 15.51
C TRP H 384 32.05 -8.25 14.08
N PRO H 385 32.97 -9.15 13.77
CA PRO H 385 33.75 -8.99 12.53
C PRO H 385 32.94 -8.96 11.23
N ASP H 386 31.71 -9.46 11.21
CA ASP H 386 30.93 -9.48 9.99
C ASP H 386 29.71 -8.56 10.05
N ALA H 387 29.69 -7.62 10.99
CA ALA H 387 28.59 -6.68 11.10
C ALA H 387 28.57 -5.71 9.91
N GLU H 388 27.40 -5.16 9.66
CA GLU H 388 27.18 -4.21 8.58
C GLU H 388 26.68 -2.90 9.18
N VAL H 389 27.33 -1.79 8.84
CA VAL H 389 26.90 -0.45 9.24
C VAL H 389 26.71 0.34 7.95
N ALA H 390 25.47 0.46 7.49
CA ALA H 390 25.20 1.04 6.18
C ALA H 390 23.97 1.95 6.25
N VAL H 391 23.73 2.66 5.14
CA VAL H 391 22.48 3.41 5.00
C VAL H 391 21.33 2.50 4.59
N MET H 392 21.63 1.37 3.92
CA MET H 392 20.69 0.28 3.64
C MET H 392 21.43 -0.92 3.04
N GLY H 393 20.71 -2.01 2.76
CA GLY H 393 21.31 -3.11 2.04
C GLY H 393 21.84 -2.67 0.68
N ALA H 394 22.93 -3.32 0.25
CA ALA H 394 23.67 -2.84 -0.91
C ALA H 394 22.81 -2.84 -2.18
N LYS H 395 21.92 -3.82 -2.31
CA LYS H 395 21.05 -3.85 -3.48
C LYS H 395 20.10 -2.66 -3.47
N ALA H 396 19.51 -2.38 -2.30
CA ALA H 396 18.60 -1.26 -2.17
C ALA H 396 19.26 0.06 -2.53
N ALA H 397 20.56 0.18 -2.24
CA ALA H 397 21.20 1.49 -2.40
C ALA H 397 21.56 1.74 -3.86
N VAL H 398 22.11 0.75 -4.56
CA VAL H 398 22.51 0.95 -5.95
C VAL H 398 21.27 1.05 -6.85
N GLY H 399 20.19 0.37 -6.45
CA GLY H 399 18.93 0.61 -7.09
C GLY H 399 18.51 2.07 -7.05
N ILE H 400 18.86 2.76 -5.97
CA ILE H 400 18.62 4.21 -5.90
C ILE H 400 19.77 4.97 -6.56
N LEU H 401 21.01 4.58 -6.28
CA LEU H 401 22.19 5.31 -6.75
C LEU H 401 22.33 5.24 -8.27
N HIS H 402 22.00 4.10 -8.86
CA HIS H 402 22.11 3.88 -10.29
C HIS H 402 20.75 3.59 -10.92
N LYS H 403 19.70 4.30 -10.48
CA LYS H 403 18.40 4.14 -11.11
C LYS H 403 18.49 4.37 -12.62
N LYS H 404 19.34 5.32 -13.04
CA LYS H 404 19.45 5.61 -14.47
C LYS H 404 20.23 4.52 -15.20
N LYS H 405 21.45 4.22 -14.75
CA LYS H 405 22.24 3.16 -15.39
C LYS H 405 21.50 1.84 -15.40
N LEU H 406 20.66 1.58 -14.39
CA LEU H 406 19.88 0.35 -14.37
C LEU H 406 18.74 0.40 -15.38
N ALA H 407 17.97 1.49 -15.40
CA ALA H 407 16.82 1.57 -16.29
C ALA H 407 17.24 1.53 -17.76
N ALA H 408 18.39 2.13 -18.09
CA ALA H 408 18.79 2.23 -19.50
C ALA H 408 19.27 0.90 -20.06
N ALA H 409 19.81 0.02 -19.21
CA ALA H 409 20.27 -1.30 -19.65
C ALA H 409 19.09 -2.15 -20.14
N PRO H 410 19.34 -3.09 -21.05
CA PRO H 410 18.22 -3.86 -21.63
C PRO H 410 17.53 -4.71 -20.57
N GLU H 411 16.21 -4.93 -20.78
CA GLU H 411 15.37 -5.77 -19.90
C GLU H 411 15.79 -7.25 -19.88
N HIS H 412 16.94 -7.55 -20.49
CA HIS H 412 17.54 -8.87 -20.47
C HIS H 412 18.85 -8.93 -19.70
N GLU H 413 19.43 -7.76 -19.38
CA GLU H 413 20.66 -7.68 -18.60
C GLU H 413 20.52 -6.83 -17.34
N ARG H 414 19.38 -6.15 -17.14
CA ARG H 414 19.22 -5.22 -16.03
C ARG H 414 19.37 -5.93 -14.70
N GLU H 415 18.61 -7.01 -14.49
CA GLU H 415 18.74 -7.79 -13.26
C GLU H 415 20.16 -8.34 -13.07
N ALA H 416 20.88 -8.57 -14.17
CA ALA H 416 22.25 -9.06 -14.07
C ALA H 416 23.21 -7.95 -13.65
N LEU H 417 23.05 -6.76 -14.22
CA LEU H 417 23.89 -5.62 -13.87
C LEU H 417 23.68 -5.18 -12.42
N HIS H 418 22.45 -5.35 -11.91
CA HIS H 418 22.13 -4.98 -10.52
C HIS H 418 22.98 -5.76 -9.53
N ASP H 419 23.13 -7.08 -9.75
CA ASP H 419 23.96 -7.88 -8.85
C ASP H 419 25.43 -7.47 -8.92
N GLN H 420 25.89 -7.02 -10.09
CA GLN H 420 27.28 -6.59 -10.21
C GLN H 420 27.51 -5.28 -9.45
N LEU H 421 26.65 -4.30 -9.66
CA LEU H 421 26.77 -3.02 -8.98
C LEU H 421 26.67 -3.19 -7.47
N ALA H 422 25.76 -4.05 -6.99
CA ALA H 422 25.65 -4.26 -5.55
C ALA H 422 26.86 -4.99 -4.99
N ALA H 423 27.51 -5.84 -5.79
CA ALA H 423 28.75 -6.47 -5.34
C ALA H 423 29.89 -5.47 -5.23
N GLU H 424 30.00 -4.55 -6.20
CA GLU H 424 31.02 -3.51 -6.12
C GLU H 424 30.68 -2.45 -5.07
N HIS H 425 29.40 -2.28 -4.73
CA HIS H 425 29.01 -1.31 -3.72
C HIS H 425 29.38 -1.79 -2.33
N GLU H 426 28.94 -3.00 -1.95
CA GLU H 426 29.29 -3.53 -0.65
C GLU H 426 30.78 -3.73 -0.49
N ARG H 427 31.52 -3.81 -1.60
CA ARG H 427 32.97 -3.91 -1.52
C ARG H 427 33.59 -2.63 -0.98
N ILE H 428 33.07 -1.48 -1.38
CA ILE H 428 33.62 -0.17 -0.99
C ILE H 428 33.11 0.20 0.41
N ALA H 429 31.81 0.42 0.54
CA ALA H 429 31.19 0.88 1.78
C ALA H 429 30.19 -0.16 2.29
N GLY H 430 30.38 -0.59 3.54
CA GLY H 430 29.45 -1.49 4.18
C GLY H 430 29.91 -2.08 5.51
N GLY H 431 31.12 -2.62 5.54
CA GLY H 431 31.58 -3.40 6.67
C GLY H 431 31.96 -2.57 7.88
N VAL H 432 32.40 -3.29 8.91
CA VAL H 432 32.96 -2.66 10.10
C VAL H 432 34.17 -1.82 9.78
N ASP H 433 34.82 -2.11 8.65
CA ASP H 433 36.13 -1.50 8.37
C ASP H 433 35.98 -0.04 7.96
N SER H 434 35.03 0.27 7.05
CA SER H 434 34.72 1.67 6.79
C SER H 434 34.20 2.36 8.04
N ALA H 435 33.43 1.63 8.83
CA ALA H 435 32.87 2.20 10.06
C ALA H 435 33.97 2.62 11.03
N LEU H 436 35.02 1.81 11.15
CA LEU H 436 36.12 2.18 12.03
C LEU H 436 36.84 3.43 11.53
N ASP H 437 37.07 3.54 10.23
CA ASP H 437 37.78 4.71 9.76
C ASP H 437 36.91 5.96 9.89
N ILE H 438 35.66 5.87 9.43
CA ILE H 438 34.70 6.96 9.65
C ILE H 438 34.72 7.40 11.10
N GLY H 439 34.82 6.43 12.02
CA GLY H 439 34.85 6.70 13.45
C GLY H 439 33.58 6.33 14.20
N VAL H 440 32.59 5.73 13.53
CA VAL H 440 31.31 5.46 14.18
C VAL H 440 31.30 4.13 14.94
N VAL H 441 32.25 3.23 14.66
CA VAL H 441 32.51 2.06 15.49
C VAL H 441 33.88 2.24 16.12
N ASP H 442 34.03 1.91 17.37
CA ASP H 442 35.28 2.10 18.04
C ASP H 442 36.21 0.94 18.03
N GLU H 443 35.73 -0.27 17.96
CA GLU H 443 36.59 -1.44 18.02
C GLU H 443 35.85 -2.62 17.42
N LYS H 444 36.52 -3.37 16.55
CA LYS H 444 36.00 -4.67 16.12
C LYS H 444 36.43 -5.70 17.16
N ILE H 445 35.51 -6.53 17.62
CA ILE H 445 35.83 -7.43 18.72
C ILE H 445 35.68 -8.87 18.28
N ASP H 446 36.53 -9.72 18.87
CA ASP H 446 36.33 -11.17 18.84
C ASP H 446 35.05 -11.50 19.61
N PRO H 447 34.04 -12.11 18.97
CA PRO H 447 32.81 -12.43 19.70
C PRO H 447 33.05 -13.36 20.90
N ALA H 448 34.26 -13.90 21.04
CA ALA H 448 34.63 -14.75 22.16
C ALA H 448 34.82 -13.97 23.46
N HIS H 449 35.20 -12.69 23.38
CA HIS H 449 35.40 -11.86 24.56
C HIS H 449 34.28 -10.84 24.77
N THR H 450 33.18 -10.95 24.02
CA THR H 450 32.06 -10.02 24.10
C THR H 450 31.71 -9.64 25.54
N ARG H 451 31.44 -10.64 26.38
CA ARG H 451 31.02 -10.36 27.76
C ARG H 451 32.08 -9.54 28.52
N SER H 452 33.36 -9.90 28.41
CA SER H 452 34.39 -9.17 29.14
C SER H 452 34.69 -7.81 28.51
N LYS H 453 34.56 -7.72 27.18
CA LYS H 453 34.76 -6.47 26.46
C LYS H 453 33.69 -5.44 26.83
N LEU H 454 32.43 -5.86 26.84
CA LEU H 454 31.36 -5.00 27.34
C LEU H 454 31.59 -4.62 28.78
N THR H 455 31.93 -5.59 29.65
CA THR H 455 32.14 -5.30 31.05
C THR H 455 33.19 -4.23 31.24
N GLU H 456 34.32 -4.38 30.54
CA GLU H 456 35.45 -3.47 30.68
C GLU H 456 35.08 -2.04 30.30
N ALA H 457 34.32 -1.85 29.21
CA ALA H 457 33.90 -0.50 28.82
C ALA H 457 32.89 0.09 29.83
N LEU H 458 31.98 -0.73 30.35
CA LEU H 458 31.07 -0.22 31.38
C LEU H 458 31.82 0.14 32.65
N ALA H 459 32.80 -0.67 33.04
CA ALA H 459 33.49 -0.44 34.31
C ALA H 459 34.43 0.76 34.24
N GLN H 460 34.97 1.06 33.08
CA GLN H 460 35.96 2.13 32.97
C GLN H 460 35.34 3.47 32.57
N ALA H 461 34.05 3.48 32.21
CA ALA H 461 33.36 4.72 31.89
C ALA H 461 33.17 5.55 33.15
N PRO H 462 32.85 6.82 33.00
CA PRO H 462 32.42 7.60 34.16
C PRO H 462 31.11 7.06 34.68
N ALA H 463 30.83 7.29 35.96
CA ALA H 463 29.48 6.97 36.39
C ALA H 463 28.47 7.98 35.87
N ARG H 464 28.93 9.20 35.52
CA ARG H 464 28.04 10.16 34.88
C ARG H 464 28.79 11.00 33.85
N ARG H 465 28.27 11.04 32.62
CA ARG H 465 28.84 11.88 31.56
C ARG H 465 28.75 11.46 30.06
N GLY H 466 27.74 11.93 29.31
CA GLY H 466 27.74 11.62 27.89
C GLY H 466 26.63 12.35 27.15
C10 OWD I . 21.63 13.80 -59.76
N12 OWD I . 22.39 14.63 -57.66
C13 OWD I . 21.84 13.54 -57.09
C15 OWD I . 21.36 12.23 -55.11
C17 OWD I . 20.71 11.27 -55.89
C21 OWD I . 19.76 12.50 -61.83
C22 OWD I . 19.23 11.65 -62.79
C02 OWD I . 18.73 11.29 -66.27
C04 OWD I . 19.38 10.52 -65.10
C05 OWD I . 19.91 11.46 -64.00
C06 OWD I . 21.11 12.12 -64.22
C07 OWD I . 21.63 12.98 -63.26
C08 OWD I . 20.97 13.15 -62.05
C11 OWD I . 22.28 14.76 -58.96
C14 OWD I . 21.93 13.36 -55.70
C18 OWD I . 20.62 11.44 -57.26
C19 OWD I . 21.20 12.59 -57.86
N20 OWD I . 21.10 12.74 -59.19
O01 OWD I . 19.08 12.49 -66.52
O03 OWD I . 17.84 10.73 -66.97
O09 OWD I . 21.57 14.06 -61.15
CL16 OWD I . 21.49 11.98 -53.36
C10 OWD J . 17.47 27.30 -28.97
N12 OWD J . 18.02 27.38 -31.28
C13 OWD J . 16.71 27.28 -31.56
C15 OWD J . 14.95 27.14 -33.20
C17 OWD J . 13.99 27.03 -32.20
C21 OWD J . 17.52 28.17 -25.52
C22 OWD J . 16.79 28.27 -24.37
C02 OWD J . 15.38 26.61 -21.91
C04 OWD J . 14.88 27.62 -22.94
C05 OWD J . 15.67 27.49 -24.23
C06 OWD J . 15.27 26.61 -25.23
C07 OWD J . 16.01 26.52 -26.40
C08 OWD J . 17.14 27.32 -26.55
C11 OWD J . 18.38 27.40 -30.02
C14 OWD J . 16.30 27.26 -32.90
C18 OWD J . 14.41 27.04 -30.87
C19 OWD J . 15.78 27.17 -30.55
N20 OWD J . 16.17 27.20 -29.26
O01 OWD J . 16.61 26.25 -21.87
O03 OWD J . 14.56 26.12 -21.09
O09 OWD J . 17.99 27.31 -27.67
CL16 OWD J . 14.46 27.12 -34.91
C10 OWD K . -17.31 -6.87 -11.62
N12 OWD K . -15.10 -6.20 -12.25
C13 OWD K . -15.63 -5.30 -13.04
C15 OWD K . -15.30 -3.57 -14.60
C17 OWD K . -16.67 -3.47 -14.68
C21 OWD K . -17.59 -10.03 -10.42
C22 OWD K . -16.90 -11.03 -9.77
C02 OWD K . -15.64 -11.83 -6.61
C04 OWD K . -15.21 -11.80 -8.07
C05 OWD K . -15.97 -10.71 -8.80
C06 OWD K . -15.72 -9.39 -8.49
C07 OWD K . -16.42 -8.40 -9.12
C08 OWD K . -17.34 -8.70 -10.12
C11 OWD K . -15.94 -6.93 -11.57
C14 OWD K . -14.73 -4.50 -13.77
C18 OWD K . -17.55 -4.25 -13.96
C19 OWD K . -17.01 -5.20 -13.12
N20 OWD K . -17.86 -5.98 -12.42
O01 OWD K . -14.95 -12.44 -5.74
O03 OWD K . -16.68 -11.22 -6.26
O09 OWD K . -18.08 -7.74 -10.82
CL16 OWD K . -14.33 -2.45 -15.59
C10 OWD L . -20.97 24.72 -21.50
N12 OWD L . -21.78 22.64 -20.68
C13 OWD L . -21.22 22.95 -19.51
C15 OWD L . -20.77 22.33 -17.21
C17 OWD L . -20.07 23.53 -17.02
C21 OWD L . -21.04 27.86 -23.16
C22 OWD L . -20.56 29.16 -23.17
C02 OWD L . -17.97 31.16 -23.76
C04 OWD L . -18.83 30.86 -22.53
C05 OWD L . -19.36 29.43 -22.54
C06 OWD L . -18.63 28.42 -21.92
C07 OWD L . -19.12 27.11 -21.91
C08 OWD L . -20.33 26.84 -22.53
C11 OWD L . -21.65 23.52 -21.67
C14 OWD L . -21.35 22.04 -18.44
C18 OWD L . -19.95 24.44 -18.07
C19 OWD L . -20.54 24.14 -19.32
N20 OWD L . -20.43 25.01 -20.33
O01 OWD L . -17.18 32.15 -23.72
O03 OWD L . -18.06 30.42 -24.79
O09 OWD L . -20.88 25.55 -22.61
CL16 OWD L . -20.94 21.14 -15.89
C10 OWD M . 6.18 -47.93 43.63
N12 OWD M . 4.44 -47.49 42.05
C13 OWD M . 5.34 -46.79 41.32
C15 OWD M . 5.84 -45.47 39.36
C17 OWD M . 7.16 -45.34 39.79
C21 OWD M . 8.64 -47.43 45.36
C22 OWD M . 9.92 -47.52 45.90
C02 OWD M . 11.76 -48.71 48.54
C04 OWD M . 11.78 -48.89 47.01
C05 OWD M . 10.38 -48.75 46.41
C06 OWD M . 9.56 -49.87 46.38
C07 OWD M . 8.28 -49.77 45.85
C08 OWD M . 7.82 -48.56 45.32
C11 OWD M . 4.86 -48.04 43.18
C14 OWD M . 4.93 -46.18 40.11
C18 OWD M . 7.58 -45.95 40.97
C19 OWD M . 6.65 -46.68 41.75
N20 OWD M . 7.06 -47.24 42.91
O01 OWD M . 12.71 -48.14 49.15
O03 OWD M . 10.78 -49.14 49.24
O09 OWD M . 6.50 -48.57 44.83
CL16 OWD M . 5.33 -44.70 37.82
C10 OWD N . -16.65 -28.15 28.63
N12 OWD N . -16.02 -29.77 30.26
C13 OWD N . -15.40 -28.79 30.93
C15 OWD N . -14.08 -28.12 32.86
C17 OWD N . -14.08 -26.81 32.40
C21 OWD N . -18.87 -26.51 26.40
C22 OWD N . -19.26 -25.31 25.87
C02 OWD N . -18.38 -22.84 23.80
C04 OWD N . -18.80 -22.97 25.26
C05 OWD N . -18.35 -24.28 25.86
C06 OWD N . -17.05 -24.44 26.35
C07 OWD N . -16.66 -25.65 26.89
C08 OWD N . -17.60 -26.70 26.93
C11 OWD N . -16.63 -29.45 29.14
C14 OWD N . -14.75 -29.11 32.14
C18 OWD N . -14.73 -26.50 31.22
C19 OWD N . -15.40 -27.49 30.46
N20 OWD N . -16.03 -27.19 29.30
O01 OWD N . -18.21 -21.67 23.35
O03 OWD N . -18.20 -23.86 23.05
O09 OWD N . -17.33 -27.99 27.41
CL16 OWD N . -13.26 -28.60 34.38
C10 OWD O . 15.76 9.11 12.63
N12 OWD O . 15.02 8.93 14.89
C13 OWD O . 14.56 7.70 14.60
C15 OWD O . 13.45 5.71 15.32
C17 OWD O . 13.57 5.16 14.05
C21 OWD O . 15.66 9.07 9.61
C22 OWD O . 15.95 8.69 8.31
C02 OWD O . 17.37 9.68 5.52
C04 OWD O . 17.53 8.41 6.37
C05 OWD O . 17.23 8.81 7.82
C06 OWD O . 18.24 9.31 8.64
C07 OWD O . 17.95 9.68 9.93
C08 OWD O . 16.66 9.55 10.42
C11 OWD O . 15.62 9.60 13.92
C14 OWD O . 13.93 6.96 15.60
C18 OWD O . 14.19 5.89 13.06
C19 OWD O . 14.69 7.18 13.33
N20 OWD O . 15.30 7.90 12.35
O01 OWD O . 17.85 10.77 5.95
O03 OWD O . 16.79 9.67 4.38
O09 OWD O . 16.41 9.96 11.74
CL16 OWD O . 12.66 4.79 16.63
C10 OWD P . -6.44 8.85 37.46
N12 OWD P . -4.74 9.80 36.08
C13 OWD P . -5.66 9.94 35.12
C15 OWD P . -6.21 10.66 32.89
C17 OWD P . -7.53 10.25 33.09
C21 OWD P . -8.37 8.28 40.36
C22 OWD P . -9.62 7.97 40.84
C02 OWD P . -12.00 5.48 41.03
C04 OWD P . -11.89 6.94 40.59
C05 OWD P . -10.50 7.27 40.04
C06 OWD P . -10.13 6.90 38.74
C07 OWD P . -8.86 7.22 38.25
C08 OWD P . -7.99 7.93 39.07
C11 OWD P . -5.13 9.27 37.22
C14 OWD P . -5.27 10.51 33.90
C18 OWD P . -7.92 9.68 34.32
C19 OWD P . -6.97 9.52 35.33
N20 OWD P . -7.35 8.99 36.50
O01 OWD P . -11.08 4.95 41.70
O03 OWD P . -13.02 4.80 40.72
O09 OWD P . -6.69 8.29 38.72
CL16 OWD P . -5.74 11.37 31.33
#